data_7Z3Z
#
_entry.id   7Z3Z
#
_cell.length_a   1.00
_cell.length_b   1.00
_cell.length_c   1.00
_cell.angle_alpha   90.00
_cell.angle_beta   90.00
_cell.angle_gamma   90.00
#
_symmetry.space_group_name_H-M   'P 1'
#
loop_
_entity.id
_entity.type
_entity.pdbx_description
1 polymer 'Spike glycoprotein'
2 branched 2-acetamido-2-deoxy-beta-D-glucopyranose-(1-4)-2-acetamido-2-deoxy-beta-D-glucopyranose
3 non-polymer 2-acetamido-2-deoxy-beta-D-glucopyranose
4 non-polymer 'STEARIC ACID'
#
_entity_poly.entity_id   1
_entity_poly.type   'polypeptide(L)'
_entity_poly.pdbx_seq_one_letter_code
;MFVFLVLLPLVSSQCVNLTTRTLLPPAYTNSFTRGVYYPDKVFRSSVLHSTQDLFLPFFSNVTWFHAIHVSGTNGTKRFD
NPVLPFNDGVYFASTEKSNIIRGWIFGTTLDSKTQSLLIVNNATNVVIKVCEFQFCNDPFLGVYYHKNNKSWMESEFRVY
SSANNCTFEYVSQPFLMDLEGKQGNFKNLREFVFKNIDGYFKIYSKHTPINLVRDLPQGFSALEPLVDLPIGINITRFQT
LLALHRSWLTPGDSSSGWTAGAAAYYVGYLQPRTFLLKYNENGTITDAVDCALDPLSETKCTLKSFTVEKGIYQTSNFRV
QPTESIVRFPNITNLCPFGEVFNATRFASVYAWNRKRISNCVADYSVLYNSASFSTFKCYGVSPTKLNDLCFTNVYADSF
VIRGDEVRQIAPGQTGKIADYNYKLPDDFTGCVIAWNSNNLDSKVGGNYNYLYRLFRKSNLKPFERDISTEIYQAGSTPC
NGVEGFNCYFPLQSYGFQPTNGVGYQPYRVVVLSFELLHAPATVCGPKKSTNLVKNKCVNFNFNGLTGTGVLTESNKKFL
PFQQFGRDIADTTDAVRDPQTLEILDITPCSFGGVSVITPGTNTSNEVAVLYQDVNCTEVPVAIHADQLTPTWRVYSTGS
NVFQTRAGCLIGAEHVNNSYECDIPIGAGICASYQTQTNSPGSASSVASQSIIAYTMSLGAENSVAYSNNSIAIPTNFTI
SVTTEILPVSMTKTSVDCTMYICGDSTECSNLLLQYGSFCTQLNRALTGIAVEQDKNTQEVFAQVKQIYKTPPIKDFGGF
NFSQILPDPSKPSKRSFIEDLLFNKVTLADAGFIKQYGDCLGDIAARDLICAQKFNGLTVLPPLLTDEMIAQYTSALLAG
TITSGWTFGAGAALQIPFAMQMAYRFNGIGVTQNVLYENQKLIANQFNSAIGKIQDSLSSTASALGKLQDVVNQNAQALN
TLVKQLSSNFGAISSVLNDILSRLDPPEAEVQIDRLITGRLQSLQTYVTQQLIRAAEIRASANLAATKMSECVLGQSKRV
DFCGKGYHLMSFPQSAPHGVVFLHVTYVPAQEKNFTTAPAICHDGKAHFPREGVFVSNGTHWFVTQRNFYEPQIITTDNT
FVSGNCDVVIGIVNNTVYDPLQPELDSFKEELDKYFKNHTSPDVDLGDISGINASVVNIQKEIDRLNEVAKNLNESLIDL
QELGKYEQGSGYIPEAPRDGQAYVRKDGEWVLLSTFLGRSLEVLFQGPGHHHHHHHHGSAWSHPQFEKGGGSGGGSGGSA
WSHPQFEK
;
_entity_poly.pdbx_strand_id   A,B,C
#
# COMPACT_ATOMS: atom_id res chain seq x y z
N GLN A 14 4.19 -71.98 -12.38
CA GLN A 14 4.42 -70.79 -11.58
C GLN A 14 3.10 -70.17 -11.16
N CYS A 15 2.09 -70.24 -12.03
CA CYS A 15 0.81 -69.58 -11.77
C CYS A 15 -0.19 -70.57 -11.22
N VAL A 16 -0.41 -70.48 -9.91
CA VAL A 16 -1.50 -71.18 -9.23
C VAL A 16 -2.66 -70.21 -9.12
N ASN A 17 -3.67 -70.38 -9.96
CA ASN A 17 -4.87 -69.57 -9.87
C ASN A 17 -5.64 -69.97 -8.62
N LEU A 18 -5.63 -69.10 -7.61
CA LEU A 18 -6.36 -69.34 -6.37
C LEU A 18 -7.82 -68.90 -6.51
N THR A 19 -8.50 -69.45 -7.51
CA THR A 19 -9.85 -69.02 -7.84
C THR A 19 -10.87 -69.72 -6.93
N THR A 20 -10.63 -69.59 -5.63
CA THR A 20 -11.65 -69.97 -4.64
C THR A 20 -12.78 -68.96 -4.70
N ARG A 21 -14.00 -69.45 -4.86
CA ARG A 21 -15.15 -68.60 -5.15
C ARG A 21 -15.94 -68.39 -3.87
N THR A 22 -15.62 -67.31 -3.17
CA THR A 22 -16.30 -66.90 -1.93
C THR A 22 -16.60 -65.41 -2.06
N LEU A 23 -17.77 -65.10 -2.63
CA LEU A 23 -18.14 -63.72 -2.92
C LEU A 23 -18.66 -63.04 -1.66
N LEU A 24 -18.01 -61.95 -1.26
CA LEU A 24 -18.51 -61.09 -0.20
C LEU A 24 -18.47 -59.64 -0.68
N PRO A 25 -19.44 -58.82 -0.28
CA PRO A 25 -19.46 -57.45 -0.76
C PRO A 25 -18.33 -56.64 -0.14
N PRO A 26 -17.84 -55.61 -0.81
CA PRO A 26 -16.80 -54.77 -0.22
C PRO A 26 -17.35 -53.96 0.95
N ALA A 27 -16.58 -53.92 2.04
CA ALA A 27 -16.96 -53.21 3.25
C ALA A 27 -16.21 -51.89 3.32
N TYR A 28 -16.93 -50.82 3.66
CA TYR A 28 -16.38 -49.47 3.68
C TYR A 28 -16.32 -48.96 5.11
N THR A 29 -15.29 -48.17 5.40
CA THR A 29 -15.06 -47.64 6.74
C THR A 29 -14.61 -46.20 6.63
N ASN A 30 -14.71 -45.48 7.74
CA ASN A 30 -14.31 -44.08 7.82
C ASN A 30 -12.94 -43.95 8.48
N SER A 31 -12.11 -43.08 7.92
CA SER A 31 -10.80 -42.77 8.48
C SER A 31 -10.95 -41.46 9.26
N PHE A 32 -11.05 -41.58 10.58
CA PHE A 32 -11.33 -40.42 11.42
C PHE A 32 -10.25 -39.36 11.25
N THR A 33 -9.02 -39.67 11.65
CA THR A 33 -7.89 -38.75 11.48
C THR A 33 -6.65 -39.62 11.29
N ARG A 34 -6.32 -39.90 10.03
CA ARG A 34 -5.21 -40.77 9.71
C ARG A 34 -4.63 -40.37 8.36
N GLY A 35 -3.40 -40.79 8.11
CA GLY A 35 -2.71 -40.46 6.88
C GLY A 35 -1.90 -39.20 6.93
N VAL A 36 -1.81 -38.55 8.09
CA VAL A 36 -1.02 -37.33 8.21
C VAL A 36 0.45 -37.69 8.24
N TYR A 37 1.24 -37.01 7.41
CA TYR A 37 2.67 -37.27 7.31
C TYR A 37 3.43 -35.95 7.30
N TYR A 38 4.68 -36.01 7.73
CA TYR A 38 5.52 -34.84 7.75
C TYR A 38 5.80 -34.39 6.32
N PRO A 39 5.22 -33.29 5.85
CA PRO A 39 5.43 -32.91 4.44
C PRO A 39 6.87 -32.65 4.09
N ASP A 40 7.66 -32.13 5.02
CA ASP A 40 9.05 -31.76 4.75
C ASP A 40 9.93 -32.25 5.88
N LYS A 41 11.21 -32.43 5.57
CA LYS A 41 12.20 -32.88 6.54
C LYS A 41 12.76 -31.69 7.32
N VAL A 42 11.86 -30.99 8.00
CA VAL A 42 12.20 -29.81 8.77
C VAL A 42 11.61 -29.96 10.16
N PHE A 43 12.28 -29.36 11.14
CA PHE A 43 11.88 -29.44 12.54
C PHE A 43 11.09 -28.19 12.91
N ARG A 44 9.92 -28.39 13.52
CA ARG A 44 9.09 -27.30 14.00
C ARG A 44 8.51 -27.68 15.35
N SER A 45 8.44 -26.72 16.26
CA SER A 45 7.98 -26.97 17.61
C SER A 45 7.05 -25.87 18.07
N SER A 46 5.99 -26.26 18.76
CA SER A 46 5.03 -25.32 19.36
C SER A 46 4.57 -24.29 18.34
N VAL A 47 4.16 -24.78 17.17
CA VAL A 47 3.73 -23.91 16.08
C VAL A 47 2.65 -24.64 15.28
N LEU A 48 1.70 -23.85 14.77
CA LEU A 48 0.68 -24.35 13.87
C LEU A 48 1.07 -23.99 12.44
N HIS A 49 1.22 -25.00 11.58
CA HIS A 49 1.72 -24.83 10.23
C HIS A 49 0.66 -25.28 9.24
N SER A 50 0.36 -24.43 8.26
CA SER A 50 -0.62 -24.75 7.23
C SER A 50 0.13 -25.12 5.95
N THR A 51 -0.12 -26.33 5.45
CA THR A 51 0.55 -26.83 4.27
C THR A 51 -0.47 -27.48 3.36
N GLN A 52 -0.20 -27.42 2.06
CA GLN A 52 -1.02 -28.07 1.04
C GLN A 52 -0.21 -29.20 0.42
N ASP A 53 -0.77 -30.42 0.47
CA ASP A 53 -0.11 -31.58 -0.10
C ASP A 53 -1.15 -32.69 -0.21
N LEU A 54 -0.77 -33.76 -0.90
CA LEU A 54 -1.67 -34.90 -1.07
C LEU A 54 -1.88 -35.57 0.27
N PHE A 55 -3.06 -35.37 0.85
CA PHE A 55 -3.40 -35.92 2.15
C PHE A 55 -4.69 -36.73 2.04
N LEU A 56 -4.87 -37.64 2.98
CA LEU A 56 -6.12 -38.37 3.07
C LEU A 56 -7.16 -37.50 3.77
N PRO A 57 -8.27 -37.18 3.13
CA PRO A 57 -9.27 -36.33 3.78
C PRO A 57 -9.80 -37.00 5.05
N PHE A 58 -10.12 -36.17 6.03
CA PHE A 58 -10.62 -36.67 7.31
C PHE A 58 -11.99 -37.29 7.13
N PHE A 59 -12.25 -38.36 7.89
CA PHE A 59 -13.52 -39.06 7.84
C PHE A 59 -13.87 -39.47 6.41
N SER A 60 -12.87 -40.02 5.71
CA SER A 60 -13.04 -40.44 4.33
C SER A 60 -13.46 -41.90 4.25
N ASN A 61 -14.22 -42.20 3.21
CA ASN A 61 -14.76 -43.54 2.98
C ASN A 61 -13.65 -44.41 2.38
N VAL A 62 -13.06 -45.27 3.21
CA VAL A 62 -11.97 -46.14 2.78
C VAL A 62 -12.49 -47.57 2.66
N THR A 63 -11.94 -48.30 1.70
CA THR A 63 -12.33 -49.67 1.46
C THR A 63 -11.73 -50.61 2.50
N TRP A 64 -12.40 -51.72 2.73
CA TRP A 64 -11.98 -52.74 3.69
C TRP A 64 -11.90 -54.08 2.99
N PHE A 65 -10.73 -54.74 3.12
CA PHE A 65 -10.49 -56.03 2.49
C PHE A 65 -10.12 -57.04 3.57
N HIS A 66 -10.53 -58.29 3.36
CA HIS A 66 -10.36 -59.34 4.34
C HIS A 66 -9.59 -60.52 3.74
N ALA A 67 -8.93 -61.27 4.61
CA ALA A 67 -8.22 -62.48 4.23
C ALA A 67 -8.48 -63.59 5.25
N ILE A 68 -9.74 -63.74 5.64
CA ILE A 68 -10.13 -64.68 6.69
C ILE A 68 -10.83 -65.87 6.06
N HIS A 69 -10.74 -67.02 6.73
CA HIS A 69 -11.46 -68.21 6.33
C HIS A 69 -12.45 -68.62 7.41
N LYS A 77 -13.82 -69.22 3.14
CA LYS A 77 -12.49 -69.04 2.57
C LYS A 77 -12.44 -67.77 1.74
N ARG A 78 -12.06 -66.66 2.38
CA ARG A 78 -12.06 -65.34 1.77
C ARG A 78 -10.63 -64.85 1.62
N PHE A 79 -10.26 -64.50 0.39
CA PHE A 79 -8.98 -63.87 0.10
C PHE A 79 -9.25 -62.63 -0.74
N ASP A 80 -8.65 -61.51 -0.34
CA ASP A 80 -8.87 -60.22 -1.01
C ASP A 80 -7.52 -59.63 -1.40
N ASN A 81 -7.16 -59.76 -2.67
CA ASN A 81 -5.96 -59.13 -3.22
C ASN A 81 -6.25 -58.69 -4.66
N PRO A 82 -7.28 -57.89 -4.86
CA PRO A 82 -7.61 -57.43 -6.22
C PRO A 82 -6.69 -56.28 -6.65
N VAL A 83 -6.80 -55.95 -7.93
CA VAL A 83 -6.05 -54.84 -8.51
C VAL A 83 -6.82 -53.55 -8.24
N LEU A 84 -6.14 -52.56 -7.66
CA LEU A 84 -6.77 -51.32 -7.26
C LEU A 84 -6.11 -50.13 -7.96
N PRO A 85 -6.84 -49.03 -8.13
CA PRO A 85 -6.25 -47.86 -8.79
C PRO A 85 -5.29 -47.12 -7.87
N PHE A 86 -4.45 -46.29 -8.50
CA PHE A 86 -3.46 -45.46 -7.84
C PHE A 86 -3.62 -44.01 -8.30
N ASN A 87 -4.86 -43.51 -8.23
CA ASN A 87 -5.22 -42.23 -8.84
C ASN A 87 -4.17 -41.16 -8.56
N ASP A 88 -3.97 -40.81 -7.29
CA ASP A 88 -2.96 -39.84 -6.90
C ASP A 88 -2.15 -40.27 -5.70
N GLY A 89 -2.58 -41.27 -4.96
CA GLY A 89 -1.87 -41.72 -3.78
C GLY A 89 -2.71 -42.74 -3.04
N VAL A 90 -2.06 -43.41 -2.10
CA VAL A 90 -2.69 -44.48 -1.35
C VAL A 90 -2.30 -44.38 0.11
N TYR A 91 -3.27 -44.56 0.99
CA TYR A 91 -3.05 -44.72 2.42
C TYR A 91 -3.36 -46.18 2.74
N PHE A 92 -2.31 -46.99 2.86
CA PHE A 92 -2.45 -48.41 3.11
C PHE A 92 -2.19 -48.68 4.60
N ALA A 93 -3.19 -49.19 5.29
CA ALA A 93 -3.09 -49.52 6.70
C ALA A 93 -3.47 -50.98 6.89
N SER A 94 -2.65 -51.71 7.63
CA SER A 94 -2.84 -53.14 7.84
C SER A 94 -2.81 -53.43 9.33
N THR A 95 -3.89 -54.05 9.83
CA THR A 95 -3.94 -54.55 11.20
C THR A 95 -3.64 -56.04 11.13
N GLU A 96 -2.43 -56.42 11.50
CA GLU A 96 -1.94 -57.77 11.29
C GLU A 96 -1.30 -58.30 12.56
N LYS A 97 -1.12 -59.63 12.59
CA LYS A 97 -0.42 -60.30 13.69
C LYS A 97 0.48 -61.43 13.22
N SER A 98 0.62 -61.64 11.91
CA SER A 98 1.38 -62.77 11.40
C SER A 98 2.28 -62.42 10.22
N ASN A 99 2.40 -61.13 9.87
CA ASN A 99 3.22 -60.72 8.73
C ASN A 99 2.77 -61.42 7.45
N ILE A 100 1.45 -61.59 7.30
CA ILE A 100 0.92 -62.23 6.10
C ILE A 100 1.13 -61.32 4.88
N ILE A 101 0.99 -60.02 5.08
CA ILE A 101 1.20 -59.06 3.99
C ILE A 101 2.70 -58.82 3.88
N ARG A 102 3.26 -59.13 2.71
CA ARG A 102 4.69 -59.04 2.49
C ARG A 102 5.11 -57.88 1.61
N GLY A 103 4.16 -57.19 0.97
CA GLY A 103 4.51 -56.08 0.12
C GLY A 103 3.39 -55.78 -0.86
N TRP A 104 3.75 -55.02 -1.89
CA TRP A 104 2.79 -54.55 -2.89
C TRP A 104 3.40 -54.63 -4.27
N ILE A 105 2.56 -54.44 -5.27
CA ILE A 105 2.96 -54.35 -6.67
C ILE A 105 2.31 -53.11 -7.27
N PHE A 106 3.08 -52.35 -8.03
CA PHE A 106 2.59 -51.13 -8.66
C PHE A 106 2.90 -51.16 -10.15
N GLY A 107 1.99 -50.61 -10.94
CA GLY A 107 2.18 -50.56 -12.37
C GLY A 107 0.89 -50.15 -13.07
N THR A 108 0.97 -50.13 -14.39
CA THR A 108 -0.18 -49.79 -15.22
C THR A 108 -0.93 -51.05 -15.68
N THR A 109 -0.23 -51.93 -16.38
CA THR A 109 -0.82 -53.15 -16.91
C THR A 109 -0.35 -54.41 -16.19
N LEU A 110 0.71 -54.32 -15.39
CA LEU A 110 1.21 -55.45 -14.62
C LEU A 110 1.56 -56.62 -15.55
N ASP A 111 2.10 -56.30 -16.72
CA ASP A 111 2.52 -57.30 -17.68
C ASP A 111 3.88 -56.90 -18.24
N SER A 112 4.46 -57.79 -19.04
CA SER A 112 5.80 -57.56 -19.57
C SER A 112 5.84 -56.38 -20.53
N LYS A 113 4.69 -55.92 -21.01
CA LYS A 113 4.67 -54.83 -21.98
C LYS A 113 5.15 -53.52 -21.37
N THR A 114 5.04 -53.37 -20.05
CA THR A 114 5.38 -52.12 -19.38
C THR A 114 6.18 -52.43 -18.12
N GLN A 115 6.98 -51.45 -17.70
CA GLN A 115 7.72 -51.58 -16.46
C GLN A 115 6.79 -51.56 -15.26
N SER A 116 7.22 -52.20 -14.18
CA SER A 116 6.42 -52.27 -12.98
C SER A 116 7.34 -52.32 -11.77
N LEU A 117 6.79 -51.92 -10.62
CA LEU A 117 7.52 -51.86 -9.37
C LEU A 117 7.05 -52.98 -8.45
N LEU A 118 8.00 -53.64 -7.80
CA LEU A 118 7.73 -54.74 -6.88
C LEU A 118 8.44 -54.47 -5.57
N ILE A 119 7.69 -54.48 -4.48
CA ILE A 119 8.23 -54.35 -3.14
C ILE A 119 7.83 -55.61 -2.37
N VAL A 120 8.82 -56.38 -1.95
CA VAL A 120 8.61 -57.60 -1.18
C VAL A 120 9.65 -57.66 -0.08
N ASN A 121 9.41 -58.54 0.89
CA ASN A 121 10.17 -58.56 2.13
C ASN A 121 10.54 -59.99 2.49
N ASN A 122 11.83 -60.30 2.51
CA ASN A 122 12.29 -61.48 3.23
C ASN A 122 12.58 -61.11 4.68
N ALA A 123 12.60 -62.13 5.53
CA ALA A 123 12.88 -61.90 6.94
C ALA A 123 14.19 -61.14 7.10
N THR A 124 14.10 -59.93 7.66
CA THR A 124 15.24 -59.06 7.94
C THR A 124 15.79 -58.39 6.70
N ASN A 125 15.00 -58.23 5.64
CA ASN A 125 15.47 -57.52 4.45
C ASN A 125 14.30 -57.20 3.54
N VAL A 126 14.57 -56.40 2.52
CA VAL A 126 13.57 -55.94 1.56
C VAL A 126 14.15 -56.08 0.16
N VAL A 127 13.28 -56.40 -0.80
CA VAL A 127 13.65 -56.49 -2.21
C VAL A 127 12.77 -55.52 -2.98
N ILE A 128 13.40 -54.62 -3.73
CA ILE A 128 12.70 -53.64 -4.55
C ILE A 128 13.28 -53.71 -5.95
N LYS A 129 12.42 -53.79 -6.95
CA LYS A 129 12.84 -53.86 -8.34
C LYS A 129 11.87 -53.07 -9.21
N VAL A 130 12.42 -52.41 -10.22
CA VAL A 130 11.63 -51.79 -11.28
C VAL A 130 12.09 -52.43 -12.57
N CYS A 131 11.43 -53.53 -12.94
CA CYS A 131 11.89 -54.36 -14.04
C CYS A 131 10.67 -54.99 -14.70
N GLU A 132 10.68 -55.05 -16.03
CA GLU A 132 9.52 -55.54 -16.75
C GLU A 132 9.13 -56.92 -16.24
N PHE A 133 7.96 -57.00 -15.61
CA PHE A 133 7.47 -58.22 -14.99
C PHE A 133 6.18 -58.65 -15.67
N GLN A 134 6.12 -59.93 -16.03
CA GLN A 134 4.87 -60.53 -16.47
C GLN A 134 4.18 -61.10 -15.24
N PHE A 135 3.54 -60.22 -14.49
CA PHE A 135 3.02 -60.60 -13.18
C PHE A 135 2.03 -61.75 -13.33
N CYS A 136 2.08 -62.65 -12.37
CA CYS A 136 1.26 -63.85 -12.37
C CYS A 136 -0.08 -63.53 -11.73
N ASN A 137 -1.16 -63.67 -12.51
CA ASN A 137 -2.50 -63.44 -12.00
C ASN A 137 -2.69 -64.19 -10.68
N ASP A 138 -3.30 -63.51 -9.72
CA ASP A 138 -3.38 -64.02 -8.35
C ASP A 138 -1.96 -64.24 -7.83
N PRO A 139 -1.12 -63.20 -7.83
CA PRO A 139 0.24 -63.35 -7.30
C PRO A 139 0.21 -63.49 -5.79
N PHE A 140 1.23 -64.16 -5.25
CA PHE A 140 1.21 -64.39 -3.81
C PHE A 140 2.58 -64.91 -3.39
N LEU A 141 2.73 -65.06 -2.08
CA LEU A 141 3.82 -65.79 -1.47
C LEU A 141 3.21 -66.87 -0.57
N GLY A 142 4.07 -67.70 0.02
CA GLY A 142 3.60 -68.88 0.69
C GLY A 142 4.25 -69.07 2.04
N VAL A 143 3.56 -69.82 2.89
CA VAL A 143 4.06 -70.24 4.19
C VAL A 143 3.70 -71.72 4.38
N TYR A 144 4.65 -72.49 4.88
CA TYR A 144 4.44 -73.91 5.12
C TYR A 144 3.77 -74.13 6.47
N MET A 153 9.45 -71.85 7.32
CA MET A 153 8.23 -71.88 6.53
C MET A 153 8.34 -70.94 5.33
N GLU A 154 9.49 -70.95 4.66
CA GLU A 154 9.72 -70.08 3.52
C GLU A 154 8.71 -70.34 2.41
N SER A 155 8.69 -71.58 1.91
CA SER A 155 7.71 -72.02 0.93
C SER A 155 7.94 -71.40 -0.46
N GLU A 156 6.97 -70.66 -0.99
CA GLU A 156 6.79 -70.32 -2.39
C GLU A 156 7.09 -68.85 -2.67
N PHE A 157 7.46 -68.58 -3.92
CA PHE A 157 7.72 -67.23 -4.41
C PHE A 157 7.06 -67.04 -5.78
N ARG A 158 5.78 -67.39 -5.88
CA ARG A 158 5.01 -67.25 -7.12
C ARG A 158 4.38 -65.86 -7.15
N VAL A 159 5.11 -64.90 -7.70
CA VAL A 159 4.59 -63.55 -7.91
C VAL A 159 4.71 -63.14 -9.38
N TYR A 160 5.86 -63.40 -10.01
CA TYR A 160 6.06 -63.10 -11.42
C TYR A 160 6.66 -64.30 -12.13
N SER A 161 6.33 -64.42 -13.42
CA SER A 161 6.84 -65.47 -14.27
C SER A 161 8.02 -65.02 -15.12
N SER A 162 8.46 -63.76 -14.99
CA SER A 162 9.50 -63.24 -15.85
C SER A 162 10.03 -61.93 -15.26
N ALA A 163 11.27 -61.62 -15.62
CA ALA A 163 11.90 -60.34 -15.23
C ALA A 163 12.84 -59.95 -16.35
N ASN A 164 12.51 -58.87 -17.06
CA ASN A 164 13.27 -58.42 -18.22
C ASN A 164 13.49 -56.92 -18.14
N ASN A 165 14.50 -56.45 -18.86
CA ASN A 165 14.85 -55.03 -18.91
C ASN A 165 14.89 -54.44 -17.50
N CYS A 166 15.64 -55.11 -16.63
CA CYS A 166 15.67 -54.77 -15.21
C CYS A 166 16.64 -53.60 -15.00
N THR A 167 16.11 -52.50 -14.48
CA THR A 167 16.85 -51.24 -14.37
C THR A 167 17.22 -50.87 -12.94
N PHE A 168 16.28 -50.98 -12.01
CA PHE A 168 16.46 -50.49 -10.65
C PHE A 168 16.39 -51.64 -9.66
N GLU A 169 17.28 -51.61 -8.67
CA GLU A 169 17.27 -52.58 -7.58
C GLU A 169 17.69 -51.87 -6.31
N TYR A 170 17.17 -52.33 -5.18
CA TYR A 170 17.42 -51.67 -3.91
C TYR A 170 17.08 -52.63 -2.79
N VAL A 171 17.87 -52.58 -1.72
CA VAL A 171 17.68 -53.43 -0.55
C VAL A 171 17.87 -52.59 0.70
N SER A 172 17.05 -52.85 1.71
CA SER A 172 17.11 -52.09 2.96
C SER A 172 16.47 -52.94 4.06
N GLN A 173 16.38 -52.36 5.25
CA GLN A 173 15.82 -53.07 6.39
C GLN A 173 14.32 -53.27 6.18
N PRO A 174 13.73 -54.25 6.86
CA PRO A 174 12.30 -54.54 6.64
C PRO A 174 11.44 -53.30 6.82
N PHE A 175 10.50 -53.10 5.88
CA PHE A 175 9.50 -52.06 6.03
C PHE A 175 8.44 -52.48 7.04
N LEU A 176 8.09 -53.77 7.05
CA LEU A 176 7.12 -54.33 7.99
C LEU A 176 7.88 -55.14 9.03
N MET A 177 7.71 -54.77 10.29
CA MET A 177 8.42 -55.43 11.38
C MET A 177 7.48 -55.63 12.56
N ASP A 178 7.77 -56.64 13.37
CA ASP A 178 6.95 -56.96 14.53
C ASP A 178 7.59 -56.39 15.80
N ASN A 185 -6.11 -59.36 19.35
CA ASN A 185 -5.55 -60.12 18.24
C ASN A 185 -4.75 -59.22 17.32
N PHE A 186 -5.46 -58.33 16.63
CA PHE A 186 -4.83 -57.46 15.63
C PHE A 186 -4.15 -56.32 16.38
N LYS A 187 -2.85 -56.48 16.63
CA LYS A 187 -2.14 -55.65 17.60
C LYS A 187 -1.43 -54.46 16.96
N ASN A 188 -0.68 -54.67 15.88
CA ASN A 188 0.13 -53.62 15.27
C ASN A 188 -0.57 -53.06 14.04
N LEU A 189 -0.53 -51.74 13.91
CA LEU A 189 -1.15 -51.03 12.81
C LEU A 189 -0.04 -50.41 11.96
N ARG A 190 0.29 -51.07 10.85
CA ARG A 190 1.30 -50.57 9.92
C ARG A 190 0.60 -49.69 8.89
N GLU A 191 0.87 -48.39 8.94
CA GLU A 191 0.28 -47.42 8.04
C GLU A 191 1.33 -46.97 7.03
N PHE A 192 0.96 -46.99 5.75
CA PHE A 192 1.87 -46.61 4.68
C PHE A 192 1.18 -45.62 3.75
N VAL A 193 1.95 -44.66 3.26
CA VAL A 193 1.48 -43.68 2.28
C VAL A 193 2.40 -43.74 1.08
N PHE A 194 1.82 -43.94 -0.11
CA PHE A 194 2.57 -44.07 -1.34
C PHE A 194 2.23 -42.92 -2.28
N LYS A 195 3.26 -42.31 -2.85
CA LYS A 195 3.09 -41.24 -3.82
C LYS A 195 4.07 -41.45 -4.97
N ASN A 196 3.69 -40.95 -6.14
CA ASN A 196 4.47 -41.11 -7.36
C ASN A 196 4.75 -39.76 -8.00
N ILE A 197 5.22 -38.81 -7.19
CA ILE A 197 5.52 -37.48 -7.68
C ILE A 197 6.55 -37.57 -8.80
N ASP A 198 6.49 -36.61 -9.72
CA ASP A 198 7.30 -36.56 -10.94
C ASP A 198 7.94 -37.90 -11.30
N GLY A 199 9.04 -38.26 -10.64
CA GLY A 199 9.70 -39.52 -10.91
C GLY A 199 10.25 -40.17 -9.66
N TYR A 200 9.75 -39.75 -8.50
CA TYR A 200 10.20 -40.26 -7.22
C TYR A 200 9.03 -40.92 -6.51
N PHE A 201 9.23 -42.16 -6.08
CA PHE A 201 8.23 -42.91 -5.34
C PHE A 201 8.50 -42.72 -3.85
N LYS A 202 7.64 -41.97 -3.17
CA LYS A 202 7.84 -41.60 -1.79
C LYS A 202 6.98 -42.48 -0.89
N ILE A 203 7.57 -42.97 0.19
CA ILE A 203 6.89 -43.86 1.13
C ILE A 203 7.02 -43.29 2.53
N TYR A 204 5.89 -43.16 3.21
CA TYR A 204 5.84 -42.72 4.60
C TYR A 204 5.20 -43.83 5.42
N SER A 205 5.84 -44.20 6.53
CA SER A 205 5.42 -45.36 7.30
C SER A 205 5.40 -45.04 8.78
N LYS A 206 4.60 -45.81 9.52
CA LYS A 206 4.53 -45.72 10.96
C LYS A 206 4.00 -47.04 11.51
N HIS A 207 4.44 -47.38 12.72
CA HIS A 207 4.00 -48.58 13.42
C HIS A 207 3.42 -48.17 14.76
N THR A 208 2.15 -48.51 14.99
CA THR A 208 1.45 -48.13 16.21
C THR A 208 0.86 -49.39 16.84
N PRO A 209 1.27 -49.77 18.05
CA PRO A 209 0.65 -50.94 18.69
C PRO A 209 -0.70 -50.58 19.29
N ILE A 210 -1.66 -51.48 19.12
CA ILE A 210 -3.02 -51.31 19.62
C ILE A 210 -3.56 -52.66 20.05
N ASN A 211 -4.80 -52.66 20.55
CA ASN A 211 -5.50 -53.88 20.90
C ASN A 211 -6.85 -54.03 20.23
N LEU A 212 -7.35 -52.99 19.55
CA LEU A 212 -8.61 -53.10 18.84
C LEU A 212 -8.50 -54.15 17.73
N VAL A 213 -9.58 -54.89 17.53
CA VAL A 213 -9.59 -56.01 16.59
C VAL A 213 -10.61 -55.84 15.47
N ARG A 214 -11.45 -54.82 15.51
CA ARG A 214 -12.51 -54.67 14.52
C ARG A 214 -12.09 -53.81 13.33
N ASP A 215 -11.71 -52.56 13.59
CA ASP A 215 -11.43 -51.62 12.51
C ASP A 215 -10.35 -50.66 12.99
N LEU A 216 -10.20 -49.54 12.29
CA LEU A 216 -9.15 -48.59 12.61
C LEU A 216 -9.36 -48.05 14.02
N PRO A 217 -8.28 -47.81 14.78
CA PRO A 217 -8.41 -47.18 16.09
C PRO A 217 -8.51 -45.66 15.95
N GLN A 218 -9.64 -45.11 16.37
CA GLN A 218 -9.78 -43.66 16.33
C GLN A 218 -8.71 -43.02 17.22
N GLY A 219 -8.00 -42.05 16.66
CA GLY A 219 -6.91 -41.42 17.36
C GLY A 219 -6.03 -40.59 16.44
N PHE A 220 -4.73 -40.60 16.67
CA PHE A 220 -3.82 -39.80 15.86
C PHE A 220 -2.45 -40.46 15.81
N SER A 221 -1.79 -40.34 14.65
CA SER A 221 -0.41 -40.79 14.48
C SER A 221 0.14 -40.27 13.17
N ALA A 222 1.36 -39.74 13.19
CA ALA A 222 1.98 -39.16 12.01
C ALA A 222 2.95 -40.15 11.37
N LEU A 223 3.01 -40.09 10.04
CA LEU A 223 3.85 -40.98 9.25
C LEU A 223 5.14 -40.27 8.88
N GLU A 224 6.25 -40.85 9.25
CA GLU A 224 7.54 -40.26 8.91
C GLU A 224 8.03 -40.79 7.57
N PRO A 225 8.80 -39.99 6.84
CA PRO A 225 9.31 -40.46 5.54
C PRO A 225 10.24 -41.64 5.70
N LEU A 226 10.23 -42.51 4.69
CA LEU A 226 11.05 -43.72 4.69
C LEU A 226 12.07 -43.74 3.56
N VAL A 227 11.63 -43.55 2.32
CA VAL A 227 12.51 -43.57 1.16
C VAL A 227 11.90 -42.70 0.07
N ASP A 228 12.71 -42.41 -0.95
CA ASP A 228 12.25 -41.68 -2.14
C ASP A 228 12.90 -42.36 -3.34
N LEU A 229 12.22 -43.37 -3.89
CA LEU A 229 12.81 -44.21 -4.92
C LEU A 229 12.71 -43.52 -6.28
N PRO A 230 13.81 -43.33 -7.00
CA PRO A 230 13.75 -42.70 -8.34
C PRO A 230 13.43 -43.71 -9.44
N ILE A 231 12.27 -44.36 -9.30
CA ILE A 231 11.88 -45.38 -10.27
C ILE A 231 11.61 -44.77 -11.63
N GLY A 232 10.97 -43.61 -11.66
CA GLY A 232 10.71 -42.91 -12.90
C GLY A 232 9.83 -43.67 -13.87
N ILE A 233 8.69 -44.16 -13.39
CA ILE A 233 7.76 -44.95 -14.20
C ILE A 233 6.38 -44.33 -14.10
N ASN A 234 5.42 -45.00 -14.75
CA ASN A 234 4.02 -44.58 -14.77
C ASN A 234 3.21 -45.60 -13.98
N ILE A 235 2.43 -45.10 -13.02
CA ILE A 235 1.66 -45.96 -12.12
C ILE A 235 0.20 -45.53 -12.15
N THR A 236 -0.68 -46.49 -12.40
CA THR A 236 -2.12 -46.27 -12.30
C THR A 236 -2.85 -47.36 -11.53
N ARG A 237 -2.23 -48.52 -11.31
CA ARG A 237 -2.85 -49.63 -10.60
C ARG A 237 -1.83 -50.22 -9.65
N PHE A 238 -2.32 -50.88 -8.61
CA PHE A 238 -1.46 -51.56 -7.66
C PHE A 238 -2.21 -52.72 -7.04
N GLN A 239 -1.45 -53.65 -6.46
CA GLN A 239 -2.01 -54.83 -5.83
C GLN A 239 -1.16 -55.21 -4.63
N THR A 240 -1.78 -55.92 -3.69
CA THR A 240 -1.13 -56.36 -2.48
C THR A 240 -0.74 -57.82 -2.58
N LEU A 241 0.32 -58.18 -1.87
CA LEU A 241 0.86 -59.54 -1.88
C LEU A 241 0.69 -60.14 -0.49
N LEU A 242 -0.15 -61.17 -0.40
CA LEU A 242 -0.44 -61.85 0.85
C LEU A 242 0.11 -63.27 0.79
N ALA A 243 0.70 -63.72 1.90
CA ALA A 243 1.24 -65.06 1.98
C ALA A 243 0.16 -66.04 2.40
N LEU A 244 0.30 -67.28 1.94
CA LEU A 244 -0.65 -68.35 2.22
C LEU A 244 -0.02 -69.39 3.15
N HIS A 245 -0.87 -70.04 3.93
CA HIS A 245 -0.44 -71.06 4.88
C HIS A 245 -0.92 -72.42 4.39
N ARG A 246 0.03 -73.34 4.16
CA ARG A 246 -0.27 -74.71 3.75
C ARG A 246 0.64 -75.62 4.57
N SER A 247 0.16 -76.03 5.75
CA SER A 247 0.98 -76.80 6.68
C SER A 247 0.40 -78.17 7.00
N TRP A 248 -0.85 -78.24 7.44
CA TRP A 248 -1.38 -79.50 7.98
C TRP A 248 -1.49 -80.56 6.89
N LEU A 249 -1.93 -80.17 5.69
CA LEU A 249 -1.96 -81.10 4.57
C LEU A 249 -1.77 -80.32 3.27
N THR A 250 -1.11 -80.96 2.30
CA THR A 250 -0.72 -80.31 1.05
C THR A 250 -1.24 -81.12 -0.13
N PRO A 251 -2.41 -80.76 -0.66
CA PRO A 251 -2.86 -81.39 -1.91
C PRO A 251 -2.21 -80.72 -3.11
N GLY A 252 -2.61 -81.07 -4.32
CA GLY A 252 -2.18 -80.33 -5.48
C GLY A 252 -2.42 -78.86 -5.27
N ASP A 253 -1.34 -78.07 -5.22
CA ASP A 253 -1.46 -76.68 -4.80
C ASP A 253 -2.14 -75.84 -5.87
N SER A 254 -3.41 -76.14 -6.14
CA SER A 254 -4.30 -75.33 -6.94
C SER A 254 -5.06 -74.40 -6.00
N SER A 255 -6.18 -73.84 -6.46
CA SER A 255 -7.02 -73.04 -5.58
C SER A 255 -7.64 -73.96 -4.54
N SER A 256 -6.80 -74.51 -3.68
CA SER A 256 -7.20 -75.52 -2.70
C SER A 256 -5.99 -75.79 -1.82
N GLY A 257 -6.26 -76.40 -0.65
CA GLY A 257 -5.18 -76.73 0.25
C GLY A 257 -4.44 -75.54 0.81
N TRP A 258 -5.06 -74.36 0.80
CA TRP A 258 -4.44 -73.15 1.30
C TRP A 258 -5.38 -72.46 2.28
N THR A 259 -4.78 -71.72 3.20
CA THR A 259 -5.54 -71.00 4.22
C THR A 259 -4.80 -69.70 4.55
N ALA A 260 -5.55 -68.64 4.75
CA ALA A 260 -5.01 -67.33 5.09
C ALA A 260 -5.41 -66.97 6.51
N GLY A 261 -4.43 -66.67 7.35
CA GLY A 261 -4.73 -66.22 8.69
C GLY A 261 -5.48 -64.90 8.68
N ALA A 262 -6.14 -64.62 9.81
CA ALA A 262 -6.96 -63.42 9.89
C ALA A 262 -6.12 -62.19 9.57
N ALA A 263 -6.61 -61.37 8.64
CA ALA A 263 -5.83 -60.27 8.12
C ALA A 263 -6.74 -59.36 7.30
N ALA A 264 -6.47 -58.06 7.36
CA ALA A 264 -7.23 -57.09 6.60
C ALA A 264 -6.38 -55.85 6.40
N TYR A 265 -6.67 -55.13 5.32
CA TYR A 265 -5.99 -53.87 5.03
C TYR A 265 -7.01 -52.87 4.51
N TYR A 266 -6.70 -51.59 4.73
CA TYR A 266 -7.57 -50.48 4.36
C TYR A 266 -6.86 -49.60 3.35
N VAL A 267 -7.56 -49.24 2.28
CA VAL A 267 -7.00 -48.46 1.19
C VAL A 267 -7.74 -47.14 1.11
N GLY A 268 -6.99 -46.05 1.17
CA GLY A 268 -7.58 -44.72 1.03
C GLY A 268 -6.79 -43.91 0.03
N TYR A 269 -7.51 -43.13 -0.77
CA TYR A 269 -6.93 -42.37 -1.86
C TYR A 269 -6.76 -40.91 -1.47
N LEU A 270 -5.55 -40.41 -1.61
CA LEU A 270 -5.24 -39.04 -1.23
C LEU A 270 -5.72 -38.06 -2.28
N GLN A 271 -5.99 -36.83 -1.86
CA GLN A 271 -6.40 -35.76 -2.73
C GLN A 271 -5.69 -34.48 -2.30
N PRO A 272 -5.50 -33.53 -3.22
CA PRO A 272 -4.90 -32.25 -2.83
C PRO A 272 -5.74 -31.53 -1.79
N ARG A 273 -5.21 -31.38 -0.57
CA ARG A 273 -5.95 -30.79 0.52
C ARG A 273 -5.02 -29.89 1.32
N THR A 274 -5.62 -28.89 1.98
CA THR A 274 -4.90 -27.97 2.84
C THR A 274 -5.11 -28.39 4.28
N PHE A 275 -4.01 -28.67 4.98
CA PHE A 275 -4.04 -29.15 6.35
C PHE A 275 -3.38 -28.14 7.28
N LEU A 276 -3.96 -27.97 8.45
CA LEU A 276 -3.36 -27.18 9.52
C LEU A 276 -2.76 -28.14 10.52
N LEU A 277 -1.44 -28.14 10.65
CA LEU A 277 -0.71 -29.10 11.45
C LEU A 277 -0.24 -28.46 12.74
N LYS A 278 -0.55 -29.10 13.86
CA LYS A 278 -0.06 -28.68 15.16
C LYS A 278 1.27 -29.36 15.45
N TYR A 279 2.13 -28.66 16.19
CA TYR A 279 3.41 -29.18 16.60
C TYR A 279 3.60 -28.94 18.09
N ASN A 280 4.15 -29.93 18.79
CA ASN A 280 4.42 -29.83 20.21
C ASN A 280 5.87 -29.39 20.43
N GLU A 281 6.26 -29.34 21.71
CA GLU A 281 7.63 -28.94 22.04
C GLU A 281 8.64 -29.93 21.47
N ASN A 282 8.35 -31.22 21.58
CA ASN A 282 9.28 -32.24 21.08
C ASN A 282 9.49 -32.11 19.59
N GLY A 283 8.47 -31.67 18.85
CA GLY A 283 8.52 -31.62 17.40
C GLY A 283 7.52 -32.55 16.72
N THR A 284 6.76 -33.33 17.46
CA THR A 284 5.76 -34.22 16.88
C THR A 284 4.48 -33.44 16.60
N ILE A 285 3.68 -33.96 15.67
CA ILE A 285 2.50 -33.24 15.20
C ILE A 285 1.38 -33.30 16.24
N THR A 286 0.88 -34.51 16.52
CA THR A 286 -0.06 -34.74 17.61
C THR A 286 -1.48 -34.23 17.33
N ASP A 287 -1.67 -33.51 16.23
CA ASP A 287 -2.99 -33.00 15.90
C ASP A 287 -2.95 -32.33 14.54
N ALA A 288 -4.13 -32.19 13.93
CA ALA A 288 -4.24 -31.56 12.62
C ALA A 288 -5.71 -31.25 12.35
N VAL A 289 -5.94 -30.44 11.32
CA VAL A 289 -7.27 -30.03 10.91
C VAL A 289 -7.36 -30.09 9.40
N ASP A 290 -8.48 -30.60 8.89
CA ASP A 290 -8.77 -30.63 7.47
C ASP A 290 -9.64 -29.43 7.13
N CYS A 291 -9.04 -28.43 6.46
CA CYS A 291 -9.72 -27.15 6.29
C CYS A 291 -11.01 -27.30 5.49
N ALA A 292 -11.00 -28.12 4.45
CA ALA A 292 -12.14 -28.24 3.56
C ALA A 292 -13.13 -29.32 4.00
N LEU A 293 -12.90 -29.97 5.15
CA LEU A 293 -13.83 -30.99 5.62
C LEU A 293 -15.22 -30.40 5.82
N ASP A 294 -15.31 -29.28 6.52
CA ASP A 294 -16.58 -28.63 6.81
C ASP A 294 -16.31 -27.16 7.11
N PRO A 295 -17.34 -26.32 7.10
CA PRO A 295 -17.11 -24.89 7.35
C PRO A 295 -16.45 -24.61 8.69
N LEU A 296 -16.74 -25.41 9.71
CA LEU A 296 -16.12 -25.21 11.01
C LEU A 296 -14.61 -25.37 10.94
N SER A 297 -14.15 -26.43 10.27
CA SER A 297 -12.71 -26.64 10.13
C SER A 297 -12.08 -25.59 9.25
N GLU A 298 -12.80 -25.12 8.22
CA GLU A 298 -12.26 -24.04 7.41
C GLU A 298 -12.08 -22.78 8.25
N THR A 299 -13.03 -22.49 9.13
CA THR A 299 -12.90 -21.37 10.04
C THR A 299 -11.70 -21.56 10.96
N LYS A 300 -11.55 -22.77 11.51
CA LYS A 300 -10.41 -23.02 12.39
C LYS A 300 -9.09 -22.80 11.67
N CYS A 301 -9.01 -23.24 10.41
CA CYS A 301 -7.81 -22.98 9.62
C CYS A 301 -7.61 -21.48 9.41
N THR A 302 -8.70 -20.75 9.15
CA THR A 302 -8.58 -19.31 8.94
C THR A 302 -8.04 -18.61 10.18
N LEU A 303 -8.55 -18.97 11.36
CA LEU A 303 -8.07 -18.37 12.60
C LEU A 303 -6.73 -18.93 13.05
N LYS A 304 -6.22 -19.97 12.38
CA LYS A 304 -4.97 -20.62 12.79
C LYS A 304 -5.05 -21.06 14.24
N SER A 305 -6.18 -21.66 14.62
CA SER A 305 -6.37 -22.16 15.97
C SER A 305 -7.32 -23.35 15.93
N PHE A 306 -7.22 -24.19 16.94
CA PHE A 306 -8.07 -25.37 17.08
C PHE A 306 -9.31 -25.09 17.92
N THR A 307 -9.46 -23.88 18.46
CA THR A 307 -10.59 -23.52 19.29
C THR A 307 -11.24 -22.27 18.74
N VAL A 308 -12.57 -22.31 18.59
CA VAL A 308 -13.36 -21.20 18.08
C VAL A 308 -14.25 -20.71 19.21
N GLU A 309 -14.07 -19.45 19.61
CA GLU A 309 -14.97 -18.88 20.61
C GLU A 309 -16.35 -18.67 20.01
N LYS A 310 -17.34 -18.60 20.89
CA LYS A 310 -18.73 -18.45 20.44
C LYS A 310 -18.88 -17.21 19.58
N GLY A 311 -19.60 -17.37 18.47
CA GLY A 311 -19.85 -16.27 17.58
C GLY A 311 -20.26 -16.78 16.20
N ILE A 312 -20.23 -15.86 15.24
CA ILE A 312 -20.54 -16.16 13.85
C ILE A 312 -19.36 -15.70 13.01
N TYR A 313 -18.95 -16.55 12.07
CA TYR A 313 -17.79 -16.29 11.24
C TYR A 313 -18.15 -16.45 9.78
N GLN A 314 -17.45 -15.71 8.92
CA GLN A 314 -17.67 -15.74 7.48
C GLN A 314 -16.63 -16.66 6.85
N THR A 315 -17.10 -17.67 6.15
CA THR A 315 -16.24 -18.63 5.47
C THR A 315 -16.21 -18.31 3.97
N SER A 316 -15.55 -19.18 3.21
CA SER A 316 -15.44 -18.98 1.78
C SER A 316 -16.82 -19.04 1.13
N ASN A 317 -16.96 -18.30 0.05
CA ASN A 317 -18.20 -18.32 -0.70
C ASN A 317 -18.45 -19.73 -1.22
N PHE A 318 -19.70 -20.01 -1.57
CA PHE A 318 -20.10 -21.36 -1.95
C PHE A 318 -19.42 -21.75 -3.25
N ARG A 319 -18.55 -22.75 -3.20
CA ARG A 319 -17.95 -23.32 -4.39
C ARG A 319 -18.70 -24.54 -4.88
N VAL A 320 -18.74 -24.68 -6.19
CA VAL A 320 -19.16 -25.90 -6.86
C VAL A 320 -18.03 -26.30 -7.79
N GLN A 321 -17.50 -27.50 -7.59
CA GLN A 321 -16.39 -27.95 -8.41
C GLN A 321 -16.90 -28.49 -9.74
N PRO A 322 -16.24 -28.18 -10.85
CA PRO A 322 -16.70 -28.69 -12.14
C PRO A 322 -16.59 -30.20 -12.22
N THR A 323 -17.49 -30.80 -12.99
CA THR A 323 -17.53 -32.24 -13.18
C THR A 323 -16.95 -32.67 -14.52
N GLU A 324 -17.23 -31.94 -15.59
CA GLU A 324 -16.78 -32.27 -16.92
C GLU A 324 -15.66 -31.33 -17.35
N SER A 325 -15.10 -31.60 -18.53
CA SER A 325 -14.04 -30.78 -19.11
C SER A 325 -14.17 -30.89 -20.63
N ILE A 326 -14.78 -29.89 -21.24
CA ILE A 326 -15.14 -29.95 -22.64
C ILE A 326 -14.11 -29.18 -23.46
N VAL A 327 -14.10 -29.44 -24.77
CA VAL A 327 -13.25 -28.75 -25.71
C VAL A 327 -14.06 -28.51 -26.98
N ARG A 328 -13.96 -27.29 -27.52
CA ARG A 328 -14.73 -26.91 -28.70
C ARG A 328 -13.79 -26.20 -29.68
N PHE A 329 -13.29 -26.96 -30.65
CA PHE A 329 -12.50 -26.43 -31.74
C PHE A 329 -13.29 -26.54 -33.04
N PRO A 330 -13.00 -25.70 -34.03
CA PRO A 330 -13.67 -25.84 -35.32
C PRO A 330 -13.37 -27.19 -35.94
N ASN A 331 -14.35 -27.74 -36.64
CA ASN A 331 -14.20 -29.06 -37.25
C ASN A 331 -13.37 -28.91 -38.52
N ILE A 332 -12.06 -29.09 -38.37
CA ILE A 332 -11.10 -28.98 -39.46
C ILE A 332 -10.34 -30.29 -39.56
N THR A 333 -10.25 -30.83 -40.77
CA THR A 333 -9.55 -32.09 -41.02
C THR A 333 -8.25 -31.92 -41.77
N ASN A 334 -8.03 -30.79 -42.43
CA ASN A 334 -6.84 -30.58 -43.23
C ASN A 334 -5.65 -30.27 -42.33
N LEU A 335 -4.47 -30.70 -42.77
CA LEU A 335 -3.23 -30.48 -42.04
C LEU A 335 -2.45 -29.32 -42.65
N CYS A 336 -1.78 -28.55 -41.80
CA CYS A 336 -1.14 -27.33 -42.23
C CYS A 336 -0.01 -27.64 -43.21
N PRO A 337 0.28 -26.72 -44.13
CA PRO A 337 1.31 -26.98 -45.14
C PRO A 337 2.71 -26.98 -44.54
N PHE A 338 2.97 -27.94 -43.64
CA PHE A 338 4.30 -28.05 -43.06
C PHE A 338 5.35 -28.34 -44.12
N GLY A 339 5.03 -29.21 -45.07
CA GLY A 339 6.01 -29.58 -46.08
C GLY A 339 6.39 -28.43 -46.99
N GLU A 340 5.41 -27.64 -47.43
CA GLU A 340 5.70 -26.55 -48.36
C GLU A 340 6.50 -25.44 -47.70
N VAL A 341 6.38 -25.29 -46.38
CA VAL A 341 7.07 -24.22 -45.68
C VAL A 341 8.45 -24.66 -45.20
N PHE A 342 8.56 -25.89 -44.68
CA PHE A 342 9.80 -26.39 -44.13
C PHE A 342 10.55 -27.31 -45.08
N ASN A 343 9.85 -27.99 -45.98
CA ASN A 343 10.42 -29.03 -46.82
C ASN A 343 10.32 -28.65 -48.29
N ALA A 344 10.53 -27.37 -48.59
CA ALA A 344 10.45 -26.85 -49.95
C ALA A 344 11.81 -26.35 -50.38
N THR A 345 12.22 -26.74 -51.59
CA THR A 345 13.43 -26.18 -52.18
C THR A 345 13.18 -24.74 -52.59
N ARG A 346 14.27 -24.06 -52.97
CA ARG A 346 14.18 -22.74 -53.58
C ARG A 346 13.52 -21.73 -52.64
N PHE A 347 14.16 -21.53 -51.50
CA PHE A 347 13.72 -20.51 -50.56
C PHE A 347 14.10 -19.12 -51.06
N ALA A 348 13.50 -18.11 -50.45
CA ALA A 348 13.69 -16.74 -50.85
C ALA A 348 14.90 -16.13 -50.15
N SER A 349 15.41 -15.04 -50.73
CA SER A 349 16.48 -14.29 -50.11
C SER A 349 15.93 -13.44 -48.97
N VAL A 350 16.81 -13.12 -48.02
CA VAL A 350 16.39 -12.38 -46.83
C VAL A 350 15.89 -11.00 -47.22
N TYR A 351 16.53 -10.36 -48.18
CA TYR A 351 16.11 -9.03 -48.59
C TYR A 351 14.74 -9.02 -49.25
N ALA A 352 14.27 -10.17 -49.72
CA ALA A 352 12.96 -10.32 -50.34
C ALA A 352 12.20 -11.46 -49.69
N TRP A 353 12.20 -11.47 -48.36
CA TRP A 353 11.60 -12.57 -47.61
C TRP A 353 10.15 -12.78 -48.03
N ASN A 354 9.81 -14.05 -48.30
CA ASN A 354 8.46 -14.40 -48.71
C ASN A 354 7.56 -14.58 -47.49
N ARG A 355 6.32 -14.13 -47.63
CA ARG A 355 5.32 -14.26 -46.59
C ARG A 355 4.17 -15.10 -47.13
N LYS A 356 3.85 -16.17 -46.43
CA LYS A 356 2.79 -17.10 -46.83
C LYS A 356 1.69 -17.09 -45.79
N ARG A 357 0.45 -17.02 -46.24
CA ARG A 357 -0.70 -17.10 -45.36
C ARG A 357 -1.07 -18.56 -45.11
N ILE A 358 -1.50 -18.84 -43.88
CA ILE A 358 -1.85 -20.19 -43.45
C ILE A 358 -3.22 -20.12 -42.79
N SER A 359 -4.12 -21.00 -43.23
CA SER A 359 -5.48 -20.98 -42.72
C SER A 359 -6.15 -22.31 -43.00
N ASN A 360 -7.12 -22.66 -42.14
CA ASN A 360 -7.98 -23.81 -42.34
C ASN A 360 -7.16 -25.10 -42.32
N CYS A 361 -6.44 -25.29 -41.22
CA CYS A 361 -5.54 -26.43 -41.11
C CYS A 361 -5.27 -26.71 -39.64
N VAL A 362 -5.07 -27.99 -39.33
CA VAL A 362 -4.66 -28.41 -38.00
C VAL A 362 -3.15 -28.37 -37.92
N ALA A 363 -2.63 -27.88 -36.79
CA ALA A 363 -1.20 -27.70 -36.58
C ALA A 363 -0.70 -28.81 -35.67
N ASP A 364 -0.36 -29.95 -36.26
CA ASP A 364 0.26 -31.06 -35.55
C ASP A 364 1.72 -31.09 -35.98
N TYR A 365 2.56 -30.38 -35.23
CA TYR A 365 3.98 -30.28 -35.57
C TYR A 365 4.73 -31.57 -35.32
N SER A 366 4.09 -32.57 -34.70
CA SER A 366 4.74 -33.86 -34.51
C SER A 366 5.13 -34.50 -35.84
N VAL A 367 4.48 -34.10 -36.94
CA VAL A 367 4.84 -34.62 -38.25
C VAL A 367 6.26 -34.24 -38.64
N LEU A 368 6.80 -33.19 -38.05
CA LEU A 368 8.13 -32.71 -38.37
C LEU A 368 9.22 -33.49 -37.65
N TYR A 369 8.88 -34.32 -36.67
CA TYR A 369 9.88 -35.00 -35.87
C TYR A 369 10.73 -35.94 -36.72
N ASN A 370 10.09 -36.72 -37.59
CA ASN A 370 10.83 -37.66 -38.42
C ASN A 370 11.52 -36.98 -39.60
N SER A 371 11.00 -35.84 -40.06
CA SER A 371 11.50 -35.23 -41.27
C SER A 371 12.75 -34.38 -41.00
N ALA A 372 12.62 -33.34 -40.18
CA ALA A 372 13.68 -32.36 -40.00
C ALA A 372 13.87 -32.06 -38.53
N SER A 373 15.07 -31.59 -38.20
CA SER A 373 15.43 -31.16 -36.87
C SER A 373 15.87 -29.70 -36.92
N PHE A 374 15.38 -28.90 -35.98
CA PHE A 374 15.63 -27.48 -35.97
C PHE A 374 16.68 -27.15 -34.92
N SER A 375 17.76 -26.49 -35.36
CA SER A 375 18.79 -26.06 -34.42
C SER A 375 18.27 -24.97 -33.49
N THR A 376 17.38 -24.12 -33.97
CA THR A 376 16.83 -23.01 -33.21
C THR A 376 15.32 -23.07 -33.24
N PHE A 377 14.71 -22.87 -32.08
CA PHE A 377 13.25 -22.84 -31.97
C PHE A 377 12.90 -22.00 -30.74
N LYS A 378 12.53 -20.75 -30.98
CA LYS A 378 12.18 -19.82 -29.92
C LYS A 378 10.76 -19.31 -30.18
N CYS A 379 9.93 -19.34 -29.14
CA CYS A 379 8.55 -18.88 -29.22
C CYS A 379 8.38 -17.69 -28.29
N TYR A 380 7.98 -16.57 -28.84
CA TYR A 380 7.78 -15.33 -28.09
C TYR A 380 6.28 -15.10 -27.89
N GLY A 381 5.89 -14.82 -26.65
CA GLY A 381 4.50 -14.57 -26.32
C GLY A 381 3.68 -15.81 -26.10
N VAL A 382 4.29 -16.99 -26.10
CA VAL A 382 3.56 -18.24 -25.93
C VAL A 382 4.56 -19.31 -25.53
N SER A 383 4.12 -20.25 -24.70
CA SER A 383 4.99 -21.35 -24.31
C SER A 383 4.87 -22.50 -25.32
N PRO A 384 5.97 -23.18 -25.66
CA PRO A 384 5.86 -24.28 -26.62
C PRO A 384 4.93 -25.38 -26.17
N THR A 385 4.86 -25.65 -24.86
CA THR A 385 4.02 -26.74 -24.37
C THR A 385 2.55 -26.49 -24.67
N LYS A 386 2.13 -25.23 -24.74
CA LYS A 386 0.73 -24.88 -24.94
C LYS A 386 0.34 -24.77 -26.40
N LEU A 387 1.28 -24.98 -27.32
CA LEU A 387 0.94 -24.87 -28.74
C LEU A 387 -0.06 -25.92 -29.17
N ASN A 388 -0.09 -27.06 -28.48
CA ASN A 388 -1.02 -28.13 -28.80
C ASN A 388 -2.42 -27.88 -28.25
N ASP A 389 -2.61 -26.85 -27.43
CA ASP A 389 -3.88 -26.57 -26.78
C ASP A 389 -4.39 -25.18 -27.15
N LEU A 390 -3.97 -24.67 -28.30
CA LEU A 390 -4.26 -23.30 -28.70
C LEU A 390 -4.72 -23.25 -30.14
N CYS A 391 -5.42 -22.17 -30.48
CA CYS A 391 -5.82 -21.87 -31.85
C CYS A 391 -5.35 -20.48 -32.20
N PHE A 392 -4.91 -20.31 -33.45
CA PHE A 392 -4.19 -19.11 -33.89
C PHE A 392 -5.01 -18.36 -34.92
N THR A 393 -5.01 -17.03 -34.81
CA THR A 393 -5.90 -16.19 -35.60
C THR A 393 -5.33 -15.92 -36.99
N ASN A 394 -4.20 -15.22 -37.06
CA ASN A 394 -3.62 -14.76 -38.32
C ASN A 394 -2.20 -15.29 -38.41
N VAL A 395 -2.07 -16.49 -38.98
CA VAL A 395 -0.77 -17.15 -39.07
C VAL A 395 -0.11 -16.78 -40.39
N TYR A 396 1.12 -16.29 -40.32
CA TYR A 396 1.91 -15.94 -41.49
C TYR A 396 3.29 -16.57 -41.34
N ALA A 397 3.76 -17.22 -42.39
CA ALA A 397 5.06 -17.88 -42.40
C ALA A 397 6.02 -17.05 -43.23
N ASP A 398 7.01 -16.45 -42.57
CA ASP A 398 8.02 -15.65 -43.24
C ASP A 398 9.29 -16.49 -43.38
N SER A 399 9.68 -16.77 -44.61
CA SER A 399 10.79 -17.67 -44.90
C SER A 399 11.89 -16.93 -45.65
N PHE A 400 13.13 -17.32 -45.37
CA PHE A 400 14.30 -16.74 -46.03
C PHE A 400 15.51 -17.54 -45.60
N VAL A 401 16.66 -17.20 -46.20
CA VAL A 401 17.91 -17.91 -45.98
C VAL A 401 18.98 -16.91 -45.57
N ILE A 402 19.76 -17.26 -44.55
CA ILE A 402 20.86 -16.46 -44.06
C ILE A 402 21.96 -17.39 -43.59
N ARG A 403 23.06 -16.80 -43.12
CA ARG A 403 24.16 -17.56 -42.56
C ARG A 403 23.97 -17.73 -41.06
N GLY A 404 24.67 -18.73 -40.49
CA GLY A 404 24.45 -19.08 -39.10
C GLY A 404 24.74 -17.93 -38.15
N ASP A 405 25.80 -17.16 -38.44
CA ASP A 405 26.16 -16.05 -37.57
C ASP A 405 25.02 -15.05 -37.42
N GLU A 406 24.12 -14.99 -38.38
CA GLU A 406 23.08 -13.97 -38.41
C GLU A 406 21.73 -14.47 -37.89
N VAL A 407 21.66 -15.72 -37.44
CA VAL A 407 20.40 -16.24 -36.91
C VAL A 407 20.03 -15.52 -35.62
N ARG A 408 21.01 -15.20 -34.79
CA ARG A 408 20.75 -14.46 -33.57
C ARG A 408 20.06 -13.13 -33.86
N GLN A 409 20.36 -12.51 -35.00
CA GLN A 409 19.75 -11.24 -35.35
C GLN A 409 18.24 -11.37 -35.56
N ILE A 410 17.74 -12.59 -35.74
CA ILE A 410 16.30 -12.79 -35.96
C ILE A 410 15.67 -12.89 -34.58
N ALA A 411 15.42 -11.73 -33.99
CA ALA A 411 14.78 -11.63 -32.69
C ALA A 411 14.54 -10.16 -32.37
N PRO A 412 13.49 -9.84 -31.60
CA PRO A 412 13.24 -8.44 -31.27
C PRO A 412 14.40 -7.83 -30.50
N GLY A 413 14.70 -6.56 -30.80
CA GLY A 413 15.71 -5.82 -30.09
C GLY A 413 17.12 -5.99 -30.61
N GLN A 414 17.34 -6.86 -31.58
CA GLN A 414 18.68 -7.09 -32.09
C GLN A 414 19.05 -6.03 -33.13
N THR A 415 20.34 -6.00 -33.46
CA THR A 415 20.86 -5.07 -34.45
C THR A 415 21.88 -5.80 -35.32
N GLY A 416 22.10 -5.25 -36.50
CA GLY A 416 22.97 -5.86 -37.48
C GLY A 416 22.44 -5.59 -38.87
N LYS A 417 23.17 -6.08 -39.86
CA LYS A 417 22.75 -5.86 -41.24
C LYS A 417 21.39 -6.47 -41.51
N ILE A 418 21.17 -7.70 -41.03
CA ILE A 418 19.89 -8.38 -41.28
C ILE A 418 18.76 -7.63 -40.59
N ALA A 419 18.91 -7.39 -39.29
CA ALA A 419 17.83 -6.76 -38.53
C ALA A 419 17.57 -5.35 -39.00
N ASP A 420 18.62 -4.61 -39.33
CA ASP A 420 18.47 -3.20 -39.63
C ASP A 420 18.05 -2.93 -41.08
N TYR A 421 18.43 -3.81 -42.01
CA TYR A 421 18.27 -3.53 -43.43
C TYR A 421 17.42 -4.55 -44.17
N ASN A 422 17.35 -5.80 -43.71
CA ASN A 422 16.70 -6.86 -44.46
C ASN A 422 15.39 -7.32 -43.82
N TYR A 423 15.41 -7.72 -42.55
CA TYR A 423 14.24 -8.26 -41.89
C TYR A 423 14.27 -7.87 -40.43
N LYS A 424 13.26 -7.12 -40.00
CA LYS A 424 13.16 -6.65 -38.63
C LYS A 424 11.88 -7.16 -37.99
N LEU A 425 11.99 -7.60 -36.74
CA LEU A 425 10.83 -8.07 -36.00
C LEU A 425 10.37 -7.02 -35.00
N PRO A 426 9.07 -6.89 -34.78
CA PRO A 426 8.60 -5.92 -33.78
C PRO A 426 9.01 -6.34 -32.37
N ASP A 427 9.15 -5.33 -31.50
CA ASP A 427 9.46 -5.61 -30.11
C ASP A 427 8.34 -6.40 -29.45
N ASP A 428 7.09 -6.04 -29.72
CA ASP A 428 5.93 -6.76 -29.20
C ASP A 428 5.53 -7.85 -30.20
N PHE A 429 6.40 -8.85 -30.29
CA PHE A 429 6.26 -9.91 -31.28
C PHE A 429 5.68 -11.15 -30.61
N THR A 430 4.57 -11.64 -31.16
CA THR A 430 3.96 -12.89 -30.75
C THR A 430 4.13 -13.90 -31.88
N GLY A 431 4.83 -14.98 -31.61
CA GLY A 431 5.11 -15.96 -32.63
C GLY A 431 6.30 -16.82 -32.24
N CYS A 432 6.77 -17.59 -33.23
CA CYS A 432 7.88 -18.51 -33.03
C CYS A 432 8.87 -18.35 -34.18
N VAL A 433 10.14 -18.57 -33.85
CA VAL A 433 11.24 -18.46 -34.82
C VAL A 433 11.88 -19.84 -34.95
N ILE A 434 12.05 -20.30 -36.18
CA ILE A 434 12.57 -21.63 -36.46
C ILE A 434 13.70 -21.50 -37.47
N ALA A 435 14.74 -22.30 -37.29
CA ALA A 435 15.89 -22.30 -38.19
C ALA A 435 16.55 -23.67 -38.17
N TRP A 436 17.18 -24.02 -39.29
CA TRP A 436 17.90 -25.26 -39.41
C TRP A 436 18.92 -25.15 -40.54
N ASN A 437 20.06 -25.79 -40.35
CA ASN A 437 21.11 -25.74 -41.36
C ASN A 437 20.65 -26.38 -42.65
N SER A 438 21.10 -25.83 -43.78
CA SER A 438 20.75 -26.32 -45.10
C SER A 438 21.97 -26.33 -46.00
N ASN A 439 23.13 -26.69 -45.44
CA ASN A 439 24.35 -26.74 -46.25
C ASN A 439 24.23 -27.77 -47.35
N ASN A 440 23.62 -28.92 -47.06
CA ASN A 440 23.47 -29.97 -48.05
C ASN A 440 22.53 -29.56 -49.19
N LEU A 441 21.74 -28.51 -49.01
CA LEU A 441 20.76 -28.08 -49.99
C LEU A 441 21.13 -26.75 -50.65
N ASP A 442 21.39 -25.72 -49.85
CA ASP A 442 21.65 -24.38 -50.36
C ASP A 442 23.13 -24.10 -50.56
N SER A 443 23.93 -25.14 -50.79
CA SER A 443 25.35 -24.99 -51.05
C SER A 443 25.73 -25.79 -52.28
N LYS A 444 26.75 -25.30 -52.99
CA LYS A 444 27.22 -25.94 -54.20
C LYS A 444 28.74 -25.80 -54.28
N VAL A 445 29.35 -26.73 -55.01
CA VAL A 445 30.80 -26.67 -55.23
C VAL A 445 31.12 -25.45 -56.08
N GLY A 446 32.07 -24.65 -55.63
CA GLY A 446 32.44 -23.43 -56.30
C GLY A 446 31.68 -22.20 -55.85
N GLY A 447 30.56 -22.38 -55.15
CA GLY A 447 29.81 -21.25 -54.62
C GLY A 447 28.40 -21.15 -55.16
N ASN A 448 27.47 -20.75 -54.30
CA ASN A 448 26.08 -20.50 -54.69
C ASN A 448 25.77 -19.04 -54.37
N TYR A 449 25.57 -18.24 -55.41
CA TYR A 449 25.35 -16.81 -55.28
C TYR A 449 23.92 -16.39 -55.59
N ASN A 450 22.97 -17.32 -55.47
CA ASN A 450 21.58 -17.01 -55.72
C ASN A 450 20.90 -16.35 -54.53
N TYR A 451 21.52 -16.40 -53.35
CA TYR A 451 20.97 -15.80 -52.15
C TYR A 451 21.68 -14.47 -51.89
N LEU A 452 20.90 -13.42 -51.70
CA LEU A 452 21.42 -12.07 -51.55
C LEU A 452 20.93 -11.46 -50.25
N TYR A 453 21.63 -10.41 -49.81
CA TYR A 453 21.27 -9.67 -48.62
C TYR A 453 21.59 -8.20 -48.82
N ARG A 454 20.74 -7.34 -48.30
CA ARG A 454 20.96 -5.90 -48.39
C ARG A 454 22.06 -5.49 -47.42
N LEU A 455 23.06 -4.78 -47.93
CA LEU A 455 24.23 -4.39 -47.15
C LEU A 455 24.24 -2.93 -46.78
N PHE A 456 23.71 -2.05 -47.63
CA PHE A 456 23.68 -0.62 -47.37
C PHE A 456 22.25 -0.11 -47.49
N ARG A 457 21.88 0.77 -46.57
CA ARG A 457 20.57 1.40 -46.61
C ARG A 457 20.65 2.75 -45.90
N LYS A 458 19.83 3.68 -46.37
CA LYS A 458 19.84 5.02 -45.79
C LYS A 458 19.37 5.01 -44.34
N SER A 459 18.43 4.14 -44.00
CA SER A 459 17.86 4.10 -42.66
C SER A 459 17.48 2.68 -42.31
N ASN A 460 17.37 2.43 -41.00
CA ASN A 460 16.99 1.11 -40.52
C ASN A 460 15.53 0.82 -40.85
N LEU A 461 15.25 -0.45 -41.12
CA LEU A 461 13.91 -0.86 -41.49
C LEU A 461 12.98 -0.84 -40.29
N LYS A 462 11.69 -0.72 -40.56
CA LYS A 462 10.66 -0.87 -39.56
C LYS A 462 10.19 -2.32 -39.50
N PRO A 463 9.52 -2.71 -38.42
CA PRO A 463 9.11 -4.11 -38.28
C PRO A 463 8.25 -4.57 -39.46
N PHE A 464 8.51 -5.80 -39.90
CA PHE A 464 7.75 -6.44 -40.98
C PHE A 464 7.67 -5.51 -42.20
N GLU A 465 8.81 -4.97 -42.59
CA GLU A 465 8.93 -4.13 -43.77
C GLU A 465 9.91 -4.78 -44.74
N ARG A 466 9.54 -4.78 -46.01
CA ARG A 466 10.36 -5.37 -47.07
C ARG A 466 10.80 -4.27 -48.02
N ASP A 467 12.10 -4.25 -48.31
CA ASP A 467 12.70 -3.27 -49.21
C ASP A 467 13.42 -4.02 -50.33
N ILE A 468 12.73 -4.18 -51.47
CA ILE A 468 13.32 -4.83 -52.64
C ILE A 468 13.95 -3.83 -53.59
N SER A 469 13.95 -2.55 -53.26
CA SER A 469 14.51 -1.54 -54.15
C SER A 469 15.98 -1.84 -54.43
N THR A 470 16.36 -1.70 -55.70
CA THR A 470 17.73 -1.89 -56.15
C THR A 470 18.22 -0.57 -56.75
N GLU A 471 18.71 0.31 -55.87
CA GLU A 471 19.23 1.61 -56.28
C GLU A 471 20.62 1.80 -55.70
N ILE A 472 21.46 2.51 -56.45
CA ILE A 472 22.84 2.70 -56.03
C ILE A 472 22.87 3.52 -54.75
N TYR A 473 23.58 3.02 -53.76
CA TYR A 473 23.67 3.69 -52.46
C TYR A 473 24.71 4.80 -52.52
N GLN A 474 24.34 5.97 -52.02
CA GLN A 474 25.21 7.14 -52.01
C GLN A 474 25.83 7.24 -50.62
N ALA A 475 27.08 6.80 -50.50
CA ALA A 475 27.80 6.82 -49.24
C ALA A 475 28.64 8.07 -49.04
N GLY A 476 28.57 9.03 -49.98
CA GLY A 476 29.36 10.24 -49.88
C GLY A 476 28.57 11.43 -50.39
N SER A 477 29.18 12.62 -50.25
CA SER A 477 28.52 13.84 -50.69
C SER A 477 28.35 13.87 -52.20
N THR A 478 29.29 13.30 -52.93
CA THR A 478 29.21 13.30 -54.40
C THR A 478 28.06 12.42 -54.85
N PRO A 479 27.09 12.94 -55.62
CA PRO A 479 25.98 12.09 -56.06
C PRO A 479 26.33 11.26 -57.27
N CYS A 480 25.91 9.99 -57.25
CA CYS A 480 26.04 9.08 -58.37
C CYS A 480 24.64 8.66 -58.80
N ASN A 481 24.34 8.81 -60.08
CA ASN A 481 23.00 8.59 -60.62
C ASN A 481 22.99 7.28 -61.39
N GLY A 482 22.48 6.23 -60.76
CA GLY A 482 22.27 4.96 -61.44
C GLY A 482 23.54 4.35 -62.01
N VAL A 483 24.70 4.66 -61.43
CA VAL A 483 25.96 4.11 -61.89
C VAL A 483 26.87 3.91 -60.69
N GLU A 484 27.48 2.72 -60.61
CA GLU A 484 28.41 2.44 -59.53
C GLU A 484 29.71 3.23 -59.72
N GLY A 485 30.29 3.64 -58.60
CA GLY A 485 31.52 4.41 -58.63
C GLY A 485 32.16 4.45 -57.27
N PHE A 486 33.28 5.17 -57.19
CA PHE A 486 33.98 5.29 -55.92
C PHE A 486 33.04 5.92 -54.88
N ASN A 487 33.01 5.33 -53.69
CA ASN A 487 32.14 5.73 -52.59
C ASN A 487 30.67 5.51 -52.92
N CYS A 488 30.37 4.81 -54.00
CA CYS A 488 29.00 4.43 -54.35
C CYS A 488 28.95 2.92 -54.51
N TYR A 489 27.97 2.29 -53.88
CA TYR A 489 27.92 0.84 -53.79
C TYR A 489 26.55 0.33 -54.23
N PHE A 490 26.55 -0.89 -54.76
CA PHE A 490 25.31 -1.60 -55.03
C PHE A 490 24.81 -2.21 -53.73
N PRO A 491 23.62 -1.85 -53.25
CA PRO A 491 23.22 -2.28 -51.90
C PRO A 491 23.18 -3.79 -51.72
N LEU A 492 22.75 -4.52 -52.73
CA LEU A 492 22.62 -5.97 -52.62
C LEU A 492 23.97 -6.65 -52.79
N GLN A 493 24.18 -7.70 -52.00
CA GLN A 493 25.37 -8.53 -52.10
C GLN A 493 24.96 -9.98 -51.95
N SER A 494 25.79 -10.87 -52.49
CA SER A 494 25.45 -12.29 -52.58
C SER A 494 26.21 -13.07 -51.51
N TYR A 495 25.50 -13.94 -50.80
CA TYR A 495 26.13 -14.83 -49.85
C TYR A 495 27.01 -15.84 -50.59
N GLY A 496 28.24 -16.02 -50.12
CA GLY A 496 29.10 -17.04 -50.67
C GLY A 496 28.95 -18.33 -49.91
N PHE A 497 28.13 -19.25 -50.42
CA PHE A 497 27.83 -20.50 -49.76
C PHE A 497 28.60 -21.63 -50.44
N GLN A 498 29.45 -22.29 -49.68
CA GLN A 498 30.18 -23.46 -50.13
C GLN A 498 30.12 -24.53 -49.05
N PRO A 499 30.14 -25.81 -49.44
CA PRO A 499 30.10 -26.88 -48.43
C PRO A 499 31.32 -26.88 -47.52
N THR A 500 32.44 -26.33 -47.97
CA THR A 500 33.67 -26.38 -47.19
C THR A 500 33.69 -25.37 -46.06
N ASN A 501 33.06 -24.22 -46.23
CA ASN A 501 33.20 -23.15 -45.26
C ASN A 501 32.64 -23.57 -43.91
N GLY A 502 32.86 -22.71 -42.91
CA GLY A 502 32.52 -23.05 -41.55
C GLY A 502 31.04 -22.99 -41.26
N VAL A 503 30.69 -23.40 -40.04
CA VAL A 503 29.30 -23.38 -39.62
C VAL A 503 28.75 -21.97 -39.65
N GLY A 504 29.57 -20.99 -39.28
CA GLY A 504 29.09 -19.62 -39.25
C GLY A 504 28.60 -19.12 -40.59
N TYR A 505 29.36 -19.38 -41.64
CA TYR A 505 28.98 -18.97 -42.99
C TYR A 505 28.08 -20.00 -43.68
N GLN A 506 27.81 -21.12 -43.04
CA GLN A 506 26.91 -22.10 -43.64
C GLN A 506 25.49 -21.53 -43.71
N PRO A 507 24.74 -21.87 -44.74
CA PRO A 507 23.38 -21.32 -44.85
C PRO A 507 22.47 -21.88 -43.77
N TYR A 508 21.49 -21.06 -43.39
CA TYR A 508 20.48 -21.45 -42.43
C TYR A 508 19.13 -20.99 -42.95
N ARG A 509 18.19 -21.93 -43.07
CA ARG A 509 16.84 -21.62 -43.54
C ARG A 509 15.98 -21.25 -42.34
N VAL A 510 15.48 -20.01 -42.34
CA VAL A 510 14.75 -19.45 -41.23
C VAL A 510 13.29 -19.33 -41.61
N VAL A 511 12.41 -19.76 -40.71
CA VAL A 511 10.97 -19.58 -40.86
C VAL A 511 10.45 -18.90 -39.61
N VAL A 512 9.69 -17.83 -39.80
CA VAL A 512 9.14 -17.04 -38.70
C VAL A 512 7.63 -17.12 -38.79
N LEU A 513 6.99 -17.57 -37.71
CA LEU A 513 5.55 -17.69 -37.62
C LEU A 513 5.02 -16.59 -36.72
N SER A 514 4.16 -15.74 -37.27
CA SER A 514 3.56 -14.64 -36.54
C SER A 514 2.06 -14.85 -36.45
N PHE A 515 1.52 -14.74 -35.24
CA PHE A 515 0.10 -14.98 -35.03
C PHE A 515 -0.35 -14.26 -33.77
N GLU A 516 -1.66 -14.06 -33.68
CA GLU A 516 -2.30 -13.56 -32.47
C GLU A 516 -3.05 -14.68 -31.79
N LEU A 517 -2.95 -14.74 -30.48
CA LEU A 517 -3.64 -15.74 -29.67
C LEU A 517 -4.86 -15.10 -29.04
N LEU A 518 -6.04 -15.66 -29.34
CA LEU A 518 -7.28 -15.17 -28.76
C LEU A 518 -7.60 -13.78 -29.29
N HIS A 519 -8.67 -13.18 -28.81
CA HIS A 519 -9.16 -11.85 -29.15
C HIS A 519 -9.87 -11.84 -30.50
N ALA A 520 -9.91 -12.93 -31.24
CA ALA A 520 -10.52 -12.93 -32.57
C ALA A 520 -10.75 -14.36 -33.01
N PRO A 521 -11.56 -14.58 -34.05
CA PRO A 521 -11.78 -15.94 -34.54
C PRO A 521 -10.46 -16.59 -34.95
N ALA A 522 -10.33 -17.87 -34.65
CA ALA A 522 -9.11 -18.62 -34.89
C ALA A 522 -9.37 -19.62 -36.01
N THR A 523 -8.84 -19.32 -37.20
CA THR A 523 -8.99 -20.19 -38.36
C THR A 523 -8.01 -21.36 -38.35
N VAL A 524 -6.97 -21.30 -37.52
CA VAL A 524 -5.99 -22.37 -37.37
C VAL A 524 -6.07 -22.89 -35.95
N CYS A 525 -5.99 -24.21 -35.79
CA CYS A 525 -6.14 -24.85 -34.49
C CYS A 525 -5.15 -25.99 -34.36
N GLY A 526 -4.94 -26.40 -33.11
CA GLY A 526 -4.03 -27.48 -32.80
C GLY A 526 -4.68 -28.84 -32.97
N PRO A 527 -3.95 -29.90 -32.59
CA PRO A 527 -4.47 -31.26 -32.77
C PRO A 527 -5.44 -31.72 -31.70
N LYS A 528 -5.73 -30.89 -30.70
CA LYS A 528 -6.64 -31.30 -29.64
C LYS A 528 -8.02 -31.59 -30.22
N LYS A 529 -8.70 -32.56 -29.61
CA LYS A 529 -9.97 -33.04 -30.12
C LYS A 529 -11.13 -32.36 -29.39
N SER A 530 -12.13 -31.94 -30.17
CA SER A 530 -13.31 -31.30 -29.62
C SER A 530 -14.24 -32.34 -29.00
N THR A 531 -15.15 -31.87 -28.15
CA THR A 531 -16.11 -32.73 -27.49
C THR A 531 -17.53 -32.19 -27.67
N ASN A 532 -18.49 -32.83 -27.02
CA ASN A 532 -19.88 -32.40 -27.10
C ASN A 532 -20.11 -31.20 -26.19
N LEU A 533 -21.17 -30.45 -26.50
CA LEU A 533 -21.49 -29.24 -25.75
C LEU A 533 -22.32 -29.58 -24.52
N VAL A 534 -22.00 -28.91 -23.42
CA VAL A 534 -22.69 -29.09 -22.14
C VAL A 534 -23.12 -27.72 -21.64
N LYS A 535 -24.38 -27.59 -21.24
CA LYS A 535 -24.94 -26.34 -20.78
C LYS A 535 -25.54 -26.50 -19.39
N ASN A 536 -25.66 -25.37 -18.70
CA ASN A 536 -26.30 -25.32 -17.38
C ASN A 536 -25.58 -26.23 -16.38
N LYS A 537 -24.26 -26.34 -16.54
CA LYS A 537 -23.45 -27.17 -15.67
C LYS A 537 -22.04 -26.60 -15.63
N CYS A 538 -21.47 -26.51 -14.43
CA CYS A 538 -20.10 -26.06 -14.30
C CYS A 538 -19.17 -27.02 -15.02
N VAL A 539 -18.23 -26.47 -15.79
CA VAL A 539 -17.35 -27.25 -16.65
C VAL A 539 -16.02 -26.52 -16.79
N ASN A 540 -15.03 -27.22 -17.32
CA ASN A 540 -13.73 -26.65 -17.65
C ASN A 540 -13.64 -26.62 -19.18
N PHE A 541 -14.04 -25.49 -19.76
CA PHE A 541 -14.17 -25.38 -21.20
C PHE A 541 -12.86 -24.94 -21.84
N ASN A 542 -12.81 -25.08 -23.17
CA ASN A 542 -11.67 -24.63 -23.96
C ASN A 542 -12.21 -24.22 -25.33
N PHE A 543 -12.47 -22.93 -25.49
CA PHE A 543 -13.01 -22.39 -26.75
C PHE A 543 -11.85 -21.76 -27.52
N ASN A 544 -11.43 -22.44 -28.59
CA ASN A 544 -10.37 -21.94 -29.45
C ASN A 544 -9.12 -21.58 -28.63
N GLY A 545 -8.79 -22.45 -27.68
CA GLY A 545 -7.62 -22.26 -26.85
C GLY A 545 -7.86 -21.44 -25.60
N LEU A 546 -9.05 -20.91 -25.39
CA LEU A 546 -9.36 -20.11 -24.22
C LEU A 546 -9.91 -21.02 -23.14
N THR A 547 -9.07 -21.38 -22.18
CA THR A 547 -9.51 -22.19 -21.05
C THR A 547 -10.38 -21.33 -20.13
N GLY A 548 -10.89 -21.97 -19.09
CA GLY A 548 -11.73 -21.26 -18.14
C GLY A 548 -12.53 -22.25 -17.30
N THR A 549 -13.52 -21.69 -16.60
CA THR A 549 -14.38 -22.48 -15.72
C THR A 549 -15.66 -21.68 -15.49
N GLY A 550 -16.79 -22.28 -15.83
CA GLY A 550 -18.05 -21.57 -15.67
C GLY A 550 -19.20 -22.36 -16.27
N VAL A 551 -20.37 -21.76 -16.17
CA VAL A 551 -21.59 -22.31 -16.74
C VAL A 551 -21.82 -21.68 -18.10
N LEU A 552 -22.33 -22.49 -19.04
CA LEU A 552 -22.57 -22.04 -20.40
C LEU A 552 -24.06 -22.10 -20.68
N THR A 553 -24.62 -20.99 -21.18
CA THR A 553 -26.04 -20.89 -21.47
C THR A 553 -26.24 -20.10 -22.75
N GLU A 554 -27.42 -20.29 -23.35
CA GLU A 554 -27.76 -19.53 -24.55
C GLU A 554 -27.84 -18.05 -24.22
N SER A 555 -27.54 -17.22 -25.22
CA SER A 555 -27.47 -15.78 -25.03
C SER A 555 -28.26 -15.07 -26.12
N ASN A 556 -28.79 -13.90 -25.78
CA ASN A 556 -29.44 -13.02 -26.73
C ASN A 556 -28.46 -12.07 -27.40
N LYS A 557 -27.18 -12.11 -27.03
CA LYS A 557 -26.19 -11.24 -27.64
C LYS A 557 -26.03 -11.58 -29.11
N LYS A 558 -25.80 -10.55 -29.92
CA LYS A 558 -25.56 -10.71 -31.35
C LYS A 558 -24.11 -10.30 -31.63
N PHE A 559 -23.33 -11.25 -32.15
CA PHE A 559 -21.91 -11.04 -32.43
C PHE A 559 -21.73 -10.77 -33.92
N LEU A 560 -20.94 -9.76 -34.24
CA LEU A 560 -20.60 -9.50 -35.62
C LEU A 560 -19.66 -10.59 -36.13
N PRO A 561 -19.56 -10.75 -37.45
CA PRO A 561 -18.73 -11.85 -37.99
C PRO A 561 -17.30 -11.85 -37.50
N PHE A 562 -16.71 -10.67 -37.30
CA PHE A 562 -15.32 -10.59 -36.87
C PHE A 562 -15.15 -10.74 -35.37
N GLN A 563 -16.23 -10.86 -34.62
CA GLN A 563 -16.19 -10.98 -33.16
C GLN A 563 -16.40 -12.43 -32.75
N GLN A 564 -15.50 -12.94 -31.92
CA GLN A 564 -15.56 -14.30 -31.39
C GLN A 564 -15.86 -14.33 -29.90
N PHE A 565 -15.11 -13.56 -29.11
CA PHE A 565 -15.30 -13.50 -27.67
C PHE A 565 -15.98 -12.19 -27.27
N GLY A 566 -16.43 -12.16 -26.03
CA GLY A 566 -17.04 -10.97 -25.48
C GLY A 566 -16.57 -10.75 -24.06
N ARG A 567 -16.54 -9.48 -23.66
CA ARG A 567 -16.01 -9.09 -22.36
C ARG A 567 -16.99 -8.18 -21.65
N ASP A 568 -16.74 -8.00 -20.35
CA ASP A 568 -17.58 -7.23 -19.44
C ASP A 568 -16.83 -5.98 -19.00
N ILE A 569 -17.39 -5.29 -17.99
CA ILE A 569 -16.73 -4.10 -17.47
C ILE A 569 -15.30 -4.40 -17.07
N ALA A 570 -15.07 -5.55 -16.45
CA ALA A 570 -13.73 -6.04 -16.20
C ALA A 570 -13.18 -6.64 -17.50
N ASP A 571 -11.99 -7.21 -17.45
CA ASP A 571 -11.45 -7.95 -18.59
C ASP A 571 -11.67 -9.43 -18.29
N THR A 572 -12.81 -9.94 -18.76
CA THR A 572 -13.24 -11.28 -18.42
C THR A 572 -14.22 -11.75 -19.48
N THR A 573 -13.99 -12.94 -20.01
CA THR A 573 -14.79 -13.46 -21.11
C THR A 573 -16.19 -13.86 -20.62
N ASP A 574 -17.14 -12.94 -20.72
CA ASP A 574 -18.51 -13.18 -20.31
C ASP A 574 -19.36 -13.80 -21.41
N ALA A 575 -18.83 -13.93 -22.62
CA ALA A 575 -19.55 -14.52 -23.73
C ALA A 575 -18.56 -15.12 -24.70
N VAL A 576 -19.05 -16.02 -25.55
CA VAL A 576 -18.20 -16.71 -26.51
C VAL A 576 -19.09 -17.29 -27.60
N ARG A 577 -18.50 -17.54 -28.76
CA ARG A 577 -19.20 -18.11 -29.91
C ARG A 577 -18.66 -19.50 -30.17
N ASP A 578 -19.57 -20.46 -30.25
CA ASP A 578 -19.17 -21.85 -30.52
C ASP A 578 -18.74 -21.98 -31.97
N PRO A 579 -17.49 -22.36 -32.25
CA PRO A 579 -17.05 -22.43 -33.66
C PRO A 579 -17.84 -23.45 -34.47
N GLN A 580 -18.27 -24.55 -33.86
CA GLN A 580 -18.92 -25.61 -34.62
C GLN A 580 -20.38 -25.31 -34.89
N THR A 581 -21.07 -24.66 -33.96
CA THR A 581 -22.50 -24.38 -34.10
C THR A 581 -22.81 -22.92 -34.37
N LEU A 582 -21.83 -22.03 -34.25
CA LEU A 582 -22.03 -20.61 -34.53
C LEU A 582 -23.16 -20.02 -33.69
N GLU A 583 -23.25 -20.47 -32.44
CA GLU A 583 -24.23 -19.94 -31.50
C GLU A 583 -23.51 -19.29 -30.33
N ILE A 584 -24.13 -18.23 -29.80
CA ILE A 584 -23.53 -17.48 -28.71
C ILE A 584 -23.79 -18.20 -27.39
N LEU A 585 -22.82 -18.11 -26.49
CA LEU A 585 -22.93 -18.69 -25.16
C LEU A 585 -22.52 -17.67 -24.13
N ASP A 586 -23.13 -17.78 -22.94
CA ASP A 586 -22.85 -16.88 -21.83
C ASP A 586 -22.09 -17.66 -20.76
N ILE A 587 -20.91 -17.17 -20.41
CA ILE A 587 -20.09 -17.78 -19.37
C ILE A 587 -20.39 -17.09 -18.05
N THR A 588 -20.73 -17.88 -17.03
CA THR A 588 -21.05 -17.36 -15.72
C THR A 588 -20.23 -18.11 -14.68
N PRO A 589 -19.55 -17.42 -13.76
CA PRO A 589 -18.82 -18.14 -12.71
C PRO A 589 -19.76 -19.02 -11.90
N CYS A 590 -19.24 -20.17 -11.49
CA CYS A 590 -20.05 -21.14 -10.76
C CYS A 590 -20.10 -20.87 -9.26
N SER A 591 -19.13 -20.13 -8.72
CA SER A 591 -19.03 -19.88 -7.29
C SER A 591 -19.76 -18.59 -6.96
N PHE A 592 -20.72 -18.67 -6.04
CA PHE A 592 -21.61 -17.55 -5.81
C PHE A 592 -22.40 -17.75 -4.52
N GLY A 593 -22.33 -16.79 -3.61
CA GLY A 593 -23.07 -16.86 -2.37
C GLY A 593 -22.18 -16.92 -1.14
N GLY A 594 -22.48 -16.08 -0.16
CA GLY A 594 -21.74 -16.08 1.07
C GLY A 594 -22.16 -17.22 1.99
N VAL A 595 -21.21 -17.68 2.80
CA VAL A 595 -21.44 -18.74 3.77
C VAL A 595 -20.92 -18.28 5.12
N SER A 596 -21.78 -18.32 6.13
CA SER A 596 -21.42 -17.94 7.48
C SER A 596 -21.70 -19.10 8.42
N VAL A 597 -20.83 -19.26 9.41
CA VAL A 597 -20.88 -20.38 10.34
C VAL A 597 -21.21 -19.85 11.72
N ILE A 598 -22.22 -20.45 12.36
CA ILE A 598 -22.63 -20.12 13.71
C ILE A 598 -22.23 -21.27 14.62
N THR A 599 -21.35 -20.99 15.58
CA THR A 599 -20.83 -22.02 16.45
C THR A 599 -20.71 -21.50 17.87
N PRO A 600 -20.86 -22.37 18.87
CA PRO A 600 -20.44 -22.02 20.22
C PRO A 600 -18.93 -22.18 20.39
N GLY A 601 -18.44 -22.06 21.62
CA GLY A 601 -17.01 -21.96 21.86
C GLY A 601 -16.22 -23.20 21.48
N THR A 602 -16.88 -24.33 21.24
CA THR A 602 -16.23 -25.58 20.89
C THR A 602 -15.53 -26.20 22.11
N ASN A 603 -15.46 -25.45 23.21
CA ASN A 603 -15.19 -26.00 24.52
C ASN A 603 -16.49 -26.34 25.24
N THR A 604 -17.62 -26.10 24.57
CA THR A 604 -18.95 -26.37 25.10
C THR A 604 -19.76 -27.31 24.21
N SER A 605 -19.52 -27.31 22.90
CA SER A 605 -20.24 -28.17 21.98
C SER A 605 -19.59 -28.05 20.60
N ASN A 606 -19.63 -29.14 19.85
CA ASN A 606 -18.96 -29.22 18.55
C ASN A 606 -19.93 -29.11 17.38
N GLU A 607 -21.23 -29.01 17.63
CA GLU A 607 -22.21 -28.87 16.56
C GLU A 607 -22.40 -27.39 16.24
N VAL A 608 -22.63 -27.11 14.95
CA VAL A 608 -22.70 -25.75 14.45
C VAL A 608 -23.90 -25.61 13.53
N ALA A 609 -24.18 -24.36 13.16
CA ALA A 609 -25.22 -24.02 12.20
C ALA A 609 -24.60 -23.17 11.09
N VAL A 610 -25.09 -23.34 9.88
CA VAL A 610 -24.54 -22.68 8.71
C VAL A 610 -25.61 -21.77 8.12
N LEU A 611 -25.26 -20.52 7.90
CA LEU A 611 -26.13 -19.55 7.26
C LEU A 611 -25.68 -19.35 5.82
N TYR A 612 -26.55 -19.69 4.88
CA TYR A 612 -26.26 -19.56 3.45
C TYR A 612 -26.95 -18.30 2.95
N GLN A 613 -26.17 -17.23 2.78
CA GLN A 613 -26.70 -16.03 2.17
C GLN A 613 -27.02 -16.29 0.70
N ASP A 614 -27.91 -15.49 0.15
CA ASP A 614 -28.28 -15.58 -1.25
C ASP A 614 -28.93 -16.91 -1.58
N VAL A 615 -29.62 -17.51 -0.61
CA VAL A 615 -30.35 -18.75 -0.79
C VAL A 615 -31.74 -18.59 -0.20
N ASN A 616 -32.76 -19.00 -0.94
CA ASN A 616 -34.15 -18.94 -0.51
C ASN A 616 -34.67 -20.38 -0.52
N CYS A 617 -34.58 -21.04 0.63
CA CYS A 617 -35.05 -22.42 0.73
C CYS A 617 -36.57 -22.53 0.58
N THR A 618 -37.30 -21.43 0.77
CA THR A 618 -38.75 -21.48 0.63
C THR A 618 -39.17 -21.84 -0.79
N GLU A 619 -38.32 -21.58 -1.77
CA GLU A 619 -38.64 -21.89 -3.17
C GLU A 619 -38.95 -23.37 -3.34
N THR A 632 -32.47 -28.84 -5.49
CA THR A 632 -31.05 -29.03 -5.18
C THR A 632 -30.38 -27.72 -4.77
N TRP A 633 -30.79 -27.18 -3.62
CA TRP A 633 -30.29 -25.89 -3.17
C TRP A 633 -28.78 -25.85 -3.18
N ARG A 634 -28.20 -24.64 -3.29
CA ARG A 634 -26.76 -24.46 -3.28
C ARG A 634 -26.26 -24.46 -1.84
N VAL A 635 -26.24 -25.67 -1.27
CA VAL A 635 -25.80 -25.86 0.10
C VAL A 635 -24.82 -27.03 0.16
N TYR A 636 -23.94 -26.99 1.15
CA TYR A 636 -22.98 -28.08 1.31
C TYR A 636 -23.66 -29.35 1.79
N SER A 637 -24.55 -29.23 2.77
CA SER A 637 -25.25 -30.39 3.31
C SER A 637 -26.60 -29.96 3.85
N THR A 638 -27.66 -30.63 3.42
CA THR A 638 -28.99 -30.36 3.92
C THR A 638 -29.19 -30.98 5.30
N GLY A 639 -30.08 -30.37 6.09
CA GLY A 639 -30.37 -30.85 7.42
C GLY A 639 -31.86 -30.89 7.67
N SER A 640 -32.23 -31.59 8.75
CA SER A 640 -33.64 -31.71 9.11
C SER A 640 -34.22 -30.35 9.48
N ASN A 641 -33.45 -29.53 10.21
CA ASN A 641 -33.91 -28.23 10.68
C ASN A 641 -33.48 -27.17 9.67
N VAL A 642 -34.45 -26.60 8.96
CA VAL A 642 -34.21 -25.52 8.00
C VAL A 642 -35.09 -24.35 8.38
N PHE A 643 -34.48 -23.18 8.52
CA PHE A 643 -35.20 -21.95 8.82
C PHE A 643 -34.77 -20.88 7.82
N GLN A 644 -35.75 -20.20 7.24
CA GLN A 644 -35.49 -19.17 6.24
C GLN A 644 -35.50 -17.80 6.90
N THR A 645 -34.49 -16.99 6.58
CA THR A 645 -34.35 -15.66 7.12
C THR A 645 -34.04 -14.69 6.00
N ARG A 646 -34.30 -13.41 6.26
CA ARG A 646 -34.00 -12.38 5.27
C ARG A 646 -32.51 -12.31 4.98
N ALA A 647 -31.67 -12.75 5.92
CA ALA A 647 -30.23 -12.85 5.65
C ALA A 647 -29.93 -14.05 4.75
N GLY A 648 -30.64 -15.14 4.94
CA GLY A 648 -30.43 -16.33 4.14
C GLY A 648 -30.95 -17.55 4.86
N CYS A 649 -30.79 -18.69 4.20
CA CYS A 649 -31.24 -19.95 4.77
C CYS A 649 -30.31 -20.36 5.91
N LEU A 650 -30.89 -20.73 7.04
CA LEU A 650 -30.17 -21.16 8.22
C LEU A 650 -30.38 -22.65 8.43
N ILE A 651 -29.29 -23.40 8.50
CA ILE A 651 -29.33 -24.86 8.61
C ILE A 651 -28.57 -25.27 9.85
N GLY A 652 -29.16 -26.16 10.63
CA GLY A 652 -28.60 -26.60 11.89
C GLY A 652 -29.19 -25.92 13.11
N ALA A 653 -30.12 -25.00 12.91
CA ALA A 653 -30.77 -24.30 14.01
C ALA A 653 -32.29 -24.41 13.87
N GLU A 654 -32.96 -24.54 15.00
CA GLU A 654 -34.40 -24.71 15.05
C GLU A 654 -35.05 -23.39 15.46
N HIS A 655 -36.11 -23.01 14.76
CA HIS A 655 -36.82 -21.79 15.09
C HIS A 655 -37.61 -21.96 16.38
N VAL A 656 -37.46 -21.00 17.28
CA VAL A 656 -38.25 -20.91 18.50
C VAL A 656 -39.03 -19.61 18.46
N ASN A 657 -40.31 -19.70 18.81
CA ASN A 657 -41.21 -18.56 18.74
C ASN A 657 -40.97 -17.55 19.85
N ASN A 658 -40.13 -17.88 20.82
CA ASN A 658 -39.81 -16.97 21.91
C ASN A 658 -38.79 -15.94 21.44
N SER A 659 -38.62 -14.89 22.24
CA SER A 659 -37.71 -13.80 21.92
C SER A 659 -36.84 -13.47 23.13
N TYR A 660 -35.53 -13.59 22.94
CA TYR A 660 -34.55 -13.31 23.98
C TYR A 660 -33.61 -12.22 23.51
N GLU A 661 -32.70 -11.82 24.39
CA GLU A 661 -31.66 -10.89 24.01
C GLU A 661 -30.67 -11.58 23.08
N CYS A 662 -30.02 -10.77 22.25
CA CYS A 662 -29.13 -11.32 21.22
C CYS A 662 -27.87 -11.88 21.86
N ASP A 663 -27.67 -13.19 21.69
CA ASP A 663 -26.41 -13.84 22.07
C ASP A 663 -25.46 -13.96 20.89
N ILE A 664 -25.99 -14.26 19.70
CA ILE A 664 -25.19 -14.35 18.48
C ILE A 664 -25.91 -13.60 17.38
N PRO A 665 -25.39 -12.45 16.92
CA PRO A 665 -26.12 -11.66 15.93
C PRO A 665 -26.05 -12.22 14.51
N ILE A 666 -26.96 -13.14 14.18
CA ILE A 666 -26.98 -13.73 12.85
C ILE A 666 -27.18 -12.65 11.79
N GLY A 667 -28.29 -11.93 11.86
CA GLY A 667 -28.65 -11.03 10.79
C GLY A 667 -29.82 -10.12 11.09
N ALA A 668 -30.74 -9.99 10.13
CA ALA A 668 -31.75 -8.95 10.14
C ALA A 668 -32.37 -8.73 11.51
N GLY A 669 -33.04 -9.75 12.05
CA GLY A 669 -33.59 -9.68 13.38
C GLY A 669 -33.47 -11.02 14.08
N ILE A 670 -32.52 -11.83 13.65
CA ILE A 670 -32.38 -13.21 14.09
C ILE A 670 -31.11 -13.33 14.93
N CYS A 671 -31.25 -13.94 16.10
CA CYS A 671 -30.13 -14.21 16.99
C CYS A 671 -30.19 -15.65 17.45
N ALA A 672 -29.04 -16.30 17.51
CA ALA A 672 -28.95 -17.70 17.91
C ALA A 672 -28.43 -17.82 19.34
N SER A 673 -28.54 -19.02 19.88
CA SER A 673 -28.10 -19.29 21.24
C SER A 673 -28.02 -20.81 21.44
N TYR A 674 -27.43 -21.20 22.55
CA TYR A 674 -27.31 -22.60 22.96
C TYR A 674 -28.17 -22.81 24.19
N GLN A 675 -29.08 -23.77 24.14
CA GLN A 675 -30.07 -23.91 25.20
C GLN A 675 -30.56 -25.35 25.28
N THR A 676 -31.23 -25.65 26.39
CA THR A 676 -31.82 -26.96 26.63
C THR A 676 -30.77 -28.07 26.62
N SER A 689 -30.33 -32.49 26.58
CA SER A 689 -30.08 -32.48 25.15
C SER A 689 -30.06 -31.05 24.62
N GLN A 690 -28.89 -30.44 24.59
CA GLN A 690 -28.74 -29.08 24.12
C GLN A 690 -28.74 -29.04 22.60
N SER A 691 -29.17 -27.89 22.06
CA SER A 691 -29.22 -27.69 20.62
C SER A 691 -29.15 -26.20 20.33
N ILE A 692 -28.87 -25.89 19.08
CA ILE A 692 -28.80 -24.51 18.62
C ILE A 692 -30.19 -24.06 18.20
N ILE A 693 -30.53 -22.83 18.56
CA ILE A 693 -31.84 -22.26 18.26
C ILE A 693 -31.65 -20.93 17.56
N ALA A 694 -32.66 -20.54 16.80
CA ALA A 694 -32.70 -19.24 16.13
C ALA A 694 -34.00 -18.56 16.49
N TYR A 695 -33.91 -17.32 16.97
CA TYR A 695 -35.08 -16.60 17.45
C TYR A 695 -35.01 -15.14 17.03
N THR A 696 -36.18 -14.52 16.99
CA THR A 696 -36.26 -13.09 16.76
C THR A 696 -35.86 -12.35 18.04
N MET A 697 -34.94 -11.40 17.90
CA MET A 697 -34.41 -10.71 19.06
C MET A 697 -35.49 -9.86 19.72
N SER A 698 -35.45 -9.79 21.04
CA SER A 698 -36.40 -9.00 21.81
C SER A 698 -35.83 -7.61 22.04
N LEU A 699 -36.51 -6.59 21.53
CA LEU A 699 -36.06 -5.22 21.74
C LEU A 699 -36.07 -4.88 23.23
N GLY A 700 -37.11 -5.29 23.94
CA GLY A 700 -37.18 -5.07 25.36
C GLY A 700 -38.57 -5.31 25.89
N ALA A 701 -38.72 -5.13 27.19
CA ALA A 701 -39.99 -5.37 27.85
C ALA A 701 -41.03 -4.34 27.39
N GLU A 702 -42.24 -4.82 27.13
CA GLU A 702 -43.33 -3.93 26.80
C GLU A 702 -43.79 -3.16 28.04
N ASN A 703 -44.24 -1.94 27.81
CA ASN A 703 -44.71 -1.09 28.91
C ASN A 703 -45.67 -0.05 28.34
N SER A 704 -46.50 0.49 29.22
CA SER A 704 -47.45 1.53 28.87
C SER A 704 -47.50 2.55 30.01
N VAL A 705 -47.58 3.82 29.64
CA VAL A 705 -47.65 4.91 30.60
C VAL A 705 -49.11 5.32 30.77
N ALA A 706 -49.57 5.34 32.02
CA ALA A 706 -50.96 5.70 32.32
C ALA A 706 -51.13 7.22 32.17
N TYR A 707 -51.06 7.66 30.92
CA TYR A 707 -51.16 9.09 30.65
C TYR A 707 -52.58 9.58 30.84
N SER A 708 -52.69 10.79 31.36
CA SER A 708 -53.98 11.49 31.43
C SER A 708 -53.69 12.98 31.59
N ASN A 709 -54.68 13.78 31.24
CA ASN A 709 -54.55 15.23 31.34
C ASN A 709 -54.69 15.73 32.77
N ASN A 710 -55.04 14.86 33.71
CA ASN A 710 -55.28 15.24 35.09
C ASN A 710 -54.62 14.24 36.04
N SER A 711 -53.43 13.76 35.68
CA SER A 711 -52.74 12.76 36.48
C SER A 711 -51.25 12.94 36.36
N ILE A 712 -50.55 12.93 37.50
CA ILE A 712 -49.10 13.04 37.54
C ILE A 712 -48.57 12.02 38.53
N ALA A 713 -47.32 11.63 38.34
CA ALA A 713 -46.63 10.70 39.22
C ALA A 713 -45.45 11.41 39.86
N ILE A 714 -45.39 11.38 41.18
CA ILE A 714 -44.36 12.06 41.95
C ILE A 714 -43.60 11.01 42.77
N PRO A 715 -42.28 10.91 42.63
CA PRO A 715 -41.54 9.96 43.46
C PRO A 715 -41.67 10.30 44.94
N THR A 716 -41.78 9.25 45.75
CA THR A 716 -41.81 9.37 47.20
C THR A 716 -40.53 8.87 47.85
N ASN A 717 -39.58 8.38 47.06
CA ASN A 717 -38.35 7.80 47.58
C ASN A 717 -37.30 7.89 46.48
N PHE A 718 -36.05 7.69 46.87
CA PHE A 718 -34.95 7.79 45.93
C PHE A 718 -33.97 6.67 46.16
N THR A 719 -33.21 6.37 45.11
CA THR A 719 -32.16 5.34 45.15
C THR A 719 -30.86 5.96 44.67
N ILE A 720 -29.79 5.76 45.44
CA ILE A 720 -28.47 6.21 45.05
C ILE A 720 -27.79 5.07 44.31
N SER A 721 -27.52 5.27 43.03
CA SER A 721 -26.94 4.25 42.17
C SER A 721 -25.55 4.67 41.74
N VAL A 722 -24.63 3.71 41.76
CA VAL A 722 -23.26 3.92 41.32
C VAL A 722 -23.02 3.07 40.08
N THR A 723 -22.54 3.71 39.02
CA THR A 723 -22.33 3.05 37.74
C THR A 723 -20.88 3.27 37.30
N THR A 724 -20.34 2.27 36.61
CA THR A 724 -18.96 2.29 36.15
C THR A 724 -18.92 2.53 34.65
N GLU A 725 -18.06 3.45 34.22
CA GLU A 725 -17.84 3.74 32.81
C GLU A 725 -16.35 3.59 32.53
N ILE A 726 -16.02 2.65 31.65
CA ILE A 726 -14.63 2.36 31.31
C ILE A 726 -14.34 2.98 29.95
N LEU A 727 -13.23 3.72 29.88
CA LEU A 727 -12.86 4.45 28.67
C LEU A 727 -11.38 4.25 28.39
N PRO A 728 -11.00 3.70 27.24
CA PRO A 728 -9.58 3.66 26.88
C PRO A 728 -9.00 5.07 26.80
N VAL A 729 -7.78 5.22 27.26
CA VAL A 729 -7.12 6.53 27.32
C VAL A 729 -5.79 6.48 26.58
N SER A 730 -5.19 5.29 26.52
CA SER A 730 -3.85 5.14 25.98
C SER A 730 -3.77 3.88 25.12
N MET A 731 -2.81 3.89 24.21
CA MET A 731 -2.52 2.75 23.37
C MET A 731 -1.04 2.43 23.46
N THR A 732 -0.70 1.16 23.28
CA THR A 732 0.69 0.75 23.41
C THR A 732 1.57 1.49 22.44
N LYS A 733 2.69 2.03 22.94
CA LYS A 733 3.65 2.73 22.11
C LYS A 733 4.59 1.72 21.47
N THR A 734 4.96 1.98 20.22
CA THR A 734 5.77 1.04 19.45
C THR A 734 6.82 1.79 18.64
N SER A 735 7.90 1.08 18.34
CA SER A 735 8.94 1.56 17.45
C SER A 735 9.48 0.38 16.68
N VAL A 736 9.75 0.58 15.39
CA VAL A 736 10.25 -0.47 14.52
C VAL A 736 11.61 -0.05 13.97
N ASP A 737 12.54 -0.99 13.97
CA ASP A 737 13.79 -0.85 13.25
C ASP A 737 13.60 -1.47 11.87
N CYS A 738 13.36 -0.62 10.88
CA CYS A 738 12.89 -1.06 9.58
C CYS A 738 13.96 -1.83 8.81
N THR A 739 15.22 -1.67 9.19
CA THR A 739 16.32 -2.42 8.58
C THR A 739 16.64 -3.70 9.33
N MET A 740 15.96 -3.95 10.44
CA MET A 740 16.04 -5.23 11.13
C MET A 740 14.84 -6.13 10.90
N TYR A 741 13.69 -5.58 10.54
CA TYR A 741 12.54 -6.38 10.16
C TYR A 741 12.64 -6.82 8.71
N ILE A 742 12.93 -5.88 7.82
CA ILE A 742 12.96 -6.18 6.39
C ILE A 742 14.18 -7.03 6.05
N CYS A 743 15.35 -6.67 6.54
CA CYS A 743 16.61 -7.29 6.13
C CYS A 743 17.16 -8.22 7.21
N GLY A 744 17.38 -7.71 8.41
CA GLY A 744 17.89 -8.53 9.49
C GLY A 744 19.34 -8.24 9.84
N ASP A 745 20.20 -9.23 9.64
CA ASP A 745 21.63 -9.11 9.90
C ASP A 745 22.39 -9.32 8.59
N SER A 746 21.88 -8.70 7.52
CA SER A 746 22.38 -8.93 6.18
C SER A 746 22.86 -7.60 5.61
N THR A 747 24.14 -7.55 5.22
CA THR A 747 24.69 -6.34 4.63
C THR A 747 24.13 -6.10 3.24
N GLU A 748 23.98 -7.16 2.45
CA GLU A 748 23.52 -7.00 1.07
C GLU A 748 22.11 -6.43 1.03
N CYS A 749 21.20 -7.00 1.82
CA CYS A 749 19.84 -6.51 1.84
C CYS A 749 19.76 -5.07 2.32
N SER A 750 20.58 -4.73 3.33
CA SER A 750 20.58 -3.36 3.83
C SER A 750 21.05 -2.38 2.75
N ASN A 751 22.14 -2.73 2.06
CA ASN A 751 22.65 -1.86 1.01
C ASN A 751 21.68 -1.77 -0.17
N LEU A 752 20.85 -2.78 -0.38
CA LEU A 752 19.79 -2.67 -1.37
C LEU A 752 18.67 -1.75 -0.88
N LEU A 753 18.31 -1.88 0.41
CA LEU A 753 17.24 -1.07 0.97
C LEU A 753 17.59 0.39 0.93
N LEU A 754 18.86 0.73 1.13
CA LEU A 754 19.29 2.12 0.99
C LEU A 754 18.90 2.66 -0.38
N GLN A 755 19.01 1.84 -1.42
CA GLN A 755 18.61 2.26 -2.75
C GLN A 755 17.09 2.32 -2.87
N TYR A 756 16.40 1.31 -2.35
CA TYR A 756 14.95 1.25 -2.51
C TYR A 756 14.30 2.52 -2.00
N GLY A 757 14.84 3.13 -0.95
CA GLY A 757 14.47 4.46 -0.54
C GLY A 757 14.15 4.54 0.94
N SER A 758 13.88 5.76 1.38
CA SER A 758 13.62 6.07 2.79
C SER A 758 12.12 6.29 2.98
N PHE A 759 11.40 5.19 3.19
CA PHE A 759 10.03 5.23 3.67
C PHE A 759 9.94 4.90 5.15
N CYS A 760 10.94 4.20 5.68
CA CYS A 760 10.98 3.85 7.08
C CYS A 760 11.12 5.09 7.97
N THR A 761 11.77 6.14 7.47
CA THR A 761 11.85 7.38 8.23
C THR A 761 10.45 7.93 8.51
N GLN A 762 9.59 7.95 7.48
CA GLN A 762 8.24 8.46 7.69
C GLN A 762 7.39 7.48 8.49
N LEU A 763 7.62 6.18 8.33
CA LEU A 763 6.96 5.22 9.22
C LEU A 763 7.27 5.53 10.68
N ASN A 764 8.56 5.74 10.99
CA ASN A 764 8.96 6.04 12.35
C ASN A 764 8.42 7.39 12.81
N ARG A 765 8.33 8.37 11.90
CA ARG A 765 7.71 9.63 12.25
C ARG A 765 6.27 9.43 12.70
N ALA A 766 5.52 8.61 11.94
CA ALA A 766 4.14 8.33 12.30
C ALA A 766 4.06 7.65 13.66
N LEU A 767 4.89 6.64 13.88
CA LEU A 767 4.85 5.92 15.15
C LEU A 767 5.21 6.82 16.32
N THR A 768 6.23 7.67 16.14
CA THR A 768 6.60 8.61 17.19
C THR A 768 5.46 9.58 17.48
N GLY A 769 4.80 10.07 16.44
CA GLY A 769 3.64 10.91 16.67
C GLY A 769 2.57 10.20 17.46
N ILE A 770 2.34 8.92 17.16
CA ILE A 770 1.35 8.14 17.89
C ILE A 770 1.73 8.06 19.37
N ALA A 771 3.00 7.77 19.64
CA ALA A 771 3.45 7.61 21.02
C ALA A 771 3.30 8.91 21.80
N VAL A 772 3.73 10.02 21.19
CA VAL A 772 3.61 11.32 21.84
C VAL A 772 2.13 11.65 22.06
N GLU A 773 1.28 11.27 21.11
CA GLU A 773 -0.16 11.48 21.28
C GLU A 773 -0.69 10.69 22.46
N GLN A 774 -0.22 9.47 22.65
CA GLN A 774 -0.66 8.68 23.81
C GLN A 774 -0.25 9.36 25.11
N ASP A 775 0.98 9.84 25.18
CA ASP A 775 1.42 10.54 26.38
C ASP A 775 0.57 11.79 26.61
N LYS A 776 0.28 12.54 25.54
CA LYS A 776 -0.54 13.72 25.66
C LYS A 776 -1.95 13.38 26.13
N ASN A 777 -2.50 12.26 25.64
CA ASN A 777 -3.82 11.83 26.09
C ASN A 777 -3.83 11.55 27.58
N THR A 778 -2.82 10.82 28.06
CA THR A 778 -2.75 10.53 29.48
C THR A 778 -2.64 11.81 30.29
N GLN A 779 -1.79 12.75 29.85
CA GLN A 779 -1.67 14.02 30.57
C GLN A 779 -2.98 14.77 30.59
N GLU A 780 -3.66 14.84 29.44
CA GLU A 780 -4.91 15.60 29.36
C GLU A 780 -5.98 15.00 30.27
N VAL A 781 -6.06 13.67 30.32
CA VAL A 781 -7.09 13.04 31.14
C VAL A 781 -6.80 13.23 32.61
N PHE A 782 -5.62 12.80 33.05
CA PHE A 782 -5.36 12.74 34.49
C PHE A 782 -4.75 14.01 35.05
N ALA A 783 -3.84 14.65 34.31
CA ALA A 783 -3.14 15.82 34.81
C ALA A 783 -3.97 17.09 34.58
N GLN A 784 -5.19 17.06 35.11
CA GLN A 784 -6.06 18.23 35.08
C GLN A 784 -5.84 19.16 36.27
N VAL A 785 -5.13 18.71 37.29
CA VAL A 785 -4.84 19.50 38.49
C VAL A 785 -3.36 19.36 38.79
N LYS A 786 -2.68 20.50 38.94
CA LYS A 786 -1.27 20.48 39.31
C LYS A 786 -1.07 20.44 40.82
N GLN A 787 -1.96 21.05 41.58
CA GLN A 787 -1.89 20.94 43.03
C GLN A 787 -2.28 19.55 43.46
N ILE A 788 -1.40 18.88 44.20
CA ILE A 788 -1.64 17.53 44.68
C ILE A 788 -2.26 17.62 46.06
N TYR A 789 -3.51 17.22 46.18
CA TYR A 789 -4.26 17.32 47.43
C TYR A 789 -4.21 15.99 48.16
N LYS A 790 -3.90 16.05 49.45
CA LYS A 790 -3.85 14.87 50.29
C LYS A 790 -5.14 14.74 51.10
N THR A 791 -5.63 13.52 51.21
CA THR A 791 -6.82 13.28 52.00
C THR A 791 -6.51 13.56 53.47
N PRO A 792 -7.41 14.21 54.20
CA PRO A 792 -7.14 14.49 55.61
C PRO A 792 -7.10 13.22 56.43
N PRO A 793 -6.28 13.16 57.47
CA PRO A 793 -6.26 11.94 58.30
C PRO A 793 -7.59 11.62 58.93
N ILE A 794 -8.35 12.64 59.32
CA ILE A 794 -9.69 12.44 59.86
C ILE A 794 -10.65 12.22 58.70
N LYS A 795 -11.57 11.27 58.87
CA LYS A 795 -12.45 10.81 57.81
C LYS A 795 -13.91 10.92 58.23
N ASP A 796 -14.29 12.07 58.79
CA ASP A 796 -15.66 12.34 59.16
C ASP A 796 -16.35 13.05 57.99
N PHE A 797 -16.82 12.24 57.04
CA PHE A 797 -17.46 12.73 55.82
C PHE A 797 -18.97 12.57 55.87
N GLY A 798 -19.57 12.76 57.05
CA GLY A 798 -21.01 12.69 57.16
C GLY A 798 -21.58 11.29 57.05
N GLY A 799 -20.80 10.27 57.35
CA GLY A 799 -21.22 8.89 57.25
C GLY A 799 -20.83 8.21 55.94
N PHE A 800 -20.40 8.97 54.94
CA PHE A 800 -19.96 8.39 53.69
C PHE A 800 -18.59 7.75 53.86
N ASN A 801 -18.41 6.59 53.22
CA ASN A 801 -17.20 5.80 53.34
C ASN A 801 -16.49 5.76 52.00
N PHE A 802 -15.33 6.41 51.92
CA PHE A 802 -14.54 6.44 50.70
C PHE A 802 -13.22 5.72 50.91
N SER A 803 -13.24 4.65 51.71
CA SER A 803 -12.04 3.91 52.05
C SER A 803 -11.74 2.84 51.00
N GLN A 804 -12.51 2.83 49.92
CA GLN A 804 -12.49 1.76 48.94
C GLN A 804 -12.20 2.33 47.56
N ILE A 805 -12.10 3.65 47.48
CA ILE A 805 -11.71 4.40 46.29
C ILE A 805 -10.51 5.28 46.58
N LEU A 806 -10.26 5.57 47.88
CA LEU A 806 -9.09 6.31 48.33
C LEU A 806 -7.90 5.37 48.51
N PRO A 807 -6.68 5.90 48.45
CA PRO A 807 -5.49 5.03 48.48
C PRO A 807 -5.33 4.30 49.80
N ASP A 808 -4.69 3.13 49.73
CA ASP A 808 -4.30 2.36 50.90
C ASP A 808 -2.79 2.48 51.08
N PRO A 809 -2.30 3.07 52.18
CA PRO A 809 -0.86 3.33 52.27
C PRO A 809 0.01 2.08 52.22
N SER A 810 -0.49 0.95 52.72
CA SER A 810 0.33 -0.25 52.93
C SER A 810 0.49 -1.05 51.63
N LYS A 811 1.14 -0.42 50.65
CA LYS A 811 1.46 -1.07 49.39
C LYS A 811 2.66 -0.37 48.78
N PRO A 812 3.46 -1.07 47.97
CA PRO A 812 4.59 -0.39 47.30
C PRO A 812 4.14 0.80 46.46
N SER A 813 3.01 0.67 45.78
CA SER A 813 2.39 1.76 45.04
C SER A 813 1.10 2.13 45.74
N LYS A 814 0.97 3.40 46.12
CA LYS A 814 -0.19 3.85 46.87
C LYS A 814 -1.39 3.81 45.94
N ARG A 815 -2.17 2.74 46.04
CA ARG A 815 -3.28 2.48 45.14
C ARG A 815 -4.49 2.07 45.96
N SER A 816 -5.67 2.27 45.39
CA SER A 816 -6.92 2.00 46.08
C SER A 816 -7.25 0.51 46.01
N PHE A 817 -8.39 0.15 46.57
CA PHE A 817 -8.84 -1.23 46.56
C PHE A 817 -9.61 -1.59 45.29
N ILE A 818 -10.27 -0.62 44.65
CA ILE A 818 -11.02 -0.85 43.43
C ILE A 818 -10.16 -0.53 42.21
N GLU A 819 -8.89 -0.19 42.41
CA GLU A 819 -7.93 -0.12 41.33
C GLU A 819 -7.04 -1.35 41.24
N ASP A 820 -6.75 -2.02 42.36
CA ASP A 820 -6.02 -3.27 42.31
C ASP A 820 -6.80 -4.33 41.54
N LEU A 821 -8.11 -4.40 41.76
CA LEU A 821 -8.93 -5.35 41.02
C LEU A 821 -8.89 -5.07 39.52
N LEU A 822 -9.03 -3.79 39.16
CA LEU A 822 -8.98 -3.41 37.75
C LEU A 822 -7.64 -3.79 37.14
N PHE A 823 -6.55 -3.53 37.86
CA PHE A 823 -5.23 -3.86 37.35
C PHE A 823 -5.06 -5.36 37.17
N ASN A 824 -5.57 -6.14 38.13
CA ASN A 824 -5.47 -7.60 38.04
C ASN A 824 -6.40 -8.19 37.00
N LYS A 825 -7.41 -7.44 36.55
CA LYS A 825 -8.32 -7.93 35.53
C LYS A 825 -7.83 -7.69 34.12
N VAL A 826 -6.91 -6.74 33.93
CA VAL A 826 -6.29 -6.48 32.63
C VAL A 826 -4.86 -6.99 32.71
N THR A 827 -4.51 -7.90 31.80
CA THR A 827 -3.22 -8.59 31.81
C THR A 827 -2.36 -8.04 30.68
N LEU A 828 -1.40 -7.18 31.04
CA LEU A 828 -0.44 -6.69 30.07
C LEU A 828 0.60 -7.77 29.77
N ALA A 829 1.43 -7.51 28.77
CA ALA A 829 2.45 -8.46 28.32
C ALA A 829 3.73 -8.25 29.13
N ASP A 830 3.99 -9.15 30.07
CA ASP A 830 5.23 -9.20 30.85
C ASP A 830 5.32 -8.07 31.88
N ALA A 831 4.38 -7.13 31.85
CA ALA A 831 4.36 -6.03 32.81
C ALA A 831 5.75 -5.46 33.05
N GLY A 832 6.55 -5.36 31.98
CA GLY A 832 7.90 -4.85 32.10
C GLY A 832 8.49 -4.52 30.74
N PHE A 833 9.40 -3.54 30.70
CA PHE A 833 9.97 -3.06 29.45
C PHE A 833 11.47 -3.30 29.37
N ILE A 834 11.99 -4.23 30.18
CA ILE A 834 13.40 -4.62 30.15
C ILE A 834 13.42 -6.13 29.99
N LYS A 835 13.75 -6.60 28.79
CA LYS A 835 13.96 -8.02 28.51
C LYS A 835 15.37 -8.15 27.94
N GLN A 836 16.31 -8.56 28.77
CA GLN A 836 17.71 -8.54 28.39
C GLN A 836 18.01 -9.62 27.35
N TYR A 837 19.09 -9.40 26.60
CA TYR A 837 19.51 -10.36 25.59
C TYR A 837 19.74 -11.74 26.18
N GLY A 838 20.20 -11.82 27.43
CA GLY A 838 20.44 -13.11 28.05
C GLY A 838 19.16 -13.90 28.22
N ASP A 839 18.08 -13.24 28.66
CA ASP A 839 16.82 -13.95 28.89
C ASP A 839 16.25 -14.50 27.59
N CYS A 840 16.30 -13.70 26.52
CA CYS A 840 15.78 -14.15 25.23
C CYS A 840 16.68 -15.21 24.60
N LEU A 841 17.94 -15.30 25.02
CA LEU A 841 18.86 -16.25 24.45
C LEU A 841 18.55 -17.67 24.90
N GLY A 842 18.96 -18.64 24.08
CA GLY A 842 18.78 -20.04 24.41
C GLY A 842 17.40 -20.58 24.12
N ASP A 843 17.00 -20.57 22.84
CA ASP A 843 15.76 -21.18 22.36
C ASP A 843 14.54 -20.73 23.17
N ILE A 844 14.63 -19.55 23.78
CA ILE A 844 13.46 -18.90 24.38
C ILE A 844 12.82 -17.89 23.42
N ALA A 845 13.45 -17.62 22.27
CA ALA A 845 12.92 -16.63 21.35
C ALA A 845 11.71 -17.16 20.61
N ALA A 846 11.82 -18.35 20.02
CA ALA A 846 10.68 -18.93 19.32
C ALA A 846 9.52 -19.20 20.27
N ARG A 847 9.82 -19.40 21.56
CA ARG A 847 8.78 -19.64 22.55
C ARG A 847 8.13 -18.34 22.98
N ASP A 848 8.91 -17.40 23.51
CA ASP A 848 8.38 -16.12 23.93
C ASP A 848 8.08 -15.25 22.71
N LEU A 849 6.88 -14.65 22.71
CA LEU A 849 6.48 -13.82 21.58
C LEU A 849 7.20 -12.49 21.59
N ILE A 850 7.45 -11.93 22.77
CA ILE A 850 8.11 -10.63 22.86
C ILE A 850 9.53 -10.73 22.33
N CYS A 851 10.23 -11.83 22.65
CA CYS A 851 11.57 -12.03 22.13
C CYS A 851 11.57 -12.07 20.61
N ALA A 852 10.57 -12.73 20.02
CA ALA A 852 10.48 -12.78 18.56
C ALA A 852 10.21 -11.40 17.98
N GLN A 853 9.26 -10.67 18.57
CA GLN A 853 8.99 -9.31 18.13
C GLN A 853 10.22 -8.43 18.24
N LYS A 854 11.11 -8.74 19.17
CA LYS A 854 12.24 -7.87 19.49
C LYS A 854 13.51 -8.23 18.73
N PHE A 855 13.66 -9.48 18.31
CA PHE A 855 14.72 -9.89 17.39
C PHE A 855 14.43 -9.45 15.97
N ASN A 856 13.22 -8.96 15.70
CA ASN A 856 12.80 -8.58 14.35
C ASN A 856 12.57 -7.08 14.23
N GLY A 857 12.99 -6.30 15.22
CA GLY A 857 12.99 -4.86 15.13
C GLY A 857 11.85 -4.15 15.81
N LEU A 858 10.92 -4.89 16.43
CA LEU A 858 9.73 -4.30 17.03
C LEU A 858 9.93 -4.17 18.53
N THR A 859 9.77 -2.96 19.05
CA THR A 859 9.95 -2.68 20.46
C THR A 859 8.74 -1.91 20.99
N VAL A 860 8.46 -2.08 22.27
CA VAL A 860 7.37 -1.40 22.96
C VAL A 860 7.98 -0.40 23.92
N LEU A 861 7.74 0.87 23.68
CA LEU A 861 8.30 1.91 24.52
C LEU A 861 7.52 2.04 25.82
N PRO A 862 8.17 2.47 26.90
CA PRO A 862 7.46 2.65 28.16
C PRO A 862 6.73 3.97 28.20
N PRO A 863 5.56 4.02 28.83
CA PRO A 863 4.83 5.28 28.93
C PRO A 863 5.55 6.28 29.84
N LEU A 864 5.27 7.56 29.59
CA LEU A 864 5.91 8.62 30.36
C LEU A 864 5.38 8.71 31.78
N LEU A 865 4.23 8.10 32.07
CA LEU A 865 3.63 8.14 33.39
C LEU A 865 3.51 6.72 33.93
N THR A 866 4.03 6.51 35.14
CA THR A 866 3.91 5.23 35.79
C THR A 866 2.50 5.07 36.38
N ASP A 867 2.16 3.82 36.70
CA ASP A 867 0.85 3.56 37.28
C ASP A 867 0.70 4.23 38.64
N GLU A 868 1.77 4.23 39.44
CA GLU A 868 1.72 4.86 40.75
C GLU A 868 1.46 6.35 40.64
N MET A 869 2.07 7.00 39.64
CA MET A 869 1.89 8.44 39.48
C MET A 869 0.48 8.78 39.00
N ILE A 870 -0.07 7.94 38.11
CA ILE A 870 -1.45 8.11 37.70
C ILE A 870 -2.38 7.94 38.90
N ALA A 871 -2.08 6.95 39.75
CA ALA A 871 -2.86 6.75 40.96
C ALA A 871 -2.75 7.96 41.88
N GLN A 872 -1.57 8.58 41.94
CA GLN A 872 -1.41 9.80 42.73
C GLN A 872 -2.29 10.92 42.19
N TYR A 873 -2.33 11.08 40.88
CA TYR A 873 -3.20 12.09 40.28
C TYR A 873 -4.65 11.82 40.63
N THR A 874 -5.09 10.56 40.50
CA THR A 874 -6.47 10.22 40.82
C THR A 874 -6.78 10.48 42.28
N SER A 875 -5.86 10.12 43.18
CA SER A 875 -6.09 10.35 44.60
C SER A 875 -6.21 11.84 44.89
N ALA A 876 -5.37 12.65 44.22
CA ALA A 876 -5.50 14.10 44.37
C ALA A 876 -6.87 14.57 43.93
N LEU A 877 -7.36 14.06 42.80
CA LEU A 877 -8.67 14.47 42.32
C LEU A 877 -9.77 14.07 43.29
N LEU A 878 -9.70 12.85 43.83
CA LEU A 878 -10.70 12.40 44.79
C LEU A 878 -10.68 13.26 46.05
N ALA A 879 -9.49 13.54 46.56
CA ALA A 879 -9.37 14.38 47.76
C ALA A 879 -9.95 15.75 47.49
N GLY A 880 -9.66 16.33 46.33
CA GLY A 880 -10.19 17.64 46.00
C GLY A 880 -11.71 17.66 45.92
N THR A 881 -12.28 16.68 45.21
CA THR A 881 -13.73 16.65 45.06
C THR A 881 -14.44 16.28 46.35
N ILE A 882 -13.74 15.64 47.29
CA ILE A 882 -14.34 15.30 48.58
C ILE A 882 -14.29 16.51 49.51
N THR A 883 -13.10 17.06 49.72
CA THR A 883 -12.94 18.12 50.71
C THR A 883 -13.51 19.44 50.21
N SER A 884 -13.30 19.77 48.93
CA SER A 884 -13.64 21.07 48.40
C SER A 884 -14.83 21.07 47.47
N GLY A 885 -15.11 19.97 46.81
CA GLY A 885 -16.23 19.91 45.88
C GLY A 885 -15.78 20.19 44.45
N TRP A 886 -16.46 21.11 43.79
CA TRP A 886 -16.12 21.52 42.44
C TRP A 886 -15.33 22.83 42.40
N THR A 887 -14.91 23.34 43.55
CA THR A 887 -14.17 24.59 43.59
C THR A 887 -12.74 24.42 43.12
N PHE A 888 -12.12 23.29 43.46
CA PHE A 888 -10.72 23.08 43.09
C PHE A 888 -10.53 23.01 41.58
N GLY A 889 -11.58 22.72 40.83
CA GLY A 889 -11.51 22.75 39.38
C GLY A 889 -11.67 24.12 38.77
N ALA A 890 -11.98 25.13 39.60
CA ALA A 890 -12.14 26.50 39.15
C ALA A 890 -11.06 27.42 39.70
N GLY A 891 -10.12 26.90 40.48
CA GLY A 891 -9.09 27.71 41.08
C GLY A 891 -8.54 27.09 42.34
N ALA A 892 -8.47 27.86 43.42
CA ALA A 892 -7.97 27.37 44.69
C ALA A 892 -9.04 26.56 45.40
N ALA A 893 -8.61 25.46 46.02
CA ALA A 893 -9.54 24.60 46.72
C ALA A 893 -10.16 25.32 47.91
N LEU A 894 -11.47 25.15 48.08
CA LEU A 894 -12.22 25.75 49.18
C LEU A 894 -12.91 24.64 49.94
N GLN A 895 -12.48 24.41 51.18
CA GLN A 895 -13.02 23.31 51.96
C GLN A 895 -14.51 23.51 52.22
N ILE A 896 -15.24 22.40 52.25
CA ILE A 896 -16.66 22.42 52.55
C ILE A 896 -17.05 21.08 53.15
N PRO A 897 -17.90 21.04 54.18
CA PRO A 897 -18.35 19.74 54.69
C PRO A 897 -19.06 18.96 53.59
N PHE A 898 -18.84 17.64 53.60
CA PHE A 898 -19.34 16.81 52.51
C PHE A 898 -20.87 16.81 52.45
N ALA A 899 -21.52 16.83 53.61
CA ALA A 899 -22.97 16.84 53.63
C ALA A 899 -23.52 18.07 52.91
N MET A 900 -22.92 19.23 53.15
CA MET A 900 -23.37 20.44 52.48
C MET A 900 -23.07 20.41 50.99
N GLN A 901 -21.95 19.78 50.61
CA GLN A 901 -21.66 19.60 49.19
C GLN A 901 -22.74 18.76 48.52
N MET A 902 -23.14 17.66 49.17
CA MET A 902 -24.21 16.83 48.63
C MET A 902 -25.53 17.58 48.60
N ALA A 903 -25.75 18.46 49.58
CA ALA A 903 -26.96 19.30 49.55
C ALA A 903 -26.95 20.22 48.34
N TYR A 904 -25.80 20.83 48.05
CA TYR A 904 -25.70 21.66 46.85
C TYR A 904 -25.97 20.85 45.60
N ARG A 905 -25.45 19.62 45.55
CA ARG A 905 -25.70 18.77 44.39
C ARG A 905 -27.18 18.44 44.26
N PHE A 906 -27.84 18.14 45.39
CA PHE A 906 -29.28 17.88 45.37
C PHE A 906 -30.04 19.09 44.84
N ASN A 907 -29.69 20.28 45.30
CA ASN A 907 -30.28 21.49 44.73
C ASN A 907 -30.01 21.55 43.23
N GLY A 908 -28.84 21.07 42.81
CA GLY A 908 -28.53 21.07 41.40
C GLY A 908 -29.43 20.18 40.58
N ILE A 909 -29.88 19.07 41.16
CA ILE A 909 -30.75 18.14 40.45
C ILE A 909 -32.21 18.46 40.75
N GLY A 910 -32.46 19.66 41.27
CA GLY A 910 -33.83 20.07 41.55
C GLY A 910 -34.47 19.39 42.73
N VAL A 911 -33.70 19.17 43.80
CA VAL A 911 -34.21 18.59 45.03
C VAL A 911 -33.76 19.49 46.17
N THR A 912 -34.70 19.82 47.07
CA THR A 912 -34.38 20.70 48.18
C THR A 912 -33.32 20.08 49.08
N GLN A 913 -32.45 20.93 49.61
CA GLN A 913 -31.36 20.46 50.46
C GLN A 913 -31.86 19.84 51.76
N ASN A 914 -33.12 20.08 52.13
CA ASN A 914 -33.65 19.47 53.34
C ASN A 914 -33.78 17.96 53.21
N VAL A 915 -34.01 17.47 51.98
CA VAL A 915 -34.18 16.04 51.77
C VAL A 915 -32.93 15.28 52.21
N LEU A 916 -31.75 15.80 51.85
CA LEU A 916 -30.51 15.14 52.22
C LEU A 916 -30.34 15.08 53.74
N TYR A 917 -30.48 16.22 54.40
CA TYR A 917 -30.25 16.28 55.84
C TYR A 917 -31.24 15.40 56.59
N GLU A 918 -32.50 15.42 56.18
CA GLU A 918 -33.51 14.59 56.82
C GLU A 918 -33.34 13.10 56.51
N ASN A 919 -32.51 12.77 55.53
CA ASN A 919 -32.27 11.38 55.13
C ASN A 919 -30.79 11.14 54.89
N GLN A 920 -29.94 11.71 55.74
CA GLN A 920 -28.50 11.62 55.53
C GLN A 920 -28.00 10.18 55.74
N LYS A 921 -28.43 9.54 56.82
CA LYS A 921 -27.95 8.19 57.12
C LYS A 921 -28.38 7.21 56.04
N LEU A 922 -29.63 7.31 55.59
CA LEU A 922 -30.09 6.42 54.54
C LEU A 922 -29.27 6.59 53.26
N ILE A 923 -29.01 7.83 52.88
CA ILE A 923 -28.25 8.09 51.66
C ILE A 923 -26.83 7.55 51.80
N ALA A 924 -26.21 7.77 52.96
CA ALA A 924 -24.85 7.26 53.17
C ALA A 924 -24.82 5.74 53.10
N ASN A 925 -25.81 5.08 53.71
CA ASN A 925 -25.85 3.62 53.65
C ASN A 925 -26.04 3.13 52.22
N GLN A 926 -26.93 3.79 51.46
CA GLN A 926 -27.13 3.41 50.07
C GLN A 926 -25.84 3.56 49.28
N PHE A 927 -25.13 4.67 49.48
CA PHE A 927 -23.89 4.91 48.75
C PHE A 927 -22.85 3.85 49.10
N ASN A 928 -22.70 3.54 50.38
CA ASN A 928 -21.71 2.55 50.79
C ASN A 928 -22.04 1.17 50.23
N SER A 929 -23.32 0.78 50.28
CA SER A 929 -23.73 -0.49 49.71
C SER A 929 -23.46 -0.53 48.22
N ALA A 930 -23.77 0.56 47.51
CA ALA A 930 -23.53 0.61 46.07
C ALA A 930 -22.05 0.54 45.73
N ILE A 931 -21.19 1.18 46.53
CA ILE A 931 -19.75 1.10 46.29
C ILE A 931 -19.18 -0.27 46.64
N GLY A 932 -19.83 -1.01 47.54
CA GLY A 932 -19.44 -2.39 47.77
C GLY A 932 -19.89 -3.30 46.64
N LYS A 933 -21.03 -2.96 46.05
CA LYS A 933 -21.51 -3.73 44.90
C LYS A 933 -20.55 -3.66 43.72
N ILE A 934 -19.89 -2.52 43.52
CA ILE A 934 -18.91 -2.41 42.43
C ILE A 934 -17.77 -3.38 42.68
N GLN A 935 -17.28 -3.42 43.91
CA GLN A 935 -16.26 -4.39 44.28
C GLN A 935 -16.72 -5.80 44.02
N ASP A 936 -17.95 -6.13 44.37
CA ASP A 936 -18.41 -7.49 44.14
C ASP A 936 -18.42 -7.80 42.65
N SER A 937 -18.88 -6.84 41.84
CA SER A 937 -18.92 -7.03 40.40
C SER A 937 -17.52 -7.19 39.80
N LEU A 938 -16.52 -6.57 40.41
CA LEU A 938 -15.17 -6.60 39.85
C LEU A 938 -14.31 -7.72 40.42
N SER A 939 -14.39 -7.95 41.72
CA SER A 939 -13.68 -9.03 42.39
C SER A 939 -14.28 -10.39 42.04
N SER A 940 -15.54 -10.43 41.62
CA SER A 940 -16.12 -11.65 41.08
C SER A 940 -15.56 -11.86 39.68
N THR A 941 -16.10 -12.83 38.95
CA THR A 941 -15.61 -13.16 37.62
C THR A 941 -16.55 -12.55 36.59
N ALA A 942 -16.03 -11.64 35.79
CA ALA A 942 -16.80 -10.97 34.75
C ALA A 942 -15.84 -10.16 33.89
N SER A 943 -16.17 -10.06 32.60
CA SER A 943 -15.38 -9.28 31.65
C SER A 943 -15.72 -7.80 31.75
N ALA A 944 -15.51 -7.25 32.95
CA ALA A 944 -15.84 -5.86 33.20
C ALA A 944 -15.04 -4.93 32.30
N LEU A 945 -13.73 -5.17 32.22
CA LEU A 945 -12.84 -4.34 31.41
C LEU A 945 -12.56 -5.07 30.09
N GLY A 946 -13.51 -4.95 29.17
CA GLY A 946 -13.38 -5.56 27.87
C GLY A 946 -12.72 -4.65 26.87
N LYS A 947 -12.96 -3.36 26.99
CA LYS A 947 -12.40 -2.39 26.03
C LYS A 947 -10.89 -2.33 26.16
N LEU A 948 -10.38 -2.23 27.38
CA LEU A 948 -8.94 -2.15 27.59
C LEU A 948 -8.25 -3.43 27.15
N GLN A 949 -8.83 -4.58 27.50
CA GLN A 949 -8.24 -5.85 27.10
C GLN A 949 -8.28 -6.02 25.59
N ASP A 950 -9.35 -5.55 24.94
CA ASP A 950 -9.40 -5.59 23.49
C ASP A 950 -8.33 -4.70 22.87
N VAL A 951 -8.07 -3.54 23.47
CA VAL A 951 -7.00 -2.68 22.99
C VAL A 951 -5.66 -3.41 23.05
N VAL A 952 -5.37 -4.01 24.22
CA VAL A 952 -4.11 -4.71 24.40
C VAL A 952 -4.01 -5.87 23.40
N ASN A 953 -5.09 -6.63 23.25
CA ASN A 953 -5.09 -7.77 22.35
C ASN A 953 -4.89 -7.33 20.90
N GLN A 954 -5.51 -6.21 20.52
CA GLN A 954 -5.33 -5.70 19.16
C GLN A 954 -3.88 -5.35 18.90
N ASN A 955 -3.25 -4.65 19.85
CA ASN A 955 -1.84 -4.30 19.66
C ASN A 955 -0.98 -5.54 19.55
N ALA A 956 -1.17 -6.50 20.46
CA ALA A 956 -0.35 -7.70 20.46
C ALA A 956 -0.57 -8.51 19.18
N GLN A 957 -1.82 -8.61 18.74
CA GLN A 957 -2.13 -9.34 17.52
C GLN A 957 -1.51 -8.66 16.31
N ALA A 958 -1.52 -7.33 16.26
CA ALA A 958 -0.88 -6.63 15.16
C ALA A 958 0.61 -6.93 15.11
N LEU A 959 1.28 -6.89 16.27
CA LEU A 959 2.70 -7.17 16.29
C LEU A 959 2.97 -8.62 15.89
N ASN A 960 2.16 -9.56 16.39
CA ASN A 960 2.37 -10.96 16.03
C ASN A 960 2.14 -11.20 14.55
N THR A 961 1.12 -10.55 13.98
CA THR A 961 0.88 -10.66 12.55
C THR A 961 2.06 -10.10 11.76
N LEU A 962 2.61 -8.98 12.20
CA LEU A 962 3.78 -8.42 11.54
C LEU A 962 4.95 -9.40 11.58
N VAL A 963 5.14 -10.06 12.72
CA VAL A 963 6.22 -11.04 12.81
C VAL A 963 5.96 -12.22 11.89
N LYS A 964 4.72 -12.71 11.85
CA LYS A 964 4.40 -13.89 11.06
C LYS A 964 4.35 -13.61 9.56
N GLN A 965 4.21 -12.35 9.17
CA GLN A 965 4.24 -11.99 7.76
C GLN A 965 5.65 -11.97 7.20
N LEU A 966 6.64 -12.34 8.00
CA LEU A 966 8.01 -12.54 7.52
C LEU A 966 8.20 -13.93 6.92
N SER A 967 7.19 -14.79 7.01
CA SER A 967 7.21 -16.10 6.39
C SER A 967 6.61 -16.08 4.99
N SER A 968 6.27 -14.90 4.48
CA SER A 968 5.69 -14.74 3.16
C SER A 968 6.78 -14.60 2.12
N ASN A 969 6.62 -15.31 1.01
CA ASN A 969 7.62 -15.30 -0.06
C ASN A 969 7.43 -14.15 -1.04
N PHE A 970 6.27 -13.51 -1.04
CA PHE A 970 6.03 -12.31 -1.85
C PHE A 970 6.43 -12.53 -3.31
N GLY A 971 6.19 -13.73 -3.83
CA GLY A 971 6.53 -14.04 -5.20
C GLY A 971 7.99 -14.38 -5.42
N ALA A 972 8.75 -14.65 -4.37
CA ALA A 972 10.15 -14.99 -4.48
C ALA A 972 10.32 -16.50 -4.30
N ILE A 973 11.58 -16.94 -4.31
CA ILE A 973 11.86 -18.36 -4.13
C ILE A 973 11.82 -18.78 -2.67
N SER A 974 11.96 -17.83 -1.75
CA SER A 974 11.96 -18.13 -0.32
C SER A 974 11.71 -16.85 0.45
N SER A 975 11.57 -17.00 1.77
CA SER A 975 11.34 -15.89 2.68
C SER A 975 12.37 -15.82 3.79
N VAL A 976 13.55 -16.40 3.57
CA VAL A 976 14.55 -16.56 4.62
C VAL A 976 15.68 -15.57 4.42
N LEU A 977 15.96 -15.23 3.15
CA LEU A 977 16.96 -14.23 2.79
C LEU A 977 18.38 -14.76 2.96
N ASN A 978 18.52 -15.96 3.52
CA ASN A 978 19.80 -16.64 3.60
C ASN A 978 19.91 -17.78 2.60
N ASP A 979 18.81 -18.49 2.36
CA ASP A 979 18.78 -19.45 1.27
C ASP A 979 18.98 -18.75 -0.07
N ILE A 980 18.37 -17.58 -0.24
CA ILE A 980 18.53 -16.83 -1.47
C ILE A 980 20.00 -16.44 -1.68
N LEU A 981 20.62 -15.93 -0.62
CA LEU A 981 22.01 -15.48 -0.74
C LEU A 981 22.95 -16.65 -0.95
N SER A 982 22.68 -17.79 -0.31
CA SER A 982 23.55 -18.94 -0.45
C SER A 982 23.41 -19.58 -1.82
N ARG A 983 22.18 -19.72 -2.32
CA ARG A 983 21.97 -20.40 -3.58
C ARG A 983 22.37 -19.53 -4.77
N LEU A 984 22.03 -18.24 -4.72
CA LEU A 984 22.13 -17.36 -5.87
C LEU A 984 23.25 -16.34 -5.70
N ASP A 985 23.82 -15.93 -6.83
CA ASP A 985 24.78 -14.85 -6.87
C ASP A 985 24.06 -13.52 -6.72
N PRO A 986 24.79 -12.45 -6.40
CA PRO A 986 24.15 -11.16 -6.13
C PRO A 986 23.18 -10.76 -7.22
N PRO A 987 23.62 -10.68 -8.48
CA PRO A 987 22.71 -10.13 -9.52
C PRO A 987 21.41 -10.89 -9.65
N GLU A 988 21.44 -12.21 -9.53
CA GLU A 988 20.23 -13.02 -9.61
C GLU A 988 19.40 -12.96 -8.34
N ALA A 989 20.02 -12.64 -7.21
CA ALA A 989 19.32 -12.50 -5.95
C ALA A 989 18.73 -11.10 -5.75
N GLU A 990 19.14 -10.14 -6.57
CA GLU A 990 18.64 -8.77 -6.40
C GLU A 990 17.13 -8.73 -6.54
N VAL A 991 16.59 -9.44 -7.52
CA VAL A 991 15.16 -9.41 -7.79
C VAL A 991 14.38 -10.01 -6.63
N GLN A 992 14.84 -11.15 -6.12
CA GLN A 992 14.14 -11.79 -5.02
C GLN A 992 14.18 -10.92 -3.77
N ILE A 993 15.35 -10.33 -3.48
CA ILE A 993 15.47 -9.49 -2.30
C ILE A 993 14.62 -8.24 -2.45
N ASP A 994 14.52 -7.70 -3.67
CA ASP A 994 13.66 -6.55 -3.89
C ASP A 994 12.20 -6.92 -3.68
N ARG A 995 11.79 -8.10 -4.13
CA ARG A 995 10.43 -8.56 -3.89
C ARG A 995 10.14 -8.62 -2.40
N LEU A 996 11.04 -9.25 -1.64
CA LEU A 996 10.83 -9.35 -0.20
C LEU A 996 10.84 -7.98 0.48
N ILE A 997 11.72 -7.08 0.06
CA ILE A 997 11.75 -5.74 0.63
C ILE A 997 10.43 -5.03 0.38
N THR A 998 9.93 -5.10 -0.85
CA THR A 998 8.66 -4.46 -1.17
C THR A 998 7.53 -5.03 -0.32
N GLY A 999 7.48 -6.36 -0.20
CA GLY A 999 6.41 -6.97 0.58
C GLY A 999 6.47 -6.57 2.04
N ARG A 1000 7.66 -6.60 2.63
CA ARG A 1000 7.78 -6.28 4.05
C ARG A 1000 7.55 -4.80 4.31
N LEU A 1001 7.96 -3.93 3.37
CA LEU A 1001 7.62 -2.52 3.49
C LEU A 1001 6.13 -2.30 3.43
N GLN A 1002 5.44 -3.02 2.55
CA GLN A 1002 3.98 -2.92 2.49
C GLN A 1002 3.37 -3.38 3.81
N SER A 1003 3.89 -4.47 4.38
CA SER A 1003 3.37 -4.94 5.65
C SER A 1003 3.54 -3.89 6.75
N LEU A 1004 4.73 -3.29 6.82
CA LEU A 1004 4.99 -2.27 7.82
C LEU A 1004 4.08 -1.06 7.62
N GLN A 1005 3.90 -0.64 6.37
CA GLN A 1005 3.03 0.50 6.10
C GLN A 1005 1.60 0.20 6.50
N THR A 1006 1.12 -1.01 6.22
CA THR A 1006 -0.23 -1.41 6.63
C THR A 1006 -0.36 -1.37 8.15
N TYR A 1007 0.63 -1.91 8.86
CA TYR A 1007 0.59 -1.89 10.32
C TYR A 1007 0.56 -0.45 10.83
N VAL A 1008 1.36 0.42 10.23
CA VAL A 1008 1.42 1.82 10.67
C VAL A 1008 0.08 2.50 10.44
N THR A 1009 -0.54 2.26 9.28
CA THR A 1009 -1.84 2.87 8.99
C THR A 1009 -2.90 2.39 9.99
N GLN A 1010 -2.94 1.10 10.26
CA GLN A 1010 -3.89 0.59 11.23
C GLN A 1010 -3.64 1.20 12.61
N GLN A 1011 -2.36 1.34 12.99
CA GLN A 1011 -2.04 1.97 14.26
C GLN A 1011 -2.49 3.42 14.30
N LEU A 1012 -2.34 4.14 13.18
CA LEU A 1012 -2.80 5.52 13.13
C LEU A 1012 -4.31 5.61 13.35
N ILE A 1013 -5.06 4.74 12.68
CA ILE A 1013 -6.52 4.78 12.83
C ILE A 1013 -6.92 4.43 14.26
N ARG A 1014 -6.30 3.40 14.84
CA ARG A 1014 -6.60 3.04 16.21
C ARG A 1014 -6.21 4.16 17.16
N ALA A 1015 -5.13 4.87 16.86
CA ALA A 1015 -4.72 6.00 17.69
C ALA A 1015 -5.72 7.13 17.61
N ALA A 1016 -6.30 7.36 16.43
CA ALA A 1016 -7.36 8.35 16.31
C ALA A 1016 -8.56 7.97 17.17
N GLU A 1017 -8.95 6.69 17.11
CA GLU A 1017 -10.06 6.24 17.95
C GLU A 1017 -9.74 6.42 19.43
N ILE A 1018 -8.53 6.06 19.84
CA ILE A 1018 -8.13 6.19 21.24
C ILE A 1018 -8.08 7.64 21.65
N ARG A 1019 -7.67 8.53 20.75
CA ARG A 1019 -7.65 9.96 21.04
C ARG A 1019 -9.06 10.48 21.25
N ALA A 1020 -10.01 10.03 20.43
CA ALA A 1020 -11.40 10.40 20.65
C ALA A 1020 -11.86 9.93 22.03
N SER A 1021 -11.55 8.69 22.38
CA SER A 1021 -11.94 8.17 23.68
C SER A 1021 -11.30 8.96 24.81
N ALA A 1022 -10.03 9.34 24.65
CA ALA A 1022 -9.33 10.08 25.69
C ALA A 1022 -9.90 11.48 25.84
N ASN A 1023 -10.25 12.14 24.74
CA ASN A 1023 -10.86 13.45 24.83
C ASN A 1023 -12.22 13.36 25.51
N LEU A 1024 -12.99 12.31 25.19
CA LEU A 1024 -14.25 12.11 25.91
C LEU A 1024 -14.00 11.89 27.40
N ALA A 1025 -12.96 11.12 27.73
CA ALA A 1025 -12.67 10.85 29.14
C ALA A 1025 -12.25 12.12 29.87
N ALA A 1026 -11.47 12.97 29.21
CA ALA A 1026 -11.09 14.25 29.81
C ALA A 1026 -12.31 15.14 30.01
N THR A 1027 -13.20 15.18 29.02
CA THR A 1027 -14.43 15.95 29.16
C THR A 1027 -15.25 15.42 30.33
N LYS A 1028 -15.34 14.10 30.45
CA LYS A 1028 -16.08 13.50 31.56
C LYS A 1028 -15.44 13.83 32.90
N MET A 1029 -14.12 13.69 33.02
CA MET A 1029 -13.47 14.11 34.25
C MET A 1029 -13.82 15.55 34.59
N SER A 1030 -13.65 16.47 33.63
CA SER A 1030 -13.87 17.88 33.93
C SER A 1030 -15.32 18.17 34.31
N GLU A 1031 -16.29 17.56 33.62
CA GLU A 1031 -17.69 17.94 33.79
C GLU A 1031 -18.41 17.14 34.87
N CYS A 1032 -18.01 15.89 35.11
CA CYS A 1032 -18.64 15.04 36.12
C CYS A 1032 -17.87 15.02 37.43
N VAL A 1033 -16.54 14.95 37.38
CA VAL A 1033 -15.75 14.87 38.60
C VAL A 1033 -15.53 16.27 39.19
N LEU A 1034 -15.06 17.20 38.36
CA LEU A 1034 -14.78 18.56 38.80
C LEU A 1034 -16.03 19.43 38.81
N GLY A 1035 -17.20 18.85 38.56
CA GLY A 1035 -18.42 19.63 38.56
C GLY A 1035 -19.62 18.71 38.51
N GLN A 1036 -20.79 19.34 38.48
CA GLN A 1036 -22.07 18.64 38.39
C GLN A 1036 -22.64 18.90 37.01
N SER A 1037 -22.96 17.82 36.29
CA SER A 1037 -23.37 17.90 34.91
C SER A 1037 -24.88 17.77 34.79
N LYS A 1038 -25.51 18.73 34.14
CA LYS A 1038 -26.93 18.65 33.81
C LYS A 1038 -27.18 17.88 32.52
N ARG A 1039 -26.12 17.56 31.77
CA ARG A 1039 -26.28 16.75 30.57
C ARG A 1039 -26.80 15.37 30.94
N VAL A 1040 -27.70 14.85 30.11
CA VAL A 1040 -28.40 13.61 30.41
C VAL A 1040 -27.60 12.44 29.86
N ASP A 1041 -27.41 11.41 30.69
CA ASP A 1041 -26.70 10.18 30.38
C ASP A 1041 -25.22 10.41 30.11
N PHE A 1042 -24.73 11.63 30.24
CA PHE A 1042 -23.30 11.87 30.06
C PHE A 1042 -22.50 11.33 31.23
N CYS A 1043 -22.97 11.58 32.45
CA CYS A 1043 -22.34 11.06 33.66
C CYS A 1043 -23.31 10.08 34.29
N GLY A 1044 -23.28 8.85 33.81
CA GLY A 1044 -24.10 7.79 34.37
C GLY A 1044 -25.57 7.91 34.00
N LYS A 1045 -26.34 6.97 34.52
CA LYS A 1045 -27.79 6.92 34.32
C LYS A 1045 -28.46 7.61 35.50
N GLY A 1046 -29.36 8.53 35.21
CA GLY A 1046 -30.08 9.25 36.24
C GLY A 1046 -29.51 10.63 36.45
N TYR A 1047 -30.06 11.31 37.46
CA TYR A 1047 -29.61 12.65 37.81
C TYR A 1047 -28.25 12.57 38.47
N HIS A 1048 -27.25 13.20 37.85
CA HIS A 1048 -25.88 13.08 38.30
C HIS A 1048 -25.66 13.89 39.57
N LEU A 1049 -25.06 13.25 40.58
CA LEU A 1049 -24.61 13.93 41.78
C LEU A 1049 -23.11 14.19 41.75
N MET A 1050 -22.32 13.13 41.64
CA MET A 1050 -20.86 13.26 41.63
C MET A 1050 -20.27 12.02 40.99
N SER A 1051 -19.00 12.12 40.63
CA SER A 1051 -18.27 11.03 40.02
C SER A 1051 -16.91 10.90 40.69
N PHE A 1052 -16.36 9.69 40.66
CA PHE A 1052 -15.09 9.39 41.30
C PHE A 1052 -14.18 8.72 40.27
N PRO A 1053 -13.04 9.29 39.92
CA PRO A 1053 -12.15 8.65 38.96
C PRO A 1053 -11.34 7.53 39.58
N GLN A 1054 -11.11 6.49 38.79
CA GLN A 1054 -10.22 5.41 39.18
C GLN A 1054 -9.40 5.01 37.96
N SER A 1055 -8.15 4.64 38.21
CA SER A 1055 -7.20 4.35 37.15
C SER A 1055 -7.20 2.87 36.82
N ALA A 1056 -7.15 2.57 35.53
CA ALA A 1056 -7.03 1.21 35.03
C ALA A 1056 -5.97 1.19 33.94
N PRO A 1057 -5.39 0.03 33.66
CA PRO A 1057 -4.34 -0.04 32.62
C PRO A 1057 -4.85 0.48 31.29
N HIS A 1058 -4.15 1.48 30.76
CA HIS A 1058 -4.48 2.07 29.47
C HIS A 1058 -5.92 2.53 29.42
N GLY A 1059 -6.38 3.11 30.52
CA GLY A 1059 -7.76 3.58 30.57
C GLY A 1059 -8.08 4.18 31.93
N VAL A 1060 -9.32 4.62 32.05
CA VAL A 1060 -9.83 5.21 33.28
C VAL A 1060 -11.22 4.66 33.54
N VAL A 1061 -11.62 4.70 34.81
CA VAL A 1061 -12.91 4.20 35.25
C VAL A 1061 -13.57 5.27 36.12
N PHE A 1062 -14.79 5.65 35.75
CA PHE A 1062 -15.57 6.61 36.52
C PHE A 1062 -16.68 5.89 37.27
N LEU A 1063 -16.85 6.24 38.54
CA LEU A 1063 -17.93 5.73 39.36
C LEU A 1063 -18.98 6.84 39.45
N HIS A 1064 -20.02 6.71 38.64
CA HIS A 1064 -21.04 7.76 38.50
C HIS A 1064 -22.10 7.59 39.57
N VAL A 1065 -22.08 8.47 40.57
CA VAL A 1065 -23.12 8.50 41.57
C VAL A 1065 -24.31 9.28 41.03
N THR A 1066 -25.49 8.67 41.08
CA THR A 1066 -26.69 9.25 40.48
C THR A 1066 -27.87 9.12 41.43
N TYR A 1067 -28.83 10.01 41.25
CA TYR A 1067 -30.05 10.07 42.05
C TYR A 1067 -31.19 9.52 41.21
N VAL A 1068 -31.67 8.34 41.56
CA VAL A 1068 -32.71 7.63 40.82
C VAL A 1068 -33.97 7.58 41.68
N PRO A 1069 -35.04 8.30 41.33
CA PRO A 1069 -36.30 8.11 42.05
C PRO A 1069 -36.81 6.68 41.87
N ALA A 1070 -37.37 6.13 42.95
CA ALA A 1070 -37.72 4.71 42.98
C ALA A 1070 -39.22 4.49 43.09
N GLN A 1071 -39.88 5.05 44.11
CA GLN A 1071 -41.28 4.77 44.39
C GLN A 1071 -42.11 5.98 43.99
N GLU A 1072 -43.05 5.78 43.09
CA GLU A 1072 -43.91 6.84 42.59
C GLU A 1072 -45.36 6.52 42.93
N LYS A 1073 -46.14 7.59 43.11
CA LYS A 1073 -47.55 7.47 43.46
C LYS A 1073 -48.37 8.28 42.47
N ASN A 1074 -49.43 7.67 41.96
CA ASN A 1074 -50.36 8.39 41.11
C ASN A 1074 -50.99 9.54 41.88
N PHE A 1075 -51.17 10.67 41.22
CA PHE A 1075 -51.79 11.85 41.81
C PHE A 1075 -52.70 12.50 40.79
N THR A 1076 -53.47 13.47 41.25
CA THR A 1076 -54.29 14.32 40.40
C THR A 1076 -53.71 15.73 40.46
N THR A 1077 -53.51 16.33 39.30
CA THR A 1077 -52.76 17.57 39.17
C THR A 1077 -53.62 18.64 38.51
N ALA A 1078 -53.12 19.87 38.56
CA ALA A 1078 -53.77 21.02 37.96
C ALA A 1078 -52.71 22.06 37.65
N PRO A 1079 -52.81 22.73 36.49
CA PRO A 1079 -51.80 23.75 36.16
C PRO A 1079 -51.88 24.99 37.04
N ALA A 1080 -53.02 25.26 37.65
CA ALA A 1080 -53.21 26.47 38.46
C ALA A 1080 -54.46 26.28 39.29
N ILE A 1081 -54.84 27.32 40.04
CA ILE A 1081 -56.05 27.31 40.84
C ILE A 1081 -56.58 28.74 40.93
N CYS A 1082 -57.91 28.88 40.85
CA CYS A 1082 -58.56 30.16 41.08
C CYS A 1082 -58.83 30.32 42.58
N HIS A 1083 -58.53 31.50 43.10
CA HIS A 1083 -58.77 31.83 44.50
C HIS A 1083 -59.85 32.89 44.66
N ASP A 1084 -59.64 34.06 44.03
CA ASP A 1084 -60.61 35.15 44.04
C ASP A 1084 -60.78 35.70 42.62
N GLY A 1085 -60.94 34.78 41.67
CA GLY A 1085 -60.97 35.14 40.27
C GLY A 1085 -59.61 35.35 39.64
N LYS A 1086 -58.53 35.12 40.38
CA LYS A 1086 -57.17 35.27 39.89
C LYS A 1086 -56.46 33.94 39.90
N ALA A 1087 -55.70 33.66 38.85
CA ALA A 1087 -55.03 32.38 38.71
C ALA A 1087 -53.72 32.37 39.47
N HIS A 1088 -53.47 31.28 40.20
CA HIS A 1088 -52.26 31.09 40.97
C HIS A 1088 -51.44 29.97 40.33
N PHE A 1089 -50.19 30.27 40.01
CA PHE A 1089 -49.26 29.26 39.50
C PHE A 1089 -48.16 29.01 40.52
N PRO A 1090 -47.60 27.81 40.54
CA PRO A 1090 -46.54 27.50 41.51
C PRO A 1090 -45.16 27.93 41.02
N ARG A 1091 -44.39 28.52 41.93
CA ARG A 1091 -43.01 28.88 41.67
C ARG A 1091 -42.12 27.75 42.16
N GLU A 1092 -41.44 27.08 41.23
CA GLU A 1092 -40.58 25.95 41.56
C GLU A 1092 -41.36 24.87 42.32
N GLY A 1093 -42.36 24.32 41.63
CA GLY A 1093 -43.19 23.31 42.24
C GLY A 1093 -44.27 22.86 41.29
N VAL A 1094 -45.15 22.01 41.80
CA VAL A 1094 -46.28 21.49 41.03
C VAL A 1094 -47.42 21.21 41.98
N PHE A 1095 -48.65 21.42 41.50
CA PHE A 1095 -49.84 21.19 42.28
C PHE A 1095 -50.27 19.73 42.17
N VAL A 1096 -50.72 19.17 43.30
CA VAL A 1096 -51.19 17.79 43.36
C VAL A 1096 -52.34 17.71 44.34
N SER A 1097 -53.11 16.63 44.23
CA SER A 1097 -54.23 16.36 45.11
C SER A 1097 -54.11 14.95 45.66
N ASN A 1098 -54.21 14.84 46.99
CA ASN A 1098 -54.29 13.55 47.66
C ASN A 1098 -55.72 13.05 47.77
N GLY A 1099 -56.62 13.57 46.95
CA GLY A 1099 -58.03 13.30 47.08
C GLY A 1099 -58.83 14.57 47.30
N THR A 1100 -59.35 14.74 48.51
CA THR A 1100 -60.19 15.88 48.82
C THR A 1100 -59.42 17.18 49.04
N HIS A 1101 -58.09 17.11 49.14
CA HIS A 1101 -57.27 18.28 49.43
C HIS A 1101 -56.19 18.44 48.38
N TRP A 1102 -55.79 19.69 48.16
CA TRP A 1102 -54.77 20.04 47.16
C TRP A 1102 -53.52 20.52 47.87
N PHE A 1103 -52.37 20.16 47.31
CA PHE A 1103 -51.07 20.56 47.84
C PHE A 1103 -50.17 20.99 46.70
N VAL A 1104 -48.97 21.43 47.05
CA VAL A 1104 -47.94 21.79 46.08
C VAL A 1104 -46.63 21.17 46.54
N THR A 1105 -45.90 20.58 45.62
CA THR A 1105 -44.68 19.85 45.95
C THR A 1105 -43.66 20.02 44.84
N GLN A 1106 -42.40 19.74 45.17
CA GLN A 1106 -41.35 19.72 44.17
C GLN A 1106 -41.51 18.49 43.28
N ARG A 1107 -41.11 18.65 42.02
CA ARG A 1107 -41.40 17.63 41.02
C ARG A 1107 -40.69 16.31 41.32
N ASN A 1108 -39.43 16.39 41.72
CA ASN A 1108 -38.58 15.20 41.83
C ASN A 1108 -38.70 14.49 43.17
N PHE A 1109 -39.53 14.99 44.08
CA PHE A 1109 -39.71 14.36 45.37
C PHE A 1109 -41.03 14.81 45.97
N TYR A 1110 -41.73 13.89 46.62
CA TYR A 1110 -43.03 14.18 47.21
C TYR A 1110 -42.81 14.76 48.60
N GLU A 1111 -42.86 16.09 48.68
CA GLU A 1111 -42.78 16.82 49.95
C GLU A 1111 -43.97 17.76 49.99
N PRO A 1112 -45.17 17.24 50.21
CA PRO A 1112 -46.37 18.07 50.08
C PRO A 1112 -46.36 19.23 51.06
N GLN A 1113 -46.94 20.35 50.62
CA GLN A 1113 -46.98 21.57 51.41
C GLN A 1113 -48.29 22.28 51.15
N ILE A 1114 -48.64 23.18 52.07
CA ILE A 1114 -49.86 23.96 51.92
C ILE A 1114 -49.64 25.03 50.86
N ILE A 1115 -50.70 25.35 50.13
CA ILE A 1115 -50.63 26.34 49.07
C ILE A 1115 -50.78 27.73 49.69
N THR A 1116 -49.80 28.60 49.46
CA THR A 1116 -49.77 29.93 50.04
C THR A 1116 -49.30 30.92 49.00
N THR A 1117 -49.59 32.20 49.27
CA THR A 1117 -49.19 33.26 48.36
C THR A 1117 -47.68 33.33 48.23
N ASP A 1118 -46.96 33.09 49.33
CA ASP A 1118 -45.50 33.08 49.28
C ASP A 1118 -44.98 31.92 48.44
N ASN A 1119 -45.78 30.88 48.24
CA ASN A 1119 -45.37 29.71 47.48
C ASN A 1119 -45.89 29.71 46.05
N THR A 1120 -46.70 30.70 45.67
CA THR A 1120 -47.28 30.77 44.33
C THR A 1120 -47.24 32.22 43.86
N PHE A 1121 -47.30 32.38 42.54
CA PHE A 1121 -47.34 33.70 41.92
C PHE A 1121 -48.57 33.81 41.03
N VAL A 1122 -49.18 34.98 41.03
CA VAL A 1122 -50.44 35.23 40.36
C VAL A 1122 -50.19 35.85 39.00
N SER A 1123 -51.02 35.51 38.02
CA SER A 1123 -50.92 36.09 36.69
C SER A 1123 -52.32 36.08 36.06
N GLY A 1124 -53.01 37.21 36.18
CA GLY A 1124 -54.28 37.38 35.48
C GLY A 1124 -55.41 36.57 36.08
N ASN A 1125 -56.56 36.66 35.41
CA ASN A 1125 -57.73 35.89 35.79
C ASN A 1125 -57.60 34.46 35.28
N CYS A 1126 -58.65 33.66 35.47
CA CYS A 1126 -58.64 32.26 35.09
C CYS A 1126 -59.83 31.92 34.20
N ASP A 1127 -60.05 32.73 33.17
CA ASP A 1127 -60.94 32.38 32.09
C ASP A 1127 -60.20 31.93 30.84
N VAL A 1128 -58.87 31.99 30.86
CA VAL A 1128 -58.05 31.59 29.72
C VAL A 1128 -57.33 30.27 29.96
N VAL A 1129 -56.93 29.98 31.20
CA VAL A 1129 -56.22 28.74 31.48
C VAL A 1129 -57.16 27.55 31.31
N ILE A 1130 -56.57 26.39 31.03
CA ILE A 1130 -57.32 25.16 30.79
C ILE A 1130 -56.95 24.16 31.86
N GLY A 1131 -57.95 23.54 32.47
CA GLY A 1131 -57.73 22.57 33.52
C GLY A 1131 -57.60 23.15 34.90
N ILE A 1132 -57.81 24.45 35.07
CA ILE A 1132 -57.69 25.07 36.38
C ILE A 1132 -58.82 24.60 37.28
N VAL A 1133 -58.54 24.55 38.58
CA VAL A 1133 -59.46 24.04 39.58
C VAL A 1133 -59.57 25.03 40.73
N ASN A 1134 -60.78 25.21 41.24
CA ASN A 1134 -61.00 26.16 42.34
C ASN A 1134 -60.46 25.60 43.64
N ASN A 1135 -59.89 26.49 44.46
CA ASN A 1135 -59.37 26.11 45.77
C ASN A 1135 -58.98 27.40 46.49
N THR A 1136 -58.68 27.26 47.78
CA THR A 1136 -58.29 28.38 48.62
C THR A 1136 -56.78 28.47 48.72
N VAL A 1137 -56.27 29.70 48.69
CA VAL A 1137 -54.84 29.97 48.83
C VAL A 1137 -54.63 30.63 50.19
N TYR A 1138 -54.09 29.87 51.13
CA TYR A 1138 -53.88 30.37 52.48
C TYR A 1138 -52.93 31.56 52.47
N ASP A 1139 -53.30 32.62 53.18
CA ASP A 1139 -52.46 33.81 53.29
C ASP A 1139 -51.78 33.80 54.65
N PRO A 1140 -50.47 33.56 54.74
CA PRO A 1140 -49.83 33.53 56.07
C PRO A 1140 -49.91 34.86 56.78
N LEU A 1141 -49.97 35.97 56.04
CA LEU A 1141 -50.00 37.27 56.69
C LEU A 1141 -51.23 37.43 57.57
N GLN A 1142 -52.37 36.91 57.13
CA GLN A 1142 -53.61 37.28 57.80
C GLN A 1142 -53.69 36.78 59.24
N PRO A 1143 -53.49 35.50 59.52
CA PRO A 1143 -53.59 35.06 60.92
C PRO A 1143 -52.61 35.78 61.83
N GLU A 1144 -51.42 36.09 61.30
CA GLU A 1144 -50.46 36.86 62.09
C GLU A 1144 -51.01 38.25 62.39
N LEU A 1145 -51.64 38.88 61.40
CA LEU A 1145 -52.23 40.19 61.62
C LEU A 1145 -53.33 40.12 62.67
N ASP A 1146 -54.17 39.09 62.60
CA ASP A 1146 -55.32 39.01 63.52
C ASP A 1146 -54.86 38.96 64.96
N SER A 1147 -53.83 38.18 65.25
CA SER A 1147 -53.32 38.06 66.62
C SER A 1147 -52.62 39.36 67.04
N GLN B 14 -0.27 5.68 -72.94
CA GLN B 14 -0.87 5.30 -71.67
C GLN B 14 -1.14 6.53 -70.80
N CYS B 15 -0.26 7.52 -70.89
CA CYS B 15 -0.35 8.70 -70.03
C CYS B 15 -1.03 9.85 -70.77
N VAL B 16 -2.29 10.06 -70.43
CA VAL B 16 -3.04 11.24 -70.84
C VAL B 16 -2.94 12.26 -69.71
N ASN B 17 -2.10 13.28 -69.90
CA ASN B 17 -2.01 14.36 -68.92
C ASN B 17 -3.30 15.18 -69.00
N LEU B 18 -4.13 15.07 -67.98
CA LEU B 18 -5.36 15.85 -67.90
C LEU B 18 -5.11 17.22 -67.29
N THR B 19 -4.19 17.96 -67.91
CA THR B 19 -3.74 19.24 -67.37
C THR B 19 -4.72 20.35 -67.76
N THR B 20 -5.99 20.11 -67.43
CA THR B 20 -6.99 21.17 -67.49
C THR B 20 -6.72 22.17 -66.36
N ARG B 21 -6.61 23.44 -66.70
CA ARG B 21 -6.12 24.46 -65.78
C ARG B 21 -7.34 25.22 -65.24
N THR B 22 -7.85 24.76 -64.10
CA THR B 22 -8.97 25.39 -63.41
C THR B 22 -8.57 25.48 -61.94
N LEU B 23 -7.92 26.59 -61.57
CA LEU B 23 -7.39 26.76 -60.22
C LEU B 23 -8.50 27.20 -59.27
N LEU B 24 -8.72 26.41 -58.22
CA LEU B 24 -9.60 26.80 -57.13
C LEU B 24 -8.88 26.54 -55.81
N PRO B 25 -9.09 27.41 -54.82
CA PRO B 25 -8.39 27.22 -53.55
C PRO B 25 -8.91 26.01 -52.81
N PRO B 26 -8.08 25.37 -51.98
CA PRO B 26 -8.57 24.23 -51.21
C PRO B 26 -9.56 24.67 -50.13
N ALA B 27 -10.65 23.91 -50.02
CA ALA B 27 -11.71 24.21 -49.06
C ALA B 27 -11.58 23.28 -47.85
N TYR B 28 -11.70 23.85 -46.66
CA TYR B 28 -11.51 23.11 -45.42
C TYR B 28 -12.84 23.01 -44.67
N THR B 29 -13.02 21.88 -43.99
CA THR B 29 -14.25 21.60 -43.27
C THR B 29 -13.91 20.95 -41.94
N ASN B 30 -14.88 20.96 -41.03
CA ASN B 30 -14.73 20.38 -39.70
C ASN B 30 -15.41 19.01 -39.65
N SER B 31 -14.74 18.06 -39.01
CA SER B 31 -15.28 16.72 -38.79
C SER B 31 -15.82 16.70 -37.36
N PHE B 32 -17.14 16.83 -37.23
CA PHE B 32 -17.76 16.95 -35.91
C PHE B 32 -17.45 15.73 -35.04
N THR B 33 -17.94 14.57 -35.45
CA THR B 33 -17.65 13.32 -34.73
C THR B 33 -17.66 12.20 -35.79
N ARG B 34 -16.49 11.91 -36.32
CA ARG B 34 -16.35 10.92 -37.38
C ARG B 34 -14.98 10.29 -37.29
N GLY B 35 -14.85 9.12 -37.91
CA GLY B 35 -13.60 8.38 -37.91
C GLY B 35 -13.46 7.40 -36.76
N VAL B 36 -14.50 7.23 -35.94
CA VAL B 36 -14.44 6.28 -34.84
C VAL B 36 -14.57 4.87 -35.40
N TYR B 37 -13.67 3.99 -34.98
CA TYR B 37 -13.67 2.61 -35.44
C TYR B 37 -13.46 1.68 -34.26
N TYR B 38 -13.95 0.46 -34.41
CA TYR B 38 -13.79 -0.55 -33.37
C TYR B 38 -12.31 -0.90 -33.22
N PRO B 39 -11.65 -0.49 -32.15
CA PRO B 39 -10.20 -0.75 -32.06
C PRO B 39 -9.86 -2.23 -32.06
N ASP B 40 -10.71 -3.07 -31.50
CA ASP B 40 -10.43 -4.50 -31.37
C ASP B 40 -11.67 -5.29 -31.77
N LYS B 41 -11.44 -6.54 -32.17
CA LYS B 41 -12.51 -7.45 -32.58
C LYS B 41 -13.08 -8.16 -31.35
N VAL B 42 -13.60 -7.35 -30.43
CA VAL B 42 -14.17 -7.85 -29.18
C VAL B 42 -15.55 -7.23 -29.01
N PHE B 43 -16.44 -7.96 -28.34
CA PHE B 43 -17.80 -7.53 -28.12
C PHE B 43 -17.93 -6.93 -26.73
N ARG B 44 -18.52 -5.73 -26.67
CA ARG B 44 -18.77 -5.05 -25.40
C ARG B 44 -20.14 -4.40 -25.47
N SER B 45 -20.87 -4.46 -24.36
CA SER B 45 -22.24 -3.96 -24.30
C SER B 45 -22.47 -3.18 -23.02
N SER B 46 -23.18 -2.06 -23.15
CA SER B 46 -23.57 -1.24 -22.00
C SER B 46 -22.37 -0.94 -21.10
N VAL B 47 -21.29 -0.49 -21.73
CA VAL B 47 -20.05 -0.18 -21.02
C VAL B 47 -19.35 0.97 -21.72
N LEU B 48 -18.68 1.79 -20.92
CA LEU B 48 -17.84 2.88 -21.43
C LEU B 48 -16.39 2.41 -21.37
N HIS B 49 -15.73 2.39 -22.52
CA HIS B 49 -14.38 1.86 -22.66
C HIS B 49 -13.45 2.96 -23.14
N SER B 50 -12.33 3.13 -22.44
CA SER B 50 -11.33 4.12 -22.80
C SER B 50 -10.17 3.42 -23.48
N THR B 51 -9.87 3.83 -24.71
CA THR B 51 -8.81 3.23 -25.50
C THR B 51 -7.98 4.31 -26.17
N GLN B 52 -6.71 4.03 -26.36
CA GLN B 52 -5.79 4.91 -27.07
C GLN B 52 -5.41 4.27 -28.38
N ASP B 53 -5.63 4.99 -29.48
CA ASP B 53 -5.31 4.49 -30.81
C ASP B 53 -5.35 5.67 -31.77
N LEU B 54 -4.87 5.44 -32.98
CA LEU B 54 -4.86 6.48 -34.00
C LEU B 54 -6.29 6.80 -34.40
N PHE B 55 -6.78 7.94 -33.94
CA PHE B 55 -8.15 8.38 -34.20
C PHE B 55 -8.13 9.76 -34.84
N LEU B 56 -9.20 10.08 -35.54
CA LEU B 56 -9.37 11.41 -36.08
C LEU B 56 -9.88 12.33 -34.97
N PRO B 57 -9.14 13.39 -34.61
CA PRO B 57 -9.62 14.26 -33.53
C PRO B 57 -10.95 14.90 -33.89
N PHE B 58 -11.77 15.11 -32.86
CA PHE B 58 -13.09 15.68 -33.07
C PHE B 58 -12.98 17.13 -33.52
N PHE B 59 -13.89 17.54 -34.40
CA PHE B 59 -13.92 18.91 -34.92
C PHE B 59 -12.57 19.28 -35.52
N SER B 60 -12.01 18.36 -36.30
CA SER B 60 -10.72 18.57 -36.93
C SER B 60 -10.88 19.19 -38.31
N ASN B 61 -9.88 19.98 -38.70
CA ASN B 61 -9.87 20.69 -39.97
C ASN B 61 -9.47 19.70 -41.06
N VAL B 62 -10.44 19.25 -41.84
CA VAL B 62 -10.21 18.29 -42.91
C VAL B 62 -10.32 19.00 -44.25
N THR B 63 -9.52 18.53 -45.20
CA THR B 63 -9.50 19.12 -46.54
C THR B 63 -10.70 18.66 -47.35
N TRP B 64 -11.10 19.48 -48.31
CA TRP B 64 -12.23 19.23 -49.19
C TRP B 64 -11.77 19.31 -50.63
N PHE B 65 -12.05 18.26 -51.40
CA PHE B 65 -11.67 18.19 -52.81
C PHE B 65 -12.91 17.96 -53.66
N HIS B 66 -12.91 18.55 -54.86
CA HIS B 66 -14.06 18.53 -55.74
C HIS B 66 -13.70 17.93 -57.09
N ALA B 67 -14.71 17.39 -57.77
CA ALA B 67 -14.57 16.85 -59.11
C ALA B 67 -15.75 17.27 -59.96
N ILE B 68 -16.12 18.55 -59.88
CA ILE B 68 -17.30 19.08 -60.56
C ILE B 68 -16.86 19.92 -61.75
N HIS B 69 -17.72 20.00 -62.75
CA HIS B 69 -17.49 20.88 -63.90
C HIS B 69 -18.59 21.94 -63.97
N LYS B 77 -14.44 23.32 -65.12
CA LYS B 77 -13.90 21.96 -65.22
C LYS B 77 -12.87 21.73 -64.12
N ARG B 78 -13.33 21.22 -62.98
CA ARG B 78 -12.50 21.03 -61.80
C ARG B 78 -12.32 19.54 -61.55
N PHE B 79 -11.06 19.10 -61.47
CA PHE B 79 -10.71 17.75 -61.08
C PHE B 79 -9.66 17.83 -59.97
N ASP B 80 -9.88 17.08 -58.89
CA ASP B 80 -9.00 17.12 -57.73
C ASP B 80 -8.57 15.70 -57.40
N ASN B 81 -7.35 15.34 -57.80
CA ASN B 81 -6.74 14.07 -57.43
C ASN B 81 -5.23 14.26 -57.22
N PRO B 82 -4.86 15.18 -56.33
CA PRO B 82 -3.43 15.42 -56.08
C PRO B 82 -2.84 14.35 -55.17
N VAL B 83 -1.52 14.40 -55.04
CA VAL B 83 -0.80 13.50 -54.16
C VAL B 83 -0.82 14.09 -52.76
N LEU B 84 -1.24 13.28 -51.79
CA LEU B 84 -1.40 13.73 -50.42
C LEU B 84 -0.52 12.91 -49.48
N PRO B 85 -0.15 13.47 -48.33
CA PRO B 85 0.68 12.73 -47.37
C PRO B 85 -0.13 11.68 -46.62
N PHE B 86 0.60 10.73 -46.04
CA PHE B 86 0.06 9.64 -45.24
C PHE B 86 0.76 9.59 -43.89
N ASN B 87 0.83 10.74 -43.23
CA ASN B 87 1.65 10.92 -42.04
C ASN B 87 1.54 9.74 -41.08
N ASP B 88 0.34 9.51 -40.54
CA ASP B 88 0.08 8.38 -39.66
C ASP B 88 -1.21 7.64 -39.98
N GLY B 89 -2.09 8.21 -40.78
CA GLY B 89 -3.35 7.59 -41.10
C GLY B 89 -4.21 8.57 -41.86
N VAL B 90 -5.29 8.04 -42.43
CA VAL B 90 -6.18 8.82 -43.26
C VAL B 90 -7.62 8.43 -42.96
N TYR B 91 -8.48 9.43 -42.84
CA TYR B 91 -9.93 9.24 -42.79
C TYR B 91 -10.48 9.76 -44.11
N PHE B 92 -10.77 8.84 -45.02
CA PHE B 92 -11.27 9.18 -46.35
C PHE B 92 -12.77 8.96 -46.38
N ALA B 93 -13.52 10.04 -46.63
CA ALA B 93 -14.97 10.00 -46.72
C ALA B 93 -15.39 10.58 -48.06
N SER B 94 -16.28 9.88 -48.76
CA SER B 94 -16.72 10.28 -50.09
C SER B 94 -18.24 10.31 -50.12
N THR B 95 -18.79 11.46 -50.48
CA THR B 95 -20.23 11.60 -50.73
C THR B 95 -20.42 11.51 -52.23
N GLU B 96 -20.90 10.36 -52.70
CA GLU B 96 -20.94 10.06 -54.13
C GLU B 96 -22.30 9.51 -54.51
N LYS B 97 -22.56 9.52 -55.81
CA LYS B 97 -23.78 8.94 -56.37
C LYS B 97 -23.54 8.20 -57.67
N SER B 98 -22.29 8.07 -58.13
CA SER B 98 -22.01 7.47 -59.43
C SER B 98 -20.83 6.52 -59.41
N ASN B 99 -20.27 6.20 -58.23
CA ASN B 99 -19.10 5.33 -58.13
C ASN B 99 -17.95 5.86 -58.98
N ILE B 100 -17.78 7.19 -59.00
CA ILE B 100 -16.69 7.78 -59.76
C ILE B 100 -15.35 7.44 -59.12
N ILE B 101 -15.31 7.41 -57.79
CA ILE B 101 -14.08 7.04 -57.07
C ILE B 101 -13.98 5.52 -57.06
N ARG B 102 -12.90 5.00 -57.64
CA ARG B 102 -12.73 3.57 -57.79
C ARG B 102 -11.67 2.99 -56.86
N GLY B 103 -10.90 3.82 -56.18
CA GLY B 103 -9.88 3.31 -55.29
C GLY B 103 -8.82 4.36 -55.01
N TRP B 104 -7.69 3.90 -54.50
CA TRP B 104 -6.59 4.77 -54.08
C TRP B 104 -5.27 4.15 -54.49
N ILE B 105 -4.22 4.96 -54.37
CA ILE B 105 -2.85 4.53 -54.57
C ILE B 105 -2.02 4.99 -53.39
N PHE B 106 -1.17 4.11 -52.88
CA PHE B 106 -0.32 4.41 -51.73
C PHE B 106 1.13 4.10 -52.07
N GLY B 107 2.04 4.92 -51.54
CA GLY B 107 3.45 4.72 -51.77
C GLY B 107 4.25 5.91 -51.31
N THR B 108 5.56 5.82 -51.53
CA THR B 108 6.47 6.91 -51.19
C THR B 108 6.73 7.81 -52.40
N THR B 109 7.25 7.23 -53.48
CA THR B 109 7.58 7.98 -54.68
C THR B 109 6.64 7.70 -55.84
N LEU B 110 5.83 6.65 -55.76
CA LEU B 110 4.87 6.32 -56.81
C LEU B 110 5.56 6.14 -58.16
N ASP B 111 6.75 5.54 -58.12
CA ASP B 111 7.52 5.24 -59.32
C ASP B 111 8.08 3.83 -59.21
N SER B 112 8.69 3.37 -60.30
CA SER B 112 9.22 2.01 -60.35
C SER B 112 10.36 1.79 -59.36
N LYS B 113 10.95 2.87 -58.84
CA LYS B 113 12.09 2.72 -57.95
C LYS B 113 11.69 2.07 -56.62
N THR B 114 10.43 2.18 -56.23
CA THR B 114 9.97 1.67 -54.95
C THR B 114 8.65 0.94 -55.13
N GLN B 115 8.37 0.02 -54.21
CA GLN B 115 7.11 -0.69 -54.22
C GLN B 115 5.96 0.25 -53.87
N SER B 116 4.77 -0.08 -54.36
CA SER B 116 3.60 0.75 -54.12
C SER B 116 2.37 -0.15 -54.07
N LEU B 117 1.33 0.35 -53.40
CA LEU B 117 0.08 -0.37 -53.23
C LEU B 117 -1.00 0.27 -54.10
N LEU B 118 -1.78 -0.59 -54.76
CA LEU B 118 -2.86 -0.14 -55.63
C LEU B 118 -4.13 -0.87 -55.24
N ILE B 119 -5.18 -0.11 -54.95
CA ILE B 119 -6.51 -0.64 -54.67
C ILE B 119 -7.46 -0.07 -55.71
N VAL B 120 -8.05 -0.95 -56.52
CA VAL B 120 -9.00 -0.55 -57.55
C VAL B 120 -10.14 -1.57 -57.56
N ASN B 121 -11.24 -1.19 -58.21
CA ASN B 121 -12.49 -1.93 -58.12
C ASN B 121 -13.10 -2.08 -59.50
N ASN B 122 -13.22 -3.32 -59.97
CA ASN B 122 -14.14 -3.61 -61.06
C ASN B 122 -15.51 -3.92 -60.48
N ALA B 123 -16.53 -3.80 -61.32
CA ALA B 123 -17.89 -4.10 -60.91
C ALA B 123 -17.97 -5.49 -60.31
N THR B 124 -18.30 -5.56 -59.02
CA THR B 124 -18.47 -6.80 -58.28
C THR B 124 -17.16 -7.47 -57.91
N ASN B 125 -16.05 -6.72 -57.84
CA ASN B 125 -14.78 -7.30 -57.40
C ASN B 125 -13.78 -6.18 -57.11
N VAL B 126 -12.65 -6.58 -56.53
CA VAL B 126 -11.60 -5.66 -56.12
C VAL B 126 -10.26 -6.23 -56.58
N VAL B 127 -9.34 -5.34 -56.93
CA VAL B 127 -7.98 -5.71 -57.32
C VAL B 127 -7.03 -4.98 -56.39
N ILE B 128 -6.16 -5.74 -55.73
CA ILE B 128 -5.16 -5.19 -54.83
C ILE B 128 -3.80 -5.78 -55.21
N LYS B 129 -2.81 -4.92 -55.35
CA LYS B 129 -1.46 -5.34 -55.72
C LYS B 129 -0.44 -4.51 -54.97
N VAL B 130 0.65 -5.15 -54.58
CA VAL B 130 1.83 -4.47 -54.04
C VAL B 130 2.97 -4.86 -54.97
N CYS B 131 3.18 -4.05 -56.02
CA CYS B 131 4.08 -4.40 -57.08
C CYS B 131 4.68 -3.11 -57.64
N GLU B 132 5.98 -3.13 -57.93
CA GLU B 132 6.65 -1.92 -58.38
C GLU B 132 5.92 -1.33 -59.57
N PHE B 133 5.33 -0.16 -59.39
CA PHE B 133 4.52 0.50 -60.41
C PHE B 133 5.17 1.82 -60.77
N GLN B 134 5.31 2.06 -62.07
CA GLN B 134 5.69 3.39 -62.57
C GLN B 134 4.39 4.15 -62.83
N PHE B 135 3.83 4.67 -61.74
CA PHE B 135 2.50 5.26 -61.82
C PHE B 135 2.48 6.40 -62.83
N CYS B 136 1.38 6.48 -63.55
CA CYS B 136 1.21 7.46 -64.61
C CYS B 136 0.68 8.75 -64.00
N ASN B 137 1.46 9.83 -64.13
CA ASN B 137 1.04 11.14 -63.64
C ASN B 137 -0.37 11.44 -64.11
N ASP B 138 -1.19 11.96 -63.21
CA ASP B 138 -2.62 12.12 -63.45
C ASP B 138 -3.22 10.75 -63.76
N PRO B 139 -3.07 9.79 -62.86
CA PRO B 139 -3.66 8.47 -63.10
C PRO B 139 -5.18 8.53 -62.97
N PHE B 140 -5.86 7.62 -63.66
CA PHE B 140 -7.31 7.69 -63.63
C PHE B 140 -7.87 6.41 -64.25
N LEU B 141 -9.19 6.30 -64.19
CA LEU B 141 -9.96 5.31 -64.94
C LEU B 141 -11.00 6.08 -65.76
N GLY B 142 -11.74 5.35 -66.58
CA GLY B 142 -12.60 5.99 -67.56
C GLY B 142 -13.99 5.39 -67.59
N VAL B 143 -14.92 6.19 -68.09
CA VAL B 143 -16.30 5.77 -68.33
C VAL B 143 -16.72 6.32 -69.68
N TYR B 144 -17.38 5.49 -70.48
CA TYR B 144 -17.85 5.91 -71.79
C TYR B 144 -19.19 6.62 -71.69
N MET B 153 -19.85 0.68 -70.08
CA MET B 153 -19.03 1.89 -70.08
C MET B 153 -17.69 1.63 -69.38
N GLU B 154 -17.07 0.49 -69.68
CA GLU B 154 -15.80 0.13 -69.04
C GLU B 154 -14.73 1.16 -69.36
N SER B 155 -14.44 1.34 -70.65
CA SER B 155 -13.52 2.36 -71.12
C SER B 155 -12.06 2.03 -70.80
N GLU B 156 -11.38 2.88 -70.03
CA GLU B 156 -9.93 3.00 -69.92
C GLU B 156 -9.41 2.49 -68.58
N PHE B 157 -8.15 2.07 -68.58
CA PHE B 157 -7.44 1.62 -67.38
C PHE B 157 -6.03 2.23 -67.36
N ARG B 158 -5.96 3.55 -67.54
CA ARG B 158 -4.69 4.27 -67.52
C ARG B 158 -4.39 4.71 -66.07
N VAL B 159 -3.71 3.85 -65.34
CA VAL B 159 -3.25 4.16 -63.99
C VAL B 159 -1.74 3.97 -63.85
N TYR B 160 -1.21 2.86 -64.38
CA TYR B 160 0.22 2.61 -64.36
C TYR B 160 0.70 2.17 -65.73
N SER B 161 1.96 2.51 -66.03
CA SER B 161 2.60 2.14 -67.27
C SER B 161 3.48 0.90 -67.13
N SER B 162 3.54 0.29 -65.95
CA SER B 162 4.44 -0.82 -65.73
C SER B 162 4.07 -1.52 -64.42
N ALA B 163 4.42 -2.80 -64.34
CA ALA B 163 4.24 -3.59 -63.12
C ALA B 163 5.39 -4.59 -63.06
N ASN B 164 6.27 -4.43 -62.08
CA ASN B 164 7.46 -5.25 -61.95
C ASN B 164 7.64 -5.68 -60.50
N ASN B 165 8.40 -6.76 -60.31
CA ASN B 165 8.67 -7.29 -58.97
C ASN B 165 7.38 -7.41 -58.17
N CYS B 166 6.39 -8.04 -58.76
CA CYS B 166 5.05 -8.10 -58.18
C CYS B 166 4.99 -9.22 -57.14
N THR B 167 4.70 -8.85 -55.90
CA THR B 167 4.78 -9.76 -54.76
C THR B 167 3.43 -10.15 -54.20
N PHE B 168 2.52 -9.20 -54.01
CA PHE B 168 1.25 -9.43 -53.32
C PHE B 168 0.09 -9.18 -54.26
N GLU B 169 -0.91 -10.06 -54.18
CA GLU B 169 -2.14 -9.90 -54.93
C GLU B 169 -3.30 -10.41 -54.07
N TYR B 170 -4.47 -9.81 -54.25
CA TYR B 170 -5.61 -10.13 -53.42
C TYR B 170 -6.87 -9.64 -54.12
N VAL B 171 -7.95 -10.43 -53.99
CA VAL B 171 -9.24 -10.11 -54.59
C VAL B 171 -10.33 -10.40 -53.58
N SER B 172 -11.34 -9.54 -53.55
CA SER B 172 -12.44 -9.68 -52.60
C SER B 172 -13.64 -8.93 -53.15
N GLN B 173 -14.71 -8.90 -52.36
CA GLN B 173 -15.93 -8.24 -52.77
C GLN B 173 -15.71 -6.73 -52.80
N PRO B 174 -16.53 -5.99 -53.56
CA PRO B 174 -16.30 -4.54 -53.69
C PRO B 174 -16.25 -3.85 -52.34
N PHE B 175 -15.26 -2.97 -52.18
CA PHE B 175 -15.19 -2.12 -51.00
C PHE B 175 -16.22 -1.00 -51.09
N LEU B 176 -16.44 -0.48 -52.30
CA LEU B 176 -17.42 0.57 -52.56
C LEU B 176 -18.60 -0.05 -53.27
N MET B 177 -19.79 0.07 -52.68
CA MET B 177 -20.99 -0.52 -53.21
C MET B 177 -22.15 0.46 -53.07
N ASP B 178 -23.13 0.31 -53.96
CA ASP B 178 -24.30 1.18 -53.95
C ASP B 178 -25.47 0.49 -53.27
N ASN B 185 -29.00 14.51 -53.71
CA ASN B 185 -28.06 14.04 -54.72
C ASN B 185 -27.01 13.12 -54.10
N PHE B 186 -26.15 13.68 -53.26
CA PHE B 186 -25.05 12.93 -52.66
C PHE B 186 -25.62 12.12 -51.53
N LYS B 187 -25.94 10.85 -51.80
CA LYS B 187 -26.77 10.04 -50.91
C LYS B 187 -25.98 9.15 -49.96
N ASN B 188 -24.97 8.44 -50.46
CA ASN B 188 -24.22 7.49 -49.66
C ASN B 188 -22.89 8.08 -49.23
N LEU B 189 -22.53 7.85 -47.98
CA LEU B 189 -21.30 8.36 -47.39
C LEU B 189 -20.40 7.16 -47.09
N ARG B 190 -19.43 6.92 -47.96
CA ARG B 190 -18.46 5.84 -47.77
C ARG B 190 -17.28 6.40 -46.99
N GLU B 191 -17.12 5.95 -45.76
CA GLU B 191 -16.04 6.39 -44.89
C GLU B 191 -15.01 5.28 -44.77
N PHE B 192 -13.74 5.62 -44.95
CA PHE B 192 -12.65 4.67 -44.90
C PHE B 192 -11.55 5.20 -44.00
N VAL B 193 -10.92 4.30 -43.26
CA VAL B 193 -9.77 4.62 -42.41
C VAL B 193 -8.63 3.70 -42.79
N PHE B 194 -7.48 4.29 -43.12
CA PHE B 194 -6.31 3.55 -43.56
C PHE B 194 -5.18 3.72 -42.56
N LYS B 195 -4.55 2.60 -42.20
CA LYS B 195 -3.40 2.62 -41.31
C LYS B 195 -2.35 1.67 -41.85
N ASN B 196 -1.10 1.95 -41.51
CA ASN B 196 0.06 1.18 -41.99
C ASN B 196 0.90 0.72 -40.81
N ILE B 197 0.24 0.13 -39.81
CA ILE B 197 0.96 -0.36 -38.64
C ILE B 197 2.01 -1.39 -39.07
N ASP B 198 3.08 -1.47 -38.28
CA ASP B 198 4.26 -2.29 -38.56
C ASP B 198 4.36 -2.74 -40.01
N GLY B 199 3.60 -3.77 -40.39
CA GLY B 199 3.63 -4.26 -41.76
C GLY B 199 2.27 -4.69 -42.25
N TYR B 200 1.22 -4.24 -41.56
CA TYR B 200 -0.15 -4.60 -41.89
C TYR B 200 -0.92 -3.34 -42.26
N PHE B 201 -1.56 -3.37 -43.43
CA PHE B 201 -2.38 -2.27 -43.89
C PHE B 201 -3.83 -2.54 -43.49
N LYS B 202 -4.33 -1.78 -42.52
CA LYS B 202 -5.64 -2.01 -41.95
C LYS B 202 -6.64 -1.03 -42.53
N ILE B 203 -7.81 -1.52 -42.90
CA ILE B 203 -8.86 -0.72 -43.52
C ILE B 203 -10.15 -0.92 -42.74
N TYR B 204 -10.76 0.19 -42.32
CA TYR B 204 -12.05 0.19 -41.65
C TYR B 204 -13.03 0.99 -42.51
N SER B 205 -14.21 0.43 -42.76
CA SER B 205 -15.14 1.01 -43.70
C SER B 205 -16.55 1.01 -43.13
N LYS B 206 -17.37 1.91 -43.64
CA LYS B 206 -18.78 1.98 -43.29
C LYS B 206 -19.52 2.69 -44.42
N HIS B 207 -20.79 2.31 -44.60
CA HIS B 207 -21.66 2.94 -45.59
C HIS B 207 -22.90 3.46 -44.87
N THR B 208 -23.14 4.77 -45.00
CA THR B 208 -24.26 5.43 -44.32
C THR B 208 -25.06 6.19 -45.36
N PRO B 209 -26.33 5.85 -45.58
CA PRO B 209 -27.14 6.64 -46.51
C PRO B 209 -27.63 7.93 -45.87
N ILE B 210 -27.58 9.01 -46.66
CA ILE B 210 -27.98 10.33 -46.22
C ILE B 210 -28.64 11.06 -47.39
N ASN B 211 -29.08 12.29 -47.14
CA ASN B 211 -29.61 13.16 -48.17
C ASN B 211 -28.92 14.51 -48.26
N LEU B 212 -28.05 14.85 -47.29
CA LEU B 212 -27.33 16.10 -47.36
C LEU B 212 -26.43 16.13 -48.58
N VAL B 213 -26.31 17.30 -49.20
CA VAL B 213 -25.58 17.46 -50.45
C VAL B 213 -24.42 18.42 -50.35
N ARG B 214 -24.24 19.11 -49.22
CA ARG B 214 -23.22 20.15 -49.11
C ARG B 214 -21.91 19.59 -48.53
N ASP B 215 -21.97 19.05 -47.33
CA ASP B 215 -20.75 18.62 -46.63
C ASP B 215 -21.09 17.42 -45.76
N LEU B 216 -20.22 17.11 -44.81
CA LEU B 216 -20.41 15.95 -43.96
C LEU B 216 -21.70 16.09 -43.17
N PRO B 217 -22.44 15.00 -42.95
CA PRO B 217 -23.62 15.07 -42.08
C PRO B 217 -23.21 14.94 -40.62
N GLN B 218 -23.49 15.99 -39.84
CA GLN B 218 -23.21 15.94 -38.42
C GLN B 218 -24.01 14.79 -37.78
N GLY B 219 -23.31 13.95 -37.04
CA GLY B 219 -23.94 12.78 -36.45
C GLY B 219 -22.91 11.80 -35.91
N PHE B 220 -23.19 10.50 -36.05
CA PHE B 220 -22.29 9.49 -35.55
C PHE B 220 -22.40 8.22 -36.38
N SER B 221 -21.26 7.54 -36.55
CA SER B 221 -21.22 6.24 -37.21
C SER B 221 -19.85 5.60 -37.00
N ALA B 222 -19.83 4.31 -36.66
CA ALA B 222 -18.60 3.61 -36.37
C ALA B 222 -18.17 2.78 -37.57
N LEU B 223 -16.85 2.69 -37.75
CA LEU B 223 -16.26 1.98 -38.89
C LEU B 223 -15.82 0.59 -38.42
N GLU B 224 -16.32 -0.42 -39.08
CA GLU B 224 -15.94 -1.78 -38.74
C GLU B 224 -14.72 -2.20 -39.54
N PRO B 225 -13.89 -3.10 -39.00
CA PRO B 225 -12.71 -3.54 -39.74
C PRO B 225 -13.10 -4.30 -41.00
N LEU B 226 -12.26 -4.19 -42.01
CA LEU B 226 -12.49 -4.83 -43.31
C LEU B 226 -11.43 -5.85 -43.66
N VAL B 227 -10.15 -5.45 -43.64
CA VAL B 227 -9.05 -6.34 -43.98
C VAL B 227 -7.80 -5.87 -43.23
N ASP B 228 -6.78 -6.71 -43.24
CA ASP B 228 -5.46 -6.38 -42.68
C ASP B 228 -4.42 -6.94 -43.65
N LEU B 229 -4.03 -6.13 -44.63
CA LEU B 229 -3.18 -6.61 -45.70
C LEU B 229 -1.72 -6.62 -45.25
N PRO B 230 -1.01 -7.76 -45.34
CA PRO B 230 0.41 -7.79 -44.95
C PRO B 230 1.34 -7.34 -46.08
N ILE B 231 1.13 -6.11 -46.54
CA ILE B 231 1.92 -5.59 -47.66
C ILE B 231 3.38 -5.42 -47.26
N GLY B 232 3.62 -4.94 -46.05
CA GLY B 232 4.98 -4.81 -45.54
C GLY B 232 5.83 -3.84 -46.35
N ILE B 233 5.31 -2.63 -46.59
CA ILE B 233 6.00 -1.62 -47.37
C ILE B 233 6.07 -0.33 -46.56
N ASN B 234 6.63 0.70 -47.19
CA ASN B 234 6.77 2.02 -46.61
C ASN B 234 5.85 2.98 -47.34
N ILE B 235 5.01 3.69 -46.59
CA ILE B 235 4.01 4.59 -47.17
C ILE B 235 4.16 5.97 -46.56
N THR B 236 4.27 6.97 -47.42
CA THR B 236 4.27 8.38 -47.00
C THR B 236 3.34 9.25 -47.82
N ARG B 237 2.92 8.81 -49.00
CA ARG B 237 2.04 9.58 -49.87
C ARG B 237 0.96 8.66 -50.43
N PHE B 238 -0.15 9.26 -50.82
CA PHE B 238 -1.23 8.50 -51.43
C PHE B 238 -2.02 9.42 -52.36
N GLN B 239 -2.76 8.80 -53.27
CA GLN B 239 -3.57 9.53 -54.23
C GLN B 239 -4.85 8.75 -54.50
N THR B 240 -5.86 9.48 -54.96
CA THR B 240 -7.17 8.91 -55.25
C THR B 240 -7.33 8.71 -56.75
N LEU B 241 -8.13 7.72 -57.12
CA LEU B 241 -8.37 7.37 -58.53
C LEU B 241 -9.84 7.65 -58.84
N LEU B 242 -10.07 8.63 -59.72
CA LEU B 242 -11.41 9.02 -60.13
C LEU B 242 -11.61 8.68 -61.59
N ALA B 243 -12.79 8.16 -61.91
CA ALA B 243 -13.14 7.81 -63.28
C ALA B 243 -13.67 9.03 -64.02
N LEU B 244 -13.44 9.05 -65.33
CA LEU B 244 -13.87 10.14 -66.19
C LEU B 244 -14.97 9.67 -67.13
N HIS B 245 -15.83 10.61 -67.52
CA HIS B 245 -16.95 10.35 -68.40
C HIS B 245 -16.68 11.01 -69.76
N ARG B 246 -16.65 10.19 -70.81
CA ARG B 246 -16.47 10.67 -72.19
C ARG B 246 -17.47 9.90 -73.05
N SER B 247 -18.68 10.44 -73.18
CA SER B 247 -19.76 9.75 -73.88
C SER B 247 -20.28 10.52 -75.09
N TRP B 248 -20.69 11.78 -74.90
CA TRP B 248 -21.41 12.47 -75.97
C TRP B 248 -20.52 12.73 -77.17
N LEU B 249 -19.26 13.09 -76.95
CA LEU B 249 -18.31 13.24 -78.04
C LEU B 249 -16.91 12.93 -77.53
N THR B 250 -16.09 12.35 -78.41
CA THR B 250 -14.76 11.86 -78.05
C THR B 250 -13.72 12.47 -78.98
N PRO B 251 -13.08 13.59 -78.57
CA PRO B 251 -11.94 14.09 -79.34
C PRO B 251 -10.68 13.35 -78.98
N GLY B 252 -9.53 13.78 -79.49
CA GLY B 252 -8.27 13.23 -79.03
C GLY B 252 -8.23 13.27 -77.51
N ASP B 253 -8.18 12.09 -76.88
CA ASP B 253 -8.35 12.02 -75.44
C ASP B 253 -7.12 12.56 -74.71
N SER B 254 -6.87 13.85 -74.88
CA SER B 254 -5.90 14.62 -74.11
C SER B 254 -6.65 15.26 -72.94
N SER B 255 -6.06 16.29 -72.32
CA SER B 255 -6.77 17.01 -71.27
C SER B 255 -7.92 17.77 -71.90
N SER B 256 -8.90 17.03 -72.41
CA SER B 256 -10.01 17.56 -73.16
C SER B 256 -10.98 16.42 -73.44
N GLY B 257 -12.20 16.78 -73.79
CA GLY B 257 -13.20 15.77 -74.11
C GLY B 257 -13.57 14.89 -72.95
N TRP B 258 -13.34 15.33 -71.72
CA TRP B 258 -13.64 14.56 -70.53
C TRP B 258 -14.46 15.40 -69.56
N THR B 259 -15.26 14.72 -68.75
CA THR B 259 -16.11 15.37 -67.77
C THR B 259 -16.24 14.46 -66.56
N ALA B 260 -16.23 15.07 -65.37
CA ALA B 260 -16.36 14.35 -64.11
C ALA B 260 -17.69 14.73 -63.47
N GLY B 261 -18.49 13.72 -63.15
CA GLY B 261 -19.73 13.96 -62.43
C GLY B 261 -19.47 14.53 -61.06
N ALA B 262 -20.51 15.15 -60.49
CA ALA B 262 -20.35 15.80 -59.20
C ALA B 262 -19.85 14.79 -58.17
N ALA B 263 -18.78 15.15 -57.47
CA ALA B 263 -18.10 14.22 -56.58
C ALA B 263 -17.11 14.98 -55.73
N ALA B 264 -16.96 14.54 -54.48
CA ALA B 264 -16.02 15.15 -53.56
C ALA B 264 -15.63 14.14 -52.50
N TYR B 265 -14.43 14.31 -51.94
CA TYR B 265 -13.96 13.46 -50.87
C TYR B 265 -13.24 14.32 -49.83
N TYR B 266 -13.25 13.83 -48.60
CA TYR B 266 -12.67 14.54 -47.46
C TYR B 266 -11.54 13.70 -46.88
N VAL B 267 -10.41 14.34 -46.61
CA VAL B 267 -9.21 13.66 -46.12
C VAL B 267 -8.89 14.21 -44.74
N GLY B 268 -8.79 13.33 -43.77
CA GLY B 268 -8.40 13.71 -42.42
C GLY B 268 -7.30 12.82 -41.91
N TYR B 269 -6.36 13.41 -41.19
CA TYR B 269 -5.17 12.72 -40.72
C TYR B 269 -5.32 12.36 -39.25
N LEU B 270 -5.13 11.07 -38.95
CA LEU B 270 -5.29 10.58 -37.59
C LEU B 270 -4.06 10.92 -36.75
N GLN B 271 -4.27 11.02 -35.45
CA GLN B 271 -3.20 11.26 -34.49
C GLN B 271 -3.44 10.39 -33.27
N PRO B 272 -2.37 10.05 -32.53
CA PRO B 272 -2.57 9.28 -31.29
C PRO B 272 -3.43 10.04 -30.30
N ARG B 273 -4.61 9.50 -30.02
CA ARG B 273 -5.57 10.16 -29.14
C ARG B 273 -6.24 9.14 -28.25
N THR B 274 -6.69 9.59 -27.09
CA THR B 274 -7.40 8.76 -26.13
C THR B 274 -8.89 9.05 -26.26
N PHE B 275 -9.67 8.01 -26.55
CA PHE B 275 -11.10 8.13 -26.78
C PHE B 275 -11.85 7.33 -25.73
N LEU B 276 -12.97 7.90 -25.27
CA LEU B 276 -13.90 7.21 -24.40
C LEU B 276 -15.08 6.76 -25.24
N LEU B 277 -15.24 5.46 -25.39
CA LEU B 277 -16.23 4.88 -26.30
C LEU B 277 -17.41 4.33 -25.50
N LYS B 278 -18.61 4.74 -25.89
CA LYS B 278 -19.83 4.21 -25.32
C LYS B 278 -20.28 2.99 -26.11
N TYR B 279 -20.92 2.06 -25.41
CA TYR B 279 -21.46 0.86 -26.03
C TYR B 279 -22.89 0.65 -25.55
N ASN B 280 -23.76 0.25 -26.47
CA ASN B 280 -25.16 -0.01 -26.16
C ASN B 280 -25.36 -1.50 -25.89
N GLU B 281 -26.62 -1.88 -25.67
CA GLU B 281 -26.93 -3.28 -25.41
C GLU B 281 -26.57 -4.15 -26.61
N ASN B 282 -26.88 -3.68 -27.82
CA ASN B 282 -26.61 -4.48 -29.01
C ASN B 282 -25.11 -4.72 -29.18
N GLY B 283 -24.28 -3.78 -28.75
CA GLY B 283 -22.85 -3.84 -28.96
C GLY B 283 -22.30 -2.74 -29.84
N THR B 284 -23.14 -1.86 -30.38
CA THR B 284 -22.68 -0.76 -31.20
C THR B 284 -22.22 0.40 -30.32
N ILE B 285 -21.37 1.25 -30.89
CA ILE B 285 -20.75 2.31 -30.10
C ILE B 285 -21.74 3.44 -29.83
N THR B 286 -22.19 4.11 -30.89
CA THR B 286 -23.28 5.09 -30.81
C THR B 286 -22.87 6.41 -30.16
N ASP B 287 -21.66 6.49 -29.62
CA ASP B 287 -21.19 7.73 -29.01
C ASP B 287 -19.74 7.57 -28.60
N ALA B 288 -19.08 8.71 -28.41
CA ALA B 288 -17.67 8.72 -28.02
C ALA B 288 -17.31 10.13 -27.56
N VAL B 289 -16.14 10.23 -26.92
CA VAL B 289 -15.62 11.49 -26.41
C VAL B 289 -14.14 11.57 -26.71
N ASP B 290 -13.69 12.75 -27.16
CA ASP B 290 -12.28 13.02 -27.39
C ASP B 290 -11.71 13.71 -26.16
N CYS B 291 -10.91 12.98 -25.40
CA CYS B 291 -10.49 13.46 -24.09
C CYS B 291 -9.69 14.75 -24.19
N ALA B 292 -8.80 14.84 -25.17
CA ALA B 292 -7.91 15.98 -25.31
C ALA B 292 -8.49 17.12 -26.13
N LEU B 293 -9.74 16.99 -26.60
CA LEU B 293 -10.34 18.06 -27.38
C LEU B 293 -10.39 19.36 -26.59
N ASP B 294 -10.89 19.29 -25.36
CA ASP B 294 -11.02 20.47 -24.51
C ASP B 294 -11.07 20.00 -23.07
N PRO B 295 -10.88 20.91 -22.10
CA PRO B 295 -10.89 20.48 -20.69
C PRO B 295 -12.18 19.80 -20.28
N LEU B 296 -13.31 20.22 -20.84
CA LEU B 296 -14.59 19.58 -20.50
C LEU B 296 -14.58 18.11 -20.88
N SER B 297 -14.12 17.80 -22.09
CA SER B 297 -14.09 16.41 -22.51
C SER B 297 -13.05 15.62 -21.72
N GLU B 298 -11.94 16.25 -21.35
CA GLU B 298 -10.97 15.57 -20.51
C GLU B 298 -11.58 15.22 -19.16
N THR B 299 -12.37 16.14 -18.60
CA THR B 299 -13.08 15.85 -17.36
C THR B 299 -14.07 14.70 -17.54
N LYS B 300 -14.82 14.72 -18.64
CA LYS B 300 -15.78 13.64 -18.90
C LYS B 300 -15.07 12.30 -18.98
N CYS B 301 -13.91 12.26 -19.63
CA CYS B 301 -13.13 11.04 -19.68
C CYS B 301 -12.67 10.63 -18.29
N THR B 302 -12.25 11.60 -17.47
CA THR B 302 -11.80 11.29 -16.12
C THR B 302 -12.92 10.66 -15.30
N LEU B 303 -14.12 11.22 -15.38
CA LEU B 303 -15.26 10.68 -14.64
C LEU B 303 -15.85 9.44 -15.28
N LYS B 304 -15.39 9.07 -16.49
CA LYS B 304 -15.94 7.94 -17.21
C LYS B 304 -17.45 8.09 -17.39
N SER B 305 -17.88 9.29 -17.75
CA SER B 305 -19.29 9.57 -17.98
C SER B 305 -19.42 10.67 -19.01
N PHE B 306 -20.56 10.70 -19.67
CA PHE B 306 -20.87 11.71 -20.68
C PHE B 306 -21.61 12.91 -20.10
N THR B 307 -21.93 12.89 -18.80
CA THR B 307 -22.64 13.98 -18.16
C THR B 307 -21.86 14.45 -16.94
N VAL B 308 -21.68 15.76 -16.82
CA VAL B 308 -20.95 16.38 -15.72
C VAL B 308 -21.96 17.20 -14.93
N GLU B 309 -22.13 16.87 -13.66
CA GLU B 309 -22.99 17.68 -12.81
C GLU B 309 -22.31 19.02 -12.52
N LYS B 310 -23.14 20.01 -12.17
CA LYS B 310 -22.63 21.34 -11.92
C LYS B 310 -21.54 21.30 -10.84
N GLY B 311 -20.46 22.03 -11.09
CA GLY B 311 -19.38 22.11 -10.13
C GLY B 311 -18.10 22.58 -10.81
N ILE B 312 -17.00 22.42 -10.10
CA ILE B 312 -15.67 22.74 -10.59
C ILE B 312 -14.81 21.51 -10.44
N TYR B 313 -14.04 21.20 -11.49
CA TYR B 313 -13.22 20.00 -11.54
C TYR B 313 -11.79 20.37 -11.91
N GLN B 314 -10.85 19.57 -11.42
CA GLN B 314 -9.44 19.77 -11.68
C GLN B 314 -9.00 18.85 -12.81
N THR B 315 -8.46 19.45 -13.87
CA THR B 315 -7.99 18.74 -15.03
C THR B 315 -6.47 18.64 -14.99
N SER B 316 -5.89 18.10 -16.06
CA SER B 316 -4.45 17.95 -16.12
C SER B 316 -3.77 19.30 -16.12
N ASN B 317 -2.58 19.34 -15.56
CA ASN B 317 -1.79 20.56 -15.56
C ASN B 317 -1.51 20.99 -16.99
N PHE B 318 -1.17 22.26 -17.14
CA PHE B 318 -1.02 22.84 -18.47
C PHE B 318 0.17 22.21 -19.18
N ARG B 319 -0.09 21.49 -20.26
CA ARG B 319 0.97 20.96 -21.09
C ARG B 319 1.27 21.87 -22.27
N VAL B 320 2.55 21.91 -22.63
CA VAL B 320 3.00 22.49 -23.88
C VAL B 320 3.81 21.41 -24.60
N GLN B 321 3.39 21.06 -25.79
CA GLN B 321 4.08 20.01 -26.52
C GLN B 321 5.32 20.58 -27.21
N PRO B 322 6.44 19.87 -27.19
CA PRO B 322 7.64 20.38 -27.85
C PRO B 322 7.46 20.46 -29.37
N THR B 323 8.14 21.44 -29.96
CA THR B 323 8.09 21.68 -31.39
C THR B 323 9.31 21.15 -32.13
N GLU B 324 10.50 21.30 -31.56
CA GLU B 324 11.74 20.89 -32.17
C GLU B 324 12.29 19.65 -31.48
N SER B 325 13.38 19.12 -32.03
CA SER B 325 14.05 17.95 -31.47
C SER B 325 15.52 18.08 -31.83
N ILE B 326 16.32 18.53 -30.87
CA ILE B 326 17.71 18.88 -31.13
C ILE B 326 18.60 17.74 -30.66
N VAL B 327 19.84 17.76 -31.15
CA VAL B 327 20.87 16.81 -30.74
C VAL B 327 22.18 17.57 -30.63
N ARG B 328 22.92 17.29 -29.55
CA ARG B 328 24.18 17.98 -29.27
C ARG B 328 25.23 16.95 -28.88
N PHE B 329 26.04 16.54 -29.86
CA PHE B 329 27.18 15.67 -29.64
C PHE B 329 28.47 16.45 -29.87
N PRO B 330 29.57 16.04 -29.25
CA PRO B 330 30.85 16.71 -29.52
C PRO B 330 31.22 16.58 -31.00
N ASN B 331 31.83 17.63 -31.53
CA ASN B 331 32.21 17.65 -32.94
C ASN B 331 33.45 16.80 -33.12
N ILE B 332 33.23 15.53 -33.46
CA ILE B 332 34.29 14.56 -33.66
C ILE B 332 34.14 13.98 -35.05
N THR B 333 35.24 13.94 -35.81
CA THR B 333 35.23 13.43 -37.17
C THR B 333 35.96 12.10 -37.32
N ASN B 334 36.79 11.73 -36.35
CA ASN B 334 37.57 10.50 -36.44
C ASN B 334 36.70 9.29 -36.15
N LEU B 335 37.02 8.19 -36.81
CA LEU B 335 36.29 6.93 -36.63
C LEU B 335 37.06 6.00 -35.72
N CYS B 336 36.33 5.24 -34.91
CA CYS B 336 36.94 4.42 -33.88
C CYS B 336 37.81 3.33 -34.50
N PRO B 337 38.87 2.92 -33.80
CA PRO B 337 39.78 1.91 -34.37
C PRO B 337 39.14 0.53 -34.45
N PHE B 338 38.09 0.41 -35.27
CA PHE B 338 37.44 -0.87 -35.45
C PHE B 338 38.40 -1.88 -36.06
N GLY B 339 39.20 -1.45 -37.04
CA GLY B 339 40.10 -2.38 -37.70
C GLY B 339 41.18 -2.94 -36.79
N GLU B 340 41.77 -2.08 -35.97
CA GLU B 340 42.87 -2.52 -35.11
C GLU B 340 42.37 -3.47 -34.02
N VAL B 341 41.11 -3.34 -33.62
CA VAL B 341 40.58 -4.18 -32.54
C VAL B 341 39.98 -5.47 -33.08
N PHE B 342 39.27 -5.40 -34.20
CA PHE B 342 38.59 -6.56 -34.76
C PHE B 342 39.34 -7.19 -35.93
N ASN B 343 40.13 -6.41 -36.65
CA ASN B 343 40.77 -6.84 -37.89
C ASN B 343 42.28 -6.80 -37.76
N ALA B 344 42.78 -7.19 -36.59
CA ALA B 344 44.21 -7.20 -36.31
C ALA B 344 44.68 -8.63 -36.08
N THR B 345 45.78 -8.99 -36.72
CA THR B 345 46.41 -10.27 -36.45
C THR B 345 47.07 -10.24 -35.08
N ARG B 346 47.52 -11.41 -34.63
CA ARG B 346 48.36 -11.51 -33.44
C ARG B 346 47.64 -10.99 -32.20
N PHE B 347 46.52 -11.64 -31.89
CA PHE B 347 45.79 -11.33 -30.67
C PHE B 347 46.50 -11.91 -29.46
N ALA B 348 46.10 -11.44 -28.29
CA ALA B 348 46.72 -11.83 -27.04
C ALA B 348 46.09 -13.10 -26.48
N SER B 349 46.82 -13.76 -25.60
CA SER B 349 46.31 -14.92 -24.89
C SER B 349 45.35 -14.49 -23.80
N VAL B 350 44.43 -15.39 -23.43
CA VAL B 350 43.41 -15.06 -22.45
C VAL B 350 44.04 -14.76 -21.11
N TYR B 351 45.09 -15.49 -20.74
CA TYR B 351 45.73 -15.27 -19.45
C TYR B 351 46.42 -13.92 -19.37
N ALA B 352 46.71 -13.30 -20.51
CA ALA B 352 47.34 -11.99 -20.59
C ALA B 352 46.53 -11.07 -21.49
N TRP B 353 45.21 -11.05 -21.27
CA TRP B 353 44.31 -10.30 -22.13
C TRP B 353 44.75 -8.84 -22.22
N ASN B 354 44.80 -8.34 -23.45
CA ASN B 354 45.19 -6.96 -23.68
C ASN B 354 44.00 -6.02 -23.52
N ARG B 355 44.25 -4.86 -22.94
CA ARG B 355 43.24 -3.83 -22.76
C ARG B 355 43.67 -2.59 -23.52
N LYS B 356 42.81 -2.11 -24.40
CA LYS B 356 43.08 -0.94 -25.23
C LYS B 356 42.09 0.16 -24.88
N ARG B 357 42.60 1.38 -24.73
CA ARG B 357 41.76 2.54 -24.50
C ARG B 357 41.27 3.10 -25.83
N ILE B 358 40.03 3.58 -25.83
CA ILE B 358 39.40 4.12 -27.02
C ILE B 358 38.80 5.48 -26.66
N SER B 359 39.12 6.49 -27.47
CA SER B 359 38.67 7.84 -27.18
C SER B 359 38.74 8.69 -28.43
N ASN B 360 37.87 9.70 -28.50
CA ASN B 360 37.89 10.71 -29.55
C ASN B 360 37.63 10.08 -30.91
N CYS B 361 36.49 9.41 -30.99
CA CYS B 361 36.14 8.68 -32.21
C CYS B 361 34.64 8.46 -32.27
N VAL B 362 34.12 8.44 -33.48
CA VAL B 362 32.72 8.12 -33.72
C VAL B 362 32.58 6.61 -33.87
N ALA B 363 31.55 6.04 -33.26
CA ALA B 363 31.32 4.60 -33.24
C ALA B 363 30.21 4.26 -34.23
N ASP B 364 30.59 4.09 -35.49
CA ASP B 364 29.68 3.64 -36.54
C ASP B 364 30.05 2.19 -36.84
N TYR B 365 29.40 1.27 -36.13
CA TYR B 365 29.70 -0.15 -36.28
C TYR B 365 29.20 -0.72 -37.60
N SER B 366 28.45 0.06 -38.37
CA SER B 366 28.02 -0.40 -39.69
C SER B 366 29.20 -0.71 -40.59
N VAL B 367 30.37 -0.15 -40.31
CA VAL B 367 31.57 -0.43 -41.10
C VAL B 367 31.97 -1.89 -40.99
N LEU B 368 31.54 -2.57 -39.92
CA LEU B 368 31.90 -3.97 -39.70
C LEU B 368 31.02 -4.94 -40.49
N TYR B 369 29.92 -4.46 -41.07
CA TYR B 369 28.98 -5.36 -41.72
C TYR B 369 29.63 -6.07 -42.90
N ASN B 370 30.37 -5.34 -43.73
CA ASN B 370 31.00 -5.95 -44.89
C ASN B 370 32.24 -6.75 -44.53
N SER B 371 32.92 -6.39 -43.43
CA SER B 371 34.20 -7.00 -43.11
C SER B 371 34.04 -8.34 -42.41
N ALA B 372 33.41 -8.34 -41.23
CA ALA B 372 33.37 -9.53 -40.39
C ALA B 372 31.96 -9.74 -39.86
N SER B 373 31.67 -10.99 -39.51
CA SER B 373 30.41 -11.39 -38.91
C SER B 373 30.70 -12.03 -37.56
N PHE B 374 29.94 -11.65 -36.54
CA PHE B 374 30.16 -12.09 -35.18
C PHE B 374 29.15 -13.16 -34.81
N SER B 375 29.65 -14.33 -34.39
CA SER B 375 28.77 -15.39 -33.96
C SER B 375 28.05 -15.02 -32.66
N THR B 376 28.71 -14.26 -31.79
CA THR B 376 28.16 -13.87 -30.50
C THR B 376 28.24 -12.36 -30.36
N PHE B 377 27.14 -11.77 -29.89
CA PHE B 377 27.10 -10.32 -29.64
C PHE B 377 26.05 -10.08 -28.57
N LYS B 378 26.51 -9.89 -27.33
CA LYS B 378 25.64 -9.66 -26.19
C LYS B 378 26.02 -8.34 -25.54
N CYS B 379 25.02 -7.50 -25.29
CA CYS B 379 25.23 -6.19 -24.67
C CYS B 379 24.53 -6.17 -23.33
N TYR B 380 25.28 -5.94 -22.26
CA TYR B 380 24.76 -5.90 -20.90
C TYR B 380 24.65 -4.45 -20.45
N GLY B 381 23.50 -4.09 -19.89
CA GLY B 381 23.27 -2.75 -19.41
C GLY B 381 22.86 -1.75 -20.48
N VAL B 382 22.65 -2.19 -21.72
CA VAL B 382 22.28 -1.30 -22.79
C VAL B 382 21.67 -2.14 -23.91
N SER B 383 20.71 -1.56 -24.62
CA SER B 383 20.11 -2.27 -25.75
C SER B 383 20.90 -2.00 -27.02
N PRO B 384 21.08 -3.00 -27.88
CA PRO B 384 21.85 -2.75 -29.12
C PRO B 384 21.24 -1.66 -29.99
N THR B 385 19.92 -1.55 -30.00
CA THR B 385 19.28 -0.56 -30.87
C THR B 385 19.66 0.86 -30.48
N LYS B 386 19.97 1.10 -29.21
CA LYS B 386 20.27 2.43 -28.71
C LYS B 386 21.74 2.79 -28.82
N LEU B 387 22.58 1.88 -29.30
CA LEU B 387 24.01 2.18 -29.40
C LEU B 387 24.29 3.32 -30.37
N ASN B 388 23.41 3.51 -31.36
CA ASN B 388 23.58 4.58 -32.33
C ASN B 388 23.13 5.94 -31.80
N ASP B 389 22.50 5.98 -30.63
CA ASP B 389 21.96 7.21 -30.06
C ASP B 389 22.58 7.52 -28.70
N LEU B 390 23.79 7.02 -28.46
CA LEU B 390 24.42 7.12 -27.16
C LEU B 390 25.87 7.55 -27.30
N CYS B 391 26.41 8.08 -26.22
CA CYS B 391 27.82 8.44 -26.11
C CYS B 391 28.39 7.76 -24.87
N PHE B 392 29.63 7.28 -24.99
CA PHE B 392 30.24 6.41 -23.99
C PHE B 392 31.42 7.11 -23.33
N THR B 393 31.53 6.91 -22.01
CA THR B 393 32.49 7.68 -21.22
C THR B 393 33.90 7.06 -21.27
N ASN B 394 34.04 5.84 -20.75
CA ASN B 394 35.34 5.19 -20.60
C ASN B 394 35.29 3.86 -21.32
N VAL B 395 35.64 3.87 -22.61
CA VAL B 395 35.57 2.69 -23.44
C VAL B 395 36.91 1.97 -23.40
N TYR B 396 36.87 0.68 -23.07
CA TYR B 396 38.06 -0.17 -23.04
C TYR B 396 37.75 -1.44 -23.82
N ALA B 397 38.66 -1.83 -24.69
CA ALA B 397 38.50 -3.02 -25.52
C ALA B 397 39.44 -4.10 -24.98
N ASP B 398 38.87 -5.16 -24.42
CA ASP B 398 39.62 -6.28 -23.90
C ASP B 398 39.56 -7.41 -24.91
N SER B 399 40.72 -7.78 -25.45
CA SER B 399 40.80 -8.75 -26.52
C SER B 399 41.62 -9.96 -26.07
N PHE B 400 41.25 -11.13 -26.57
CA PHE B 400 41.96 -12.37 -26.28
C PHE B 400 41.35 -13.46 -27.15
N VAL B 401 41.95 -14.65 -27.08
CA VAL B 401 41.56 -15.79 -27.91
C VAL B 401 41.30 -16.98 -27.00
N ILE B 402 40.21 -17.69 -27.27
CA ILE B 402 39.83 -18.89 -26.55
C ILE B 402 39.16 -19.85 -27.51
N ARG B 403 38.76 -21.01 -27.01
CA ARG B 403 38.04 -21.99 -27.80
C ARG B 403 36.53 -21.76 -27.69
N GLY B 404 35.79 -22.31 -28.64
CA GLY B 404 34.37 -22.02 -28.72
C GLY B 404 33.61 -22.46 -27.48
N ASP B 405 33.99 -23.61 -26.92
CA ASP B 405 33.32 -24.11 -25.72
C ASP B 405 33.37 -23.13 -24.57
N GLU B 406 34.37 -22.25 -24.56
CA GLU B 406 34.62 -21.36 -23.44
C GLU B 406 34.05 -19.97 -23.65
N VAL B 407 33.39 -19.70 -24.79
CA VAL B 407 32.84 -18.38 -25.03
C VAL B 407 31.70 -18.10 -24.05
N ARG B 408 30.90 -19.11 -23.72
CA ARG B 408 29.84 -18.94 -22.75
C ARG B 408 30.37 -18.43 -21.42
N GLN B 409 31.59 -18.83 -21.06
CA GLN B 409 32.18 -18.40 -19.79
C GLN B 409 32.42 -16.91 -19.75
N ILE B 410 32.40 -16.23 -20.90
CA ILE B 410 32.64 -14.79 -20.94
C ILE B 410 31.29 -14.12 -20.71
N ALA B 411 30.91 -14.05 -19.44
CA ALA B 411 29.67 -13.40 -19.03
C ALA B 411 29.61 -13.36 -17.52
N PRO B 412 28.95 -12.36 -16.93
CA PRO B 412 28.88 -12.31 -15.46
C PRO B 412 28.17 -13.53 -14.90
N GLY B 413 28.68 -14.00 -13.75
CA GLY B 413 28.07 -15.10 -13.04
C GLY B 413 28.50 -16.48 -13.48
N GLN B 414 29.31 -16.59 -14.53
CA GLN B 414 29.72 -17.89 -15.02
C GLN B 414 30.91 -18.41 -14.23
N THR B 415 31.20 -19.69 -14.43
CA THR B 415 32.32 -20.35 -13.77
C THR B 415 33.01 -21.27 -14.77
N GLY B 416 34.26 -21.58 -14.46
CA GLY B 416 35.08 -22.37 -15.35
C GLY B 416 36.52 -21.90 -15.24
N LYS B 417 37.38 -22.57 -16.01
CA LYS B 417 38.80 -22.21 -15.97
C LYS B 417 39.00 -20.76 -16.44
N ILE B 418 38.33 -20.37 -17.52
CA ILE B 418 38.50 -19.03 -18.05
C ILE B 418 37.99 -18.00 -17.06
N ALA B 419 36.74 -18.15 -16.61
CA ALA B 419 36.14 -17.16 -15.73
C ALA B 419 36.87 -17.10 -14.38
N ASP B 420 37.28 -18.26 -13.87
CA ASP B 420 37.82 -18.30 -12.52
C ASP B 420 39.30 -17.95 -12.46
N TYR B 421 40.06 -18.22 -13.53
CA TYR B 421 41.50 -18.10 -13.49
C TYR B 421 42.10 -17.13 -14.49
N ASN B 422 41.43 -16.89 -15.61
CA ASN B 422 42.01 -16.10 -16.70
C ASN B 422 41.35 -14.73 -16.86
N TYR B 423 40.03 -14.69 -17.02
CA TYR B 423 39.34 -13.45 -17.29
C TYR B 423 37.95 -13.51 -16.65
N LYS B 424 37.70 -12.62 -15.71
CA LYS B 424 36.43 -12.56 -15.00
C LYS B 424 35.76 -11.21 -15.21
N LEU B 425 34.45 -11.24 -15.44
CA LEU B 425 33.68 -10.02 -15.62
C LEU B 425 32.89 -9.70 -14.35
N PRO B 426 32.74 -8.43 -14.01
CA PRO B 426 31.93 -8.08 -12.83
C PRO B 426 30.47 -8.41 -13.04
N ASP B 427 29.79 -8.69 -11.93
CA ASP B 427 28.35 -8.95 -11.99
C ASP B 427 27.61 -7.71 -12.50
N ASP B 428 27.99 -6.53 -12.02
CA ASP B 428 27.38 -5.28 -12.49
C ASP B 428 28.19 -4.74 -13.67
N PHE B 429 28.09 -5.46 -14.78
CA PHE B 429 28.88 -5.20 -15.97
C PHE B 429 28.03 -4.43 -16.98
N THR B 430 28.53 -3.27 -17.40
CA THR B 430 27.93 -2.49 -18.47
C THR B 430 28.86 -2.53 -19.68
N GLY B 431 28.39 -3.08 -20.78
CA GLY B 431 29.21 -3.23 -21.95
C GLY B 431 28.64 -4.28 -22.88
N CYS B 432 29.47 -4.65 -23.86
CA CYS B 432 29.08 -5.62 -24.87
C CYS B 432 30.20 -6.64 -25.06
N VAL B 433 29.81 -7.87 -25.39
CA VAL B 433 30.73 -8.98 -25.60
C VAL B 433 30.59 -9.43 -27.04
N ILE B 434 31.72 -9.54 -27.74
CA ILE B 434 31.76 -9.87 -29.15
C ILE B 434 32.72 -11.02 -29.35
N ALA B 435 32.37 -11.94 -30.25
CA ALA B 435 33.22 -13.09 -30.55
C ALA B 435 32.95 -13.54 -31.97
N TRP B 436 33.96 -14.14 -32.59
CA TRP B 436 33.84 -14.68 -33.92
C TRP B 436 34.94 -15.72 -34.14
N ASN B 437 34.60 -16.76 -34.90
CA ASN B 437 35.56 -17.82 -35.16
C ASN B 437 36.74 -17.28 -35.96
N SER B 438 37.93 -17.82 -35.67
CA SER B 438 39.17 -17.42 -36.34
C SER B 438 40.00 -18.65 -36.66
N ASN B 439 39.35 -19.73 -37.07
CA ASN B 439 40.09 -20.94 -37.43
C ASN B 439 41.01 -20.69 -38.61
N ASN B 440 40.54 -19.93 -39.60
CA ASN B 440 41.35 -19.64 -40.77
C ASN B 440 42.57 -18.79 -40.45
N LEU B 441 42.60 -18.14 -39.29
CA LEU B 441 43.68 -17.24 -38.90
C LEU B 441 44.54 -17.80 -37.78
N ASP B 442 43.92 -18.19 -36.66
CA ASP B 442 44.64 -18.64 -35.48
C ASP B 442 44.83 -20.15 -35.44
N SER B 443 44.86 -20.80 -36.60
CA SER B 443 45.08 -22.23 -36.69
C SER B 443 46.15 -22.51 -37.74
N LYS B 444 46.89 -23.60 -37.52
CA LYS B 444 47.96 -24.00 -38.42
C LYS B 444 48.00 -25.51 -38.51
N VAL B 445 48.55 -26.00 -39.62
CA VAL B 445 48.72 -27.44 -39.79
C VAL B 445 49.75 -27.94 -38.80
N GLY B 446 49.41 -28.99 -38.06
CA GLY B 446 50.27 -29.53 -37.04
C GLY B 446 50.06 -28.94 -35.66
N GLY B 447 49.39 -27.81 -35.56
CA GLY B 447 49.08 -27.20 -34.27
C GLY B 447 49.68 -25.83 -34.08
N ASN B 448 48.94 -24.95 -33.41
CA ASN B 448 49.41 -23.62 -33.04
C ASN B 448 49.36 -23.51 -31.53
N TYR B 449 50.54 -23.44 -30.90
CA TYR B 449 50.64 -23.43 -29.45
C TYR B 449 51.07 -22.07 -28.90
N ASN B 450 50.84 -20.99 -29.67
CA ASN B 450 51.19 -19.66 -29.21
C ASN B 450 50.15 -19.07 -28.27
N TYR B 451 48.96 -19.66 -28.21
CA TYR B 451 47.89 -19.18 -27.33
C TYR B 451 47.84 -20.06 -26.09
N LEU B 452 47.85 -19.44 -24.92
CA LEU B 452 47.92 -20.14 -23.65
C LEU B 452 46.78 -19.72 -22.76
N TYR B 453 46.50 -20.56 -21.76
CA TYR B 453 45.47 -20.29 -20.78
C TYR B 453 45.91 -20.81 -19.42
N ARG B 454 45.56 -20.08 -18.37
CA ARG B 454 45.89 -20.50 -17.02
C ARG B 454 44.97 -21.63 -16.60
N LEU B 455 45.56 -22.73 -16.12
CA LEU B 455 44.82 -23.93 -15.76
C LEU B 455 44.70 -24.15 -14.27
N PHE B 456 45.71 -23.75 -13.50
CA PHE B 456 45.70 -23.92 -12.05
C PHE B 456 45.95 -22.58 -11.38
N ARG B 457 45.21 -22.31 -10.31
CA ARG B 457 45.40 -21.10 -9.53
C ARG B 457 44.93 -21.36 -8.11
N LYS B 458 45.58 -20.69 -7.16
CA LYS B 458 45.23 -20.88 -5.76
C LYS B 458 43.83 -20.39 -5.45
N SER B 459 43.38 -19.33 -6.12
CA SER B 459 42.08 -18.75 -5.84
C SER B 459 41.49 -18.17 -7.12
N ASN B 460 40.18 -18.01 -7.12
CA ASN B 460 39.49 -17.44 -8.27
C ASN B 460 39.81 -15.97 -8.41
N LEU B 461 39.87 -15.52 -9.66
CA LEU B 461 40.21 -14.13 -9.95
C LEU B 461 39.06 -13.21 -9.60
N LYS B 462 39.40 -11.95 -9.35
CA LYS B 462 38.43 -10.89 -9.19
C LYS B 462 38.13 -10.24 -10.53
N PRO B 463 37.03 -9.49 -10.63
CA PRO B 463 36.67 -8.89 -11.91
C PRO B 463 37.78 -7.99 -12.45
N PHE B 464 37.99 -8.08 -13.77
CA PHE B 464 38.97 -7.26 -14.47
C PHE B 464 40.33 -7.32 -13.77
N GLU B 465 40.76 -8.54 -13.46
CA GLU B 465 42.07 -8.78 -12.87
C GLU B 465 42.88 -9.67 -13.80
N ARG B 466 44.15 -9.32 -13.97
CA ARG B 466 45.06 -10.05 -14.84
C ARG B 466 46.17 -10.67 -14.01
N ASP B 467 46.42 -11.96 -14.20
CA ASP B 467 47.45 -12.69 -13.48
C ASP B 467 48.40 -13.31 -14.51
N ILE B 468 49.52 -12.62 -14.77
CA ILE B 468 50.53 -13.13 -15.69
C ILE B 468 51.62 -13.90 -14.96
N SER B 469 51.51 -14.08 -13.66
CA SER B 469 52.53 -14.79 -12.91
C SER B 469 52.72 -16.20 -13.44
N THR B 470 53.98 -16.62 -13.58
CA THR B 470 54.34 -17.95 -14.03
C THR B 470 55.13 -18.63 -12.91
N GLU B 471 54.40 -19.23 -11.97
CA GLU B 471 55.00 -19.92 -10.84
C GLU B 471 54.41 -21.32 -10.74
N ILE B 472 55.25 -22.25 -10.29
CA ILE B 472 54.83 -23.65 -10.21
C ILE B 472 53.71 -23.78 -9.20
N TYR B 473 52.61 -24.40 -9.61
CA TYR B 473 51.45 -24.56 -8.74
C TYR B 473 51.65 -25.74 -7.81
N GLN B 474 51.38 -25.53 -6.53
CA GLN B 474 51.53 -26.56 -5.51
C GLN B 474 50.16 -27.17 -5.24
N ALA B 475 49.92 -28.35 -5.82
CA ALA B 475 48.66 -29.05 -5.68
C ALA B 475 48.66 -30.05 -4.53
N GLY B 476 49.74 -30.13 -3.76
CA GLY B 476 49.83 -31.07 -2.66
C GLY B 476 50.55 -30.46 -1.48
N SER B 477 50.60 -31.23 -0.39
CA SER B 477 51.26 -30.75 0.81
C SER B 477 52.76 -30.60 0.60
N THR B 478 53.36 -31.46 -0.21
CA THR B 478 54.80 -31.40 -0.45
C THR B 478 55.14 -30.14 -1.23
N PRO B 479 56.01 -29.27 -0.73
CA PRO B 479 56.34 -28.05 -1.48
C PRO B 479 57.38 -28.30 -2.55
N CYS B 480 57.15 -27.71 -3.73
CA CYS B 480 58.10 -27.73 -4.82
C CYS B 480 58.50 -26.29 -5.13
N ASN B 481 59.81 -26.03 -5.16
CA ASN B 481 60.33 -24.68 -5.29
C ASN B 481 60.88 -24.50 -6.70
N GLY B 482 60.09 -23.83 -7.55
CA GLY B 482 60.56 -23.46 -8.87
C GLY B 482 60.97 -24.64 -9.73
N VAL B 483 60.40 -25.82 -9.50
CA VAL B 483 60.72 -27.00 -10.28
C VAL B 483 59.47 -27.86 -10.39
N GLU B 484 59.18 -28.30 -11.61
CA GLU B 484 58.02 -29.17 -11.83
C GLU B 484 58.30 -30.56 -11.26
N GLY B 485 57.25 -31.18 -10.74
CA GLY B 485 57.37 -32.51 -10.17
C GLY B 485 56.01 -33.13 -9.98
N PHE B 486 56.01 -34.33 -9.42
CA PHE B 486 54.76 -35.03 -9.16
C PHE B 486 53.88 -34.18 -8.24
N ASN B 487 52.61 -34.06 -8.61
CA ASN B 487 51.63 -33.24 -7.91
C ASN B 487 51.96 -31.76 -7.99
N CYS B 488 52.92 -31.36 -8.82
CA CYS B 488 53.25 -29.96 -9.06
C CYS B 488 53.15 -29.71 -10.55
N TYR B 489 52.44 -28.64 -10.94
CA TYR B 489 52.11 -28.38 -12.32
C TYR B 489 52.52 -26.98 -12.72
N PHE B 490 52.82 -26.81 -14.00
CA PHE B 490 53.01 -25.48 -14.56
C PHE B 490 51.64 -24.89 -14.87
N PRO B 491 51.28 -23.75 -14.27
CA PRO B 491 49.89 -23.28 -14.40
C PRO B 491 49.45 -23.03 -15.84
N LEU B 492 50.35 -22.52 -16.68
CA LEU B 492 49.99 -22.19 -18.04
C LEU B 492 49.98 -23.43 -18.92
N GLN B 493 49.02 -23.48 -19.83
CA GLN B 493 48.94 -24.55 -20.82
C GLN B 493 48.55 -23.94 -22.16
N SER B 494 48.91 -24.63 -23.23
CA SER B 494 48.76 -24.11 -24.58
C SER B 494 47.55 -24.75 -25.26
N TYR B 495 46.73 -23.90 -25.89
CA TYR B 495 45.61 -24.40 -26.69
C TYR B 495 46.14 -25.14 -27.91
N GLY B 496 45.61 -26.33 -28.16
CA GLY B 496 45.94 -27.05 -29.37
C GLY B 496 44.97 -26.71 -30.49
N PHE B 497 45.36 -25.78 -31.36
CA PHE B 497 44.49 -25.30 -32.42
C PHE B 497 44.95 -25.90 -33.75
N GLN B 498 44.05 -26.66 -34.37
CA GLN B 498 44.26 -27.22 -35.69
C GLN B 498 43.03 -26.99 -36.54
N PRO B 499 43.19 -26.84 -37.86
CA PRO B 499 42.01 -26.64 -38.71
C PRO B 499 41.08 -27.84 -38.72
N THR B 500 41.58 -29.04 -38.41
CA THR B 500 40.75 -30.24 -38.50
C THR B 500 39.80 -30.38 -37.32
N ASN B 501 40.20 -29.92 -36.13
CA ASN B 501 39.42 -30.19 -34.94
C ASN B 501 38.04 -29.57 -35.04
N GLY B 502 37.20 -29.89 -34.07
CA GLY B 502 35.81 -29.50 -34.11
C GLY B 502 35.59 -28.03 -33.79
N VAL B 503 34.33 -27.62 -33.94
CA VAL B 503 33.96 -26.23 -33.66
C VAL B 503 34.26 -25.88 -32.21
N GLY B 504 34.04 -26.83 -31.31
CA GLY B 504 34.25 -26.54 -29.90
C GLY B 504 35.67 -26.13 -29.58
N TYR B 505 36.64 -26.87 -30.12
CA TYR B 505 38.05 -26.56 -29.91
C TYR B 505 38.59 -25.56 -30.90
N GLN B 506 37.77 -25.11 -31.85
CA GLN B 506 38.22 -24.10 -32.79
C GLN B 506 38.44 -22.77 -32.05
N PRO B 507 39.44 -21.99 -32.46
CA PRO B 507 39.68 -20.72 -31.77
C PRO B 507 38.57 -19.72 -32.00
N TYR B 508 38.36 -18.87 -31.00
CA TYR B 508 37.38 -17.79 -31.08
C TYR B 508 38.02 -16.53 -30.55
N ARG B 509 38.00 -15.47 -31.35
CA ARG B 509 38.57 -14.19 -30.96
C ARG B 509 37.49 -13.37 -30.25
N VAL B 510 37.72 -13.05 -28.99
CA VAL B 510 36.74 -12.39 -28.15
C VAL B 510 37.18 -10.96 -27.90
N VAL B 511 36.26 -10.02 -28.05
CA VAL B 511 36.49 -8.62 -27.72
C VAL B 511 35.39 -8.19 -26.75
N VAL B 512 35.79 -7.59 -25.63
CA VAL B 512 34.87 -7.13 -24.60
C VAL B 512 35.00 -5.63 -24.49
N LEU B 513 33.88 -4.93 -24.65
CA LEU B 513 33.82 -3.48 -24.57
C LEU B 513 33.14 -3.10 -23.26
N SER B 514 33.86 -2.37 -22.41
CA SER B 514 33.35 -1.93 -21.13
C SER B 514 33.27 -0.41 -21.13
N PHE B 515 32.13 0.13 -20.73
CA PHE B 515 31.92 1.57 -20.74
C PHE B 515 30.83 1.92 -19.76
N GLU B 516 30.81 3.20 -19.37
CA GLU B 516 29.73 3.77 -18.57
C GLU B 516 28.90 4.69 -19.46
N LEU B 517 27.59 4.61 -19.29
CA LEU B 517 26.65 5.44 -20.04
C LEU B 517 26.19 6.57 -19.15
N LEU B 518 26.41 7.81 -19.59
CA LEU B 518 25.98 8.98 -18.84
C LEU B 518 26.76 9.09 -17.53
N HIS B 519 26.42 10.08 -16.72
CA HIS B 519 27.01 10.39 -15.42
C HIS B 519 28.37 11.07 -15.53
N ALA B 520 28.90 11.25 -16.73
CA ALA B 520 30.22 11.83 -16.88
C ALA B 520 30.42 12.26 -18.32
N PRO B 521 31.44 13.07 -18.61
CA PRO B 521 31.70 13.46 -19.99
C PRO B 521 31.95 12.25 -20.87
N ALA B 522 31.42 12.31 -22.09
CA ALA B 522 31.50 11.20 -23.04
C ALA B 522 32.44 11.58 -24.17
N THR B 523 33.63 11.00 -24.15
CA THR B 523 34.64 11.26 -25.18
C THR B 523 34.39 10.45 -26.44
N VAL B 524 33.55 9.42 -26.39
CA VAL B 524 33.19 8.60 -27.54
C VAL B 524 31.69 8.77 -27.78
N CYS B 525 31.31 8.87 -29.05
CA CYS B 525 29.93 9.12 -29.42
C CYS B 525 29.57 8.30 -30.65
N GLY B 526 28.25 8.17 -30.87
CA GLY B 526 27.74 7.42 -31.98
C GLY B 526 27.69 8.25 -33.26
N PRO B 527 27.12 7.68 -34.32
CA PRO B 527 27.09 8.37 -35.61
C PRO B 527 25.98 9.41 -35.74
N LYS B 528 25.15 9.60 -34.71
CA LYS B 528 24.07 10.57 -34.81
C LYS B 528 24.63 11.97 -35.01
N LYS B 529 23.89 12.79 -35.75
CA LYS B 529 24.35 14.11 -36.14
C LYS B 529 23.80 15.17 -35.19
N SER B 530 24.66 16.08 -34.79
CA SER B 530 24.28 17.18 -33.91
C SER B 530 23.52 18.25 -34.70
N THR B 531 22.81 19.10 -33.96
CA THR B 531 22.04 20.18 -34.55
C THR B 531 22.36 21.49 -33.87
N ASN B 532 21.64 22.55 -34.25
CA ASN B 532 21.85 23.86 -33.66
C ASN B 532 21.17 23.93 -32.29
N LEU B 533 21.64 24.88 -31.48
CA LEU B 533 21.12 25.03 -30.13
C LEU B 533 19.87 25.91 -30.13
N VAL B 534 18.89 25.52 -29.32
CA VAL B 534 17.63 26.25 -29.18
C VAL B 534 17.39 26.49 -27.70
N LYS B 535 17.06 27.72 -27.34
CA LYS B 535 16.84 28.11 -25.96
C LYS B 535 15.47 28.74 -25.79
N ASN B 536 14.98 28.72 -24.55
CA ASN B 536 13.71 29.35 -24.19
C ASN B 536 12.56 28.78 -25.01
N LYS B 537 12.64 27.49 -25.31
CA LYS B 537 11.62 26.80 -26.08
C LYS B 537 11.62 25.33 -25.72
N CYS B 538 10.43 24.77 -25.49
CA CYS B 538 10.33 23.34 -25.21
C CYS B 538 10.85 22.55 -26.40
N VAL B 539 11.67 21.54 -26.12
CA VAL B 539 12.35 20.77 -27.15
C VAL B 539 12.57 19.35 -26.63
N ASN B 540 12.93 18.46 -27.54
CA ASN B 540 13.31 17.09 -27.23
C ASN B 540 14.81 16.97 -27.48
N PHE B 541 15.60 17.21 -26.42
CA PHE B 541 17.04 17.31 -26.55
C PHE B 541 17.69 15.94 -26.41
N ASN B 542 18.98 15.90 -26.78
CA ASN B 542 19.79 14.69 -26.64
C ASN B 542 21.23 15.15 -26.40
N PHE B 543 21.62 15.23 -25.14
CA PHE B 543 22.96 15.67 -24.76
C PHE B 543 23.80 14.44 -24.43
N ASN B 544 24.71 14.10 -25.33
CA ASN B 544 25.62 12.96 -25.14
C ASN B 544 24.83 11.69 -24.82
N GLY B 545 23.72 11.49 -25.55
CA GLY B 545 22.90 10.33 -25.38
C GLY B 545 21.81 10.45 -24.33
N LEU B 546 21.75 11.57 -23.62
CA LEU B 546 20.74 11.77 -22.58
C LEU B 546 19.54 12.46 -23.21
N THR B 547 18.50 11.69 -23.52
CA THR B 547 17.27 12.25 -24.03
C THR B 547 16.54 12.99 -22.93
N GLY B 548 15.42 13.61 -23.29
CA GLY B 548 14.64 14.36 -22.33
C GLY B 548 13.67 15.29 -23.03
N THR B 549 13.12 16.20 -22.24
CA THR B 549 12.14 17.17 -22.74
C THR B 549 12.11 18.33 -21.75
N GLY B 550 12.38 19.53 -22.23
CA GLY B 550 12.38 20.68 -21.35
C GLY B 550 12.88 21.92 -22.07
N VAL B 551 12.92 23.00 -21.31
CA VAL B 551 13.43 24.28 -21.78
C VAL B 551 14.89 24.40 -21.37
N LEU B 552 15.69 25.00 -22.25
CA LEU B 552 17.12 25.18 -22.02
C LEU B 552 17.44 26.65 -21.93
N THR B 553 18.15 27.03 -20.86
CA THR B 553 18.49 28.43 -20.62
C THR B 553 19.90 28.50 -20.05
N GLU B 554 20.50 29.69 -20.18
CA GLU B 554 21.81 29.91 -19.60
C GLU B 554 21.75 29.79 -18.09
N SER B 555 22.86 29.36 -17.49
CA SER B 555 22.93 29.09 -16.06
C SER B 555 24.15 29.77 -15.46
N ASN B 556 24.03 30.13 -14.19
CA ASN B 556 25.14 30.65 -13.41
C ASN B 556 25.94 29.54 -12.74
N LYS B 557 25.50 28.28 -12.87
CA LYS B 557 26.22 27.18 -12.27
C LYS B 557 27.61 27.05 -12.88
N LYS B 558 28.58 26.67 -12.04
CA LYS B 558 29.94 26.42 -12.49
C LYS B 558 30.24 24.94 -12.33
N PHE B 559 30.55 24.28 -13.45
CA PHE B 559 30.82 22.85 -13.47
C PHE B 559 32.32 22.62 -13.50
N LEU B 560 32.79 21.69 -12.67
CA LEU B 560 34.18 21.30 -12.71
C LEU B 560 34.46 20.51 -13.99
N PRO B 561 35.73 20.42 -14.39
CA PRO B 561 36.05 19.76 -15.67
C PRO B 561 35.51 18.34 -15.77
N PHE B 562 35.50 17.59 -14.68
CA PHE B 562 35.04 16.21 -14.70
C PHE B 562 33.53 16.08 -14.61
N GLN B 563 32.80 17.18 -14.46
CA GLN B 563 31.35 17.16 -14.32
C GLN B 563 30.71 17.58 -15.64
N GLN B 564 29.76 16.77 -16.11
CA GLN B 564 29.02 17.03 -17.33
C GLN B 564 27.56 17.34 -17.05
N PHE B 565 26.88 16.50 -16.27
CA PHE B 565 25.48 16.70 -15.94
C PHE B 565 25.34 17.20 -14.51
N GLY B 566 24.13 17.66 -14.20
CA GLY B 566 23.82 18.10 -12.85
C GLY B 566 22.44 17.61 -12.46
N ARG B 567 22.26 17.43 -11.15
CA ARG B 567 21.04 16.85 -10.61
C ARG B 567 20.52 17.71 -9.47
N ASP B 568 19.26 17.45 -9.10
CA ASP B 568 18.54 18.19 -8.08
C ASP B 568 18.28 17.28 -6.88
N ILE B 569 17.43 17.74 -5.96
CA ILE B 569 17.10 16.94 -4.80
C ILE B 569 16.60 15.56 -5.21
N ALA B 570 15.78 15.51 -6.26
CA ALA B 570 15.41 14.25 -6.88
C ALA B 570 16.57 13.78 -7.75
N ASP B 571 16.38 12.68 -8.46
CA ASP B 571 17.35 12.23 -9.46
C ASP B 571 16.82 12.66 -10.82
N THR B 572 17.22 13.85 -11.24
CA THR B 572 16.67 14.47 -12.44
C THR B 572 17.68 15.49 -12.95
N THR B 573 17.99 15.42 -14.24
CA THR B 573 19.01 16.27 -14.82
C THR B 573 18.51 17.71 -14.94
N ASP B 574 18.80 18.53 -13.93
CA ASP B 574 18.39 19.92 -13.92
C ASP B 574 19.41 20.84 -14.59
N ALA B 575 20.56 20.31 -15.00
CA ALA B 575 21.57 21.10 -15.67
C ALA B 575 22.39 20.19 -16.56
N VAL B 576 23.09 20.79 -17.52
CA VAL B 576 23.88 20.03 -18.48
C VAL B 576 24.90 20.99 -19.11
N ARG B 577 25.97 20.42 -19.64
CA ARG B 577 27.03 21.17 -20.29
C ARG B 577 27.03 20.84 -21.78
N ASP B 578 26.99 21.87 -22.62
CA ASP B 578 26.99 21.65 -24.05
C ASP B 578 28.38 21.23 -24.50
N PRO B 579 28.55 20.04 -25.08
CA PRO B 579 29.90 19.61 -25.46
C PRO B 579 30.56 20.52 -26.49
N GLN B 580 29.79 21.11 -27.40
CA GLN B 580 30.38 21.88 -28.48
C GLN B 580 30.76 23.29 -28.03
N THR B 581 29.97 23.90 -27.15
CA THR B 581 30.20 25.26 -26.71
C THR B 581 30.73 25.37 -25.29
N LEU B 582 30.72 24.27 -24.52
CA LEU B 582 31.26 24.27 -23.17
C LEU B 582 30.57 25.32 -22.30
N GLU B 583 29.26 25.49 -22.49
CA GLU B 583 28.46 26.40 -21.69
C GLU B 583 27.40 25.60 -20.93
N ILE B 584 27.08 26.07 -19.75
CA ILE B 584 26.11 25.39 -18.90
C ILE B 584 24.71 25.77 -19.32
N LEU B 585 23.80 24.80 -19.21
CA LEU B 585 22.40 25.00 -19.54
C LEU B 585 21.53 24.47 -18.42
N ASP B 586 20.38 25.10 -18.24
CA ASP B 586 19.41 24.71 -17.20
C ASP B 586 18.20 24.08 -17.88
N ILE B 587 17.90 22.85 -17.50
CA ILE B 587 16.75 22.14 -18.02
C ILE B 587 15.57 22.35 -17.08
N THR B 588 14.45 22.81 -17.62
CA THR B 588 13.26 23.07 -16.84
C THR B 588 12.07 22.37 -17.50
N PRO B 589 11.26 21.62 -16.77
CA PRO B 589 10.08 21.01 -17.38
C PRO B 589 9.16 22.07 -17.97
N CYS B 590 8.55 21.72 -19.10
CA CYS B 590 7.68 22.66 -19.81
C CYS B 590 6.26 22.68 -19.28
N SER B 591 5.82 21.64 -18.59
CA SER B 591 4.45 21.52 -18.11
C SER B 591 4.38 22.06 -16.70
N PHE B 592 3.49 23.03 -16.48
CA PHE B 592 3.49 23.77 -15.23
C PHE B 592 2.21 24.59 -15.09
N GLY B 593 1.48 24.40 -14.00
CA GLY B 593 0.27 25.17 -13.76
C GLY B 593 -0.98 24.30 -13.72
N GLY B 594 -1.79 24.49 -12.68
CA GLY B 594 -3.03 23.77 -12.58
C GLY B 594 -4.11 24.36 -13.47
N VAL B 595 -5.02 23.49 -13.90
CA VAL B 595 -6.15 23.87 -14.74
C VAL B 595 -7.42 23.30 -14.12
N SER B 596 -8.39 24.18 -13.88
CA SER B 596 -9.67 23.79 -13.31
C SER B 596 -10.80 24.24 -14.24
N VAL B 597 -11.82 23.41 -14.35
CA VAL B 597 -12.93 23.62 -15.27
C VAL B 597 -14.19 23.90 -14.46
N ILE B 598 -14.88 24.98 -14.80
CA ILE B 598 -16.14 25.36 -14.19
C ILE B 598 -17.24 25.13 -15.21
N THR B 599 -18.17 24.24 -14.89
CA THR B 599 -19.22 23.86 -15.81
C THR B 599 -20.54 23.70 -15.07
N PRO B 600 -21.66 23.99 -15.72
CA PRO B 600 -22.95 23.53 -15.20
C PRO B 600 -23.20 22.06 -15.54
N GLY B 601 -24.40 21.57 -15.26
CA GLY B 601 -24.67 20.15 -15.32
C GLY B 601 -24.55 19.53 -16.70
N THR B 602 -24.47 20.34 -17.75
CA THR B 602 -24.38 19.85 -19.13
C THR B 602 -25.69 19.27 -19.61
N ASN B 603 -26.66 19.11 -18.70
CA ASN B 603 -28.05 18.94 -19.04
C ASN B 603 -28.76 20.28 -19.06
N THR B 604 -28.04 21.36 -18.81
CA THR B 604 -28.54 22.71 -18.80
C THR B 604 -27.81 23.63 -19.76
N SER B 605 -26.52 23.38 -20.01
CA SER B 605 -25.73 24.20 -20.91
C SER B 605 -24.38 23.53 -21.12
N ASN B 606 -23.83 23.72 -22.32
CA ASN B 606 -22.59 23.06 -22.71
C ASN B 606 -21.39 23.97 -22.69
N GLU B 607 -21.56 25.25 -22.37
CA GLU B 607 -20.45 26.19 -22.28
C GLU B 607 -19.87 26.17 -20.87
N VAL B 608 -18.56 26.35 -20.79
CA VAL B 608 -17.82 26.22 -19.54
C VAL B 608 -16.85 27.37 -19.40
N ALA B 609 -16.27 27.47 -18.21
CA ALA B 609 -15.22 28.44 -17.91
C ALA B 609 -14.02 27.70 -17.36
N VAL B 610 -12.83 28.20 -17.67
CA VAL B 610 -11.58 27.56 -17.30
C VAL B 610 -10.80 28.47 -16.38
N LEU B 611 -10.38 27.94 -15.23
CA LEU B 611 -9.56 28.67 -14.28
C LEU B 611 -8.13 28.18 -14.40
N TYR B 612 -7.22 29.08 -14.79
CA TYR B 612 -5.81 28.76 -14.95
C TYR B 612 -5.07 29.25 -13.71
N GLN B 613 -4.76 28.34 -12.80
CA GLN B 613 -3.93 28.70 -11.67
C GLN B 613 -2.52 29.02 -12.14
N ASP B 614 -1.80 29.79 -11.32
CA ASP B 614 -0.42 30.16 -11.60
C ASP B 614 -0.31 30.98 -12.89
N VAL B 615 -1.34 31.76 -13.21
CA VAL B 615 -1.34 32.65 -14.36
C VAL B 615 -1.86 34.00 -13.90
N ASN B 616 -1.15 35.06 -14.29
CA ASN B 616 -1.52 36.44 -13.97
C ASN B 616 -1.74 37.16 -15.30
N CYS B 617 -2.99 37.18 -15.76
CA CYS B 617 -3.31 37.83 -17.03
C CYS B 617 -3.13 39.34 -16.96
N THR B 618 -3.11 39.92 -15.76
CA THR B 618 -2.92 41.36 -15.63
C THR B 618 -1.56 41.81 -16.17
N GLU B 619 -0.57 40.92 -16.21
CA GLU B 619 0.75 41.27 -16.70
C GLU B 619 0.68 41.78 -18.14
N THR B 632 1.62 36.09 -24.73
CA THR B 632 1.23 34.72 -25.04
C THR B 632 1.04 33.88 -23.78
N TRP B 633 0.01 34.21 -23.01
CA TRP B 633 -0.24 33.55 -21.74
C TRP B 633 -0.26 32.03 -21.90
N ARG B 634 0.03 31.31 -20.82
CA ARG B 634 0.01 29.85 -20.82
C ARG B 634 -1.44 29.38 -20.65
N VAL B 635 -2.21 29.52 -21.72
CA VAL B 635 -3.62 29.14 -21.74
C VAL B 635 -3.90 28.33 -22.99
N TYR B 636 -4.90 27.46 -22.91
CA TYR B 636 -5.28 26.66 -24.07
C TYR B 636 -5.94 27.52 -25.14
N SER B 637 -6.86 28.40 -24.73
CA SER B 637 -7.56 29.26 -25.68
C SER B 637 -7.97 30.55 -24.97
N THR B 638 -7.63 31.68 -25.56
CA THR B 638 -8.03 32.96 -25.03
C THR B 638 -9.48 33.26 -25.36
N GLY B 639 -10.12 34.07 -24.52
CA GLY B 639 -11.50 34.44 -24.71
C GLY B 639 -11.71 35.93 -24.51
N SER B 640 -12.88 36.40 -24.96
CA SER B 640 -13.19 37.81 -24.81
C SER B 640 -13.31 38.21 -23.35
N ASN B 641 -13.91 37.35 -22.53
CA ASN B 641 -14.13 37.62 -21.11
C ASN B 641 -12.98 37.03 -20.32
N VAL B 642 -12.15 37.90 -19.74
CA VAL B 642 -11.03 37.51 -18.90
C VAL B 642 -11.17 38.22 -17.57
N PHE B 643 -11.13 37.46 -16.48
CA PHE B 643 -11.19 38.00 -15.14
C PHE B 643 -10.04 37.42 -14.32
N GLN B 644 -9.31 38.28 -13.63
CA GLN B 644 -8.16 37.88 -12.84
C GLN B 644 -8.58 37.70 -11.38
N THR B 645 -8.16 36.59 -10.80
CA THR B 645 -8.47 36.27 -9.41
C THR B 645 -7.20 35.81 -8.71
N ARG B 646 -7.23 35.90 -7.38
CA ARG B 646 -6.09 35.44 -6.59
C ARG B 646 -5.85 33.95 -6.76
N ALA B 647 -6.88 33.20 -7.15
CA ALA B 647 -6.68 31.80 -7.49
C ALA B 647 -6.00 31.65 -8.84
N GLY B 648 -6.37 32.50 -9.78
CA GLY B 648 -5.79 32.44 -11.11
C GLY B 648 -6.68 33.14 -12.11
N CYS B 649 -6.23 33.12 -13.36
CA CYS B 649 -7.00 33.75 -14.43
C CYS B 649 -8.21 32.91 -14.76
N LEU B 650 -9.37 33.55 -14.84
CA LEU B 650 -10.64 32.90 -15.15
C LEU B 650 -11.09 33.33 -16.53
N ILE B 651 -11.33 32.35 -17.40
CA ILE B 651 -11.68 32.59 -18.79
C ILE B 651 -13.01 31.91 -19.08
N GLY B 652 -13.91 32.62 -19.74
CA GLY B 652 -15.24 32.14 -20.02
C GLY B 652 -16.30 32.66 -19.08
N ALA B 653 -15.93 33.45 -18.08
CA ALA B 653 -16.86 34.01 -17.12
C ALA B 653 -16.68 35.51 -17.05
N GLU B 654 -17.80 36.22 -16.89
CA GLU B 654 -17.81 37.68 -16.85
C GLU B 654 -17.98 38.14 -15.40
N HIS B 655 -17.18 39.13 -15.01
CA HIS B 655 -17.28 39.66 -13.67
C HIS B 655 -18.55 40.48 -13.50
N VAL B 656 -19.28 40.20 -12.43
CA VAL B 656 -20.43 41.00 -12.04
C VAL B 656 -20.14 41.59 -10.67
N ASN B 657 -20.46 42.87 -10.51
CA ASN B 657 -20.16 43.60 -9.29
C ASN B 657 -21.09 43.24 -8.15
N ASN B 658 -22.13 42.46 -8.41
CA ASN B 658 -23.06 42.03 -7.38
C ASN B 658 -22.45 40.87 -6.59
N SER B 659 -23.07 40.57 -5.45
CA SER B 659 -22.59 39.51 -4.57
C SER B 659 -23.75 38.62 -4.16
N TYR B 660 -23.64 37.34 -4.47
CA TYR B 660 -24.66 36.34 -4.15
C TYR B 660 -24.03 35.25 -3.30
N GLU B 661 -24.87 34.31 -2.87
CA GLU B 661 -24.38 33.14 -2.17
C GLU B 661 -23.61 32.24 -3.14
N CYS B 662 -22.68 31.48 -2.59
CA CYS B 662 -21.79 30.66 -3.41
C CYS B 662 -22.56 29.51 -4.03
N ASP B 663 -22.63 29.48 -5.35
CA ASP B 663 -23.15 28.34 -6.09
C ASP B 663 -22.04 27.41 -6.55
N ILE B 664 -20.91 27.94 -6.97
CA ILE B 664 -19.76 27.15 -7.39
C ILE B 664 -18.51 27.75 -6.75
N PRO B 665 -17.88 27.07 -5.78
CA PRO B 665 -16.74 27.68 -5.08
C PRO B 665 -15.45 27.66 -5.89
N ILE B 666 -15.26 28.69 -6.72
CA ILE B 666 -14.04 28.76 -7.52
C ILE B 666 -12.81 28.80 -6.62
N GLY B 667 -12.71 29.81 -5.76
CA GLY B 667 -11.49 30.04 -5.03
C GLY B 667 -11.59 31.06 -3.92
N ALA B 668 -10.59 31.95 -3.84
CA ALA B 668 -10.38 32.81 -2.69
C ALA B 668 -11.68 33.39 -2.15
N GLY B 669 -12.34 34.21 -2.96
CA GLY B 669 -13.63 34.76 -2.59
C GLY B 669 -14.56 34.84 -3.78
N ILE B 670 -14.30 34.00 -4.79
CA ILE B 670 -14.98 34.06 -6.07
C ILE B 670 -15.87 32.83 -6.21
N CYS B 671 -17.13 33.07 -6.58
CA CYS B 671 -18.07 32.00 -6.84
C CYS B 671 -18.79 32.28 -8.16
N ALA B 672 -18.99 31.23 -8.95
CA ALA B 672 -19.64 31.34 -10.25
C ALA B 672 -21.07 30.85 -10.18
N SER B 673 -21.81 31.13 -11.24
CA SER B 673 -23.21 30.75 -11.34
C SER B 673 -23.66 30.89 -12.78
N TYR B 674 -24.85 30.37 -13.06
CA TYR B 674 -25.49 30.45 -14.36
C TYR B 674 -26.72 31.34 -14.24
N GLN B 675 -26.80 32.38 -15.07
CA GLN B 675 -27.83 33.39 -14.89
C GLN B 675 -28.15 34.07 -16.21
N THR B 676 -29.26 34.78 -16.22
CA THR B 676 -29.70 35.57 -17.37
C THR B 676 -29.92 34.68 -18.59
N SER B 689 -30.66 34.85 -22.98
CA SER B 689 -29.24 34.58 -23.25
C SER B 689 -28.48 34.37 -21.95
N GLN B 690 -28.40 33.11 -21.52
CA GLN B 690 -27.70 32.78 -20.29
C GLN B 690 -26.19 32.75 -20.51
N SER B 691 -25.45 33.01 -19.44
CA SER B 691 -24.00 33.02 -19.50
C SER B 691 -23.47 32.74 -18.09
N ILE B 692 -22.19 32.40 -18.03
CA ILE B 692 -21.50 32.13 -16.78
C ILE B 692 -20.97 33.44 -16.23
N ILE B 693 -21.09 33.62 -14.93
CA ILE B 693 -20.66 34.83 -14.25
C ILE B 693 -19.74 34.45 -13.09
N ALA B 694 -18.89 35.40 -12.71
CA ALA B 694 -18.01 35.24 -11.56
C ALA B 694 -18.20 36.43 -10.65
N TYR B 695 -18.46 36.18 -9.37
CA TYR B 695 -18.78 37.24 -8.43
C TYR B 695 -18.11 36.97 -7.09
N THR B 696 -17.92 38.04 -6.33
CA THR B 696 -17.45 37.91 -4.97
C THR B 696 -18.59 37.43 -4.09
N MET B 697 -18.33 36.39 -3.30
CA MET B 697 -19.38 35.79 -2.49
C MET B 697 -19.83 36.75 -1.41
N SER B 698 -21.13 36.71 -1.10
CA SER B 698 -21.71 37.56 -0.08
C SER B 698 -21.73 36.79 1.24
N LEU B 699 -21.02 37.32 2.24
CA LEU B 699 -21.02 36.69 3.55
C LEU B 699 -22.42 36.67 4.14
N GLY B 700 -23.15 37.77 4.01
CA GLY B 700 -24.52 37.81 4.48
C GLY B 700 -25.02 39.24 4.52
N ALA B 701 -26.27 39.37 4.94
CA ALA B 701 -26.91 40.67 5.00
C ALA B 701 -26.25 41.55 6.07
N GLU B 702 -26.03 42.81 5.71
CA GLU B 702 -25.51 43.77 6.67
C GLU B 702 -26.58 44.14 7.69
N ASN B 703 -26.14 44.41 8.91
CA ASN B 703 -27.05 44.77 9.98
C ASN B 703 -26.28 45.57 11.03
N SER B 704 -27.03 46.31 11.83
CA SER B 704 -26.47 47.11 12.91
C SER B 704 -27.41 47.04 14.10
N VAL B 705 -26.83 46.94 15.30
CA VAL B 705 -27.60 46.87 16.54
C VAL B 705 -27.63 48.25 17.17
N ALA B 706 -28.84 48.73 17.47
CA ALA B 706 -29.03 50.05 18.05
C ALA B 706 -28.62 50.02 19.52
N TYR B 707 -27.32 49.86 19.74
CA TYR B 707 -26.80 49.75 21.09
C TYR B 707 -26.83 51.10 21.80
N SER B 708 -27.16 51.06 23.08
CA SER B 708 -27.06 52.23 23.95
C SER B 708 -26.98 51.74 25.38
N ASN B 709 -26.44 52.61 26.24
CA ASN B 709 -26.30 52.27 27.66
C ASN B 709 -27.62 52.37 28.42
N ASN B 710 -28.68 52.84 27.78
CA ASN B 710 -29.97 53.04 28.42
C ASN B 710 -31.10 52.54 27.52
N SER B 711 -30.87 51.42 26.84
CA SER B 711 -31.86 50.89 25.91
C SER B 711 -31.75 49.37 25.86
N ILE B 712 -32.90 48.71 25.96
CA ILE B 712 -32.98 47.26 25.87
C ILE B 712 -34.15 46.89 24.97
N ALA B 713 -34.06 45.69 24.39
CA ALA B 713 -35.12 45.15 23.54
C ALA B 713 -35.67 43.89 24.19
N ILE B 714 -36.98 43.85 24.39
CA ILE B 714 -37.67 42.75 25.05
C ILE B 714 -38.66 42.15 24.07
N PRO B 715 -38.59 40.85 23.77
CA PRO B 715 -39.61 40.26 22.89
C PRO B 715 -41.00 40.37 23.49
N THR B 716 -41.97 40.62 22.62
CA THR B 716 -43.38 40.66 23.00
C THR B 716 -44.16 39.47 22.45
N ASN B 717 -43.50 38.59 21.70
CA ASN B 717 -44.14 37.46 21.07
C ASN B 717 -43.08 36.40 20.82
N PHE B 718 -43.55 35.19 20.53
CA PHE B 718 -42.63 34.07 20.32
C PHE B 718 -43.10 33.25 19.13
N THR B 719 -42.15 32.54 18.54
CA THR B 719 -42.40 31.64 17.42
C THR B 719 -41.86 30.27 17.76
N ILE B 720 -42.69 29.24 17.56
CA ILE B 720 -42.27 27.86 17.75
C ILE B 720 -41.77 27.33 16.41
N SER B 721 -40.48 27.03 16.36
CA SER B 721 -39.83 26.59 15.13
C SER B 721 -39.38 25.14 15.27
N VAL B 722 -39.60 24.37 14.22
CA VAL B 722 -39.18 22.97 14.17
C VAL B 722 -38.12 22.84 13.09
N THR B 723 -36.98 22.26 13.45
CA THR B 723 -35.84 22.12 12.57
C THR B 723 -35.42 20.67 12.50
N THR B 724 -34.94 20.26 11.34
CA THR B 724 -34.52 18.88 11.09
C THR B 724 -33.01 18.80 11.05
N GLU B 725 -32.46 17.82 11.76
CA GLU B 725 -31.03 17.54 11.77
C GLU B 725 -30.83 16.08 11.38
N ILE B 726 -30.14 15.86 10.26
CA ILE B 726 -29.89 14.53 9.73
C ILE B 726 -28.47 14.13 10.06
N LEU B 727 -28.30 12.94 10.63
CA LEU B 727 -27.00 12.46 11.08
C LEU B 727 -26.82 11.02 10.63
N PRO B 728 -25.79 10.70 9.85
CA PRO B 728 -25.50 9.28 9.55
C PRO B 728 -25.20 8.53 10.84
N VAL B 729 -25.66 7.29 10.89
CA VAL B 729 -25.52 6.47 12.09
C VAL B 729 -24.86 5.15 11.73
N SER B 730 -25.02 4.71 10.49
CA SER B 730 -24.55 3.40 10.07
C SER B 730 -23.93 3.50 8.68
N MET B 731 -23.07 2.53 8.39
CA MET B 731 -22.44 2.39 7.09
C MET B 731 -22.64 0.96 6.61
N THR B 732 -22.69 0.81 5.29
CA THR B 732 -22.95 -0.51 4.71
C THR B 732 -21.89 -1.50 5.16
N LYS B 733 -22.33 -2.67 5.62
CA LYS B 733 -21.42 -3.73 6.03
C LYS B 733 -21.00 -4.53 4.80
N THR B 734 -19.74 -4.95 4.79
CA THR B 734 -19.18 -5.63 3.63
C THR B 734 -18.29 -6.79 4.08
N SER B 735 -18.16 -7.76 3.19
CA SER B 735 -17.23 -8.87 3.37
C SER B 735 -16.69 -9.24 2.00
N VAL B 736 -15.40 -9.55 1.94
CA VAL B 736 -14.73 -9.91 0.70
C VAL B 736 -14.17 -11.32 0.82
N ASP B 737 -14.37 -12.12 -0.22
CA ASP B 737 -13.68 -13.38 -0.37
C ASP B 737 -12.42 -13.12 -1.19
N CYS B 738 -11.29 -13.02 -0.51
CA CYS B 738 -10.08 -12.51 -1.10
C CYS B 738 -9.47 -13.46 -2.12
N THR B 739 -9.87 -14.73 -2.07
CA THR B 739 -9.44 -15.73 -3.06
C THR B 739 -10.41 -15.85 -4.22
N MET B 740 -11.52 -15.13 -4.18
CA MET B 740 -12.42 -15.03 -5.32
C MET B 740 -12.31 -13.72 -6.08
N TYR B 741 -11.82 -12.66 -5.44
CA TYR B 741 -11.54 -11.43 -6.13
C TYR B 741 -10.19 -11.47 -6.83
N ILE B 742 -9.16 -11.90 -6.10
CA ILE B 742 -7.81 -11.91 -6.65
C ILE B 742 -7.66 -12.99 -7.72
N CYS B 743 -8.12 -14.20 -7.43
CA CYS B 743 -7.87 -15.36 -8.27
C CYS B 743 -9.11 -15.77 -9.07
N GLY B 744 -10.22 -16.05 -8.39
CA GLY B 744 -11.44 -16.42 -9.08
C GLY B 744 -11.78 -17.89 -8.92
N ASP B 745 -11.79 -18.61 -10.04
CA ASP B 745 -12.08 -20.04 -10.07
C ASP B 745 -10.85 -20.78 -10.60
N SER B 746 -9.68 -20.36 -10.12
CA SER B 746 -8.41 -20.85 -10.63
C SER B 746 -7.63 -21.52 -9.51
N THR B 747 -7.29 -22.80 -9.70
CA THR B 747 -6.52 -23.51 -8.69
C THR B 747 -5.08 -23.01 -8.63
N GLU B 748 -4.48 -22.73 -9.78
CA GLU B 748 -3.08 -22.31 -9.81
C GLU B 748 -2.89 -20.99 -9.07
N CYS B 749 -3.74 -20.01 -9.35
CA CYS B 749 -3.62 -18.72 -8.69
C CYS B 749 -3.86 -18.84 -7.20
N SER B 750 -4.81 -19.68 -6.80
CA SER B 750 -5.07 -19.87 -5.37
C SER B 750 -3.86 -20.48 -4.67
N ASN B 751 -3.28 -21.51 -5.29
CA ASN B 751 -2.11 -22.15 -4.69
C ASN B 751 -0.91 -21.23 -4.67
N LEU B 752 -0.84 -20.26 -5.58
CA LEU B 752 0.19 -19.24 -5.50
C LEU B 752 -0.11 -18.26 -4.38
N LEU B 753 -1.37 -17.87 -4.23
CA LEU B 753 -1.75 -16.90 -3.20
C LEU B 753 -1.47 -17.46 -1.81
N LEU B 754 -1.66 -18.76 -1.63
CA LEU B 754 -1.30 -19.38 -0.36
C LEU B 754 0.17 -19.09 -0.01
N GLN B 755 1.04 -19.10 -1.01
CA GLN B 755 2.44 -18.78 -0.77
C GLN B 755 2.63 -17.28 -0.53
N TYR B 756 1.96 -16.45 -1.33
CA TYR B 756 2.16 -15.01 -1.23
C TYR B 756 1.90 -14.52 0.19
N GLY B 757 0.95 -15.13 0.89
CA GLY B 757 0.79 -14.94 2.32
C GLY B 757 -0.65 -14.64 2.69
N SER B 758 -0.85 -14.52 4.00
CA SER B 758 -2.18 -14.29 4.59
C SER B 758 -2.29 -12.84 5.02
N PHE B 759 -2.66 -11.97 4.09
CA PHE B 759 -3.07 -10.61 4.39
C PHE B 759 -4.59 -10.46 4.34
N CYS B 760 -5.25 -11.35 3.62
CA CYS B 760 -6.70 -11.32 3.52
C CYS B 760 -7.37 -11.62 4.85
N THR B 761 -6.72 -12.41 5.71
CA THR B 761 -7.26 -12.66 7.04
C THR B 761 -7.38 -11.35 7.82
N GLN B 762 -6.34 -10.51 7.78
CA GLN B 762 -6.41 -9.24 8.49
C GLN B 762 -7.33 -8.25 7.79
N LEU B 763 -7.42 -8.31 6.46
CA LEU B 763 -8.43 -7.51 5.77
C LEU B 763 -9.82 -7.84 6.29
N ASN B 764 -10.13 -9.14 6.36
CA ASN B 764 -11.44 -9.56 6.85
C ASN B 764 -11.64 -9.21 8.31
N ARG B 765 -10.58 -9.27 9.12
CA ARG B 765 -10.68 -8.83 10.50
C ARG B 765 -11.10 -7.36 10.57
N ALA B 766 -10.48 -6.52 9.75
CA ALA B 766 -10.83 -5.11 9.72
C ALA B 766 -12.28 -4.91 9.30
N LEU B 767 -12.70 -5.61 8.24
CA LEU B 767 -14.07 -5.44 7.76
C LEU B 767 -15.09 -5.91 8.80
N THR B 768 -14.79 -7.03 9.46
CA THR B 768 -15.68 -7.52 10.51
C THR B 768 -15.77 -6.54 11.66
N GLY B 769 -14.63 -5.95 12.04
CA GLY B 769 -14.66 -4.91 13.06
C GLY B 769 -15.53 -3.75 12.65
N ILE B 770 -15.44 -3.34 11.38
CA ILE B 770 -16.27 -2.25 10.88
C ILE B 770 -17.75 -2.59 11.01
N ALA B 771 -18.11 -3.81 10.60
CA ALA B 771 -19.52 -4.22 10.63
C ALA B 771 -20.04 -4.24 12.05
N VAL B 772 -19.28 -4.83 12.97
CA VAL B 772 -19.68 -4.88 14.37
C VAL B 772 -19.79 -3.47 14.93
N GLU B 773 -18.90 -2.58 14.50
CA GLU B 773 -18.97 -1.18 14.94
C GLU B 773 -20.25 -0.53 14.44
N GLN B 774 -20.67 -0.84 13.22
CA GLN B 774 -21.93 -0.27 12.71
C GLN B 774 -23.10 -0.75 13.55
N ASP B 775 -23.14 -2.04 13.86
CA ASP B 775 -24.21 -2.56 14.70
C ASP B 775 -24.20 -1.90 16.07
N LYS B 776 -23.02 -1.72 16.64
CA LYS B 776 -22.89 -1.06 17.94
C LYS B 776 -23.37 0.39 17.87
N ASN B 777 -23.05 1.08 16.78
CA ASN B 777 -23.52 2.45 16.60
C ASN B 777 -25.04 2.51 16.60
N THR B 778 -25.67 1.62 15.83
CA THR B 778 -27.12 1.61 15.79
C THR B 778 -27.70 1.34 17.17
N GLN B 779 -27.15 0.36 17.88
CA GLN B 779 -27.64 0.07 19.23
C GLN B 779 -27.48 1.27 20.15
N GLU B 780 -26.32 1.92 20.10
CA GLU B 780 -26.06 3.05 20.99
C GLU B 780 -27.02 4.19 20.72
N VAL B 781 -27.30 4.46 19.44
CA VAL B 781 -28.16 5.59 19.11
C VAL B 781 -29.60 5.28 19.51
N PHE B 782 -30.15 4.18 19.01
CA PHE B 782 -31.59 3.95 19.16
C PHE B 782 -31.94 3.18 20.42
N ALA B 783 -31.14 2.17 20.79
CA ALA B 783 -31.44 1.32 21.94
C ALA B 783 -30.97 1.97 23.24
N GLN B 784 -31.46 3.19 23.47
CA GLN B 784 -31.20 3.89 24.72
C GLN B 784 -32.22 3.55 25.81
N VAL B 785 -33.33 2.93 25.45
CA VAL B 785 -34.37 2.55 26.39
C VAL B 785 -34.76 1.10 26.11
N LYS B 786 -34.73 0.27 27.15
CA LYS B 786 -35.15 -1.12 27.01
C LYS B 786 -36.65 -1.30 27.20
N GLN B 787 -37.27 -0.49 28.05
CA GLN B 787 -38.71 -0.53 28.19
C GLN B 787 -39.37 0.06 26.95
N ILE B 788 -40.24 -0.71 26.32
CA ILE B 788 -40.93 -0.28 25.11
C ILE B 788 -42.26 0.33 25.53
N TYR B 789 -42.39 1.64 25.33
CA TYR B 789 -43.57 2.38 25.75
C TYR B 789 -44.52 2.52 24.57
N LYS B 790 -45.80 2.22 24.80
CA LYS B 790 -46.83 2.34 23.80
C LYS B 790 -47.60 3.64 23.99
N THR B 791 -47.89 4.31 22.88
CA THR B 791 -48.68 5.52 22.95
C THR B 791 -50.10 5.19 23.43
N PRO B 792 -50.67 6.01 24.31
CA PRO B 792 -52.01 5.71 24.80
C PRO B 792 -53.03 5.87 23.69
N PRO B 793 -54.11 5.07 23.71
CA PRO B 793 -55.13 5.23 22.66
C PRO B 793 -55.75 6.60 22.64
N ILE B 794 -55.94 7.21 23.80
CA ILE B 794 -56.45 8.58 23.88
C ILE B 794 -55.32 9.55 23.59
N LYS B 795 -55.62 10.58 22.82
CA LYS B 795 -54.62 11.51 22.30
C LYS B 795 -54.97 12.95 22.68
N ASP B 796 -55.30 13.16 23.95
CA ASP B 796 -55.57 14.50 24.47
C ASP B 796 -54.28 15.06 25.04
N PHE B 797 -53.47 15.63 24.15
CA PHE B 797 -52.16 16.18 24.50
C PHE B 797 -52.18 17.70 24.57
N GLY B 798 -53.28 18.29 25.03
CA GLY B 798 -53.35 19.72 25.17
C GLY B 798 -53.47 20.48 23.87
N GLY B 799 -53.96 19.83 22.81
CA GLY B 799 -54.08 20.45 21.52
C GLY B 799 -52.94 20.14 20.57
N PHE B 800 -51.83 19.60 21.08
CA PHE B 800 -50.71 19.23 20.24
C PHE B 800 -51.04 17.96 19.46
N ASN B 801 -50.61 17.94 18.20
CA ASN B 801 -50.91 16.86 17.27
C ASN B 801 -49.62 16.14 16.91
N PHE B 802 -49.48 14.90 17.37
CA PHE B 802 -48.29 14.11 17.09
C PHE B 802 -48.68 12.90 16.24
N SER B 803 -49.64 13.07 15.34
CA SER B 803 -50.15 11.99 14.51
C SER B 803 -49.31 11.83 13.25
N GLN B 804 -48.22 12.58 13.16
CA GLN B 804 -47.44 12.70 11.94
C GLN B 804 -45.99 12.32 12.22
N ILE B 805 -45.69 12.03 13.48
CA ILE B 805 -44.40 11.53 13.94
C ILE B 805 -44.58 10.22 14.70
N LEU B 806 -45.82 9.95 15.17
CA LEU B 806 -46.18 8.69 15.81
C LEU B 806 -46.56 7.64 14.76
N PRO B 807 -46.45 6.37 15.11
CA PRO B 807 -46.67 5.31 14.11
C PRO B 807 -48.10 5.27 13.60
N ASP B 808 -48.26 4.80 12.36
CA ASP B 808 -49.56 4.52 11.77
C ASP B 808 -49.77 3.02 11.71
N PRO B 809 -50.76 2.47 12.41
CA PRO B 809 -50.87 1.00 12.48
C PRO B 809 -51.06 0.32 11.13
N SER B 810 -51.73 0.97 10.19
CA SER B 810 -52.16 0.32 8.95
C SER B 810 -51.03 0.26 7.92
N LYS B 811 -49.97 -0.48 8.28
CA LYS B 811 -48.86 -0.72 7.38
C LYS B 811 -48.18 -2.01 7.79
N PRO B 812 -47.53 -2.71 6.86
CA PRO B 812 -46.80 -3.94 7.26
C PRO B 812 -45.75 -3.67 8.33
N SER B 813 -45.07 -2.54 8.24
CA SER B 813 -44.13 -2.09 9.25
C SER B 813 -44.71 -0.85 9.91
N LYS B 814 -44.87 -0.90 11.23
CA LYS B 814 -45.48 0.21 11.96
C LYS B 814 -44.53 1.39 11.92
N ARG B 815 -44.78 2.31 11.00
CA ARG B 815 -43.91 3.43 10.74
C ARG B 815 -44.74 4.70 10.64
N SER B 816 -44.10 5.83 10.89
CA SER B 816 -44.77 7.11 10.92
C SER B 816 -44.95 7.64 9.50
N PHE B 817 -45.53 8.84 9.40
CA PHE B 817 -45.73 9.48 8.11
C PHE B 817 -44.51 10.27 7.65
N ILE B 818 -43.70 10.78 8.57
CA ILE B 818 -42.51 11.53 8.23
C ILE B 818 -41.28 10.63 8.21
N GLU B 819 -41.48 9.33 8.41
CA GLU B 819 -40.43 8.35 8.16
C GLU B 819 -40.58 7.64 6.82
N ASP B 820 -41.81 7.46 6.34
CA ASP B 820 -42.00 6.91 5.00
C ASP B 820 -41.39 7.81 3.94
N LEU B 821 -41.57 9.13 4.09
CA LEU B 821 -40.98 10.06 3.13
C LEU B 821 -39.46 9.97 3.15
N LEU B 822 -38.87 9.93 4.36
CA LEU B 822 -37.43 9.82 4.46
C LEU B 822 -36.93 8.53 3.82
N PHE B 823 -37.65 7.42 4.05
CA PHE B 823 -37.25 6.15 3.46
C PHE B 823 -37.34 6.19 1.94
N ASN B 824 -38.40 6.81 1.41
CA ASN B 824 -38.56 6.91 -0.03
C ASN B 824 -37.60 7.90 -0.67
N LYS B 825 -37.00 8.80 0.12
CA LYS B 825 -36.05 9.76 -0.42
C LYS B 825 -34.63 9.22 -0.49
N VAL B 826 -34.31 8.18 0.27
CA VAL B 826 -33.01 7.51 0.21
C VAL B 826 -33.23 6.16 -0.46
N THR B 827 -32.49 5.93 -1.55
CA THR B 827 -32.67 4.76 -2.39
C THR B 827 -31.50 3.81 -2.17
N LEU B 828 -31.74 2.75 -1.41
CA LEU B 828 -30.73 1.72 -1.22
C LEU B 828 -30.67 0.83 -2.47
N ALA B 829 -29.67 -0.04 -2.50
CA ALA B 829 -29.42 -0.92 -3.64
C ALA B 829 -30.22 -2.20 -3.46
N ASP B 830 -31.31 -2.33 -4.22
CA ASP B 830 -32.13 -3.55 -4.28
C ASP B 830 -32.96 -3.78 -3.03
N ALA B 831 -32.73 -2.98 -1.98
CA ALA B 831 -33.49 -3.10 -0.74
C ALA B 831 -33.68 -4.56 -0.33
N GLY B 832 -32.64 -5.37 -0.53
CA GLY B 832 -32.71 -6.77 -0.20
C GLY B 832 -31.34 -7.42 -0.18
N PHE B 833 -31.15 -8.45 0.65
CA PHE B 833 -29.87 -9.10 0.82
C PHE B 833 -29.89 -10.55 0.36
N ILE B 834 -30.86 -10.92 -0.47
CA ILE B 834 -30.94 -12.27 -1.05
C ILE B 834 -31.05 -12.09 -2.56
N LYS B 835 -29.96 -12.36 -3.27
CA LYS B 835 -29.94 -12.38 -4.73
C LYS B 835 -29.44 -13.76 -5.14
N GLN B 836 -30.37 -14.63 -5.52
CA GLN B 836 -30.04 -16.02 -5.76
C GLN B 836 -29.22 -16.18 -7.03
N TYR B 837 -28.48 -17.29 -7.10
CA TYR B 837 -27.67 -17.58 -8.27
C TYR B 837 -28.49 -17.60 -9.54
N GLY B 838 -29.75 -18.05 -9.46
CA GLY B 838 -30.58 -18.09 -10.64
C GLY B 838 -30.84 -16.70 -11.22
N ASP B 839 -31.13 -15.73 -10.35
CA ASP B 839 -31.42 -14.39 -10.83
C ASP B 839 -30.21 -13.76 -11.51
N CYS B 840 -29.03 -13.92 -10.92
CA CYS B 840 -27.82 -13.37 -11.53
C CYS B 840 -27.41 -14.12 -12.79
N LEU B 841 -27.90 -15.34 -12.97
CA LEU B 841 -27.53 -16.15 -14.12
C LEU B 841 -28.20 -15.62 -15.39
N GLY B 842 -27.57 -15.90 -16.53
CA GLY B 842 -28.13 -15.53 -17.82
C GLY B 842 -27.89 -14.09 -18.21
N ASP B 843 -26.62 -13.72 -18.36
CA ASP B 843 -26.20 -12.41 -18.87
C ASP B 843 -26.87 -11.26 -18.13
N ILE B 844 -27.27 -11.50 -16.88
CA ILE B 844 -27.71 -10.43 -16.00
C ILE B 844 -26.58 -9.94 -15.09
N ALA B 845 -25.42 -10.61 -15.11
CA ALA B 845 -24.33 -10.25 -14.23
C ALA B 845 -23.64 -8.97 -14.72
N ALA B 846 -23.27 -8.92 -16.00
CA ALA B 846 -22.64 -7.73 -16.53
C ALA B 846 -23.58 -6.53 -16.47
N ARG B 847 -24.89 -6.78 -16.48
CA ARG B 847 -25.87 -5.71 -16.40
C ARG B 847 -26.05 -5.23 -14.96
N ASP B 848 -26.44 -6.14 -14.07
CA ASP B 848 -26.62 -5.78 -12.67
C ASP B 848 -25.26 -5.62 -12.00
N LEU B 849 -25.10 -4.52 -11.26
CA LEU B 849 -23.84 -4.24 -10.59
C LEU B 849 -23.64 -5.15 -9.39
N ILE B 850 -24.72 -5.45 -8.66
CA ILE B 850 -24.62 -6.29 -7.48
C ILE B 850 -24.16 -7.69 -7.85
N CYS B 851 -24.69 -8.22 -8.96
CA CYS B 851 -24.25 -9.54 -9.43
C CYS B 851 -22.76 -9.53 -9.73
N ALA B 852 -22.27 -8.47 -10.35
CA ALA B 852 -20.83 -8.38 -10.64
C ALA B 852 -20.01 -8.31 -9.35
N GLN B 853 -20.43 -7.47 -8.41
CA GLN B 853 -19.77 -7.40 -7.12
C GLN B 853 -19.76 -8.73 -6.41
N LYS B 854 -20.76 -9.57 -6.67
CA LYS B 854 -20.97 -10.80 -5.93
C LYS B 854 -20.32 -12.02 -6.57
N PHE B 855 -20.14 -12.00 -7.89
CA PHE B 855 -19.34 -13.00 -8.59
C PHE B 855 -17.85 -12.78 -8.37
N ASN B 856 -17.45 -11.67 -7.77
CA ASN B 856 -16.05 -11.32 -7.58
C ASN B 856 -15.66 -11.30 -6.11
N GLY B 857 -16.52 -11.82 -5.24
CA GLY B 857 -16.19 -12.01 -3.85
C GLY B 857 -16.70 -10.97 -2.89
N LEU B 858 -17.40 -9.95 -3.37
CA LEU B 858 -17.84 -8.84 -2.53
C LEU B 858 -19.31 -9.03 -2.18
N THR B 859 -19.61 -9.04 -0.88
CA THR B 859 -20.95 -9.24 -0.38
C THR B 859 -21.30 -8.15 0.63
N VAL B 860 -22.59 -7.83 0.71
CA VAL B 860 -23.10 -6.83 1.64
C VAL B 860 -23.90 -7.57 2.71
N LEU B 861 -23.44 -7.51 3.95
CA LEU B 861 -24.11 -8.20 5.03
C LEU B 861 -25.33 -7.42 5.49
N PRO B 862 -26.35 -8.11 6.00
CA PRO B 862 -27.54 -7.42 6.49
C PRO B 862 -27.32 -6.88 7.88
N PRO B 863 -27.89 -5.72 8.21
CA PRO B 863 -27.75 -5.17 9.55
C PRO B 863 -28.49 -6.00 10.58
N LEU B 864 -28.03 -5.92 11.83
CA LEU B 864 -28.62 -6.69 12.92
C LEU B 864 -29.99 -6.16 13.31
N LEU B 865 -30.33 -4.94 12.93
CA LEU B 865 -31.61 -4.33 13.27
C LEU B 865 -32.38 -4.02 12.00
N THR B 866 -33.62 -4.48 11.94
CA THR B 866 -34.49 -4.17 10.81
C THR B 866 -35.04 -2.76 10.96
N ASP B 867 -35.54 -2.23 9.85
CA ASP B 867 -36.13 -0.89 9.86
C ASP B 867 -37.34 -0.83 10.77
N GLU B 868 -38.16 -1.88 10.77
CA GLU B 868 -39.35 -1.89 11.61
C GLU B 868 -38.97 -1.85 13.09
N MET B 869 -37.90 -2.56 13.47
CA MET B 869 -37.49 -2.58 14.87
C MET B 869 -36.91 -1.23 15.30
N ILE B 870 -36.16 -0.59 14.41
CA ILE B 870 -35.68 0.75 14.69
C ILE B 870 -36.86 1.71 14.85
N ALA B 871 -37.87 1.57 13.99
CA ALA B 871 -39.07 2.37 14.12
C ALA B 871 -39.77 2.11 15.45
N GLN B 872 -39.76 0.85 15.90
CA GLN B 872 -40.34 0.54 17.20
C GLN B 872 -39.59 1.25 18.31
N TYR B 873 -38.26 1.25 18.26
CA TYR B 873 -37.47 1.97 19.25
C TYR B 873 -37.81 3.45 19.24
N THR B 874 -37.89 4.04 18.05
CA THR B 874 -38.21 5.47 17.96
C THR B 874 -39.59 5.76 18.51
N SER B 875 -40.57 4.92 18.19
CA SER B 875 -41.91 5.12 18.70
C SER B 875 -41.94 5.03 20.22
N ALA B 876 -41.17 4.09 20.79
CA ALA B 876 -41.07 4.02 22.23
C ALA B 876 -40.51 5.30 22.80
N LEU B 877 -39.46 5.84 22.18
CA LEU B 877 -38.87 7.08 22.67
C LEU B 877 -39.86 8.24 22.59
N LEU B 878 -40.61 8.34 21.49
CA LEU B 878 -41.59 9.41 21.35
C LEU B 878 -42.68 9.28 22.40
N ALA B 879 -43.19 8.05 22.61
CA ALA B 879 -44.22 7.85 23.62
C ALA B 879 -43.71 8.22 25.00
N GLY B 880 -42.47 7.85 25.31
CA GLY B 880 -41.91 8.18 26.60
C GLY B 880 -41.78 9.69 26.80
N THR B 881 -41.22 10.38 25.81
CA THR B 881 -41.02 11.81 25.95
C THR B 881 -42.34 12.58 25.91
N ILE B 882 -43.39 11.99 25.35
CA ILE B 882 -44.69 12.65 25.33
C ILE B 882 -45.41 12.45 26.66
N THR B 883 -45.57 11.19 27.08
CA THR B 883 -46.35 10.90 28.27
C THR B 883 -45.62 11.27 29.54
N SER B 884 -44.33 11.00 29.61
CA SER B 884 -43.56 11.15 30.83
C SER B 884 -42.60 12.32 30.83
N GLY B 885 -42.12 12.75 29.68
CA GLY B 885 -41.18 13.85 29.60
C GLY B 885 -39.75 13.34 29.57
N TRP B 886 -38.91 13.89 30.45
CA TRP B 886 -37.52 13.47 30.57
C TRP B 886 -37.29 12.52 31.73
N THR B 887 -38.35 12.04 32.37
CA THR B 887 -38.20 11.14 33.50
C THR B 887 -37.82 9.73 33.06
N PHE B 888 -38.36 9.28 31.93
CA PHE B 888 -38.09 7.92 31.47
C PHE B 888 -36.62 7.72 31.12
N GLY B 889 -35.89 8.81 30.84
CA GLY B 889 -34.46 8.70 30.61
C GLY B 889 -33.62 8.67 31.87
N ALA B 890 -34.26 8.85 33.03
CA ALA B 890 -33.58 8.80 34.32
C ALA B 890 -34.00 7.62 35.16
N GLY B 891 -34.89 6.77 34.66
CA GLY B 891 -35.38 5.64 35.42
C GLY B 891 -36.75 5.19 34.96
N ALA B 892 -37.67 5.04 35.90
CA ALA B 892 -39.03 4.62 35.57
C ALA B 892 -39.83 5.80 35.04
N ALA B 893 -40.64 5.54 34.03
CA ALA B 893 -41.45 6.59 33.43
C ALA B 893 -42.47 7.11 34.43
N LEU B 894 -42.63 8.43 34.46
CA LEU B 894 -43.57 9.11 35.34
C LEU B 894 -44.49 9.96 34.48
N GLN B 895 -45.76 9.58 34.42
CA GLN B 895 -46.70 10.27 33.55
C GLN B 895 -46.87 11.72 33.99
N ILE B 896 -47.06 12.59 33.01
CA ILE B 896 -47.31 14.01 33.28
C ILE B 896 -48.12 14.59 32.12
N PRO B 897 -49.10 15.44 32.38
CA PRO B 897 -49.81 16.08 31.27
C PRO B 897 -48.84 16.88 30.40
N PHE B 898 -49.08 16.84 29.09
CA PHE B 898 -48.13 17.44 28.16
C PHE B 898 -48.02 18.95 28.36
N ALA B 899 -49.14 19.60 28.67
CA ALA B 899 -49.09 21.05 28.87
C ALA B 899 -48.15 21.41 30.01
N MET B 900 -48.21 20.65 31.11
CA MET B 900 -47.33 20.92 32.24
C MET B 900 -45.89 20.61 31.91
N GLN B 901 -45.65 19.59 31.08
CA GLN B 901 -44.31 19.31 30.61
C GLN B 901 -43.75 20.49 29.82
N MET B 902 -44.56 21.04 28.92
CA MET B 902 -44.13 22.20 28.16
C MET B 902 -43.93 23.41 29.07
N ALA B 903 -44.73 23.53 30.12
CA ALA B 903 -44.52 24.59 31.10
C ALA B 903 -43.18 24.45 31.79
N TYR B 904 -42.82 23.22 32.17
CA TYR B 904 -41.50 22.99 32.76
C TYR B 904 -40.40 23.37 31.78
N ARG B 905 -40.58 23.02 30.52
CA ARG B 905 -39.58 23.37 29.51
C ARG B 905 -39.45 24.88 29.37
N PHE B 906 -40.59 25.58 29.36
CA PHE B 906 -40.56 27.04 29.30
C PHE B 906 -39.80 27.63 30.48
N ASN B 907 -40.08 27.12 31.69
CA ASN B 907 -39.29 27.52 32.83
C ASN B 907 -37.81 27.23 32.60
N GLY B 908 -37.50 26.15 31.91
CA GLY B 908 -36.13 25.82 31.62
C GLY B 908 -35.45 26.82 30.72
N ILE B 909 -36.19 27.43 29.79
CA ILE B 909 -35.62 28.42 28.89
C ILE B 909 -35.81 29.82 29.45
N GLY B 910 -36.11 29.91 30.74
CA GLY B 910 -36.26 31.21 31.38
C GLY B 910 -37.53 31.95 31.00
N VAL B 911 -38.64 31.23 30.87
CA VAL B 911 -39.93 31.83 30.59
C VAL B 911 -40.92 31.28 31.61
N THR B 912 -41.72 32.16 32.21
CA THR B 912 -42.67 31.74 33.22
C THR B 912 -43.70 30.79 32.63
N GLN B 913 -44.11 29.81 33.44
CA GLN B 913 -45.06 28.81 32.98
C GLN B 913 -46.43 29.41 32.67
N ASN B 914 -46.70 30.62 33.14
CA ASN B 914 -47.98 31.26 32.82
C ASN B 914 -48.10 31.58 31.34
N VAL B 915 -46.98 31.87 30.68
CA VAL B 915 -47.02 32.23 29.27
C VAL B 915 -47.62 31.11 28.45
N LEU B 916 -47.21 29.86 28.74
CA LEU B 916 -47.73 28.73 27.99
C LEU B 916 -49.24 28.58 28.17
N TYR B 917 -49.70 28.57 29.42
CA TYR B 917 -51.11 28.35 29.69
C TYR B 917 -51.96 29.46 29.09
N GLU B 918 -51.52 30.71 29.22
CA GLU B 918 -52.26 31.83 28.65
C GLU B 918 -52.20 31.85 27.12
N ASN B 919 -51.32 31.07 26.50
CA ASN B 919 -51.18 31.02 25.06
C ASN B 919 -51.03 29.59 24.58
N GLN B 920 -51.80 28.68 25.17
CA GLN B 920 -51.67 27.27 24.85
C GLN B 920 -52.14 26.97 23.43
N LYS B 921 -53.30 27.50 23.05
CA LYS B 921 -53.84 27.22 21.72
C LYS B 921 -52.93 27.75 20.63
N LEU B 922 -52.42 28.97 20.82
CA LEU B 922 -51.53 29.56 19.82
C LEU B 922 -50.26 28.71 19.65
N ILE B 923 -49.69 28.26 20.77
CA ILE B 923 -48.47 27.45 20.70
C ILE B 923 -48.75 26.13 20.01
N ALA B 924 -49.87 25.50 20.34
CA ALA B 924 -50.22 24.23 19.70
C ALA B 924 -50.41 24.40 18.20
N ASN B 925 -51.09 25.48 17.80
CA ASN B 925 -51.28 25.73 16.37
C ASN B 925 -49.94 25.97 15.67
N GLN B 926 -49.06 26.75 16.30
CA GLN B 926 -47.74 26.97 15.72
C GLN B 926 -46.99 25.67 15.56
N PHE B 927 -47.02 24.81 16.58
CA PHE B 927 -46.31 23.55 16.51
C PHE B 927 -46.86 22.67 15.40
N ASN B 928 -48.19 22.58 15.30
CA ASN B 928 -48.79 21.74 14.27
C ASN B 928 -48.46 22.25 12.87
N SER B 929 -48.54 23.57 12.67
CA SER B 929 -48.18 24.14 11.38
C SER B 929 -46.72 23.88 11.05
N ALA B 930 -45.84 24.01 12.03
CA ALA B 930 -44.42 23.75 11.80
C ALA B 930 -44.14 22.30 11.47
N ILE B 931 -44.86 21.36 12.11
CA ILE B 931 -44.68 19.94 11.81
C ILE B 931 -45.28 19.58 10.45
N GLY B 932 -46.27 20.34 9.98
CA GLY B 932 -46.75 20.14 8.62
C GLY B 932 -45.78 20.70 7.60
N LYS B 933 -45.09 21.78 7.97
CA LYS B 933 -44.07 22.35 7.09
C LYS B 933 -42.94 21.37 6.83
N ILE B 934 -42.56 20.56 7.82
CA ILE B 934 -41.52 19.56 7.59
C ILE B 934 -41.96 18.56 6.54
N GLN B 935 -43.21 18.10 6.65
CA GLN B 935 -43.77 17.23 5.63
C GLN B 935 -43.74 17.87 4.27
N ASP B 936 -44.09 19.15 4.18
CA ASP B 936 -44.08 19.78 2.87
C ASP B 936 -42.67 19.83 2.31
N SER B 937 -41.69 20.14 3.17
CA SER B 937 -40.30 20.19 2.74
C SER B 937 -39.79 18.82 2.29
N LEU B 938 -40.32 17.74 2.87
CA LEU B 938 -39.81 16.41 2.55
C LEU B 938 -40.60 15.71 1.45
N SER B 939 -41.93 15.84 1.46
CA SER B 939 -42.79 15.31 0.42
C SER B 939 -42.67 16.07 -0.88
N SER B 940 -42.21 17.32 -0.82
CA SER B 940 -41.87 18.05 -2.03
C SER B 940 -40.54 17.52 -2.55
N THR B 941 -39.98 18.17 -3.55
CA THR B 941 -38.73 17.73 -4.18
C THR B 941 -37.58 18.56 -3.64
N ALA B 942 -36.66 17.90 -2.95
CA ALA B 942 -35.49 18.56 -2.37
C ALA B 942 -34.53 17.50 -1.86
N SER B 943 -33.24 17.79 -1.95
CA SER B 943 -32.20 16.88 -1.46
C SER B 943 -32.03 17.02 0.05
N ALA B 944 -33.13 16.74 0.76
CA ALA B 944 -33.12 16.89 2.21
C ALA B 944 -32.11 15.95 2.85
N LEU B 945 -32.10 14.68 2.44
CA LEU B 945 -31.21 13.68 2.98
C LEU B 945 -30.05 13.49 2.01
N GLY B 946 -29.09 14.41 2.08
CA GLY B 946 -27.92 14.35 1.23
C GLY B 946 -26.80 13.56 1.87
N LYS B 947 -26.68 13.62 3.19
CA LYS B 947 -25.60 12.92 3.88
C LYS B 947 -25.77 11.41 3.75
N LEU B 948 -26.97 10.91 4.00
CA LEU B 948 -27.21 9.47 3.92
C LEU B 948 -27.02 8.96 2.49
N GLN B 949 -27.54 9.70 1.52
CA GLN B 949 -27.39 9.29 0.13
C GLN B 949 -25.92 9.33 -0.29
N ASP B 950 -25.17 10.32 0.20
CA ASP B 950 -23.74 10.36 -0.09
C ASP B 950 -23.02 9.16 0.52
N VAL B 951 -23.42 8.76 1.73
CA VAL B 951 -22.83 7.56 2.34
C VAL B 951 -23.08 6.35 1.45
N VAL B 952 -24.33 6.16 1.05
CA VAL B 952 -24.67 5.00 0.21
C VAL B 952 -23.90 5.05 -1.10
N ASN B 953 -23.84 6.23 -1.72
CA ASN B 953 -23.15 6.38 -2.99
C ASN B 953 -21.66 6.11 -2.84
N GLN B 954 -21.07 6.55 -1.74
CA GLN B 954 -19.65 6.30 -1.51
C GLN B 954 -19.38 4.81 -1.40
N ASN B 955 -20.22 4.09 -0.64
CA ASN B 955 -20.02 2.65 -0.51
C ASN B 955 -20.16 1.96 -1.87
N ALA B 956 -21.22 2.30 -2.61
CA ALA B 956 -21.44 1.66 -3.90
C ALA B 956 -20.32 1.97 -4.87
N GLN B 957 -19.86 3.22 -4.89
CA GLN B 957 -18.77 3.61 -5.76
C GLN B 957 -17.49 2.89 -5.41
N ALA B 958 -17.21 2.71 -4.11
CA ALA B 958 -16.03 1.98 -3.71
C ALA B 958 -16.09 0.54 -4.21
N LEU B 959 -17.24 -0.11 -4.05
CA LEU B 959 -17.36 -1.49 -4.52
C LEU B 959 -17.22 -1.57 -6.04
N ASN B 960 -17.84 -0.62 -6.76
CA ASN B 960 -17.74 -0.64 -8.21
C ASN B 960 -16.32 -0.39 -8.67
N THR B 961 -15.61 0.51 -8.00
CA THR B 961 -14.21 0.75 -8.33
C THR B 961 -13.38 -0.49 -8.08
N LEU B 962 -13.65 -1.20 -6.98
CA LEU B 962 -12.94 -2.44 -6.71
C LEU B 962 -13.18 -3.45 -7.81
N VAL B 963 -14.42 -3.55 -8.29
CA VAL B 963 -14.72 -4.48 -9.37
C VAL B 963 -14.01 -4.07 -10.64
N LYS B 964 -14.01 -2.77 -10.96
CA LYS B 964 -13.42 -2.30 -12.21
C LYS B 964 -11.90 -2.31 -12.19
N GLN B 965 -11.28 -2.34 -11.01
CA GLN B 965 -9.84 -2.45 -10.90
C GLN B 965 -9.34 -3.86 -11.18
N LEU B 966 -10.23 -4.78 -11.53
CA LEU B 966 -9.84 -6.10 -12.00
C LEU B 966 -9.49 -6.11 -13.48
N SER B 967 -9.69 -4.99 -14.17
CA SER B 967 -9.30 -4.83 -15.56
C SER B 967 -7.90 -4.27 -15.70
N SER B 968 -7.18 -4.10 -14.59
CA SER B 968 -5.83 -3.54 -14.59
C SER B 968 -4.82 -4.66 -14.78
N ASN B 969 -3.84 -4.42 -15.65
CA ASN B 969 -2.83 -5.42 -15.96
C ASN B 969 -1.67 -5.41 -14.99
N PHE B 970 -1.51 -4.34 -14.21
CA PHE B 970 -0.49 -4.29 -13.15
C PHE B 970 0.89 -4.67 -13.66
N GLY B 971 1.20 -4.27 -14.89
CA GLY B 971 2.48 -4.58 -15.48
C GLY B 971 2.60 -5.98 -16.05
N ALA B 972 1.49 -6.68 -16.23
CA ALA B 972 1.49 -8.02 -16.77
C ALA B 972 1.05 -7.98 -18.24
N ILE B 973 0.93 -9.17 -18.83
CA ILE B 973 0.51 -9.25 -20.23
C ILE B 973 -1.00 -9.13 -20.36
N SER B 974 -1.76 -9.39 -19.31
CA SER B 974 -3.21 -9.33 -19.35
C SER B 974 -3.74 -9.26 -17.93
N SER B 975 -5.06 -9.09 -17.83
CA SER B 975 -5.76 -8.99 -16.55
C SER B 975 -6.88 -10.01 -16.43
N VAL B 976 -6.80 -11.10 -17.20
CA VAL B 976 -7.90 -12.05 -17.31
C VAL B 976 -7.57 -13.32 -16.53
N LEU B 977 -6.27 -13.65 -16.45
CA LEU B 977 -5.79 -14.79 -15.68
C LEU B 977 -6.09 -16.11 -16.36
N ASN B 978 -6.85 -16.09 -17.44
CA ASN B 978 -7.10 -17.26 -18.26
C ASN B 978 -6.31 -17.21 -19.57
N ASP B 979 -6.16 -16.03 -20.15
CA ASP B 979 -5.24 -15.87 -21.28
C ASP B 979 -3.82 -16.19 -20.86
N ILE B 980 -3.43 -15.76 -19.66
CA ILE B 980 -2.08 -16.04 -19.16
C ILE B 980 -1.87 -17.54 -19.02
N LEU B 981 -2.85 -18.23 -18.41
CA LEU B 981 -2.70 -19.66 -18.18
C LEU B 981 -2.73 -20.43 -19.49
N SER B 982 -3.55 -20.00 -20.46
CA SER B 982 -3.63 -20.70 -21.72
C SER B 982 -2.38 -20.49 -22.56
N ARG B 983 -1.88 -19.26 -22.63
CA ARG B 983 -0.74 -18.97 -23.48
C ARG B 983 0.56 -19.50 -22.89
N LEU B 984 0.74 -19.35 -21.58
CA LEU B 984 2.02 -19.58 -20.94
C LEU B 984 1.99 -20.83 -20.06
N ASP B 985 3.14 -21.45 -19.94
CA ASP B 985 3.34 -22.56 -19.03
C ASP B 985 3.45 -22.03 -17.59
N PRO B 986 3.29 -22.90 -16.60
CA PRO B 986 3.27 -22.44 -15.20
C PRO B 986 4.44 -21.54 -14.87
N PRO B 987 5.69 -22.00 -15.07
CA PRO B 987 6.83 -21.19 -14.59
C PRO B 987 6.87 -19.80 -15.19
N GLU B 988 6.53 -19.65 -16.46
CA GLU B 988 6.52 -18.34 -17.09
C GLU B 988 5.31 -17.51 -16.71
N ALA B 989 4.23 -18.16 -16.27
CA ALA B 989 3.03 -17.46 -15.82
C ALA B 989 3.10 -17.07 -14.35
N GLU B 990 4.06 -17.62 -13.61
CA GLU B 990 4.14 -17.32 -12.18
C GLU B 990 4.34 -15.83 -11.96
N VAL B 991 5.20 -15.21 -12.75
CA VAL B 991 5.53 -13.80 -12.57
C VAL B 991 4.30 -12.93 -12.85
N GLN B 992 3.60 -13.22 -13.94
CA GLN B 992 2.42 -12.43 -14.28
C GLN B 992 1.34 -12.58 -13.21
N ILE B 993 1.12 -13.81 -12.75
CA ILE B 993 0.10 -14.03 -11.73
C ILE B 993 0.48 -13.36 -10.43
N ASP B 994 1.78 -13.35 -10.10
CA ASP B 994 2.23 -12.66 -8.90
C ASP B 994 2.01 -11.16 -9.03
N ARG B 995 2.26 -10.60 -10.21
CA ARG B 995 2.00 -9.19 -10.43
C ARG B 995 0.53 -8.87 -10.19
N LEU B 996 -0.36 -9.66 -10.79
CA LEU B 996 -1.78 -9.43 -10.61
C LEU B 996 -2.22 -9.62 -9.16
N ILE B 997 -1.68 -10.63 -8.48
CA ILE B 997 -2.01 -10.84 -7.07
C ILE B 997 -1.60 -9.63 -6.25
N THR B 998 -0.39 -9.12 -6.47
CA THR B 998 0.09 -7.96 -5.71
C THR B 998 -0.81 -6.76 -5.98
N GLY B 999 -1.15 -6.52 -7.24
CA GLY B 999 -1.99 -5.38 -7.57
C GLY B 999 -3.36 -5.47 -6.93
N ARG B 1000 -3.99 -6.64 -7.01
CA ARG B 1000 -5.33 -6.78 -6.47
C ARG B 1000 -5.33 -6.76 -4.94
N LEU B 1001 -4.27 -7.29 -4.32
CA LEU B 1001 -4.13 -7.16 -2.88
C LEU B 1001 -3.99 -5.71 -2.47
N GLN B 1002 -3.22 -4.94 -3.23
CA GLN B 1002 -3.10 -3.51 -2.95
C GLN B 1002 -4.44 -2.82 -3.08
N SER B 1003 -5.21 -3.18 -4.11
CA SER B 1003 -6.53 -2.58 -4.29
C SER B 1003 -7.43 -2.88 -3.10
N LEU B 1004 -7.44 -4.15 -2.66
CA LEU B 1004 -8.27 -4.53 -1.53
C LEU B 1004 -7.83 -3.80 -0.26
N GLN B 1005 -6.52 -3.69 -0.04
CA GLN B 1005 -6.03 -2.99 1.15
C GLN B 1005 -6.42 -1.52 1.12
N THR B 1006 -6.33 -0.89 -0.05
CA THR B 1006 -6.76 0.50 -0.18
C THR B 1006 -8.24 0.64 0.13
N TYR B 1007 -9.07 -0.26 -0.40
CA TYR B 1007 -10.49 -0.20 -0.12
C TYR B 1007 -10.76 -0.36 1.38
N VAL B 1008 -10.05 -1.29 2.02
CA VAL B 1008 -10.24 -1.53 3.44
C VAL B 1008 -9.84 -0.30 4.26
N THR B 1009 -8.73 0.34 3.89
CA THR B 1009 -8.30 1.53 4.62
C THR B 1009 -9.31 2.65 4.47
N GLN B 1010 -9.81 2.87 3.26
CA GLN B 1010 -10.82 3.90 3.05
C GLN B 1010 -12.08 3.59 3.86
N GLN B 1011 -12.47 2.31 3.89
CA GLN B 1011 -13.63 1.92 4.68
C GLN B 1011 -13.40 2.17 6.16
N LEU B 1012 -12.19 1.90 6.65
CA LEU B 1012 -11.89 2.16 8.06
C LEU B 1012 -12.03 3.65 8.38
N ILE B 1013 -11.49 4.51 7.51
CA ILE B 1013 -11.58 5.95 7.77
C ILE B 1013 -13.03 6.40 7.74
N ARG B 1014 -13.79 5.94 6.74
CA ARG B 1014 -15.20 6.31 6.68
C ARG B 1014 -15.96 5.77 7.89
N ALA B 1015 -15.59 4.60 8.38
CA ALA B 1015 -16.23 4.05 9.57
C ALA B 1015 -15.91 4.88 10.80
N ALA B 1016 -14.69 5.41 10.89
CA ALA B 1016 -14.36 6.32 11.99
C ALA B 1016 -15.24 7.57 11.92
N GLU B 1017 -15.38 8.14 10.72
CA GLU B 1017 -16.25 9.31 10.57
C GLU B 1017 -17.69 8.98 10.96
N ILE B 1018 -18.19 7.83 10.52
CA ILE B 1018 -19.56 7.44 10.83
C ILE B 1018 -19.72 7.19 12.32
N ARG B 1019 -18.69 6.66 12.97
CA ARG B 1019 -18.74 6.44 14.41
C ARG B 1019 -18.80 7.77 15.15
N ALA B 1020 -18.03 8.76 14.69
CA ALA B 1020 -18.15 10.09 15.28
C ALA B 1020 -19.56 10.63 15.13
N SER B 1021 -20.13 10.50 13.93
CA SER B 1021 -21.49 10.98 13.70
C SER B 1021 -22.48 10.25 14.59
N ALA B 1022 -22.31 8.94 14.75
CA ALA B 1022 -23.23 8.15 15.57
C ALA B 1022 -23.13 8.51 17.04
N ASN B 1023 -21.91 8.75 17.53
CA ASN B 1023 -21.75 9.19 18.92
C ASN B 1023 -22.39 10.54 19.12
N LEU B 1024 -22.23 11.45 18.16
CA LEU B 1024 -22.92 12.73 18.24
C LEU B 1024 -24.43 12.54 18.26
N ALA B 1025 -24.93 11.62 17.43
CA ALA B 1025 -26.38 11.38 17.38
C ALA B 1025 -26.89 10.81 18.68
N ALA B 1026 -26.12 9.91 19.30
CA ALA B 1026 -26.51 9.36 20.59
C ALA B 1026 -26.52 10.45 21.66
N THR B 1027 -25.50 11.30 21.65
CA THR B 1027 -25.47 12.42 22.59
C THR B 1027 -26.68 13.33 22.38
N LYS B 1028 -27.02 13.60 21.12
CA LYS B 1028 -28.18 14.43 20.84
C LYS B 1028 -29.48 13.76 21.31
N MET B 1029 -29.66 12.48 21.01
CA MET B 1029 -30.82 11.78 21.55
C MET B 1029 -30.89 11.93 23.07
N SER B 1030 -29.81 11.63 23.77
CA SER B 1030 -29.84 11.66 25.23
C SER B 1030 -30.13 13.05 25.76
N GLU B 1031 -29.50 14.09 25.19
CA GLU B 1031 -29.57 15.43 25.77
C GLU B 1031 -30.73 16.27 25.28
N CYS B 1032 -31.20 16.05 24.05
CA CYS B 1032 -32.31 16.80 23.49
C CYS B 1032 -33.64 16.06 23.58
N VAL B 1033 -33.64 14.75 23.32
CA VAL B 1033 -34.89 13.98 23.37
C VAL B 1033 -35.24 13.59 24.78
N LEU B 1034 -34.29 12.98 25.49
CA LEU B 1034 -34.50 12.53 26.86
C LEU B 1034 -34.31 13.64 27.88
N GLY B 1035 -34.11 14.87 27.43
CA GLY B 1035 -33.94 15.97 28.35
C GLY B 1035 -34.01 17.29 27.61
N GLN B 1036 -33.84 18.36 28.37
CA GLN B 1036 -33.82 19.71 27.85
C GLN B 1036 -32.39 20.23 27.93
N SER B 1037 -31.86 20.69 26.80
CA SER B 1037 -30.47 21.07 26.69
C SER B 1037 -30.33 22.59 26.75
N LYS B 1038 -29.49 23.07 27.67
CA LYS B 1038 -29.13 24.47 27.71
C LYS B 1038 -27.99 24.81 26.78
N ARG B 1039 -27.34 23.81 26.18
CA ARG B 1039 -26.30 24.06 25.20
C ARG B 1039 -26.88 24.77 23.99
N VAL B 1040 -26.12 25.73 23.47
CA VAL B 1040 -26.59 26.60 22.40
C VAL B 1040 -26.29 25.95 21.06
N ASP B 1041 -27.29 25.93 20.17
CA ASP B 1041 -27.22 25.39 18.82
C ASP B 1041 -26.96 23.89 18.80
N PHE B 1042 -26.90 23.23 19.95
CA PHE B 1042 -26.73 21.78 19.96
C PHE B 1042 -28.00 21.08 19.53
N CYS B 1043 -29.15 21.52 20.05
CA CYS B 1043 -30.45 20.99 19.68
C CYS B 1043 -31.21 22.10 18.95
N GLY B 1044 -30.94 22.23 17.66
CA GLY B 1044 -31.64 23.19 16.82
C GLY B 1044 -31.21 24.62 17.08
N LYS B 1045 -31.85 25.53 16.36
CA LYS B 1045 -31.61 26.96 16.49
C LYS B 1045 -32.64 27.55 17.43
N GLY B 1046 -32.16 28.31 18.41
CA GLY B 1046 -33.02 28.93 19.39
C GLY B 1046 -33.02 28.18 20.70
N TYR B 1047 -33.88 28.64 21.61
CA TYR B 1047 -34.00 28.02 22.91
C TYR B 1047 -34.72 26.69 22.77
N HIS B 1048 -34.03 25.61 23.15
CA HIS B 1048 -34.55 24.26 22.93
C HIS B 1048 -35.66 23.94 23.91
N LEU B 1049 -36.79 23.46 23.37
CA LEU B 1049 -37.88 22.93 24.18
C LEU B 1049 -37.85 21.41 24.23
N MET B 1050 -37.95 20.76 23.08
CA MET B 1050 -37.97 19.31 23.01
C MET B 1050 -37.57 18.89 21.60
N SER B 1051 -37.25 17.61 21.47
CA SER B 1051 -36.87 17.03 20.20
C SER B 1051 -37.60 15.71 20.01
N PHE B 1052 -37.78 15.34 18.75
CA PHE B 1052 -38.51 14.12 18.39
C PHE B 1052 -37.66 13.31 17.43
N PRO B 1053 -37.25 12.09 17.78
CA PRO B 1053 -36.45 11.30 16.87
C PRO B 1053 -37.27 10.65 15.78
N GLN B 1054 -36.68 10.55 14.59
CA GLN B 1054 -37.28 9.83 13.49
C GLN B 1054 -36.18 9.06 12.78
N SER B 1055 -36.53 7.88 12.29
CA SER B 1055 -35.57 6.96 11.70
C SER B 1055 -35.51 7.16 10.19
N ALA B 1056 -34.29 7.14 9.66
CA ALA B 1056 -34.03 7.21 8.24
C ALA B 1056 -33.00 6.15 7.88
N PRO B 1057 -32.94 5.74 6.62
CA PRO B 1057 -31.97 4.69 6.24
C PRO B 1057 -30.55 5.10 6.57
N HIS B 1058 -29.89 4.26 7.37
CA HIS B 1058 -28.50 4.49 7.76
C HIS B 1058 -28.32 5.86 8.40
N GLY B 1059 -29.28 6.25 9.22
CA GLY B 1059 -29.21 7.54 9.88
C GLY B 1059 -30.42 7.78 10.73
N VAL B 1060 -30.43 8.96 11.35
CA VAL B 1060 -31.52 9.40 12.22
C VAL B 1060 -31.83 10.86 11.91
N VAL B 1061 -33.05 11.26 12.22
CA VAL B 1061 -33.53 12.62 11.99
C VAL B 1061 -34.17 13.14 13.27
N PHE B 1062 -33.70 14.28 13.74
CA PHE B 1062 -34.27 14.93 14.92
C PHE B 1062 -35.09 16.14 14.49
N LEU B 1063 -36.28 16.26 15.07
CA LEU B 1063 -37.13 17.43 14.87
C LEU B 1063 -36.99 18.31 16.10
N HIS B 1064 -36.18 19.35 15.98
CA HIS B 1064 -35.82 20.21 17.11
C HIS B 1064 -36.88 21.29 17.28
N VAL B 1065 -37.70 21.17 18.31
CA VAL B 1065 -38.66 22.21 18.65
C VAL B 1065 -37.95 23.27 19.48
N THR B 1066 -38.05 24.53 19.05
CA THR B 1066 -37.33 25.62 19.67
C THR B 1066 -38.24 26.82 19.87
N TYR B 1067 -37.87 27.65 20.84
CA TYR B 1067 -38.60 28.86 21.19
C TYR B 1067 -37.83 30.05 20.67
N VAL B 1068 -38.36 30.70 19.64
CA VAL B 1068 -37.71 31.81 18.97
C VAL B 1068 -38.53 33.08 19.24
N PRO B 1069 -38.02 34.04 20.02
CA PRO B 1069 -38.72 35.32 20.13
C PRO B 1069 -38.77 36.01 18.77
N ALA B 1070 -39.90 36.66 18.50
CA ALA B 1070 -40.17 37.21 17.17
C ALA B 1070 -40.27 38.73 17.17
N GLN B 1071 -41.14 39.30 17.98
CA GLN B 1071 -41.42 40.73 17.95
C GLN B 1071 -40.79 41.38 19.18
N GLU B 1072 -39.90 42.33 18.94
CA GLU B 1072 -39.19 43.03 20.00
C GLU B 1072 -39.53 44.52 19.96
N LYS B 1073 -39.51 45.15 21.13
CA LYS B 1073 -39.82 46.56 21.27
C LYS B 1073 -38.67 47.24 21.98
N ASN B 1074 -38.24 48.39 21.45
CA ASN B 1074 -37.25 49.19 22.13
C ASN B 1074 -37.79 49.66 23.47
N PHE B 1075 -36.92 49.68 24.49
CA PHE B 1075 -37.29 50.14 25.82
C PHE B 1075 -36.14 50.93 26.40
N THR B 1076 -36.40 51.58 27.52
CA THR B 1076 -35.39 52.25 28.32
C THR B 1076 -35.23 51.48 29.63
N THR B 1077 -33.98 51.18 29.98
CA THR B 1077 -33.68 50.27 31.07
C THR B 1077 -32.80 50.96 32.11
N ALA B 1078 -32.67 50.30 33.26
CA ALA B 1078 -31.86 50.78 34.35
C ALA B 1078 -31.40 49.59 35.17
N PRO B 1079 -30.15 49.56 35.63
CA PRO B 1079 -29.69 48.43 36.44
C PRO B 1079 -30.34 48.34 37.82
N ALA B 1080 -30.85 49.45 38.35
CA ALA B 1080 -31.44 49.47 39.69
C ALA B 1080 -32.25 50.75 39.81
N ILE B 1081 -32.78 50.98 41.00
CA ILE B 1081 -33.54 52.20 41.31
C ILE B 1081 -33.36 52.53 42.78
N CYS B 1082 -33.22 53.82 43.08
CA CYS B 1082 -33.19 54.29 44.46
C CYS B 1082 -34.63 54.56 44.92
N HIS B 1083 -34.96 54.10 46.12
CA HIS B 1083 -36.27 54.31 46.71
C HIS B 1083 -36.20 55.22 47.93
N ASP B 1084 -35.39 54.86 48.92
CA ASP B 1084 -35.17 55.65 50.13
C ASP B 1084 -33.69 55.75 50.43
N GLY B 1085 -32.90 56.01 49.40
CA GLY B 1085 -31.46 55.97 49.50
C GLY B 1085 -30.86 54.60 49.41
N LYS B 1086 -31.66 53.56 49.17
CA LYS B 1086 -31.19 52.19 49.06
C LYS B 1086 -31.47 51.68 47.65
N ALA B 1087 -30.50 50.94 47.10
CA ALA B 1087 -30.60 50.45 45.74
C ALA B 1087 -31.42 49.17 45.69
N HIS B 1088 -32.32 49.09 44.71
CA HIS B 1088 -33.15 47.92 44.50
C HIS B 1088 -32.75 47.26 43.19
N PHE B 1089 -32.42 45.97 43.25
CA PHE B 1089 -32.12 45.19 42.07
C PHE B 1089 -33.21 44.15 41.85
N PRO B 1090 -33.45 43.75 40.60
CA PRO B 1090 -34.50 42.76 40.33
C PRO B 1090 -34.00 41.33 40.48
N ARG B 1091 -34.82 40.50 41.10
CA ARG B 1091 -34.54 39.08 41.23
C ARG B 1091 -35.26 38.36 40.09
N GLU B 1092 -34.48 37.77 39.18
CA GLU B 1092 -35.03 37.07 38.02
C GLU B 1092 -35.93 38.00 37.20
N GLY B 1093 -35.32 39.06 36.69
CA GLY B 1093 -36.06 40.04 35.91
C GLY B 1093 -35.16 41.16 35.46
N VAL B 1094 -35.78 42.16 34.83
CA VAL B 1094 -35.07 43.33 34.34
C VAL B 1094 -36.02 44.52 34.38
N PHE B 1095 -35.46 45.69 34.68
CA PHE B 1095 -36.22 46.92 34.75
C PHE B 1095 -36.36 47.54 33.37
N VAL B 1096 -37.54 48.08 33.08
CA VAL B 1096 -37.82 48.73 31.81
C VAL B 1096 -38.76 49.90 32.05
N SER B 1097 -38.81 50.80 31.08
CA SER B 1097 -39.68 51.97 31.12
C SER B 1097 -40.47 52.05 29.83
N ASN B 1098 -41.78 52.18 29.96
CA ASN B 1098 -42.67 52.44 28.84
C ASN B 1098 -42.81 53.93 28.54
N GLY B 1099 -41.88 54.73 29.04
CA GLY B 1099 -42.01 56.18 28.99
C GLY B 1099 -41.97 56.79 30.38
N THR B 1100 -43.12 57.30 30.83
CA THR B 1100 -43.20 57.98 32.11
C THR B 1100 -43.22 57.03 33.30
N HIS B 1101 -43.38 55.73 33.07
CA HIS B 1101 -43.49 54.76 34.17
C HIS B 1101 -42.48 53.65 33.98
N TRP B 1102 -42.05 53.08 35.10
CA TRP B 1102 -41.06 52.02 35.14
C TRP B 1102 -41.71 50.71 35.57
N PHE B 1103 -41.26 49.61 34.96
CA PHE B 1103 -41.76 48.29 35.27
C PHE B 1103 -40.59 47.32 35.37
N VAL B 1104 -40.90 46.08 35.71
CA VAL B 1104 -39.93 44.99 35.74
C VAL B 1104 -40.55 43.79 35.04
N THR B 1105 -39.75 43.13 34.20
CA THR B 1105 -40.25 42.03 33.39
C THR B 1105 -39.16 40.99 33.22
N GLN B 1106 -39.58 39.79 32.84
CA GLN B 1106 -38.64 38.74 32.50
C GLN B 1106 -37.97 39.06 31.17
N ARG B 1107 -36.71 38.62 31.05
CA ARG B 1107 -35.90 39.04 29.92
C ARG B 1107 -36.44 38.52 28.60
N ASN B 1108 -36.87 37.26 28.56
CA ASN B 1108 -37.21 36.59 27.31
C ASN B 1108 -38.65 36.82 26.87
N PHE B 1109 -39.43 37.59 27.63
CA PHE B 1109 -40.80 37.86 27.27
C PHE B 1109 -41.26 39.12 27.98
N TYR B 1110 -42.04 39.94 27.29
CA TYR B 1110 -42.52 41.20 27.85
C TYR B 1110 -43.79 40.92 28.64
N GLU B 1111 -43.65 40.77 29.95
CA GLU B 1111 -44.77 40.62 30.87
C GLU B 1111 -44.61 41.67 31.96
N PRO B 1112 -44.88 42.93 31.65
CA PRO B 1112 -44.56 44.00 32.61
C PRO B 1112 -45.33 43.84 33.91
N GLN B 1113 -44.68 44.25 35.00
CA GLN B 1113 -45.24 44.13 36.33
C GLN B 1113 -44.82 45.34 37.16
N ILE B 1114 -45.57 45.56 38.24
CA ILE B 1114 -45.24 46.66 39.14
C ILE B 1114 -44.02 46.28 39.97
N ILE B 1115 -43.21 47.28 40.29
CA ILE B 1115 -42.00 47.06 41.07
C ILE B 1115 -42.37 47.03 42.55
N THR B 1116 -42.02 45.93 43.22
CA THR B 1116 -42.38 45.73 44.61
C THR B 1116 -41.19 45.11 45.35
N THR B 1117 -41.23 45.22 46.68
CA THR B 1117 -40.16 44.67 47.50
C THR B 1117 -40.08 43.16 47.34
N ASP B 1118 -41.23 42.49 47.20
CA ASP B 1118 -41.24 41.06 46.98
C ASP B 1118 -40.63 40.68 45.64
N ASN B 1119 -40.57 41.62 44.70
CA ASN B 1119 -40.04 41.37 43.37
C ASN B 1119 -38.62 41.87 43.19
N THR B 1120 -38.04 42.53 44.20
CA THR B 1120 -36.69 43.07 44.12
C THR B 1120 -35.99 42.82 45.43
N PHE B 1121 -34.66 42.85 45.37
CA PHE B 1121 -33.81 42.70 46.55
C PHE B 1121 -32.88 43.90 46.67
N VAL B 1122 -32.65 44.33 47.90
CA VAL B 1122 -31.91 45.55 48.20
C VAL B 1122 -30.47 45.19 48.54
N SER B 1123 -29.53 46.05 48.13
CA SER B 1123 -28.13 45.85 48.45
C SER B 1123 -27.46 47.23 48.53
N GLY B 1124 -27.36 47.77 49.74
CA GLY B 1124 -26.60 48.98 49.95
C GLY B 1124 -27.28 50.22 49.42
N ASN B 1125 -26.57 51.34 49.55
CA ASN B 1125 -27.03 52.61 49.02
C ASN B 1125 -26.78 52.68 47.52
N CYS B 1126 -27.06 53.83 46.91
CA CYS B 1126 -26.94 54.00 45.48
C CYS B 1126 -26.08 55.22 45.15
N ASP B 1127 -24.91 55.31 45.79
CA ASP B 1127 -23.88 56.24 45.38
C ASP B 1127 -22.75 55.55 44.62
N VAL B 1128 -22.81 54.23 44.50
CA VAL B 1128 -21.78 53.46 43.81
C VAL B 1128 -22.28 52.93 42.46
N VAL B 1129 -23.56 52.59 42.34
CA VAL B 1129 -24.07 52.05 41.08
C VAL B 1129 -24.07 53.15 40.02
N ILE B 1130 -24.01 52.73 38.77
CA ILE B 1130 -23.95 53.63 37.62
C ILE B 1130 -25.21 53.42 36.78
N GLY B 1131 -25.87 54.51 36.43
CA GLY B 1131 -27.08 54.44 35.63
C GLY B 1131 -28.35 54.24 36.42
N ILE B 1132 -28.28 54.28 37.75
CA ILE B 1132 -29.47 54.08 38.56
C ILE B 1132 -30.40 55.27 38.41
N VAL B 1133 -31.70 55.02 38.56
CA VAL B 1133 -32.74 56.02 38.35
C VAL B 1133 -33.69 55.99 39.54
N ASN B 1134 -34.12 57.17 39.97
CA ASN B 1134 -35.03 57.27 41.10
C ASN B 1134 -36.43 56.84 40.72
N ASN B 1135 -37.10 56.15 41.64
CA ASN B 1135 -38.48 55.72 41.45
C ASN B 1135 -38.99 55.15 42.77
N THR B 1136 -40.28 54.89 42.82
CA THR B 1136 -40.93 54.37 44.01
C THR B 1136 -41.07 52.86 43.91
N VAL B 1137 -40.86 52.17 45.03
CA VAL B 1137 -40.99 50.73 45.13
C VAL B 1137 -42.22 50.45 45.98
N TYR B 1138 -43.30 50.02 45.33
CA TYR B 1138 -44.55 49.76 46.03
C TYR B 1138 -44.37 48.65 47.06
N ASP B 1139 -44.88 48.88 48.27
CA ASP B 1139 -44.81 47.89 49.32
C ASP B 1139 -46.17 47.23 49.47
N PRO B 1140 -46.35 45.97 49.07
CA PRO B 1140 -47.68 45.36 49.19
C PRO B 1140 -48.17 45.26 50.62
N LEU B 1141 -47.24 45.16 51.58
CA LEU B 1141 -47.65 45.02 52.97
C LEU B 1141 -48.45 46.22 53.45
N GLN B 1142 -48.06 47.42 53.02
CA GLN B 1142 -48.62 48.60 53.66
C GLN B 1142 -50.11 48.76 53.43
N PRO B 1143 -50.62 48.75 52.20
CA PRO B 1143 -52.07 48.92 52.03
C PRO B 1143 -52.87 47.86 52.75
N GLU B 1144 -52.35 46.63 52.81
CA GLU B 1144 -53.02 45.59 53.57
C GLU B 1144 -53.06 45.93 55.06
N LEU B 1145 -51.96 46.47 55.59
CA LEU B 1145 -51.93 46.87 56.98
C LEU B 1145 -52.93 47.99 57.24
N ASP B 1146 -53.02 48.96 56.34
CA ASP B 1146 -53.88 50.11 56.57
C ASP B 1146 -55.34 49.69 56.72
N SER B 1147 -55.80 48.79 55.86
CA SER B 1147 -57.17 48.30 55.93
C SER B 1147 -57.40 47.44 57.16
N GLN C 14 72.80 -1.37 -7.15
CA GLN C 14 71.50 -0.71 -7.22
C GLN C 14 70.87 -0.61 -5.84
N CYS C 15 71.10 -1.62 -5.00
CA CYS C 15 70.46 -1.69 -3.68
C CYS C 15 71.41 -1.19 -2.60
N VAL C 16 71.15 0.04 -2.17
CA VAL C 16 71.78 0.62 -0.99
C VAL C 16 70.84 0.39 0.18
N ASN C 17 71.16 -0.58 1.03
CA ASN C 17 70.39 -0.81 2.25
C ASN C 17 70.65 0.34 3.21
N LEU C 18 69.66 1.20 3.38
CA LEU C 18 69.75 2.32 4.33
C LEU C 18 69.39 1.88 5.73
N THR C 19 70.09 0.86 6.22
CA THR C 19 69.76 0.25 7.51
C THR C 19 70.37 1.06 8.66
N THR C 20 70.05 2.35 8.66
CA THR C 20 70.33 3.18 9.82
C THR C 20 69.37 2.81 10.94
N ARG C 21 69.93 2.51 12.11
CA ARG C 21 69.18 1.90 13.20
C ARG C 21 68.82 2.99 14.20
N THR C 22 67.64 3.58 14.01
CA THR C 22 67.10 4.61 14.90
C THR C 22 65.66 4.22 15.20
N LEU C 23 65.46 3.44 16.25
CA LEU C 23 64.15 2.89 16.59
C LEU C 23 63.32 3.94 17.33
N LEU C 24 62.16 4.29 16.77
CA LEU C 24 61.19 5.12 17.45
C LEU C 24 59.82 4.46 17.35
N PRO C 25 58.98 4.57 18.39
CA PRO C 25 57.69 3.90 18.33
C PRO C 25 56.76 4.59 17.35
N PRO C 26 55.81 3.87 16.76
CA PRO C 26 54.87 4.52 15.85
C PRO C 26 53.93 5.46 16.60
N ALA C 27 53.72 6.64 16.03
CA ALA C 27 52.87 7.66 16.62
C ALA C 27 51.52 7.67 15.91
N TYR C 28 50.44 7.73 16.69
CA TYR C 28 49.09 7.66 16.17
C TYR C 28 48.38 9.00 16.37
N THR C 29 47.53 9.34 15.42
CA THR C 29 46.81 10.61 15.44
C THR C 29 45.37 10.37 14.98
N ASN C 30 44.52 11.35 15.28
CA ASN C 30 43.11 11.29 14.92
C ASN C 30 42.85 12.15 13.69
N SER C 31 42.03 11.62 12.79
CA SER C 31 41.59 12.36 11.60
C SER C 31 40.21 12.92 11.89
N PHE C 32 40.15 14.20 12.22
CA PHE C 32 38.90 14.81 12.66
C PHE C 32 37.82 14.68 11.58
N THR C 33 38.04 15.33 10.44
CA THR C 33 37.11 15.22 9.31
C THR C 33 37.95 15.37 8.04
N ARG C 34 38.38 14.24 7.49
CA ARG C 34 39.26 14.24 6.33
C ARG C 34 39.01 12.96 5.54
N GLY C 35 39.43 12.99 4.27
CA GLY C 35 39.24 11.87 3.39
C GLY C 35 37.95 11.87 2.61
N VAL C 36 37.15 12.92 2.73
CA VAL C 36 35.89 13.02 1.99
C VAL C 36 36.20 13.34 0.54
N TYR C 37 35.61 12.57 -0.38
CA TYR C 37 35.83 12.75 -1.80
C TYR C 37 34.50 12.69 -2.53
N TYR C 38 34.46 13.34 -3.69
CA TYR C 38 33.26 13.33 -4.51
C TYR C 38 33.00 11.92 -5.03
N PRO C 39 31.99 11.21 -4.52
CA PRO C 39 31.79 9.83 -4.95
C PRO C 39 31.53 9.69 -6.44
N ASP C 40 30.87 10.67 -7.05
CA ASP C 40 30.49 10.58 -8.45
C ASP C 40 30.80 11.91 -9.14
N LYS C 41 30.96 11.84 -10.46
CA LYS C 41 31.25 13.03 -11.27
C LYS C 41 29.93 13.71 -11.68
N VAL C 42 29.19 14.12 -10.66
CA VAL C 42 27.90 14.78 -10.84
C VAL C 42 27.88 16.06 -10.01
N PHE C 43 27.13 17.04 -10.50
CA PHE C 43 27.03 18.35 -9.86
C PHE C 43 25.77 18.40 -9.00
N ARG C 44 25.93 18.81 -7.76
CA ARG C 44 24.82 18.99 -6.84
C ARG C 44 25.04 20.25 -6.04
N SER C 45 23.96 21.00 -5.79
CA SER C 45 24.05 22.28 -5.12
C SER C 45 22.93 22.42 -4.09
N SER C 46 23.26 22.96 -2.93
CA SER C 46 22.28 23.25 -1.88
C SER C 46 21.42 22.04 -1.59
N VAL C 47 22.07 20.89 -1.40
CA VAL C 47 21.37 19.64 -1.15
C VAL C 47 22.24 18.77 -0.24
N LEU C 48 21.57 18.00 0.61
CA LEU C 48 22.23 17.02 1.46
C LEU C 48 22.03 15.64 0.83
N HIS C 49 23.14 14.98 0.52
CA HIS C 49 23.14 13.72 -0.20
C HIS C 49 23.77 12.63 0.67
N SER C 50 23.07 11.51 0.79
CA SER C 50 23.55 10.38 1.57
C SER C 50 24.07 9.31 0.60
N THR C 51 25.34 8.95 0.76
CA THR C 51 25.98 7.98 -0.12
C THR C 51 26.79 7.01 0.71
N GLN C 52 26.88 5.77 0.22
CA GLN C 52 27.70 4.74 0.85
C GLN C 52 28.87 4.42 -0.07
N ASP C 53 30.08 4.53 0.47
CA ASP C 53 31.29 4.27 -0.28
C ASP C 53 32.44 4.14 0.70
N LEU C 54 33.58 3.67 0.20
CA LEU C 54 34.76 3.51 1.03
C LEU C 54 35.26 4.88 1.47
N PHE C 55 35.02 5.22 2.74
CA PHE C 55 35.40 6.50 3.30
C PHE C 55 36.26 6.29 4.54
N LEU C 56 37.05 7.29 4.86
CA LEU C 56 37.81 7.27 6.10
C LEU C 56 36.89 7.66 7.25
N PRO C 57 36.69 6.79 8.24
CA PRO C 57 35.80 7.15 9.35
C PRO C 57 36.31 8.38 10.08
N PHE C 58 35.36 9.17 10.58
CA PHE C 58 35.71 10.40 11.29
C PHE C 58 36.41 10.08 12.61
N PHE C 59 37.36 10.92 12.97
CA PHE C 59 38.11 10.75 14.22
C PHE C 59 38.73 9.36 14.30
N SER C 60 39.32 8.93 13.19
CA SER C 60 39.93 7.60 13.11
C SER C 60 41.40 7.65 13.50
N ASN C 61 41.87 6.56 14.06
CA ASN C 61 43.25 6.43 14.53
C ASN C 61 44.15 6.16 13.32
N VAL C 62 44.87 7.18 12.88
CA VAL C 62 45.75 7.06 11.72
C VAL C 62 47.19 7.05 12.20
N THR C 63 48.02 6.32 11.47
CA THR C 63 49.44 6.20 11.80
C THR C 63 50.20 7.45 11.37
N TRP C 64 51.30 7.72 12.07
CA TRP C 64 52.15 8.87 11.81
C TRP C 64 53.57 8.39 11.58
N PHE C 65 54.17 8.79 10.46
CA PHE C 65 55.52 8.41 10.09
C PHE C 65 56.36 9.67 9.90
N HIS C 66 57.65 9.57 10.26
CA HIS C 66 58.55 10.70 10.24
C HIS C 66 59.77 10.40 9.36
N ALA C 67 60.37 11.48 8.86
CA ALA C 67 61.60 11.39 8.08
C ALA C 67 62.56 12.49 8.50
N ILE C 68 62.71 12.69 9.81
CA ILE C 68 63.51 13.77 10.37
C ILE C 68 64.80 13.20 10.93
N HIS C 69 65.84 14.04 10.94
CA HIS C 69 67.11 13.68 11.57
C HIS C 69 67.41 14.62 12.73
N LYS C 77 68.62 10.30 13.32
CA LYS C 77 68.47 9.95 11.91
C LYS C 77 67.32 8.98 11.74
N ARG C 78 66.12 9.51 11.49
CA ARG C 78 64.90 8.73 11.41
C ARG C 78 64.38 8.76 9.97
N PHE C 79 64.19 7.58 9.39
CA PHE C 79 63.56 7.43 8.08
C PHE C 79 62.45 6.39 8.22
N ASP C 80 61.26 6.73 7.72
CA ASP C 80 60.09 5.85 7.84
C ASP C 80 59.51 5.63 6.44
N ASN C 81 59.80 4.46 5.87
CA ASN C 81 59.20 4.04 4.61
C ASN C 81 58.97 2.53 4.63
N PRO C 82 58.24 2.04 5.63
CA PRO C 82 57.98 0.61 5.71
C PRO C 82 56.88 0.18 4.76
N VAL C 83 56.72 -1.14 4.64
CA VAL C 83 55.67 -1.72 3.82
C VAL C 83 54.38 -1.77 4.64
N LEU C 84 53.31 -1.23 4.08
CA LEU C 84 52.04 -1.12 4.78
C LEU C 84 50.93 -1.85 4.03
N PRO C 85 49.90 -2.30 4.73
CA PRO C 85 48.80 -2.99 4.05
C PRO C 85 47.91 -2.04 3.27
N PHE C 86 47.15 -2.63 2.35
CA PHE C 86 46.19 -1.93 1.50
C PHE C 86 44.83 -2.60 1.58
N ASN C 87 44.37 -2.82 2.83
CA ASN C 87 43.20 -3.65 3.08
C ASN C 87 42.06 -3.36 2.12
N ASP C 88 41.54 -2.13 2.15
CA ASP C 88 40.48 -1.71 1.23
C ASP C 88 40.72 -0.34 0.64
N GLY C 89 41.63 0.45 1.18
CA GLY C 89 41.88 1.79 0.69
C GLY C 89 42.83 2.49 1.62
N VAL C 90 43.34 3.62 1.14
CA VAL C 90 44.33 4.39 1.88
C VAL C 90 44.00 5.87 1.75
N TYR C 91 44.11 6.58 2.86
CA TYR C 91 44.07 8.05 2.88
C TYR C 91 45.48 8.51 3.23
N PHE C 92 46.23 8.91 2.21
CA PHE C 92 47.61 9.34 2.38
C PHE C 92 47.66 10.86 2.37
N ALA C 93 48.11 11.44 3.47
CA ALA C 93 48.24 12.88 3.61
C ALA C 93 49.68 13.20 4.00
N SER C 94 50.28 14.17 3.31
CA SER C 94 51.67 14.54 3.53
C SER C 94 51.76 16.04 3.76
N THR C 95 52.33 16.43 4.89
CA THR C 95 52.65 17.82 5.18
C THR C 95 54.13 18.00 4.85
N GLU C 96 54.41 18.63 3.72
CA GLU C 96 55.76 18.70 3.19
C GLU C 96 56.09 20.13 2.76
N LYS C 97 57.39 20.37 2.58
CA LYS C 97 57.88 21.64 2.08
C LYS C 97 59.03 21.50 1.10
N SER C 98 59.41 20.28 0.72
CA SER C 98 60.58 20.07 -0.12
C SER C 98 60.35 19.02 -1.21
N ASN C 99 59.13 18.52 -1.39
CA ASN C 99 58.83 17.48 -2.38
C ASN C 99 59.72 16.27 -2.17
N ILE C 100 59.95 15.92 -0.90
CA ILE C 100 60.76 14.74 -0.59
C ILE C 100 60.03 13.47 -1.00
N ILE C 101 58.72 13.45 -0.80
CA ILE C 101 57.91 12.30 -1.20
C ILE C 101 57.63 12.40 -2.69
N ARG C 102 58.08 11.41 -3.45
CA ARG C 102 57.96 11.43 -4.90
C ARG C 102 56.92 10.47 -5.45
N GLY C 103 56.35 9.60 -4.61
CA GLY C 103 55.35 8.67 -5.10
C GLY C 103 55.23 7.47 -4.16
N TRP C 104 54.61 6.42 -4.68
CA TRP C 104 54.30 5.23 -3.91
C TRP C 104 54.56 4.00 -4.75
N ILE C 105 54.53 2.85 -4.09
CA ILE C 105 54.61 1.55 -4.73
C ILE C 105 53.49 0.68 -4.18
N PHE C 106 52.81 -0.04 -5.06
CA PHE C 106 51.70 -0.91 -4.68
C PHE C 106 51.93 -2.31 -5.24
N GLY C 107 51.52 -3.31 -4.48
CA GLY C 107 51.65 -4.69 -4.91
C GLY C 107 51.39 -5.63 -3.77
N THR C 108 51.54 -6.92 -4.06
CA THR C 108 51.36 -7.97 -3.07
C THR C 108 52.68 -8.37 -2.43
N THR C 109 53.64 -8.82 -3.25
CA THR C 109 54.93 -9.26 -2.77
C THR C 109 56.06 -8.31 -3.13
N LEU C 110 55.83 -7.36 -4.03
CA LEU C 110 56.84 -6.36 -4.40
C LEU C 110 58.11 -7.05 -4.92
N ASP C 111 57.93 -8.14 -5.65
CA ASP C 111 59.03 -8.87 -6.25
C ASP C 111 58.66 -9.23 -7.68
N SER C 112 59.64 -9.79 -8.40
CA SER C 112 59.43 -10.12 -9.81
C SER C 112 58.38 -11.20 -10.00
N LYS C 113 58.04 -11.94 -8.95
CA LYS C 113 57.09 -13.03 -9.10
C LYS C 113 55.69 -12.53 -9.44
N THR C 114 55.36 -11.29 -9.09
CA THR C 114 54.03 -10.76 -9.30
C THR C 114 54.14 -9.34 -9.86
N GLN C 115 53.09 -8.93 -10.57
CA GLN C 115 53.02 -7.58 -11.10
C GLN C 115 52.86 -6.58 -9.96
N SER C 116 53.35 -5.36 -10.20
CA SER C 116 53.28 -4.31 -9.21
C SER C 116 53.13 -2.96 -9.90
N LEU C 117 52.60 -2.00 -9.16
CA LEU C 117 52.35 -0.66 -9.66
C LEU C 117 53.35 0.31 -9.05
N LEU C 118 53.88 1.20 -9.89
CA LEU C 118 54.85 2.19 -9.46
C LEU C 118 54.39 3.56 -9.94
N ILE C 119 54.27 4.50 -9.01
CA ILE C 119 53.95 5.89 -9.30
C ILE C 119 55.10 6.74 -8.79
N VAL C 120 55.78 7.43 -9.70
CA VAL C 120 56.89 8.31 -9.38
C VAL C 120 56.76 9.58 -10.21
N ASN C 121 57.52 10.60 -9.81
CA ASN C 121 57.34 11.95 -10.35
C ASN C 121 58.69 12.56 -10.66
N ASN C 122 58.95 12.84 -11.93
CA ASN C 122 60.00 13.78 -12.28
C ASN C 122 59.44 15.19 -12.30
N ALA C 123 60.32 16.17 -12.19
CA ALA C 123 59.90 17.57 -12.22
C ALA C 123 59.08 17.84 -13.47
N THR C 124 57.81 18.20 -13.26
CA THR C 124 56.87 18.55 -14.33
C THR C 124 56.35 17.34 -15.09
N ASN C 125 56.36 16.15 -14.49
CA ASN C 125 55.81 14.97 -15.15
C ASN C 125 55.66 13.83 -14.15
N VAL C 126 54.98 12.78 -14.58
CA VAL C 126 54.70 11.60 -13.76
C VAL C 126 55.00 10.36 -14.57
N VAL C 127 55.48 9.32 -13.89
CA VAL C 127 55.74 8.02 -14.50
C VAL C 127 54.93 6.99 -13.76
N ILE C 128 54.10 6.24 -14.50
CA ILE C 128 53.28 5.18 -13.94
C ILE C 128 53.50 3.92 -14.77
N LYS C 129 53.76 2.80 -14.08
CA LYS C 129 54.00 1.54 -14.74
C LYS C 129 53.37 0.41 -13.94
N VAL C 130 52.82 -0.58 -14.64
CA VAL C 130 52.38 -1.82 -14.04
C VAL C 130 53.18 -2.92 -14.73
N CYS C 131 54.34 -3.24 -14.16
CA CYS C 131 55.31 -4.11 -14.81
C CYS C 131 56.05 -4.87 -13.72
N GLU C 132 56.28 -6.17 -13.97
CA GLU C 132 56.91 -7.01 -12.96
C GLU C 132 58.22 -6.38 -12.50
N PHE C 133 58.26 -5.96 -11.24
CA PHE C 133 59.40 -5.26 -10.67
C PHE C 133 59.97 -6.08 -9.53
N GLN C 134 61.28 -6.27 -9.54
CA GLN C 134 61.99 -6.84 -8.38
C GLN C 134 62.41 -5.67 -7.51
N PHE C 135 61.45 -5.16 -6.73
CA PHE C 135 61.68 -3.94 -5.99
C PHE C 135 62.86 -4.09 -5.06
N CYS C 136 63.63 -3.01 -4.96
CA CYS C 136 64.85 -2.99 -4.16
C CYS C 136 64.49 -2.65 -2.73
N ASN C 137 64.78 -3.56 -1.80
CA ASN C 137 64.53 -3.33 -0.39
C ASN C 137 65.10 -1.97 0.01
N ASP C 138 64.32 -1.23 0.80
CA ASP C 138 64.64 0.16 1.10
C ASP C 138 64.74 0.94 -0.21
N PRO C 139 63.68 0.94 -1.02
CA PRO C 139 63.71 1.71 -2.26
C PRO C 139 63.65 3.20 -1.98
N PHE C 140 64.19 3.99 -2.89
CA PHE C 140 64.24 5.43 -2.63
C PHE C 140 64.65 6.15 -3.90
N LEU C 141 64.60 7.47 -3.83
CA LEU C 141 65.21 8.36 -4.82
C LEU C 141 66.18 9.27 -4.07
N GLY C 142 66.89 10.10 -4.82
CA GLY C 142 67.99 10.85 -4.25
C GLY C 142 67.96 12.31 -4.66
N VAL C 143 68.62 13.12 -3.84
CA VAL C 143 68.85 14.53 -4.10
C VAL C 143 70.29 14.86 -3.75
N TYR C 144 70.95 15.62 -4.61
CA TYR C 144 72.34 16.00 -4.36
C TYR C 144 72.40 17.25 -3.47
N MET C 153 69.82 18.73 -8.89
CA MET C 153 70.00 17.75 -7.83
C MET C 153 69.22 16.48 -8.14
N GLU C 154 69.29 16.02 -9.39
CA GLU C 154 68.57 14.82 -9.80
C GLU C 154 69.02 13.61 -9.00
N SER C 155 70.31 13.28 -9.08
CA SER C 155 70.91 12.21 -8.29
C SER C 155 70.48 10.82 -8.76
N GLU C 156 69.85 10.04 -7.89
CA GLU C 156 69.71 8.59 -7.94
C GLU C 156 68.28 8.16 -8.26
N PHE C 157 68.17 6.97 -8.86
CA PHE C 157 66.89 6.35 -9.18
C PHE C 157 66.92 4.87 -8.78
N ARG C 158 67.32 4.61 -7.52
CA ARG C 158 67.37 3.25 -6.99
C ARG C 158 66.03 2.92 -6.34
N VAL C 159 65.13 2.37 -7.15
CA VAL C 159 63.83 1.88 -6.67
C VAL C 159 63.61 0.42 -7.04
N TYR C 160 63.92 0.04 -8.28
CA TYR C 160 63.80 -1.34 -8.71
C TYR C 160 65.06 -1.78 -9.45
N SER C 161 65.37 -3.07 -9.34
CA SER C 161 66.51 -3.67 -10.01
C SER C 161 66.13 -4.36 -11.31
N SER C 162 64.86 -4.33 -11.70
CA SER C 162 64.41 -5.06 -12.88
C SER C 162 63.03 -4.57 -13.28
N ALA C 163 62.71 -4.75 -14.56
CA ALA C 163 61.39 -4.45 -15.09
C ALA C 163 61.10 -5.44 -16.22
N ASN C 164 60.14 -6.33 -16.00
CA ASN C 164 59.83 -7.39 -16.94
C ASN C 164 58.32 -7.48 -17.13
N ASN C 165 57.92 -8.09 -18.24
CA ASN C 165 56.51 -8.27 -18.58
C ASN C 165 55.74 -6.97 -18.37
N CYS C 166 56.25 -5.90 -18.96
CA CYS C 166 55.71 -4.56 -18.73
C CYS C 166 54.50 -4.35 -19.64
N THR C 167 53.35 -4.09 -19.03
CA THR C 167 52.08 -4.02 -19.72
C THR C 167 51.50 -2.63 -19.83
N PHE C 168 51.52 -1.86 -18.74
CA PHE C 168 50.84 -0.57 -18.67
C PHE C 168 51.86 0.54 -18.44
N GLU C 169 51.66 1.65 -19.14
CA GLU C 169 52.47 2.85 -18.96
C GLU C 169 51.57 4.07 -19.15
N TYR C 170 51.90 5.14 -18.44
CA TYR C 170 51.07 6.34 -18.45
C TYR C 170 51.88 7.51 -17.92
N VAL C 171 51.66 8.68 -18.52
CA VAL C 171 52.35 9.90 -18.15
C VAL C 171 51.34 11.04 -18.11
N SER C 172 51.49 11.93 -17.13
CA SER C 172 50.57 13.04 -16.95
C SER C 172 51.28 14.12 -16.14
N GLN C 173 50.55 15.19 -15.84
CA GLN C 173 51.12 16.30 -15.10
C GLN C 173 51.40 15.87 -13.66
N PRO C 174 52.30 16.57 -12.96
CA PRO C 174 52.67 16.14 -11.61
C PRO C 174 51.45 16.01 -10.70
N PHE C 175 51.42 14.90 -9.95
CA PHE C 175 50.40 14.73 -8.93
C PHE C 175 50.72 15.59 -7.71
N LEU C 176 52.00 15.72 -7.38
CA LEU C 176 52.47 16.54 -6.27
C LEU C 176 53.11 17.80 -6.84
N MET C 177 52.58 18.96 -6.46
CA MET C 177 53.05 20.24 -6.98
C MET C 177 53.13 21.25 -5.84
N ASP C 178 54.02 22.22 -5.99
CA ASP C 178 54.19 23.26 -5.00
C ASP C 178 53.44 24.53 -5.39
N ASN C 185 56.40 26.07 8.68
CA ASN C 185 57.28 25.19 7.92
C ASN C 185 56.47 24.29 6.98
N PHE C 186 55.72 23.37 7.57
CA PHE C 186 54.96 22.39 6.79
C PHE C 186 53.72 23.08 6.27
N LYS C 187 53.79 23.57 5.03
CA LYS C 187 52.80 24.52 4.50
C LYS C 187 51.70 23.86 3.71
N ASN C 188 52.02 22.96 2.79
CA ASN C 188 51.04 22.37 1.89
C ASN C 188 50.68 20.97 2.37
N LEU C 189 49.38 20.66 2.32
CA LEU C 189 48.85 19.37 2.75
C LEU C 189 48.32 18.66 1.52
N ARG C 190 49.10 17.72 0.99
CA ARG C 190 48.69 16.91 -0.16
C ARG C 190 47.98 15.66 0.36
N GLU C 191 46.68 15.59 0.13
CA GLU C 191 45.86 14.46 0.55
C GLU C 191 45.52 13.60 -0.65
N PHE C 192 45.72 12.30 -0.51
CA PHE C 192 45.46 11.35 -1.59
C PHE C 192 44.62 10.19 -1.05
N VAL C 193 43.71 9.70 -1.89
CA VAL C 193 42.90 8.54 -1.57
C VAL C 193 43.08 7.52 -2.70
N PHE C 194 43.47 6.30 -2.33
CA PHE C 194 43.73 5.24 -3.29
C PHE C 194 42.72 4.13 -3.11
N LYS C 195 42.15 3.65 -4.21
CA LYS C 195 41.25 2.52 -4.20
C LYS C 195 41.57 1.61 -5.36
N ASN C 196 41.24 0.32 -5.20
CA ASN C 196 41.54 -0.72 -6.18
C ASN C 196 40.27 -1.48 -6.54
N ILE C 197 39.22 -0.73 -6.86
CA ILE C 197 37.95 -1.35 -7.23
C ILE C 197 38.16 -2.25 -8.44
N ASP C 198 37.33 -3.30 -8.52
CA ASP C 198 37.41 -4.35 -9.54
C ASP C 198 38.77 -4.41 -10.24
N GLY C 199 39.00 -3.53 -11.22
CA GLY C 199 40.25 -3.51 -11.93
C GLY C 199 40.71 -2.10 -12.25
N TYR C 200 40.15 -1.11 -11.56
CA TYR C 200 40.46 0.29 -11.78
C TYR C 200 41.07 0.87 -10.52
N PHE C 201 42.23 1.50 -10.66
CA PHE C 201 42.91 2.16 -9.55
C PHE C 201 42.52 3.63 -9.56
N LYS C 202 41.72 4.03 -8.58
CA LYS C 202 41.16 5.37 -8.52
C LYS C 202 41.94 6.22 -7.53
N ILE C 203 42.26 7.44 -7.93
CA ILE C 203 43.04 8.37 -7.11
C ILE C 203 42.28 9.67 -6.99
N TYR C 204 42.09 10.13 -5.76
CA TYR C 204 41.48 11.42 -5.46
C TYR C 204 42.49 12.25 -4.70
N SER C 205 42.68 13.50 -5.14
CA SER C 205 43.74 14.34 -4.60
C SER C 205 43.23 15.74 -4.33
N LYS C 206 43.92 16.42 -3.41
CA LYS C 206 43.64 17.82 -3.10
C LYS C 206 44.89 18.44 -2.50
N HIS C 207 45.05 19.74 -2.73
CA HIS C 207 46.16 20.51 -2.18
C HIS C 207 45.59 21.66 -1.38
N THR C 208 45.94 21.72 -0.10
CA THR C 208 45.43 22.75 0.82
C THR C 208 46.61 23.43 1.49
N PRO C 209 46.82 24.72 1.30
CA PRO C 209 47.91 25.41 2.01
C PRO C 209 47.51 25.72 3.45
N ILE C 210 48.47 25.51 4.35
CA ILE C 210 48.27 25.74 5.77
C ILE C 210 49.57 26.26 6.36
N ASN C 211 49.55 26.53 7.67
CA ASN C 211 50.74 26.93 8.41
C ASN C 211 51.03 26.06 9.63
N LEU C 212 50.10 25.17 10.00
CA LEU C 212 50.36 24.27 11.12
C LEU C 212 51.54 23.36 10.81
N VAL C 213 52.34 23.08 11.82
CA VAL C 213 53.58 22.32 11.66
C VAL C 213 53.60 21.03 12.47
N ARG C 214 52.60 20.77 13.31
CA ARG C 214 52.63 19.61 14.20
C ARG C 214 51.93 18.41 13.58
N ASP C 215 50.65 18.55 13.27
CA ASP C 215 49.84 17.42 12.82
C ASP C 215 48.79 17.93 11.85
N LEU C 216 47.77 17.12 11.59
CA LEU C 216 46.75 17.48 10.62
C LEU C 216 46.02 18.74 11.08
N PRO C 217 45.65 19.63 10.15
CA PRO C 217 44.86 20.81 10.53
C PRO C 217 43.38 20.44 10.61
N GLN C 218 42.81 20.58 11.80
CA GLN C 218 41.39 20.32 11.95
C GLN C 218 40.59 21.27 11.07
N GLY C 219 39.69 20.71 10.27
CA GLY C 219 38.93 21.50 9.33
C GLY C 219 38.20 20.63 8.32
N PHE C 220 38.13 21.08 7.07
CA PHE C 220 37.41 20.34 6.04
C PHE C 220 38.03 20.61 4.67
N SER C 221 38.04 19.58 3.83
CA SER C 221 38.46 19.71 2.44
C SER C 221 38.10 18.45 1.68
N ALA C 222 37.54 18.61 0.49
CA ALA C 222 37.09 17.48 -0.33
C ALA C 222 38.11 17.15 -1.40
N LEU C 223 38.24 15.87 -1.70
CA LEU C 223 39.20 15.37 -2.67
C LEU C 223 38.49 15.13 -4.00
N GLU C 224 38.98 15.76 -5.03
CA GLU C 224 38.41 15.57 -6.35
C GLU C 224 39.08 14.41 -7.07
N PRO C 225 38.37 13.72 -7.95
CA PRO C 225 38.98 12.61 -8.69
C PRO C 225 40.10 13.09 -9.59
N LEU C 226 41.09 12.23 -9.78
CA LEU C 226 42.26 12.54 -10.58
C LEU C 226 42.40 11.61 -11.79
N VAL C 227 42.40 10.30 -11.58
CA VAL C 227 42.55 9.32 -12.64
C VAL C 227 41.85 8.03 -12.22
N ASP C 228 41.67 7.13 -13.19
CA ASP C 228 41.13 5.79 -12.94
C ASP C 228 41.94 4.83 -13.80
N LEU C 229 43.03 4.32 -13.23
CA LEU C 229 43.98 3.51 -14.00
C LEU C 229 43.48 2.09 -14.12
N PRO C 230 43.36 1.53 -15.34
CA PRO C 230 42.91 0.14 -15.51
C PRO C 230 44.07 -0.85 -15.39
N ILE C 231 44.74 -0.82 -14.23
CA ILE C 231 45.90 -1.69 -14.03
C ILE C 231 45.48 -3.16 -14.00
N GLY C 232 44.36 -3.44 -13.35
CA GLY C 232 43.84 -4.81 -13.31
C GLY C 232 44.76 -5.79 -12.62
N ILE C 233 45.23 -5.45 -11.42
CA ILE C 233 46.15 -6.28 -10.66
C ILE C 233 45.58 -6.51 -9.27
N ASN C 234 46.34 -7.21 -8.45
CA ASN C 234 45.99 -7.54 -7.07
C ASN C 234 46.91 -6.76 -6.14
N ILE C 235 46.33 -6.02 -5.20
CA ILE C 235 47.08 -5.16 -4.31
C ILE C 235 46.72 -5.50 -2.87
N THR C 236 47.73 -5.76 -2.05
CA THR C 236 47.56 -5.94 -0.61
C THR C 236 48.56 -5.16 0.22
N ARG C 237 49.65 -4.69 -0.36
CA ARG C 237 50.67 -3.94 0.37
C ARG C 237 51.09 -2.76 -0.49
N PHE C 238 51.63 -1.74 0.18
CA PHE C 238 52.15 -0.57 -0.52
C PHE C 238 53.23 0.07 0.32
N GLN C 239 54.05 0.89 -0.34
CA GLN C 239 55.15 1.58 0.30
C GLN C 239 55.33 2.95 -0.33
N THR C 240 55.94 3.85 0.44
CA THR C 240 56.18 5.21 0.00
C THR C 240 57.64 5.38 -0.42
N LEU C 241 57.86 6.31 -1.35
CA LEU C 241 59.18 6.58 -1.90
C LEU C 241 59.59 7.98 -1.49
N LEU C 242 60.63 8.07 -0.66
CA LEU C 242 61.15 9.34 -0.16
C LEU C 242 62.55 9.57 -0.72
N ALA C 243 62.81 10.81 -1.13
CA ALA C 243 64.11 11.18 -1.66
C ALA C 243 65.07 11.53 -0.52
N LEU C 244 66.35 11.28 -0.77
CA LEU C 244 67.41 11.55 0.20
C LEU C 244 68.28 12.70 -0.27
N HIS C 245 68.86 13.40 0.70
CA HIS C 245 69.73 14.54 0.44
C HIS C 245 71.16 14.16 0.80
N ARG C 246 72.06 14.24 -0.18
CA ARG C 246 73.49 13.98 0.02
C ARG C 246 74.25 15.07 -0.74
N SER C 247 74.51 16.19 -0.07
CA SER C 247 75.12 17.34 -0.72
C SER C 247 76.45 17.74 -0.11
N TRP C 248 76.50 17.97 1.21
CA TRP C 248 77.70 18.58 1.78
C TRP C 248 78.90 17.64 1.71
N LEU C 249 78.69 16.35 1.93
CA LEU C 249 79.76 15.37 1.76
C LEU C 249 79.15 14.04 1.34
N THR C 250 79.90 13.29 0.53
CA THR C 250 79.41 12.05 -0.07
C THR C 250 80.39 10.92 0.23
N PRO C 251 80.15 10.15 1.29
CA PRO C 251 80.96 8.93 1.51
C PRO C 251 80.43 7.79 0.67
N GLY C 252 80.96 6.59 0.85
CA GLY C 252 80.37 5.43 0.23
C GLY C 252 78.88 5.39 0.51
N ASP C 253 78.06 5.52 -0.53
CA ASP C 253 76.63 5.71 -0.32
C ASP C 253 75.97 4.43 0.17
N SER C 254 76.35 4.00 1.37
CA SER C 254 75.68 2.95 2.12
C SER C 254 74.66 3.60 3.05
N SER C 255 74.21 2.89 4.08
CA SER C 255 73.33 3.49 5.06
C SER C 255 74.13 4.53 5.85
N SER C 256 74.52 5.59 5.16
CA SER C 256 75.40 6.62 5.71
C SER C 256 75.51 7.73 4.67
N GLY C 257 75.96 8.89 5.12
CA GLY C 257 76.14 10.01 4.22
C GLY C 257 74.86 10.52 3.61
N TRP C 258 73.72 10.24 4.23
CA TRP C 258 72.42 10.66 3.72
C TRP C 258 71.64 11.37 4.82
N THR C 259 70.76 12.26 4.41
CA THR C 259 69.93 13.02 5.33
C THR C 259 68.59 13.29 4.68
N ALA C 260 67.53 13.21 5.48
CA ALA C 260 66.17 13.45 5.01
C ALA C 260 65.64 14.72 5.66
N GLY C 261 65.19 15.66 4.84
CA GLY C 261 64.57 16.86 5.38
C GLY C 261 63.30 16.54 6.13
N ALA C 262 62.88 17.49 6.97
CA ALA C 262 61.72 17.26 7.81
C ALA C 262 60.52 16.92 6.95
N ALA C 263 59.85 15.82 7.28
CA ALA C 263 58.79 15.28 6.43
C ALA C 263 58.04 14.21 7.19
N ALA C 264 56.73 14.13 6.95
CA ALA C 264 55.91 13.13 7.59
C ALA C 264 54.68 12.90 6.73
N TYR C 265 54.12 11.69 6.83
CA TYR C 265 52.89 11.36 6.13
C TYR C 265 51.99 10.54 7.05
N TYR C 266 50.68 10.63 6.80
CA TYR C 266 49.68 9.97 7.61
C TYR C 266 48.91 8.98 6.74
N VAL C 267 48.72 7.76 7.25
CA VAL C 267 48.08 6.69 6.52
C VAL C 267 46.81 6.31 7.25
N GLY C 268 45.69 6.33 6.54
CA GLY C 268 44.41 5.91 7.10
C GLY C 268 43.72 4.95 6.17
N TYR C 269 43.07 3.95 6.75
CA TYR C 269 42.46 2.87 5.99
C TYR C 269 40.96 3.09 5.92
N LEU C 270 40.43 3.09 4.69
CA LEU C 270 39.01 3.32 4.47
C LEU C 270 38.20 2.06 4.78
N GLN C 271 36.94 2.28 5.14
CA GLN C 271 36.00 1.21 5.40
C GLN C 271 34.66 1.57 4.78
N PRO C 272 33.84 0.57 4.45
CA PRO C 272 32.50 0.88 3.94
C PRO C 272 31.68 1.65 4.96
N ARG C 273 31.34 2.90 4.65
CA ARG C 273 30.63 3.77 5.58
C ARG C 273 29.60 4.58 4.82
N THR C 274 28.55 4.98 5.53
CA THR C 274 27.49 5.80 4.98
C THR C 274 27.72 7.24 5.43
N PHE C 275 27.86 8.14 4.47
CA PHE C 275 28.16 9.54 4.73
C PHE C 275 27.01 10.42 4.26
N LEU C 276 26.70 11.45 5.04
CA LEU C 276 25.75 12.48 4.65
C LEU C 276 26.55 13.70 4.22
N LEU C 277 26.48 14.04 2.93
CA LEU C 277 27.31 15.09 2.36
C LEU C 277 26.48 16.34 2.11
N LYS C 278 26.97 17.46 2.61
CA LYS C 278 26.36 18.76 2.36
C LYS C 278 26.94 19.36 1.09
N TYR C 279 26.12 20.13 0.39
CA TYR C 279 26.54 20.83 -0.83
C TYR C 279 26.09 22.28 -0.74
N ASN C 280 26.95 23.18 -1.17
CA ASN C 280 26.66 24.61 -1.19
C ASN C 280 26.15 25.02 -2.57
N GLU C 281 25.91 26.31 -2.74
CA GLU C 281 25.42 26.82 -4.02
C GLU C 281 26.43 26.57 -5.12
N ASN C 282 27.72 26.81 -4.83
CA ASN C 282 28.74 26.62 -5.85
C ASN C 282 28.82 25.18 -6.32
N GLY C 283 28.52 24.23 -5.44
CA GLY C 283 28.67 22.81 -5.73
C GLY C 283 29.72 22.12 -4.89
N THR C 284 30.42 22.82 -4.00
CA THR C 284 31.40 22.20 -3.13
C THR C 284 30.72 21.59 -1.91
N ILE C 285 31.39 20.63 -1.29
CA ILE C 285 30.78 19.87 -0.21
C ILE C 285 30.74 20.70 1.07
N THR C 286 31.91 21.04 1.60
CA THR C 286 32.04 21.98 2.71
C THR C 286 31.61 21.40 4.06
N ASP C 287 31.05 20.20 4.07
CA ASP C 287 30.64 19.57 5.33
C ASP C 287 30.17 18.16 5.05
N ALA C 288 30.14 17.34 6.10
CA ALA C 288 29.71 15.96 6.00
C ALA C 288 29.48 15.40 7.39
N VAL C 289 28.83 14.25 7.45
CA VAL C 289 28.53 13.56 8.71
C VAL C 289 28.79 12.08 8.52
N ASP C 290 29.40 11.47 9.53
CA ASP C 290 29.65 10.03 9.57
C ASP C 290 28.52 9.39 10.38
N CYS C 291 27.62 8.70 9.69
CA CYS C 291 26.39 8.24 10.34
C CYS C 291 26.68 7.27 11.47
N ALA C 292 27.63 6.36 11.27
CA ALA C 292 27.93 5.31 12.24
C ALA C 292 28.96 5.73 13.28
N LEU C 293 29.44 6.97 13.24
CA LEU C 293 30.42 7.41 14.23
C LEU C 293 29.87 7.29 15.64
N ASP C 294 28.67 7.80 15.86
CA ASP C 294 28.03 7.78 17.17
C ASP C 294 26.53 7.91 16.97
N PRO C 295 25.73 7.61 17.99
CA PRO C 295 24.27 7.69 17.82
C PRO C 295 23.79 9.08 17.41
N LEU C 296 24.46 10.14 17.87
CA LEU C 296 24.05 11.49 17.49
C LEU C 296 24.18 11.69 15.99
N SER C 297 25.29 11.26 15.40
CA SER C 297 25.48 11.40 13.96
C SER C 297 24.53 10.50 13.20
N GLU C 298 24.23 9.31 13.73
CA GLU C 298 23.25 8.46 13.08
C GLU C 298 21.88 9.13 13.06
N THR C 299 21.52 9.79 14.16
CA THR C 299 20.27 10.55 14.19
C THR C 299 20.29 11.68 13.17
N LYS C 300 21.41 12.41 13.10
CA LYS C 300 21.50 13.51 12.14
C LYS C 300 21.33 13.00 10.71
N CYS C 301 21.93 11.84 10.40
CA CYS C 301 21.74 11.23 9.09
C CYS C 301 20.28 10.86 8.88
N THR C 302 19.63 10.31 9.91
CA THR C 302 18.23 9.93 9.78
C THR C 302 17.35 11.12 9.47
N LEU C 303 17.57 12.24 10.17
CA LEU C 303 16.79 13.46 9.92
C LEU C 303 17.24 14.20 8.67
N LYS C 304 18.34 13.79 8.05
CA LYS C 304 18.88 14.48 6.89
C LYS C 304 19.12 15.96 7.20
N SER C 305 19.70 16.21 8.37
CA SER C 305 20.03 17.56 8.78
C SER C 305 21.24 17.52 9.70
N PHE C 306 21.93 18.65 9.77
CA PHE C 306 23.10 18.80 10.62
C PHE C 306 22.77 19.37 11.99
N THR C 307 21.51 19.70 12.24
CA THR C 307 21.08 20.27 13.52
C THR C 307 19.93 19.43 14.07
N VAL C 308 20.03 19.08 15.34
CA VAL C 308 19.04 18.29 16.05
C VAL C 308 18.43 19.18 17.13
N GLU C 309 17.13 19.42 17.05
CA GLU C 309 16.47 20.17 18.10
C GLU C 309 16.37 19.31 19.37
N LYS C 310 16.23 19.99 20.50
CA LYS C 310 16.19 19.31 21.78
C LYS C 310 15.09 18.25 21.79
N GLY C 311 15.42 17.08 22.31
CA GLY C 311 14.46 16.00 22.41
C GLY C 311 15.17 14.67 22.57
N ILE C 312 14.38 13.61 22.39
CA ILE C 312 14.88 12.24 22.45
C ILE C 312 14.50 11.56 21.14
N TYR C 313 15.44 10.83 20.56
CA TYR C 313 15.26 10.18 19.27
C TYR C 313 15.63 8.71 19.38
N GLN C 314 14.98 7.90 18.56
CA GLN C 314 15.22 6.47 18.51
C GLN C 314 16.17 6.15 17.36
N THR C 315 17.29 5.52 17.69
CA THR C 315 18.30 5.14 16.72
C THR C 315 18.18 3.64 16.43
N SER C 316 19.12 3.13 15.64
CA SER C 316 19.11 1.73 15.28
C SER C 316 19.31 0.86 16.53
N ASN C 317 18.72 -0.32 16.49
CA ASN C 317 18.89 -1.26 17.58
C ASN C 317 20.37 -1.61 17.71
N PHE C 318 20.74 -2.13 18.89
CA PHE C 318 22.14 -2.38 19.19
C PHE C 318 22.68 -3.48 18.29
N ARG C 319 23.63 -3.14 17.43
CA ARG C 319 24.33 -4.12 16.63
C ARG C 319 25.62 -4.55 17.27
N VAL C 320 25.94 -5.82 17.08
CA VAL C 320 27.26 -6.37 17.36
C VAL C 320 27.75 -7.03 16.08
N GLN C 321 28.88 -6.58 15.58
CA GLN C 321 29.40 -7.13 14.34
C GLN C 321 30.13 -8.44 14.61
N PRO C 322 29.95 -9.46 13.76
CA PRO C 322 30.65 -10.72 13.98
C PRO C 322 32.15 -10.57 13.83
N THR C 323 32.88 -11.39 14.59
CA THR C 323 34.33 -11.39 14.57
C THR C 323 34.92 -12.53 13.76
N GLU C 324 34.35 -13.72 13.86
CA GLU C 324 34.83 -14.90 13.18
C GLU C 324 33.92 -15.26 12.01
N SER C 325 34.33 -16.28 11.26
CA SER C 325 33.57 -16.77 10.12
C SER C 325 33.88 -18.25 9.99
N ILE C 326 32.99 -19.09 10.50
CA ILE C 326 33.25 -20.52 10.60
C ILE C 326 32.56 -21.25 9.45
N VAL C 327 33.00 -22.48 9.22
CA VAL C 327 32.41 -23.36 8.22
C VAL C 327 32.37 -24.76 8.81
N ARG C 328 31.24 -25.44 8.63
CA ARG C 328 31.04 -26.78 9.18
C ARG C 328 30.44 -27.67 8.10
N PHE C 329 31.30 -28.43 7.43
CA PHE C 329 30.90 -29.44 6.46
C PHE C 329 31.21 -30.83 7.01
N PRO C 330 30.50 -31.86 6.55
CA PRO C 330 30.83 -33.22 6.99
C PRO C 330 32.24 -33.57 6.56
N ASN C 331 32.93 -34.34 7.41
CA ASN C 331 34.31 -34.73 7.14
C ASN C 331 34.29 -35.85 6.10
N ILE C 332 34.41 -35.45 4.84
CA ILE C 332 34.41 -36.37 3.71
C ILE C 332 35.70 -36.15 2.92
N THR C 333 36.39 -37.26 2.61
CA THR C 333 37.64 -37.19 1.87
C THR C 333 37.54 -37.74 0.46
N ASN C 334 36.49 -38.50 0.15
CA ASN C 334 36.35 -39.10 -1.17
C ASN C 334 35.87 -38.06 -2.18
N LEU C 335 36.32 -38.22 -3.42
CA LEU C 335 35.95 -37.33 -4.51
C LEU C 335 34.87 -37.96 -5.37
N CYS C 336 33.97 -37.11 -5.87
CA CYS C 336 32.79 -37.60 -6.56
C CYS C 336 33.19 -38.32 -7.86
N PRO C 337 32.39 -39.29 -8.28
CA PRO C 337 32.75 -40.06 -9.48
C PRO C 337 32.62 -39.25 -10.76
N PHE C 338 33.43 -38.20 -10.87
CA PHE C 338 33.42 -37.37 -12.07
C PHE C 338 33.81 -38.20 -13.30
N GLY C 339 34.81 -39.06 -13.15
CA GLY C 339 35.28 -39.82 -14.30
C GLY C 339 34.25 -40.80 -14.82
N GLU C 340 33.57 -41.51 -13.92
CA GLU C 340 32.60 -42.51 -14.36
C GLU C 340 31.39 -41.89 -15.01
N VAL C 341 31.06 -40.64 -14.66
CA VAL C 341 29.88 -39.99 -15.21
C VAL C 341 30.21 -39.22 -16.49
N PHE C 342 31.34 -38.54 -16.52
CA PHE C 342 31.72 -37.72 -17.66
C PHE C 342 32.75 -38.38 -18.57
N ASN C 343 33.56 -39.28 -18.04
CA ASN C 343 34.69 -39.87 -18.77
C ASN C 343 34.50 -41.38 -18.92
N ALA C 344 33.27 -41.80 -19.16
CA ALA C 344 32.94 -43.21 -19.31
C ALA C 344 32.45 -43.47 -20.73
N THR C 345 32.98 -44.52 -21.34
CA THR C 345 32.48 -44.98 -22.62
C THR C 345 31.11 -45.61 -22.44
N ARG C 346 30.45 -45.88 -23.57
CA ARG C 346 29.23 -46.70 -23.56
C ARG C 346 28.12 -46.03 -22.75
N PHE C 347 27.74 -44.83 -23.18
CA PHE C 347 26.63 -44.14 -22.57
C PHE C 347 25.30 -44.75 -23.01
N ALA C 348 24.25 -44.39 -22.30
CA ALA C 348 22.93 -44.94 -22.54
C ALA C 348 22.18 -44.14 -23.60
N SER C 349 21.18 -44.76 -24.19
CA SER C 349 20.30 -44.09 -25.13
C SER C 349 19.33 -43.18 -24.39
N VAL C 350 18.86 -42.14 -25.08
CA VAL C 350 17.98 -41.17 -24.44
C VAL C 350 16.68 -41.82 -24.00
N TYR C 351 16.16 -42.75 -24.80
CA TYR C 351 14.90 -43.40 -24.44
C TYR C 351 15.03 -44.27 -23.21
N ALA C 352 16.25 -44.65 -22.84
CA ALA C 352 16.53 -45.46 -21.65
C ALA C 352 17.60 -44.79 -20.81
N TRP C 353 17.43 -43.50 -20.57
CA TRP C 353 18.44 -42.72 -19.87
C TRP C 353 18.77 -43.35 -18.52
N ASN C 354 20.06 -43.49 -18.25
CA ASN C 354 20.52 -44.07 -16.99
C ASN C 354 20.55 -43.02 -15.90
N ARG C 355 20.18 -43.42 -14.70
CA ARG C 355 20.21 -42.56 -13.52
C ARG C 355 21.15 -43.17 -12.50
N LYS C 356 22.14 -42.39 -12.08
CA LYS C 356 23.14 -42.84 -11.11
C LYS C 356 23.03 -42.00 -9.85
N ARG C 357 23.07 -42.67 -8.70
CA ARG C 357 23.07 -42.00 -7.42
C ARG C 357 24.49 -41.61 -7.03
N ILE C 358 24.62 -40.44 -6.40
CA ILE C 358 25.90 -39.90 -6.00
C ILE C 358 25.81 -39.51 -4.53
N SER C 359 26.77 -39.96 -3.72
CA SER C 359 26.72 -39.70 -2.29
C SER C 359 28.10 -39.91 -1.70
N ASN C 360 28.36 -39.18 -0.61
CA ASN C 360 29.57 -39.36 0.20
C ASN C 360 30.81 -39.03 -0.63
N CYS C 361 30.83 -37.80 -1.14
CA CYS C 361 31.90 -37.38 -2.02
C CYS C 361 31.98 -35.86 -2.04
N VAL C 362 33.19 -35.35 -2.19
CA VAL C 362 33.42 -33.92 -2.37
C VAL C 362 33.31 -33.59 -3.85
N ALA C 363 32.66 -32.47 -4.15
CA ALA C 363 32.40 -32.05 -5.53
C ALA C 363 33.35 -30.92 -5.88
N ASP C 364 34.55 -31.28 -6.33
CA ASP C 364 35.54 -30.32 -6.82
C ASP C 364 35.56 -30.50 -8.34
N TYR C 365 34.73 -29.72 -9.02
CA TYR C 365 34.64 -29.82 -10.47
C TYR C 365 35.85 -29.26 -11.19
N SER C 366 36.78 -28.62 -10.47
CA SER C 366 38.01 -28.16 -11.08
C SER C 366 38.80 -29.30 -11.71
N VAL C 367 38.59 -30.54 -11.26
CA VAL C 367 39.27 -31.69 -11.84
C VAL C 367 38.89 -31.87 -13.30
N LEU C 368 37.74 -31.35 -13.72
CA LEU C 368 37.27 -31.50 -15.09
C LEU C 368 37.91 -30.51 -16.05
N TYR C 369 38.61 -29.49 -15.55
CA TYR C 369 39.13 -28.44 -16.40
C TYR C 369 40.14 -29.01 -17.40
N ASN C 370 41.05 -29.85 -16.93
CA ASN C 370 42.08 -30.41 -17.81
C ASN C 370 41.53 -31.52 -18.69
N SER C 371 40.49 -32.22 -18.24
CA SER C 371 40.02 -33.41 -18.95
C SER C 371 39.11 -33.04 -20.12
N ALA C 372 37.98 -32.41 -19.83
CA ALA C 372 36.95 -32.20 -20.83
C ALA C 372 36.44 -30.76 -20.76
N SER C 373 35.90 -30.31 -21.88
CA SER C 373 35.27 -29.00 -21.99
C SER C 373 33.82 -29.18 -22.42
N PHE C 374 32.92 -28.46 -21.77
CA PHE C 374 31.48 -28.61 -21.99
C PHE C 374 30.98 -27.45 -22.83
N SER C 375 30.35 -27.78 -23.96
CA SER C 375 29.76 -26.76 -24.82
C SER C 375 28.59 -26.08 -24.13
N THR C 376 27.84 -26.82 -23.32
CA THR C 376 26.66 -26.32 -22.64
C THR C 376 26.77 -26.61 -21.15
N PHE C 377 26.44 -25.60 -20.34
CA PHE C 377 26.45 -25.76 -18.89
C PHE C 377 25.47 -24.73 -18.33
N LYS C 378 24.27 -25.20 -17.99
CA LYS C 378 23.22 -24.36 -17.44
C LYS C 378 22.79 -24.92 -16.09
N CYS C 379 22.72 -24.04 -15.09
CA CYS C 379 22.32 -24.42 -13.74
C CYS C 379 21.03 -23.71 -13.39
N TYR C 380 20.00 -24.48 -13.08
CA TYR C 380 18.69 -23.95 -12.73
C TYR C 380 18.48 -24.04 -11.23
N GLY C 381 18.04 -22.93 -10.62
CA GLY C 381 17.82 -22.89 -9.20
C GLY C 381 19.05 -22.63 -8.36
N VAL C 382 20.19 -22.38 -8.98
CA VAL C 382 21.44 -22.15 -8.24
C VAL C 382 22.41 -21.45 -9.18
N SER C 383 23.23 -20.58 -8.61
CA SER C 383 24.24 -19.90 -9.42
C SER C 383 25.51 -20.74 -9.48
N PRO C 384 26.18 -20.80 -10.64
CA PRO C 384 27.42 -21.59 -10.70
C PRO C 384 28.48 -21.16 -9.72
N THR C 385 28.57 -19.87 -9.43
CA THR C 385 29.61 -19.37 -8.53
C THR C 385 29.46 -19.95 -7.12
N LYS C 386 28.24 -20.27 -6.71
CA LYS C 386 27.96 -20.74 -5.37
C LYS C 386 28.07 -22.26 -5.23
N LEU C 387 28.38 -22.98 -6.32
CA LEU C 387 28.45 -24.42 -6.23
C LEU C 387 29.60 -24.87 -5.33
N ASN C 388 30.64 -24.04 -5.19
CA ASN C 388 31.77 -24.37 -4.35
C ASN C 388 31.51 -24.11 -2.87
N ASP C 389 30.38 -23.48 -2.54
CA ASP C 389 30.06 -23.10 -1.16
C ASP C 389 28.75 -23.75 -0.72
N LEU C 390 28.38 -24.87 -1.32
CA LEU C 390 27.09 -25.50 -1.08
C LEU C 390 27.26 -26.99 -0.88
N CYS C 391 26.25 -27.59 -0.24
CA CYS C 391 26.16 -29.03 -0.07
C CYS C 391 24.80 -29.49 -0.59
N PHE C 392 24.79 -30.65 -1.24
CA PHE C 392 23.64 -31.12 -2.00
C PHE C 392 23.06 -32.38 -1.37
N THR C 393 21.73 -32.45 -1.35
CA THR C 393 21.05 -33.50 -0.59
C THR C 393 20.94 -34.79 -1.39
N ASN C 394 20.22 -34.76 -2.50
CA ASN C 394 19.91 -35.96 -3.29
C ASN C 394 20.40 -35.73 -4.70
N VAL C 395 21.65 -36.10 -4.96
CA VAL C 395 22.28 -35.87 -6.26
C VAL C 395 22.06 -37.10 -7.12
N TYR C 396 21.51 -36.88 -8.32
CA TYR C 396 21.30 -37.93 -9.31
C TYR C 396 21.86 -37.46 -10.64
N ALA C 397 22.62 -38.33 -11.30
CA ALA C 397 23.23 -38.02 -12.58
C ALA C 397 22.49 -38.78 -13.67
N ASP C 398 21.78 -38.06 -14.52
CA ASP C 398 21.04 -38.65 -15.62
C ASP C 398 21.84 -38.45 -16.90
N SER C 399 22.26 -39.54 -17.52
CA SER C 399 23.16 -39.50 -18.65
C SER C 399 22.48 -40.15 -19.86
N PHE C 400 22.79 -39.61 -21.04
CA PHE C 400 22.27 -40.14 -22.29
C PHE C 400 22.95 -39.40 -23.43
N VAL C 401 22.66 -39.83 -24.66
CA VAL C 401 23.29 -39.31 -25.86
C VAL C 401 22.21 -38.87 -26.84
N ILE C 402 22.38 -37.69 -27.42
CA ILE C 402 21.48 -37.14 -28.41
C ILE C 402 22.29 -36.35 -29.43
N ARG C 403 21.61 -35.79 -30.42
CA ARG C 403 22.25 -34.95 -31.41
C ARG C 403 22.23 -33.49 -30.97
N GLY C 404 23.11 -32.69 -31.57
CA GLY C 404 23.28 -31.32 -31.12
C GLY C 404 22.01 -30.49 -31.23
N ASP C 405 21.24 -30.70 -32.30
CA ASP C 405 20.01 -29.95 -32.49
C ASP C 405 19.05 -30.13 -31.34
N GLU C 406 19.14 -31.24 -30.62
CA GLU C 406 18.18 -31.59 -29.59
C GLU C 406 18.65 -31.23 -28.18
N VAL C 407 19.84 -30.63 -28.04
CA VAL C 407 20.32 -30.26 -26.71
C VAL C 407 19.45 -29.17 -26.12
N ARG C 408 18.99 -28.23 -26.93
CA ARG C 408 18.09 -27.19 -26.45
C ARG C 408 16.85 -27.78 -25.80
N GLN C 409 16.38 -28.93 -26.30
CA GLN C 409 15.19 -29.55 -25.73
C GLN C 409 15.39 -30.00 -24.30
N ILE C 410 16.64 -30.08 -23.85
CA ILE C 410 16.92 -30.52 -22.47
C ILE C 410 16.86 -29.26 -21.61
N ALA C 411 15.64 -28.89 -21.25
CA ALA C 411 15.39 -27.75 -20.38
C ALA C 411 13.90 -27.68 -20.07
N PRO C 412 13.51 -27.16 -18.91
CA PRO C 412 12.09 -27.07 -18.59
C PRO C 412 11.35 -26.20 -19.59
N GLY C 413 10.13 -26.62 -19.91
CA GLY C 413 9.26 -25.86 -20.78
C GLY C 413 9.44 -26.10 -22.26
N GLN C 414 10.42 -26.90 -22.66
CA GLN C 414 10.67 -27.12 -24.07
C GLN C 414 9.76 -28.23 -24.60
N THR C 415 9.72 -28.33 -25.93
CA THR C 415 8.92 -29.34 -26.60
C THR C 415 9.71 -29.92 -27.77
N GLY C 416 9.32 -31.10 -28.19
CA GLY C 416 10.03 -31.83 -29.21
C GLY C 416 9.96 -33.31 -28.93
N LYS C 417 10.56 -34.08 -29.84
CA LYS C 417 10.54 -35.53 -29.66
C LYS C 417 11.24 -35.94 -28.36
N ILE C 418 12.39 -35.33 -28.09
CA ILE C 418 13.14 -35.70 -26.88
C ILE C 418 12.35 -35.33 -25.63
N ALA C 419 11.93 -34.07 -25.55
CA ALA C 419 11.26 -33.60 -24.35
C ALA C 419 9.92 -34.30 -24.16
N ASP C 420 9.19 -34.55 -25.25
CA ASP C 420 7.84 -35.06 -25.13
C ASP C 420 7.79 -36.58 -24.97
N TYR C 421 8.77 -37.30 -25.52
CA TYR C 421 8.69 -38.75 -25.60
C TYR C 421 9.83 -39.49 -24.90
N ASN C 422 11.01 -38.87 -24.77
CA ASN C 422 12.18 -39.57 -24.26
C ASN C 422 12.60 -39.10 -22.87
N TYR C 423 12.82 -37.80 -22.69
CA TYR C 423 13.32 -37.29 -21.41
C TYR C 423 12.73 -35.90 -21.18
N LYS C 424 11.97 -35.77 -20.11
CA LYS C 424 11.31 -34.52 -19.77
C LYS C 424 11.79 -34.04 -18.40
N LEU C 425 12.05 -32.74 -18.30
CA LEU C 425 12.45 -32.15 -17.03
C LEU C 425 11.30 -31.40 -16.40
N PRO C 426 11.18 -31.42 -15.07
CA PRO C 426 10.11 -30.66 -14.42
C PRO C 426 10.31 -29.16 -14.58
N ASP C 427 9.19 -28.43 -14.57
CA ASP C 427 9.26 -26.98 -14.63
C ASP C 427 10.00 -26.41 -13.42
N ASP C 428 9.72 -26.94 -12.24
CA ASP C 428 10.41 -26.54 -11.01
C ASP C 428 11.64 -27.42 -10.80
N PHE C 429 12.62 -27.23 -11.69
CA PHE C 429 13.80 -28.07 -11.74
C PHE C 429 14.96 -27.35 -11.05
N THR C 430 15.56 -28.01 -10.07
CA THR C 430 16.77 -27.53 -9.41
C THR C 430 17.90 -28.47 -9.79
N GLY C 431 18.92 -27.93 -10.44
CA GLY C 431 20.02 -28.74 -10.91
C GLY C 431 20.78 -28.05 -12.03
N CYS C 432 21.65 -28.81 -12.66
CA CYS C 432 22.49 -28.31 -13.74
C CYS C 432 22.47 -29.28 -14.91
N VAL C 433 22.58 -28.73 -16.12
CA VAL C 433 22.57 -29.48 -17.36
C VAL C 433 23.92 -29.31 -18.03
N ILE C 434 24.54 -30.42 -18.41
CA ILE C 434 25.88 -30.42 -18.99
C ILE C 434 25.85 -31.23 -20.27
N ALA C 435 26.58 -30.76 -21.29
CA ALA C 435 26.66 -31.44 -22.56
C ALA C 435 27.99 -31.13 -23.22
N TRP C 436 28.45 -32.07 -24.04
CA TRP C 436 29.68 -31.88 -24.80
C TRP C 436 29.68 -32.82 -25.99
N ASN C 437 30.25 -32.36 -27.09
CA ASN C 437 30.30 -33.17 -28.30
C ASN C 437 31.13 -34.42 -28.08
N SER C 438 30.71 -35.52 -28.71
CA SER C 438 31.39 -36.79 -28.61
C SER C 438 31.48 -37.46 -29.96
N ASN C 439 31.72 -36.67 -31.01
CA ASN C 439 31.83 -37.24 -32.35
C ASN C 439 33.01 -38.20 -32.45
N ASN C 440 34.13 -37.86 -31.80
CA ASN C 440 35.30 -38.71 -31.84
C ASN C 440 35.09 -40.02 -31.12
N LEU C 441 34.06 -40.13 -30.28
CA LEU C 441 33.79 -41.32 -29.48
C LEU C 441 32.56 -42.08 -29.95
N ASP C 442 31.42 -41.40 -30.05
CA ASP C 442 30.15 -42.05 -30.38
C ASP C 442 29.85 -42.02 -31.87
N SER C 443 30.87 -41.97 -32.71
CA SER C 443 30.71 -41.99 -34.16
C SER C 443 31.65 -43.02 -34.76
N LYS C 444 31.23 -43.61 -35.87
CA LYS C 444 32.01 -44.63 -36.56
C LYS C 444 31.83 -44.46 -38.06
N VAL C 445 32.82 -44.93 -38.81
CA VAL C 445 32.74 -44.91 -40.27
C VAL C 445 31.64 -45.86 -40.71
N GLY C 446 30.75 -45.36 -41.57
CA GLY C 446 29.61 -46.12 -42.04
C GLY C 446 28.37 -45.99 -41.19
N GLY C 447 28.49 -45.47 -39.97
CA GLY C 447 27.33 -45.24 -39.12
C GLY C 447 27.36 -46.02 -37.83
N ASN C 448 26.87 -45.40 -36.76
CA ASN C 448 26.73 -46.04 -35.45
C ASN C 448 25.25 -45.99 -35.07
N TYR C 449 24.61 -47.15 -35.04
CA TYR C 449 23.17 -47.25 -34.80
C TYR C 449 22.86 -47.86 -33.43
N ASN C 450 23.80 -47.79 -32.49
CA ASN C 450 23.57 -48.31 -31.16
C ASN C 450 22.78 -47.35 -30.28
N TYR C 451 22.66 -46.09 -30.68
CA TYR C 451 21.92 -45.09 -29.92
C TYR C 451 20.55 -44.90 -30.56
N LEU C 452 19.50 -44.99 -29.75
CA LEU C 452 18.13 -44.95 -30.22
C LEU C 452 17.36 -43.85 -29.50
N TYR C 453 16.24 -43.45 -30.10
CA TYR C 453 15.36 -42.45 -29.53
C TYR C 453 13.92 -42.81 -29.86
N ARG C 454 13.02 -42.56 -28.93
CA ARG C 454 11.61 -42.80 -29.14
C ARG C 454 11.04 -41.73 -30.05
N LEU C 455 10.36 -42.16 -31.12
CA LEU C 455 9.83 -41.25 -32.12
C LEU C 455 8.33 -41.08 -32.06
N PHE C 456 7.59 -42.13 -31.67
CA PHE C 456 6.14 -42.09 -31.59
C PHE C 456 5.70 -42.51 -30.19
N ARG C 457 4.72 -41.80 -29.65
CA ARG C 457 4.16 -42.14 -28.36
C ARG C 457 2.72 -41.63 -28.30
N LYS C 458 1.88 -42.36 -27.57
CA LYS C 458 0.48 -41.97 -27.46
C LYS C 458 0.32 -40.64 -26.74
N SER C 459 1.17 -40.35 -25.76
CA SER C 459 1.04 -39.14 -24.97
C SER C 459 2.42 -38.65 -24.55
N ASN C 460 2.49 -37.37 -24.22
CA ASN C 460 3.75 -36.78 -23.78
C ASN C 460 4.13 -37.31 -22.40
N LEU C 461 5.43 -37.45 -22.19
CA LEU C 461 5.94 -37.98 -20.94
C LEU C 461 5.78 -36.96 -19.81
N LYS C 462 5.75 -37.47 -18.59
CA LYS C 462 5.81 -36.66 -17.39
C LYS C 462 7.25 -36.46 -16.95
N PRO C 463 7.52 -35.48 -16.10
CA PRO C 463 8.90 -35.23 -15.68
C PRO C 463 9.54 -36.44 -15.05
N PHE C 464 10.82 -36.66 -15.40
CA PHE C 464 11.61 -37.76 -14.85
C PHE C 464 10.88 -39.09 -14.97
N GLU C 465 10.34 -39.35 -16.16
CA GLU C 465 9.67 -40.60 -16.47
C GLU C 465 10.40 -41.29 -17.61
N ARG C 466 10.59 -42.59 -17.47
CA ARG C 466 11.29 -43.40 -18.46
C ARG C 466 10.31 -44.41 -19.06
N ASP C 467 10.29 -44.47 -20.38
CA ASP C 467 9.41 -45.39 -21.11
C ASP C 467 10.28 -46.26 -22.02
N ILE C 468 10.62 -47.46 -21.55
CA ILE C 468 11.40 -48.40 -22.35
C ILE C 468 10.52 -49.37 -23.12
N SER C 469 9.19 -49.21 -23.04
CA SER C 469 8.30 -50.13 -23.74
C SER C 469 8.58 -50.11 -25.23
N THR C 470 8.60 -51.30 -25.83
CA THR C 470 8.80 -51.49 -27.27
C THR C 470 7.55 -52.16 -27.84
N GLU C 471 6.55 -51.35 -28.16
CA GLU C 471 5.30 -51.83 -28.72
C GLU C 471 4.98 -51.07 -29.99
N ILE C 472 4.34 -51.75 -30.94
CA ILE C 472 4.05 -51.14 -32.23
C ILE C 472 3.06 -50.00 -32.02
N TYR C 473 3.40 -48.83 -32.55
CA TYR C 473 2.56 -47.65 -32.39
C TYR C 473 1.43 -47.68 -33.41
N GLN C 474 0.22 -47.42 -32.96
CA GLN C 474 -0.97 -47.42 -33.80
C GLN C 474 -1.28 -45.97 -34.17
N ALA C 475 -0.91 -45.58 -35.38
CA ALA C 475 -1.12 -44.22 -35.87
C ALA C 475 -2.41 -44.07 -36.65
N GLY C 476 -3.23 -45.12 -36.74
CA GLY C 476 -4.47 -45.07 -37.48
C GLY C 476 -5.56 -45.86 -36.77
N SER C 477 -6.76 -45.78 -37.33
CA SER C 477 -7.90 -46.50 -36.75
C SER C 477 -7.72 -48.00 -36.85
N THR C 478 -7.09 -48.48 -37.91
CA THR C 478 -6.90 -49.92 -38.08
C THR C 478 -5.91 -50.44 -37.03
N PRO C 479 -6.29 -51.42 -36.22
CA PRO C 479 -5.36 -51.92 -35.20
C PRO C 479 -4.38 -52.93 -35.77
N CYS C 480 -3.12 -52.80 -35.37
CA CYS C 480 -2.07 -53.75 -35.70
C CYS C 480 -1.54 -54.35 -34.41
N ASN C 481 -1.52 -55.67 -34.33
CA ASN C 481 -1.17 -56.39 -33.11
C ASN C 481 0.23 -56.97 -33.26
N GLY C 482 1.20 -56.30 -32.65
CA GLY C 482 2.56 -56.83 -32.58
C GLY C 482 3.19 -57.08 -33.93
N VAL C 483 2.77 -56.35 -34.97
CA VAL C 483 3.34 -56.51 -36.30
C VAL C 483 3.34 -55.16 -36.99
N GLU C 484 4.47 -54.81 -37.59
CA GLU C 484 4.58 -53.56 -38.32
C GLU C 484 3.77 -53.63 -39.61
N GLY C 485 3.19 -52.49 -39.98
CA GLY C 485 2.40 -52.43 -41.20
C GLY C 485 2.15 -50.99 -41.59
N PHE C 486 1.39 -50.82 -42.67
CA PHE C 486 1.06 -49.48 -43.13
C PHE C 486 0.34 -48.72 -42.03
N ASN C 487 0.77 -47.48 -41.80
CA ASN C 487 0.25 -46.61 -40.75
C ASN C 487 0.57 -47.14 -39.35
N CYS C 488 1.43 -48.17 -39.25
CA CYS C 488 1.89 -48.67 -37.97
C CYS C 488 3.41 -48.64 -37.97
N TYR C 489 3.99 -48.10 -36.90
CA TYR C 489 5.42 -47.82 -36.85
C TYR C 489 6.02 -48.41 -35.59
N PHE C 490 7.30 -48.76 -35.70
CA PHE C 490 8.09 -49.13 -34.54
C PHE C 490 8.54 -47.87 -33.82
N PRO C 491 8.16 -47.66 -32.55
CA PRO C 491 8.41 -46.35 -31.93
C PRO C 491 9.88 -45.97 -31.89
N LEU C 492 10.76 -46.93 -31.64
CA LEU C 492 12.18 -46.64 -31.52
C LEU C 492 12.83 -46.48 -32.88
N GLN C 493 13.76 -45.52 -32.96
CA GLN C 493 14.55 -45.30 -34.17
C GLN C 493 15.99 -45.02 -33.75
N SER C 494 16.91 -45.29 -34.66
CA SER C 494 18.33 -45.23 -34.38
C SER C 494 18.94 -43.95 -34.94
N TYR C 495 19.73 -43.26 -34.12
CA TYR C 495 20.46 -42.10 -34.60
C TYR C 495 21.52 -42.55 -35.60
N GLY C 496 21.60 -41.84 -36.73
CA GLY C 496 22.65 -42.09 -37.69
C GLY C 496 23.84 -41.19 -37.42
N PHE C 497 24.85 -41.71 -36.72
CA PHE C 497 26.01 -40.93 -36.31
C PHE C 497 27.19 -41.32 -37.20
N GLN C 498 27.70 -40.34 -37.93
CA GLN C 498 28.90 -40.49 -38.74
C GLN C 498 29.82 -39.30 -38.49
N PRO C 499 31.13 -39.50 -38.60
CA PRO C 499 32.05 -38.37 -38.40
C PRO C 499 31.89 -37.27 -39.44
N THR C 500 31.37 -37.60 -40.62
CA THR C 500 31.27 -36.63 -41.70
C THR C 500 30.12 -35.65 -41.50
N ASN C 501 29.02 -36.09 -40.89
CA ASN C 501 27.82 -35.27 -40.85
C ASN C 501 28.08 -33.98 -40.07
N GLY C 502 27.09 -33.09 -40.11
CA GLY C 502 27.25 -31.77 -39.54
C GLY C 502 27.21 -31.75 -38.03
N VAL C 503 27.45 -30.57 -37.48
CA VAL C 503 27.44 -30.40 -36.02
C VAL C 503 26.06 -30.71 -35.48
N GLY C 504 25.01 -30.36 -36.21
CA GLY C 504 23.66 -30.59 -35.72
C GLY C 504 23.37 -32.05 -35.46
N TYR C 505 23.74 -32.92 -36.39
CA TYR C 505 23.53 -34.35 -36.25
C TYR C 505 24.67 -35.04 -35.50
N GLN C 506 25.72 -34.30 -35.13
CA GLN C 506 26.80 -34.89 -34.37
C GLN C 506 26.29 -35.29 -32.98
N PRO C 507 26.79 -36.38 -32.42
CA PRO C 507 26.32 -36.80 -31.10
C PRO C 507 26.75 -35.84 -30.01
N TYR C 508 25.92 -35.74 -28.97
CA TYR C 508 26.22 -34.91 -27.81
C TYR C 508 25.89 -35.72 -26.57
N ARG C 509 26.86 -35.86 -25.67
CA ARG C 509 26.67 -36.59 -24.43
C ARG C 509 26.17 -35.63 -23.38
N VAL C 510 24.96 -35.89 -22.87
CA VAL C 510 24.28 -34.99 -21.95
C VAL C 510 24.27 -35.64 -20.56
N VAL C 511 24.60 -34.85 -19.55
CA VAL C 511 24.51 -35.27 -18.16
C VAL C 511 23.67 -34.23 -17.42
N VAL C 512 22.66 -34.70 -16.69
CA VAL C 512 21.75 -33.84 -15.94
C VAL C 512 21.90 -34.17 -14.47
N LEU C 513 22.22 -33.15 -13.67
CA LEU C 513 22.39 -33.31 -12.24
C LEU C 513 21.19 -32.67 -11.55
N SER C 514 20.46 -33.46 -10.77
CA SER C 514 19.28 -33.01 -10.05
C SER C 514 19.54 -33.15 -8.56
N PHE C 515 19.29 -32.08 -7.82
CA PHE C 515 19.55 -32.08 -6.38
C PHE C 515 18.68 -31.03 -5.72
N GLU C 516 18.52 -31.18 -4.41
CA GLU C 516 17.87 -30.19 -3.56
C GLU C 516 18.93 -29.50 -2.71
N LEU C 517 18.81 -28.19 -2.58
CA LEU C 517 19.72 -27.39 -1.78
C LEU C 517 19.04 -27.08 -0.45
N LEU C 518 19.68 -27.48 0.65
CA LEU C 518 19.16 -27.21 1.97
C LEU C 518 17.86 -27.97 2.21
N HIS C 519 17.24 -27.75 3.36
CA HIS C 519 15.99 -28.36 3.80
C HIS C 519 16.18 -29.81 4.26
N ALA C 520 17.37 -30.38 4.15
CA ALA C 520 17.57 -31.78 4.52
C ALA C 520 19.05 -32.04 4.66
N PRO C 521 19.44 -33.17 5.27
CA PRO C 521 20.86 -33.50 5.38
C PRO C 521 21.51 -33.58 4.01
N ALA C 522 22.75 -33.10 3.92
CA ALA C 522 23.47 -33.02 2.66
C ALA C 522 24.61 -34.01 2.71
N THR C 523 24.46 -35.12 1.98
CA THR C 523 25.48 -36.15 1.92
C THR C 523 26.60 -35.82 0.96
N VAL C 524 26.39 -34.85 0.07
CA VAL C 524 27.40 -34.38 -0.88
C VAL C 524 27.73 -32.94 -0.56
N CYS C 525 29.01 -32.58 -0.62
CA CYS C 525 29.47 -31.25 -0.26
C CYS C 525 30.54 -30.79 -1.23
N GLY C 526 30.79 -29.48 -1.23
CA GLY C 526 31.77 -28.88 -2.07
C GLY C 526 33.17 -28.96 -1.48
N PRO C 527 34.14 -28.32 -2.14
CA PRO C 527 35.53 -28.40 -1.69
C PRO C 527 35.87 -27.45 -0.55
N LYS C 528 34.93 -26.65 -0.08
CA LYS C 528 35.23 -25.71 1.00
C LYS C 528 35.64 -26.46 2.25
N LYS C 529 36.54 -25.85 3.01
CA LYS C 529 37.13 -26.49 4.18
C LYS C 529 36.40 -26.08 5.45
N SER C 530 36.13 -27.07 6.30
CA SER C 530 35.46 -26.83 7.57
C SER C 530 36.44 -26.23 8.58
N THR C 531 35.89 -25.63 9.63
CA THR C 531 36.69 -25.03 10.68
C THR C 531 36.24 -25.52 12.05
N ASN C 532 36.81 -24.96 13.11
CA ASN C 532 36.45 -25.34 14.46
C ASN C 532 35.14 -24.66 14.86
N LEU C 533 34.48 -25.24 15.86
CA LEU C 533 33.20 -24.74 16.32
C LEU C 533 33.40 -23.63 17.34
N VAL C 534 32.57 -22.59 17.24
CA VAL C 534 32.59 -21.45 18.14
C VAL C 534 31.19 -21.22 18.66
N LYS C 535 31.06 -21.05 19.97
CA LYS C 535 29.77 -20.88 20.62
C LYS C 535 29.76 -19.60 21.45
N ASN C 536 28.56 -19.11 21.71
CA ASN C 536 28.36 -17.94 22.57
C ASN C 536 29.10 -16.72 22.01
N LYS C 537 29.18 -16.64 20.69
CA LYS C 537 29.86 -15.52 20.03
C LYS C 537 29.24 -15.32 18.66
N CYS C 538 28.97 -14.08 18.31
CA CYS C 538 28.45 -13.77 16.98
C CYS C 538 29.47 -14.18 15.93
N VAL C 539 28.99 -14.85 14.88
CA VAL C 539 29.85 -15.43 13.86
C VAL C 539 29.09 -15.44 12.54
N ASN C 540 29.82 -15.70 11.45
CA ASN C 540 29.26 -15.88 10.12
C ASN C 540 29.43 -17.35 9.77
N PHE C 541 28.41 -18.13 10.08
CA PHE C 541 28.49 -19.59 9.96
C PHE C 541 28.10 -20.05 8.55
N ASN C 542 28.41 -21.31 8.28
CA ASN C 542 28.04 -21.96 7.02
C ASN C 542 27.84 -23.44 7.32
N PHE C 543 26.60 -23.82 7.56
CA PHE C 543 26.24 -25.20 7.88
C PHE C 543 25.68 -25.86 6.62
N ASN C 544 26.48 -26.73 6.00
CA ASN C 544 26.06 -27.46 4.81
C ASN C 544 25.56 -26.50 3.74
N GLY C 545 26.27 -25.39 3.56
CA GLY C 545 25.93 -24.41 2.56
C GLY C 545 24.97 -23.34 3.01
N LEU C 546 24.46 -23.42 4.24
CA LEU C 546 23.50 -22.44 4.76
C LEU C 546 24.29 -21.35 5.48
N THR C 547 24.49 -20.22 4.80
CA THR C 547 25.15 -19.09 5.43
C THR C 547 24.21 -18.45 6.45
N GLY C 548 24.71 -17.44 7.14
CA GLY C 548 23.93 -16.76 8.14
C GLY C 548 24.80 -15.93 9.05
N THR C 549 24.21 -15.50 10.16
CA THR C 549 24.89 -14.68 11.15
C THR C 549 24.12 -14.78 12.45
N GLY C 550 24.80 -15.23 13.51
CA GLY C 550 24.12 -15.38 14.78
C GLY C 550 25.02 -16.05 15.80
N VAL C 551 24.46 -16.23 16.98
CA VAL C 551 25.12 -16.92 18.08
C VAL C 551 24.69 -18.38 18.07
N LEU C 552 25.62 -19.27 18.39
CA LEU C 552 25.38 -20.70 18.41
C LEU C 552 25.53 -21.23 19.82
N THR C 553 24.53 -21.96 20.29
CA THR C 553 24.51 -22.49 21.65
C THR C 553 23.92 -23.89 21.63
N GLU C 554 24.22 -24.65 22.68
CA GLU C 554 23.64 -25.98 22.83
C GLU C 554 22.13 -25.88 22.98
N SER C 555 21.44 -26.92 22.51
CA SER C 555 19.99 -26.93 22.49
C SER C 555 19.46 -28.23 23.09
N ASN C 556 18.27 -28.14 23.68
CA ASN C 556 17.55 -29.31 24.17
C ASN C 556 16.68 -29.93 23.10
N LYS C 557 16.60 -29.33 21.91
CA LYS C 557 15.79 -29.88 20.84
C LYS C 557 16.32 -31.25 20.42
N LYS C 558 15.40 -32.14 20.07
CA LYS C 558 15.75 -33.46 19.56
C LYS C 558 15.33 -33.55 18.10
N PHE C 559 16.31 -33.79 17.23
CA PHE C 559 16.08 -33.85 15.79
C PHE C 559 16.01 -35.31 15.36
N LEU C 560 15.02 -35.62 14.53
CA LEU C 560 14.94 -36.96 13.96
C LEU C 560 16.06 -37.14 12.93
N PRO C 561 16.39 -38.39 12.60
CA PRO C 561 17.53 -38.62 11.69
C PRO C 561 17.40 -37.89 10.36
N PHE C 562 16.19 -37.77 9.82
CA PHE C 562 16.00 -37.12 8.53
C PHE C 562 15.94 -35.60 8.62
N GLN C 563 16.00 -35.04 9.83
CA GLN C 563 15.93 -33.60 10.02
C GLN C 563 17.31 -33.04 10.29
N GLN C 564 17.67 -31.99 9.55
CA GLN C 564 18.94 -31.30 9.68
C GLN C 564 18.78 -29.90 10.23
N PHE C 565 17.89 -29.10 9.65
CA PHE C 565 17.65 -27.74 10.07
C PHE C 565 16.33 -27.65 10.84
N GLY C 566 16.13 -26.51 11.50
CA GLY C 566 14.90 -26.25 12.21
C GLY C 566 14.48 -24.82 11.98
N ARG C 567 13.17 -24.59 12.06
CA ARG C 567 12.59 -23.30 11.75
C ARG C 567 11.63 -22.89 12.86
N ASP C 568 11.27 -21.61 12.85
CA ASP C 568 10.42 -20.96 13.83
C ASP C 568 9.09 -20.58 13.19
N ILE C 569 8.29 -19.79 13.91
CA ILE C 569 7.02 -19.34 13.39
C ILE C 569 7.22 -18.67 12.03
N ALA C 570 8.25 -17.86 11.91
CA ALA C 570 8.66 -17.33 10.62
C ALA C 570 9.40 -18.41 9.85
N ASP C 571 9.92 -18.08 8.67
CA ASP C 571 10.79 -18.99 7.94
C ASP C 571 12.22 -18.53 8.20
N THR C 572 12.83 -19.12 9.22
CA THR C 572 14.13 -18.66 9.70
C THR C 572 14.78 -19.80 10.47
N THR C 573 16.03 -20.12 10.13
CA THR C 573 16.70 -21.26 10.73
C THR C 573 17.08 -20.97 12.18
N ASP C 574 16.21 -21.35 13.11
CA ASP C 574 16.46 -21.14 14.53
C ASP C 574 17.25 -22.28 15.17
N ALA C 575 17.51 -23.35 14.43
CA ALA C 575 18.27 -24.48 14.94
C ALA C 575 18.96 -25.17 13.79
N VAL C 576 19.99 -25.96 14.11
CA VAL C 576 20.78 -26.65 13.11
C VAL C 576 21.52 -27.79 13.79
N ARG C 577 21.91 -28.78 13.00
CA ARG C 577 22.65 -29.94 13.48
C ARG C 577 24.05 -29.92 12.89
N ASP C 578 25.05 -30.02 13.76
CA ASP C 578 26.43 -30.02 13.30
C ASP C 578 26.74 -31.34 12.61
N PRO C 579 27.11 -31.35 11.33
CA PRO C 579 27.36 -32.63 10.66
C PRO C 579 28.50 -33.42 11.28
N GLN C 580 29.52 -32.75 11.79
CA GLN C 580 30.71 -33.46 12.28
C GLN C 580 30.50 -34.02 13.69
N THR C 581 29.75 -33.30 14.54
CA THR C 581 29.54 -33.72 15.91
C THR C 581 28.15 -34.26 16.19
N LEU C 582 27.21 -34.08 15.26
CA LEU C 582 25.85 -34.59 15.42
C LEU C 582 25.20 -34.05 16.70
N GLU C 583 25.46 -32.78 16.99
CA GLU C 583 24.86 -32.10 18.13
C GLU C 583 24.02 -30.94 17.63
N ILE C 584 22.94 -30.67 18.34
CA ILE C 584 22.02 -29.61 17.96
C ILE C 584 22.56 -28.27 18.43
N LEU C 585 22.31 -27.23 17.64
CA LEU C 585 22.73 -25.88 17.97
C LEU C 585 21.55 -24.93 17.76
N ASP C 586 21.52 -23.87 18.55
CA ASP C 586 20.47 -22.86 18.49
C ASP C 586 21.08 -21.58 17.93
N ILE C 587 20.50 -21.10 16.83
CA ILE C 587 20.94 -19.86 16.20
C ILE C 587 20.09 -18.72 16.73
N THR C 588 20.74 -17.68 17.22
CA THR C 588 20.06 -16.52 17.78
C THR C 588 20.65 -15.27 17.14
N PRO C 589 19.81 -14.35 16.65
CA PRO C 589 20.35 -13.10 16.10
C PRO C 589 21.15 -12.35 17.16
N CYS C 590 22.21 -11.70 16.71
CA CYS C 590 23.10 -10.99 17.61
C CYS C 590 22.64 -9.58 17.92
N SER C 591 21.80 -8.99 17.07
CA SER C 591 21.36 -7.61 17.23
C SER C 591 20.06 -7.59 18.02
N PHE C 592 20.05 -6.85 19.12
CA PHE C 592 18.94 -6.92 20.05
C PHE C 592 18.99 -5.78 21.05
N GLY C 593 17.91 -5.01 21.16
CA GLY C 593 17.84 -3.92 22.11
C GLY C 593 17.70 -2.56 21.44
N GLY C 594 16.74 -1.78 21.91
CA GLY C 594 16.56 -0.44 21.39
C GLY C 594 17.59 0.54 21.96
N VAL C 595 17.90 1.55 21.16
CA VAL C 595 18.82 2.61 21.54
C VAL C 595 18.16 3.94 21.27
N SER C 596 18.10 4.79 22.29
CA SER C 596 17.52 6.12 22.19
C SER C 596 18.55 7.15 22.60
N VAL C 597 18.55 8.29 21.92
CA VAL C 597 19.54 9.34 22.12
C VAL C 597 18.84 10.57 22.70
N ILE C 598 19.39 11.08 23.79
CA ILE C 598 18.88 12.30 24.43
C ILE C 598 19.90 13.40 24.18
N THR C 599 19.45 14.46 23.49
CA THR C 599 20.34 15.54 23.11
C THR C 599 19.63 16.87 23.25
N PRO C 600 20.37 17.94 23.56
CA PRO C 600 19.82 19.29 23.39
C PRO C 600 19.91 19.73 21.93
N GLY C 601 19.59 21.00 21.66
CA GLY C 601 19.42 21.46 20.29
C GLY C 601 20.66 21.41 19.44
N THR C 602 21.84 21.21 20.03
CA THR C 602 23.11 21.16 19.31
C THR C 602 23.53 22.55 18.83
N ASN C 603 22.63 23.52 18.96
CA ASN C 603 23.00 24.93 18.92
C ASN C 603 23.28 25.45 20.32
N THR C 604 23.17 24.58 21.32
CA THR C 604 23.42 24.89 22.72
C THR C 604 24.49 24.03 23.35
N SER C 605 24.66 22.80 22.88
CA SER C 605 25.66 21.87 23.42
C SER C 605 25.70 20.64 22.54
N ASN C 606 26.88 20.04 22.44
CA ASN C 606 27.11 18.90 21.57
C ASN C 606 27.21 17.58 22.30
N GLU C 607 27.11 17.59 23.63
CA GLU C 607 27.14 16.36 24.41
C GLU C 607 25.74 15.81 24.56
N VAL C 608 25.64 14.48 24.57
CA VAL C 608 24.36 13.78 24.56
C VAL C 608 24.39 12.66 25.59
N ALA C 609 23.22 12.08 25.81
CA ALA C 609 23.05 10.92 26.67
C ALA C 609 22.34 9.84 25.88
N VAL C 610 22.69 8.58 26.15
CA VAL C 610 22.17 7.44 25.41
C VAL C 610 21.39 6.56 26.37
N LEU C 611 20.16 6.23 26.00
CA LEU C 611 19.32 5.32 26.77
C LEU C 611 19.31 3.97 26.06
N TYR C 612 19.80 2.94 26.76
CA TYR C 612 19.85 1.59 26.23
C TYR C 612 18.69 0.81 26.83
N GLN C 613 17.63 0.64 26.05
CA GLN C 613 16.54 -0.23 26.48
C GLN C 613 17.01 -1.68 26.53
N ASP C 614 16.32 -2.48 27.33
CA ASP C 614 16.61 -3.90 27.45
C ASP C 614 18.01 -4.15 28.01
N VAL C 615 18.48 -3.23 28.85
CA VAL C 615 19.77 -3.37 29.52
C VAL C 615 19.58 -3.04 30.99
N ASN C 616 20.12 -3.89 31.86
CA ASN C 616 20.06 -3.71 33.31
C ASN C 616 21.49 -3.61 33.81
N CYS C 617 21.99 -2.38 33.92
CA CYS C 617 23.35 -2.16 34.37
C CYS C 617 23.55 -2.56 35.84
N THR C 618 22.46 -2.65 36.60
CA THR C 618 22.57 -3.04 38.00
C THR C 618 23.13 -4.44 38.17
N GLU C 619 22.98 -5.30 37.16
CA GLU C 619 23.48 -6.67 37.24
C GLU C 619 24.99 -6.68 37.49
N THR C 632 30.47 -6.90 30.66
CA THR C 632 30.56 -6.33 29.32
C THR C 632 29.18 -6.01 28.76
N TRP C 633 28.51 -5.03 29.35
CA TRP C 633 27.16 -4.68 28.96
C TRP C 633 27.06 -4.44 27.46
N ARG C 634 25.86 -4.61 26.91
CA ARG C 634 25.61 -4.39 25.48
C ARG C 634 25.42 -2.89 25.24
N VAL C 635 26.53 -2.16 25.31
CA VAL C 635 26.52 -0.71 25.11
C VAL C 635 27.63 -0.34 24.14
N TYR C 636 27.44 0.77 23.45
CA TYR C 636 28.45 1.25 22.52
C TYR C 636 29.68 1.77 23.26
N SER C 637 29.46 2.56 24.31
CA SER C 637 30.55 3.13 25.08
C SER C 637 30.09 3.36 26.51
N THR C 638 30.87 2.86 27.46
CA THR C 638 30.58 3.08 28.88
C THR C 638 31.02 4.48 29.29
N GLY C 639 30.34 5.01 30.32
CA GLY C 639 30.64 6.33 30.82
C GLY C 639 30.71 6.32 32.34
N SER C 640 31.27 7.41 32.88
CA SER C 640 31.38 7.54 34.33
C SER C 640 30.01 7.61 34.98
N ASN C 641 29.08 8.33 34.36
CA ASN C 641 27.74 8.53 34.91
C ASN C 641 26.81 7.47 34.32
N VAL C 642 26.37 6.55 35.17
CA VAL C 642 25.42 5.50 34.77
C VAL C 642 24.24 5.56 35.72
N PHE C 643 23.04 5.63 35.15
CA PHE C 643 21.81 5.64 35.92
C PHE C 643 20.87 4.59 35.35
N GLN C 644 20.31 3.75 36.21
CA GLN C 644 19.42 2.67 35.80
C GLN C 644 17.98 3.13 35.94
N THR C 645 17.18 2.88 34.90
CA THR C 645 15.78 3.24 34.87
C THR C 645 14.96 2.06 34.38
N ARG C 646 13.67 2.09 34.71
CA ARG C 646 12.77 1.04 34.24
C ARG C 646 12.68 1.01 32.73
N ALA C 647 12.97 2.13 32.06
CA ALA C 647 13.05 2.12 30.61
C ALA C 647 14.34 1.46 30.13
N GLY C 648 15.43 1.68 30.85
CA GLY C 648 16.71 1.10 30.50
C GLY C 648 17.84 1.88 31.11
N CYS C 649 19.05 1.42 30.82
CA CYS C 649 20.24 2.08 31.34
C CYS C 649 20.45 3.40 30.62
N LEU C 650 20.69 4.45 31.41
CA LEU C 650 20.93 5.79 30.88
C LEU C 650 22.39 6.17 31.11
N ILE C 651 23.08 6.53 30.04
CA ILE C 651 24.51 6.83 30.08
C ILE C 651 24.72 8.24 29.55
N GLY C 652 25.52 9.01 30.26
CA GLY C 652 25.76 10.40 29.91
C GLY C 652 24.95 11.39 30.71
N ALA C 653 24.10 10.92 31.62
CA ALA C 653 23.27 11.77 32.46
C ALA C 653 23.46 11.38 33.91
N GLU C 654 23.47 12.40 34.77
CA GLU C 654 23.67 12.22 36.20
C GLU C 654 22.34 12.33 36.93
N HIS C 655 22.10 11.41 37.85
CA HIS C 655 20.86 11.45 38.63
C HIS C 655 20.89 12.60 39.62
N VAL C 656 19.81 13.36 39.63
CA VAL C 656 19.60 14.41 40.63
C VAL C 656 18.34 14.05 41.41
N ASN C 657 18.42 14.19 42.74
CA ASN C 657 17.33 13.81 43.62
C ASN C 657 16.18 14.78 43.59
N ASN C 658 16.34 15.92 42.92
CA ASN C 658 15.29 16.92 42.81
C ASN C 658 14.28 16.49 41.73
N SER C 659 13.14 17.16 41.72
CA SER C 659 12.07 16.84 40.78
C SER C 659 11.56 18.13 40.14
N TYR C 660 11.64 18.18 38.82
CA TYR C 660 11.19 19.33 38.04
C TYR C 660 10.14 18.88 37.04
N GLU C 661 9.60 19.83 36.31
CA GLU C 661 8.69 19.52 35.22
C GLU C 661 9.46 18.87 34.08
N CYS C 662 8.75 18.05 33.30
CA CYS C 662 9.39 17.29 32.25
C CYS C 662 9.82 18.20 31.12
N ASP C 663 11.13 18.26 30.86
CA ASP C 663 11.68 18.92 29.69
C ASP C 663 11.93 17.95 28.54
N ILE C 664 12.41 16.75 28.85
CA ILE C 664 12.63 15.70 27.85
C ILE C 664 12.06 14.40 28.38
N PRO C 665 10.96 13.89 27.81
CA PRO C 665 10.34 12.68 28.35
C PRO C 665 11.09 11.40 28.03
N ILE C 666 12.07 11.04 28.86
CA ILE C 666 12.83 9.82 28.64
C ILE C 666 11.91 8.61 28.65
N GLY C 667 11.24 8.39 29.78
CA GLY C 667 10.50 7.15 29.97
C GLY C 667 9.59 7.12 31.17
N ALA C 668 9.64 6.01 31.92
CA ALA C 668 8.63 5.70 32.93
C ALA C 668 8.25 6.91 33.77
N GLY C 669 9.22 7.44 34.51
CA GLY C 669 8.99 8.65 35.28
C GLY C 669 10.21 9.54 35.28
N ILE C 670 11.04 9.39 34.25
CA ILE C 670 12.35 10.03 34.18
C ILE C 670 12.30 11.09 33.08
N CYS C 671 12.76 12.30 33.41
CA CYS C 671 12.86 13.38 32.45
C CYS C 671 14.23 14.03 32.59
N ALA C 672 14.83 14.37 31.45
CA ALA C 672 16.15 14.97 31.42
C ALA C 672 16.06 16.47 31.15
N SER C 673 17.18 17.15 31.33
CA SER C 673 17.25 18.59 31.14
C SER C 673 18.72 19.00 31.07
N TYR C 674 18.94 20.25 30.68
CA TYR C 674 20.27 20.86 30.62
C TYR C 674 20.34 21.95 31.68
N GLN C 675 21.34 21.87 32.56
CA GLN C 675 21.37 22.75 33.71
C GLN C 675 22.80 22.95 34.19
N THR C 676 22.97 23.97 35.04
CA THR C 676 24.26 24.27 35.65
C THR C 676 25.32 24.60 34.60
N SER C 689 29.69 25.25 34.10
CA SER C 689 29.85 23.89 33.61
C SER C 689 28.51 23.18 33.52
N GLN C 690 27.87 23.28 32.36
CA GLN C 690 26.58 22.64 32.15
C GLN C 690 26.74 21.15 31.89
N SER C 691 25.70 20.40 32.23
CA SER C 691 25.70 18.95 32.04
C SER C 691 24.26 18.48 31.94
N ILE C 692 24.10 17.26 31.44
CA ILE C 692 22.80 16.64 31.30
C ILE C 692 22.46 15.93 32.60
N ILE C 693 21.20 16.05 33.02
CA ILE C 693 20.73 15.46 34.27
C ILE C 693 19.49 14.62 33.98
N ALA C 694 19.25 13.65 34.84
CA ALA C 694 18.06 12.81 34.77
C ALA C 694 17.38 12.84 36.14
N TYR C 695 16.09 13.15 36.14
CA TYR C 695 15.36 13.33 37.38
C TYR C 695 13.96 12.73 37.26
N THR C 696 13.39 12.39 38.41
CA THR C 696 12.01 11.97 38.46
C THR C 696 11.09 13.17 38.30
N MET C 697 10.14 13.06 37.38
CA MET C 697 9.28 14.19 37.08
C MET C 697 8.39 14.53 38.26
N SER C 698 8.13 15.81 38.45
CA SER C 698 7.28 16.29 39.53
C SER C 698 5.86 16.43 39.03
N LEU C 699 4.93 15.67 39.62
CA LEU C 699 3.53 15.76 39.24
C LEU C 699 3.01 17.17 39.51
N GLY C 700 3.35 17.73 40.65
CA GLY C 700 2.94 19.09 40.96
C GLY C 700 3.16 19.39 42.43
N ALA C 701 2.81 20.61 42.79
CA ALA C 701 3.00 21.07 44.16
C ALA C 701 2.09 20.30 45.12
N GLU C 702 2.64 19.91 46.26
CA GLU C 702 1.84 19.27 47.29
C GLU C 702 0.93 20.29 47.97
N ASN C 703 -0.24 19.83 48.39
CA ASN C 703 -1.20 20.70 49.05
C ASN C 703 -2.12 19.84 49.91
N SER C 704 -2.76 20.49 50.88
CA SER C 704 -3.70 19.83 51.77
C SER C 704 -4.86 20.79 52.03
N VAL C 705 -6.07 20.24 52.07
CA VAL C 705 -7.28 21.02 52.32
C VAL C 705 -7.65 20.88 53.78
N ALA C 706 -7.82 22.01 54.46
CA ALA C 706 -8.16 22.02 55.89
C ALA C 706 -9.64 21.64 56.04
N TYR C 707 -9.92 20.37 55.76
CA TYR C 707 -11.29 19.88 55.81
C TYR C 707 -11.75 19.75 57.26
N SER C 708 -13.02 20.08 57.49
CA SER C 708 -13.67 19.84 58.76
C SER C 708 -15.17 19.84 58.52
N ASN C 709 -15.89 19.20 59.45
CA ASN C 709 -17.34 19.12 59.36
C ASN C 709 -18.02 20.42 59.75
N ASN C 710 -17.27 21.40 60.25
CA ASN C 710 -17.83 22.66 60.73
C ASN C 710 -16.98 23.83 60.23
N SER C 711 -16.51 23.75 58.99
CA SER C 711 -15.65 24.80 58.44
C SER C 711 -15.87 24.90 56.94
N ILE C 712 -16.05 26.13 56.47
CA ILE C 712 -16.20 26.41 55.04
C ILE C 712 -15.34 27.61 54.69
N ALA C 713 -14.97 27.69 53.41
CA ALA C 713 -14.20 28.79 52.87
C ALA C 713 -15.03 29.52 51.83
N ILE C 714 -15.17 30.83 52.00
CA ILE C 714 -16.00 31.66 51.13
C ILE C 714 -15.10 32.72 50.51
N PRO C 715 -15.03 32.83 49.19
CA PRO C 715 -14.23 33.90 48.59
C PRO C 715 -14.75 35.28 48.99
N THR C 716 -13.82 36.19 49.22
CA THR C 716 -14.13 37.59 49.51
C THR C 716 -13.76 38.51 48.36
N ASN C 717 -13.21 37.97 47.28
CA ASN C 717 -12.75 38.77 46.15
C ASN C 717 -12.73 37.86 44.93
N PHE C 718 -12.64 38.48 43.75
CA PHE C 718 -12.65 37.73 42.51
C PHE C 718 -11.60 38.30 41.57
N THR C 719 -11.19 37.44 40.63
CA THR C 719 -10.22 37.80 39.61
C THR C 719 -10.81 37.47 38.25
N ILE C 720 -10.75 38.43 37.33
CA ILE C 720 -11.20 38.21 35.96
C ILE C 720 -9.99 37.77 35.15
N SER C 721 -10.03 36.53 34.65
CA SER C 721 -8.92 35.93 33.93
C SER C 721 -9.33 35.69 32.48
N VAL C 722 -8.42 36.00 31.57
CA VAL C 722 -8.61 35.78 30.14
C VAL C 722 -7.61 34.73 29.69
N THR C 723 -8.11 33.69 29.03
CA THR C 723 -7.31 32.56 28.60
C THR C 723 -7.51 32.35 27.11
N THR C 724 -6.44 31.92 26.43
CA THR C 724 -6.46 31.70 25.00
C THR C 724 -6.49 30.21 24.71
N GLU C 725 -7.38 29.81 23.80
CA GLU C 725 -7.48 28.44 23.33
C GLU C 725 -7.35 28.43 21.82
N ILE C 726 -6.31 27.76 21.32
CA ILE C 726 -6.02 27.70 19.89
C ILE C 726 -6.47 26.34 19.37
N LEU C 727 -7.24 26.35 18.28
CA LEU C 727 -7.81 25.14 17.72
C LEU C 727 -7.62 25.15 16.21
N PRO C 728 -6.94 24.17 15.62
CA PRO C 728 -6.90 24.08 14.16
C PRO C 728 -8.31 23.90 13.60
N VAL C 729 -8.57 24.53 12.46
CA VAL C 729 -9.88 24.51 11.85
C VAL C 729 -9.79 24.04 10.41
N SER C 730 -8.63 24.24 9.79
CA SER C 730 -8.45 23.96 8.38
C SER C 730 -7.10 23.32 8.14
N MET C 731 -7.01 22.59 7.03
CA MET C 731 -5.77 21.98 6.58
C MET C 731 -5.53 22.37 5.14
N THR C 732 -4.25 22.42 4.76
CA THR C 732 -3.91 22.85 3.41
C THR C 732 -4.56 21.94 2.38
N LYS C 733 -5.19 22.55 1.38
CA LYS C 733 -5.81 21.81 0.30
C LYS C 733 -4.76 21.49 -0.76
N THR C 734 -4.85 20.29 -1.33
CA THR C 734 -3.86 19.81 -2.28
C THR C 734 -4.53 19.10 -3.44
N SER C 735 -3.82 19.09 -4.57
CA SER C 735 -4.22 18.33 -5.74
C SER C 735 -2.96 17.83 -6.42
N VAL C 736 -3.00 16.59 -6.91
CA VAL C 736 -1.87 15.97 -7.57
C VAL C 736 -2.24 15.61 -8.99
N ASP C 737 -1.34 15.90 -9.92
CA ASP C 737 -1.44 15.39 -11.28
C ASP C 737 -0.63 14.10 -11.33
N CYS C 738 -1.33 12.98 -11.27
CA CYS C 738 -0.70 11.69 -11.04
C CYS C 738 0.12 11.22 -12.23
N THR C 739 -0.13 11.79 -13.41
CA THR C 739 0.65 11.49 -14.61
C THR C 739 1.81 12.46 -14.80
N MET C 740 1.94 13.46 -13.94
CA MET C 740 3.10 14.32 -13.91
C MET C 740 4.07 14.02 -12.78
N TYR C 741 3.62 13.40 -11.71
CA TYR C 741 4.50 12.95 -10.66
C TYR C 741 5.12 11.60 -11.01
N ILE C 742 4.31 10.65 -11.45
CA ILE C 742 4.79 9.30 -11.73
C ILE C 742 5.64 9.29 -12.99
N CYS C 743 5.17 9.93 -14.05
CA CYS C 743 5.80 9.83 -15.37
C CYS C 743 6.56 11.09 -15.74
N GLY C 744 5.88 12.24 -15.75
CA GLY C 744 6.53 13.50 -16.06
C GLY C 744 6.15 14.04 -17.42
N ASP C 745 7.12 14.13 -18.31
CA ASP C 745 6.91 14.61 -19.68
C ASP C 745 7.27 13.50 -20.65
N SER C 746 6.82 12.29 -20.33
CA SER C 746 7.20 11.09 -21.06
C SER C 746 5.95 10.43 -21.62
N THR C 747 5.91 10.26 -22.95
CA THR C 747 4.77 9.62 -23.58
C THR C 747 4.73 8.12 -23.27
N GLU C 748 5.89 7.48 -23.28
CA GLU C 748 5.95 6.03 -23.06
C GLU C 748 5.44 5.66 -21.67
N CYS C 749 5.92 6.37 -20.64
CA CYS C 749 5.49 6.08 -19.28
C CYS C 749 3.99 6.35 -19.12
N SER C 750 3.49 7.41 -19.73
CA SER C 750 2.06 7.71 -19.63
C SER C 750 1.23 6.61 -20.28
N ASN C 751 1.63 6.16 -21.47
CA ASN C 751 0.91 5.11 -22.14
C ASN C 751 1.00 3.79 -21.40
N LEU C 752 2.06 3.57 -20.63
CA LEU C 752 2.12 2.42 -19.75
C LEU C 752 1.18 2.58 -18.56
N LEU C 753 1.16 3.78 -17.99
CA LEU C 753 0.32 4.04 -16.82
C LEU C 753 -1.15 3.86 -17.15
N LEU C 754 -1.55 4.22 -18.37
CA LEU C 754 -2.92 3.96 -18.79
C LEU C 754 -3.26 2.48 -18.64
N GLN C 755 -2.31 1.60 -18.95
CA GLN C 755 -2.53 0.17 -18.78
C GLN C 755 -2.53 -0.21 -17.30
N TYR C 756 -1.56 0.32 -16.54
CA TYR C 756 -1.44 -0.07 -15.14
C TYR C 756 -2.74 0.14 -14.39
N GLY C 757 -3.51 1.17 -14.74
CA GLY C 757 -4.87 1.33 -14.28
C GLY C 757 -5.13 2.70 -13.72
N SER C 758 -6.39 2.91 -13.35
CA SER C 758 -6.89 4.19 -12.85
C SER C 758 -7.06 4.10 -11.33
N PHE C 759 -5.98 4.33 -10.60
CA PHE C 759 -6.03 4.56 -9.17
C PHE C 759 -5.90 6.04 -8.83
N CYS C 760 -5.33 6.82 -9.74
CA CYS C 760 -5.17 8.24 -9.53
C CYS C 760 -6.51 8.97 -9.50
N THR C 761 -7.51 8.44 -10.21
CA THR C 761 -8.85 9.02 -10.14
C THR C 761 -9.38 8.97 -8.71
N GLN C 762 -9.23 7.82 -8.04
CA GLN C 762 -9.71 7.72 -6.67
C GLN C 762 -8.82 8.50 -5.71
N LEU C 763 -7.51 8.58 -5.98
CA LEU C 763 -6.65 9.46 -5.19
C LEU C 763 -7.17 10.89 -5.24
N ASN C 764 -7.47 11.38 -6.44
CA ASN C 764 -7.97 12.73 -6.59
C ASN C 764 -9.35 12.90 -5.97
N ARG C 765 -10.19 11.87 -6.04
CA ARG C 765 -11.47 11.92 -5.34
C ARG C 765 -11.27 12.14 -3.85
N ALA C 766 -10.33 11.40 -3.25
CA ALA C 766 -10.06 11.54 -1.83
C ALA C 766 -9.55 12.95 -1.51
N LEU C 767 -8.62 13.45 -2.32
CA LEU C 767 -8.07 14.77 -2.06
C LEU C 767 -9.13 15.86 -2.21
N THR C 768 -9.99 15.74 -3.22
CA THR C 768 -11.08 16.70 -3.40
C THR C 768 -12.03 16.66 -2.22
N GLY C 769 -12.35 15.45 -1.74
CA GLY C 769 -13.18 15.36 -0.55
C GLY C 769 -12.54 16.05 0.64
N ILE C 770 -11.22 15.88 0.80
CA ILE C 770 -10.51 16.55 1.90
C ILE C 770 -10.64 18.06 1.77
N ALA C 771 -10.44 18.59 0.57
CA ALA C 771 -10.49 20.03 0.36
C ALA C 771 -11.88 20.58 0.66
N VAL C 772 -12.92 19.90 0.15
CA VAL C 772 -14.28 20.34 0.39
C VAL C 772 -14.59 20.25 1.89
N GLU C 773 -14.04 19.24 2.56
CA GLU C 773 -14.23 19.13 3.99
C GLU C 773 -13.59 20.30 4.73
N GLN C 774 -12.42 20.74 4.28
CA GLN C 774 -11.78 21.90 4.91
C GLN C 774 -12.64 23.14 4.74
N ASP C 775 -13.17 23.36 3.54
CA ASP C 775 -14.04 24.51 3.33
C ASP C 775 -15.29 24.42 4.21
N LYS C 776 -15.86 23.22 4.33
CA LYS C 776 -17.02 23.02 5.18
C LYS C 776 -16.69 23.30 6.64
N ASN C 777 -15.51 22.87 7.08
CA ASN C 777 -15.09 23.14 8.45
C ASN C 777 -15.02 24.64 8.72
N THR C 778 -14.39 25.37 7.79
CA THR C 778 -14.30 26.82 7.97
C THR C 778 -15.69 27.45 8.03
N GLN C 779 -16.58 27.04 7.12
CA GLN C 779 -17.93 27.58 7.13
C GLN C 779 -18.64 27.27 8.44
N GLU C 780 -18.52 26.03 8.92
CA GLU C 780 -19.22 25.62 10.14
C GLU C 780 -18.72 26.41 11.33
N VAL C 781 -17.41 26.64 11.41
CA VAL C 781 -16.85 27.34 12.56
C VAL C 781 -17.24 28.81 12.54
N PHE C 782 -16.93 29.50 11.45
CA PHE C 782 -17.07 30.95 11.45
C PHE C 782 -18.43 31.43 10.96
N ALA C 783 -18.98 30.77 9.93
CA ALA C 783 -20.25 31.21 9.34
C ALA C 783 -21.44 30.67 10.15
N GLN C 784 -21.44 30.99 11.43
CA GLN C 784 -22.56 30.65 12.30
C GLN C 784 -23.65 31.71 12.29
N VAL C 785 -23.36 32.90 11.78
CA VAL C 785 -24.32 33.99 11.71
C VAL C 785 -24.28 34.57 10.30
N LYS C 786 -25.45 34.68 9.67
CA LYS C 786 -25.52 35.28 8.35
C LYS C 786 -25.70 36.79 8.41
N GLN C 787 -26.37 37.29 9.43
CA GLN C 787 -26.47 38.75 9.61
C GLN C 787 -25.12 39.29 10.06
N ILE C 788 -24.60 40.25 9.31
CA ILE C 788 -23.31 40.86 9.60
C ILE C 788 -23.57 42.10 10.46
N TYR C 789 -23.14 42.05 11.71
CA TYR C 789 -23.38 43.11 12.67
C TYR C 789 -22.17 44.03 12.74
N LYS C 790 -22.41 45.33 12.66
CA LYS C 790 -21.36 46.34 12.74
C LYS C 790 -21.29 46.91 14.14
N THR C 791 -20.08 47.10 14.64
CA THR C 791 -19.92 47.71 15.94
C THR C 791 -20.40 49.16 15.90
N PRO C 792 -21.11 49.63 16.92
CA PRO C 792 -21.59 51.01 16.90
C PRO C 792 -20.43 51.98 16.99
N PRO C 793 -20.55 53.16 16.36
CA PRO C 793 -19.45 54.13 16.46
C PRO C 793 -19.17 54.57 17.89
N ILE C 794 -20.21 54.67 18.72
CA ILE C 794 -20.03 55.00 20.13
C ILE C 794 -19.62 53.73 20.87
N LYS C 795 -18.67 53.88 21.79
CA LYS C 795 -18.04 52.75 22.47
C LYS C 795 -18.15 52.90 23.98
N ASP C 796 -19.36 53.21 24.46
CA ASP C 796 -19.63 53.31 25.89
C ASP C 796 -20.14 51.95 26.37
N PHE C 797 -19.19 51.06 26.65
CA PHE C 797 -19.49 49.69 27.07
C PHE C 797 -19.29 49.51 28.58
N GLY C 798 -19.61 50.52 29.37
CA GLY C 798 -19.50 50.39 30.81
C GLY C 798 -18.09 50.39 31.33
N GLY C 799 -17.14 50.96 30.59
CA GLY C 799 -15.75 50.97 30.97
C GLY C 799 -14.92 49.86 30.36
N PHE C 800 -15.56 48.86 29.77
CA PHE C 800 -14.82 47.79 29.12
C PHE C 800 -14.26 48.27 27.78
N ASN C 801 -13.04 47.85 27.48
CA ASN C 801 -12.31 48.29 26.30
C ASN C 801 -12.11 47.09 25.37
N PHE C 802 -12.80 47.13 24.22
CA PHE C 802 -12.68 46.06 23.24
C PHE C 802 -12.04 46.60 21.96
N SER C 803 -11.10 47.53 22.11
CA SER C 803 -10.44 48.16 20.97
C SER C 803 -9.26 47.34 20.48
N GLN C 804 -9.08 46.16 21.06
CA GLN C 804 -7.89 45.35 20.85
C GLN C 804 -8.27 43.98 20.33
N ILE C 805 -9.58 43.74 20.22
CA ILE C 805 -10.16 42.53 19.65
C ILE C 805 -11.13 42.90 18.53
N LEU C 806 -11.59 44.17 18.50
CA LEU C 806 -12.43 44.70 17.45
C LEU C 806 -11.56 45.22 16.30
N PRO C 807 -12.12 45.29 15.10
CA PRO C 807 -11.32 45.65 13.92
C PRO C 807 -10.77 47.07 13.99
N ASP C 808 -9.64 47.26 13.33
CA ASP C 808 -9.04 48.58 13.14
C ASP C 808 -9.24 48.99 11.69
N PRO C 809 -9.98 50.07 11.40
CA PRO C 809 -10.31 50.37 9.99
C PRO C 809 -9.09 50.65 9.13
N SER C 810 -8.02 51.21 9.68
CA SER C 810 -6.89 51.71 8.89
C SER C 810 -5.94 50.58 8.51
N LYS C 811 -6.46 49.66 7.70
CA LYS C 811 -5.64 48.57 7.16
C LYS C 811 -6.29 48.08 5.87
N PRO C 812 -5.52 47.52 4.94
CA PRO C 812 -6.15 46.98 3.72
C PRO C 812 -7.19 45.91 4.03
N SER C 813 -6.93 45.07 5.02
CA SER C 813 -7.90 44.09 5.51
C SER C 813 -8.31 44.51 6.91
N LYS C 814 -9.61 44.68 7.11
CA LYS C 814 -10.12 45.15 8.41
C LYS C 814 -9.91 44.04 9.42
N ARG C 815 -8.83 44.16 10.20
CA ARG C 815 -8.41 43.13 11.13
C ARG C 815 -8.08 43.78 12.46
N SER C 816 -8.15 42.98 13.52
CA SER C 816 -7.94 43.48 14.87
C SER C 816 -6.44 43.57 15.16
N PHE C 817 -6.12 43.97 16.39
CA PHE C 817 -4.73 44.07 16.82
C PHE C 817 -4.18 42.75 17.34
N ILE C 818 -5.03 41.89 17.89
CA ILE C 818 -4.61 40.59 18.40
C ILE C 818 -4.79 39.50 17.35
N GLU C 819 -5.20 39.87 16.14
CA GLU C 819 -5.16 38.97 15.00
C GLU C 819 -3.96 39.21 14.10
N ASP C 820 -3.47 40.44 14.00
CA ASP C 820 -2.24 40.69 13.25
C ASP C 820 -1.06 39.95 13.88
N LEU C 821 -0.97 39.94 15.21
CA LEU C 821 0.10 39.23 15.88
C LEU C 821 0.01 37.73 15.59
N LEU C 822 -1.20 37.17 15.67
CA LEU C 822 -1.38 35.75 15.39
C LEU C 822 -0.98 35.44 13.95
N PHE C 823 -1.37 36.30 13.00
CA PHE C 823 -1.02 36.07 11.61
C PHE C 823 0.48 36.14 11.41
N ASN C 824 1.15 37.09 12.05
CA ASN C 824 2.59 37.22 11.91
C ASN C 824 3.36 36.12 12.65
N LYS C 825 2.71 35.42 13.57
CA LYS C 825 3.37 34.34 14.30
C LYS C 825 3.30 33.00 13.56
N VAL C 826 2.36 32.85 12.64
CA VAL C 826 2.26 31.65 11.80
C VAL C 826 2.70 32.04 10.40
N THR C 827 3.70 31.33 9.88
CA THR C 827 4.34 31.67 8.61
C THR C 827 3.92 30.64 7.57
N LEU C 828 2.98 31.02 6.71
CA LEU C 828 2.60 30.18 5.59
C LEU C 828 3.67 30.21 4.50
N ALA C 829 3.51 29.35 3.51
CA ALA C 829 4.48 29.21 2.42
C ALA C 829 4.11 30.18 1.31
N ASP C 830 4.87 31.28 1.21
CA ASP C 830 4.76 32.25 0.11
C ASP C 830 3.51 33.12 0.21
N ALA C 831 2.61 32.80 1.14
CA ALA C 831 1.40 33.59 1.35
C ALA C 831 0.75 33.97 0.03
N GLY C 832 0.76 33.06 -0.94
CA GLY C 832 0.20 33.33 -2.24
C GLY C 832 0.03 32.06 -3.05
N PHE C 833 -0.97 32.04 -3.93
CA PHE C 833 -1.30 30.84 -4.72
C PHE C 833 -1.10 31.07 -6.21
N ILE C 834 -0.30 32.07 -6.60
CA ILE C 834 0.03 32.33 -7.99
C ILE C 834 1.55 32.40 -8.07
N LYS C 835 2.17 31.34 -8.59
CA LYS C 835 3.60 31.31 -8.87
C LYS C 835 3.76 31.00 -10.35
N GLN C 836 4.02 32.04 -11.15
CA GLN C 836 4.01 31.90 -12.59
C GLN C 836 5.20 31.09 -13.08
N TYR C 837 5.04 30.52 -14.27
CA TYR C 837 6.12 29.73 -14.88
C TYR C 837 7.39 30.54 -15.00
N GLY C 838 7.28 31.84 -15.25
CA GLY C 838 8.47 32.67 -15.38
C GLY C 838 9.28 32.74 -14.11
N ASP C 839 8.61 32.88 -12.96
CA ASP C 839 9.31 32.98 -11.70
C ASP C 839 10.06 31.69 -11.37
N CYS C 840 9.41 30.55 -11.58
CA CYS C 840 10.05 29.27 -11.31
C CYS C 840 11.15 28.95 -12.32
N LEU C 841 11.14 29.60 -13.48
CA LEU C 841 12.12 29.32 -14.52
C LEU C 841 13.48 29.91 -14.13
N GLY C 842 14.53 29.32 -14.69
CA GLY C 842 15.88 29.80 -14.47
C GLY C 842 16.50 29.35 -13.17
N ASP C 843 16.68 28.04 -13.01
CA ASP C 843 17.40 27.44 -11.88
C ASP C 843 16.88 27.95 -10.53
N ILE C 844 15.62 28.40 -10.49
CA ILE C 844 14.96 28.69 -9.23
C ILE C 844 14.10 27.52 -8.76
N ALA C 845 13.97 26.47 -9.58
CA ALA C 845 13.14 25.34 -9.20
C ALA C 845 13.81 24.48 -8.14
N ALA C 846 15.05 24.09 -8.37
CA ALA C 846 15.77 23.29 -7.38
C ALA C 846 15.94 24.06 -6.07
N ARG C 847 15.96 25.39 -6.15
CA ARG C 847 16.09 26.21 -4.95
C ARG C 847 14.77 26.34 -4.22
N ASP C 848 13.75 26.86 -4.89
CA ASP C 848 12.44 27.01 -4.27
C ASP C 848 11.75 25.65 -4.17
N LEU C 849 11.20 25.35 -2.99
CA LEU C 849 10.55 24.07 -2.79
C LEU C 849 9.20 24.02 -3.48
N ILE C 850 8.48 25.14 -3.51
CA ILE C 850 7.16 25.16 -4.13
C ILE C 850 7.28 24.89 -5.62
N CYS C 851 8.30 25.48 -6.26
CA CYS C 851 8.52 25.23 -7.68
C CYS C 851 8.77 23.75 -7.94
N ALA C 852 9.53 23.10 -7.07
CA ALA C 852 9.78 21.67 -7.23
C ALA C 852 8.50 20.86 -7.05
N GLN C 853 7.73 21.17 -6.00
CA GLN C 853 6.45 20.51 -5.80
C GLN C 853 5.51 20.70 -6.98
N LYS C 854 5.68 21.80 -7.71
CA LYS C 854 4.74 22.19 -8.74
C LYS C 854 5.14 21.72 -10.13
N PHE C 855 6.44 21.51 -10.37
CA PHE C 855 6.92 20.85 -11.58
C PHE C 855 6.70 19.35 -11.54
N ASN C 856 6.28 18.81 -10.38
CA ASN C 856 6.11 17.38 -10.21
C ASN C 856 4.64 17.00 -9.99
N GLY C 857 3.73 17.94 -10.21
CA GLY C 857 2.31 17.65 -10.21
C GLY C 857 1.56 18.02 -8.95
N LEU C 858 2.23 18.57 -7.95
CA LEU C 858 1.62 18.87 -6.66
C LEU C 858 1.29 20.35 -6.59
N THR C 859 0.01 20.66 -6.34
CA THR C 859 -0.47 22.03 -6.26
C THR C 859 -1.26 22.23 -4.97
N VAL C 860 -1.24 23.45 -4.48
CA VAL C 860 -1.96 23.85 -3.27
C VAL C 860 -3.11 24.74 -3.70
N LEU C 861 -4.33 24.29 -3.49
CA LEU C 861 -5.50 25.06 -3.88
C LEU C 861 -5.77 26.19 -2.88
N PRO C 862 -6.36 27.29 -3.32
CA PRO C 862 -6.68 28.38 -2.41
C PRO C 862 -7.97 28.10 -1.66
N PRO C 863 -8.06 28.52 -0.40
CA PRO C 863 -9.30 28.31 0.35
C PRO C 863 -10.44 29.17 -0.18
N LEU C 864 -11.66 28.70 0.06
CA LEU C 864 -12.84 29.41 -0.41
C LEU C 864 -13.09 30.71 0.34
N LEU C 865 -12.49 30.88 1.52
CA LEU C 865 -12.68 32.06 2.34
C LEU C 865 -11.35 32.77 2.53
N THR C 866 -11.32 34.05 2.23
CA THR C 866 -10.13 34.86 2.46
C THR C 866 -10.01 35.20 3.93
N ASP C 867 -8.81 35.63 4.32
CA ASP C 867 -8.57 36.00 5.70
C ASP C 867 -9.42 37.21 6.09
N GLU C 868 -9.56 38.17 5.17
CA GLU C 868 -10.36 39.36 5.46
C GLU C 868 -11.81 39.00 5.72
N MET C 869 -12.35 38.04 4.96
CA MET C 869 -13.74 37.66 5.12
C MET C 869 -13.96 36.90 6.43
N ILE C 870 -13.00 36.06 6.81
CA ILE C 870 -13.06 35.40 8.10
C ILE C 870 -13.01 36.43 9.22
N ALA C 871 -12.16 37.45 9.06
CA ALA C 871 -12.10 38.52 10.04
C ALA C 871 -13.43 39.27 10.11
N GLN C 872 -14.08 39.45 8.96
CA GLN C 872 -15.40 40.07 8.95
C GLN C 872 -16.41 39.25 9.74
N TYR C 873 -16.40 37.92 9.54
CA TYR C 873 -17.28 37.05 10.32
C TYR C 873 -17.01 37.20 11.81
N THR C 874 -15.73 37.17 12.19
CA THR C 874 -15.38 37.28 13.61
C THR C 874 -15.82 38.62 14.18
N SER C 875 -15.62 39.70 13.42
CA SER C 875 -16.04 41.02 13.89
C SER C 875 -17.55 41.07 14.07
N ALA C 876 -18.29 40.46 13.16
CA ALA C 876 -19.74 40.37 13.32
C ALA C 876 -20.10 39.65 14.60
N LEU C 877 -19.43 38.53 14.87
CA LEU C 877 -19.72 37.79 16.09
C LEU C 877 -19.42 38.60 17.34
N LEU C 878 -18.29 39.30 17.34
CA LEU C 878 -17.93 40.13 18.50
C LEU C 878 -18.95 41.25 18.70
N ALA C 879 -19.34 41.91 17.61
CA ALA C 879 -20.32 42.98 17.72
C ALA C 879 -21.65 42.43 18.26
N GLY C 880 -22.06 41.25 17.78
CA GLY C 880 -23.30 40.68 18.27
C GLY C 880 -23.24 40.34 19.74
N THR C 881 -22.16 39.67 20.17
CA THR C 881 -22.06 39.29 21.57
C THR C 881 -21.85 40.48 22.49
N ILE C 882 -21.36 41.60 21.95
CA ILE C 882 -21.18 42.80 22.77
C ILE C 882 -22.49 43.55 22.90
N THR C 883 -23.11 43.88 21.77
CA THR C 883 -24.30 44.72 21.79
C THR C 883 -25.53 43.96 22.29
N SER C 884 -25.69 42.71 21.86
CA SER C 884 -26.89 41.96 22.12
C SER C 884 -26.73 40.84 23.13
N GLY C 885 -25.53 40.29 23.27
CA GLY C 885 -25.30 39.20 24.21
C GLY C 885 -25.41 37.86 23.52
N TRP C 886 -26.22 36.97 24.09
CA TRP C 886 -26.45 35.65 23.52
C TRP C 886 -27.76 35.56 22.76
N THR C 887 -28.44 36.69 22.56
CA THR C 887 -29.72 36.68 21.85
C THR C 887 -29.53 36.49 20.35
N PHE C 888 -28.49 37.08 19.78
CA PHE C 888 -28.27 36.99 18.34
C PHE C 888 -28.01 35.56 17.89
N GLY C 889 -27.58 34.69 18.80
CA GLY C 889 -27.42 33.28 18.47
C GLY C 889 -28.69 32.47 18.55
N ALA C 890 -29.78 33.08 19.00
CA ALA C 890 -31.08 32.43 19.09
C ALA C 890 -32.10 33.02 18.14
N GLY C 891 -31.72 34.02 17.35
CA GLY C 891 -32.65 34.67 16.44
C GLY C 891 -32.23 36.08 16.10
N ALA C 892 -33.14 37.03 16.25
CA ALA C 892 -32.84 38.43 15.96
C ALA C 892 -32.09 39.05 17.13
N ALA C 893 -31.10 39.88 16.80
CA ALA C 893 -30.30 40.52 17.83
C ALA C 893 -31.16 41.47 18.66
N LEU C 894 -30.96 41.44 19.97
CA LEU C 894 -31.68 42.30 20.91
C LEU C 894 -30.65 43.08 21.71
N GLN C 895 -30.61 44.39 21.50
CA GLN C 895 -29.61 45.22 22.16
C GLN C 895 -29.79 45.19 23.67
N ILE C 896 -28.67 45.25 24.38
CA ILE C 896 -28.67 45.29 25.84
C ILE C 896 -27.41 46.00 26.30
N PRO C 897 -27.48 46.86 27.31
CA PRO C 897 -26.26 47.46 27.85
C PRO C 897 -25.30 46.39 28.34
N PHE C 898 -24.01 46.61 28.11
CA PHE C 898 -23.03 45.58 28.40
C PHE C 898 -22.96 45.26 29.88
N ALA C 899 -23.11 46.27 30.74
CA ALA C 899 -23.07 46.03 32.18
C ALA C 899 -24.17 45.07 32.60
N MET C 900 -25.37 45.25 32.06
CA MET C 900 -26.47 44.35 32.41
C MET C 900 -26.24 42.95 31.84
N GLN C 901 -25.61 42.86 30.67
CA GLN C 901 -25.24 41.56 30.13
C GLN C 901 -24.29 40.83 31.07
N MET C 902 -23.27 41.55 31.56
CA MET C 902 -22.34 40.96 32.51
C MET C 902 -23.04 40.60 33.82
N ALA C 903 -24.04 41.39 34.22
CA ALA C 903 -24.81 41.04 35.41
C ALA C 903 -25.57 39.73 35.21
N TYR C 904 -26.16 39.56 34.03
CA TYR C 904 -26.84 38.29 33.73
C TYR C 904 -25.85 37.15 33.78
N ARG C 905 -24.66 37.35 33.23
CA ARG C 905 -23.64 36.30 33.27
C ARG C 905 -23.25 35.97 34.70
N PHE C 906 -23.08 36.99 35.54
CA PHE C 906 -22.76 36.76 36.94
C PHE C 906 -23.86 35.94 37.61
N ASN C 907 -25.11 36.29 37.37
CA ASN C 907 -26.21 35.47 37.87
C ASN C 907 -26.09 34.05 37.34
N GLY C 908 -25.60 33.90 36.12
CA GLY C 908 -25.42 32.57 35.55
C GLY C 908 -24.39 31.74 36.29
N ILE C 909 -23.34 32.39 36.82
CA ILE C 909 -22.31 31.67 37.55
C ILE C 909 -22.61 31.67 39.04
N GLY C 910 -23.86 31.97 39.40
CA GLY C 910 -24.25 31.94 40.79
C GLY C 910 -23.71 33.08 41.62
N VAL C 911 -23.65 34.29 41.05
CA VAL C 911 -23.24 35.49 41.76
C VAL C 911 -24.31 36.56 41.53
N THR C 912 -24.72 37.23 42.61
CA THR C 912 -25.76 38.24 42.50
C THR C 912 -25.30 39.38 41.60
N GLN C 913 -26.25 39.94 40.85
CA GLN C 913 -25.93 41.01 39.92
C GLN C 913 -25.47 42.28 40.63
N ASN C 914 -25.71 42.40 41.94
CA ASN C 914 -25.26 43.56 42.67
C ASN C 914 -23.73 43.62 42.74
N VAL C 915 -23.08 42.46 42.76
CA VAL C 915 -21.62 42.43 42.88
C VAL C 915 -20.99 43.17 41.71
N LEU C 916 -21.49 42.96 40.50
CA LEU C 916 -20.93 43.62 39.33
C LEU C 916 -21.08 45.13 39.42
N TYR C 917 -22.30 45.60 39.70
CA TYR C 917 -22.55 47.03 39.71
C TYR C 917 -21.74 47.72 40.81
N GLU C 918 -21.67 47.10 41.98
CA GLU C 918 -20.89 47.68 43.07
C GLU C 918 -19.39 47.59 42.83
N ASN C 919 -18.95 46.82 41.83
CA ASN C 919 -17.53 46.67 41.52
C ASN C 919 -17.31 46.72 40.02
N GLN C 920 -18.02 47.62 39.34
CA GLN C 920 -17.95 47.68 37.88
C GLN C 920 -16.58 48.16 37.41
N LYS C 921 -16.09 49.24 38.01
CA LYS C 921 -14.81 49.80 37.58
C LYS C 921 -13.66 48.80 37.79
N LEU C 922 -13.66 48.13 38.94
CA LEU C 922 -12.62 47.15 39.21
C LEU C 922 -12.64 46.03 38.19
N ILE C 923 -13.83 45.53 37.87
CA ILE C 923 -13.96 44.44 36.91
C ILE C 923 -13.49 44.89 35.54
N ALA C 924 -13.87 46.09 35.13
CA ALA C 924 -13.45 46.60 33.82
C ALA C 924 -11.94 46.75 33.77
N ASN C 925 -11.33 47.27 34.83
CA ASN C 925 -9.88 47.41 34.85
C ASN C 925 -9.20 46.05 34.79
N GLN C 926 -9.71 45.07 35.53
CA GLN C 926 -9.15 43.73 35.48
C GLN C 926 -9.24 43.15 34.07
N PHE C 927 -10.39 43.32 33.43
CA PHE C 927 -10.56 42.78 32.08
C PHE C 927 -9.60 43.45 31.11
N ASN C 928 -9.48 44.76 31.17
CA ASN C 928 -8.58 45.47 30.25
C ASN C 928 -7.13 45.05 30.48
N SER C 929 -6.71 44.95 31.74
CA SER C 929 -5.36 44.49 32.01
C SER C 929 -5.12 43.08 31.49
N ALA C 930 -6.10 42.19 31.68
CA ALA C 930 -5.96 40.83 31.21
C ALA C 930 -5.90 40.76 29.69
N ILE C 931 -6.66 41.59 28.98
CA ILE C 931 -6.62 41.62 27.52
C ILE C 931 -5.33 42.26 27.01
N GLY C 932 -4.69 43.11 27.80
CA GLY C 932 -3.36 43.60 27.44
C GLY C 932 -2.30 42.55 27.67
N LYS C 933 -2.51 41.72 28.70
CA LYS C 933 -1.58 40.64 28.96
C LYS C 933 -1.53 39.64 27.81
N ILE C 934 -2.65 39.38 27.14
CA ILE C 934 -2.65 38.49 25.99
C ILE C 934 -1.76 39.06 24.90
N GLN C 935 -1.90 40.35 24.63
CA GLN C 935 -1.03 41.01 23.67
C GLN C 935 0.42 40.88 24.07
N ASP C 936 0.74 41.07 25.33
CA ASP C 936 2.14 40.94 25.72
C ASP C 936 2.64 39.53 25.48
N SER C 937 1.82 38.53 25.80
CA SER C 937 2.20 37.14 25.59
C SER C 937 2.39 36.82 24.10
N LEU C 938 1.65 37.50 23.23
CA LEU C 938 1.71 37.18 21.80
C LEU C 938 2.71 38.05 21.03
N SER C 939 2.78 39.34 21.34
CA SER C 939 3.73 40.25 20.75
C SER C 939 5.14 40.01 21.27
N SER C 940 5.29 39.39 22.42
CA SER C 940 6.58 38.93 22.89
C SER C 940 6.96 37.68 22.09
N THR C 941 8.04 37.02 22.48
CA THR C 941 8.53 35.85 21.78
C THR C 941 8.11 34.60 22.53
N ALA C 942 7.28 33.77 21.88
CA ALA C 942 6.78 32.54 22.46
C ALA C 942 6.06 31.75 21.38
N SER C 943 6.15 30.42 21.48
CA SER C 943 5.48 29.52 20.54
C SER C 943 4.01 29.36 20.92
N ALA C 944 3.30 30.50 20.93
CA ALA C 944 1.90 30.48 21.31
C ALA C 944 1.07 29.61 20.38
N LEU C 945 1.27 29.79 19.07
CA LEU C 945 0.52 29.04 18.06
C LEU C 945 1.41 27.91 17.55
N GLY C 946 1.45 26.84 18.33
CA GLY C 946 2.24 25.67 17.97
C GLY C 946 1.45 24.68 17.15
N LYS C 947 0.15 24.57 17.43
CA LYS C 947 -0.69 23.61 16.72
C LYS C 947 -0.82 23.97 15.25
N LEU C 948 -1.10 25.24 14.97
CA LEU C 948 -1.26 25.68 13.58
C LEU C 948 0.03 25.54 12.81
N GLN C 949 1.15 25.95 13.44
CA GLN C 949 2.44 25.83 12.77
C GLN C 949 2.81 24.37 12.54
N ASP C 950 2.47 23.49 13.48
CA ASP C 950 2.72 22.07 13.28
C ASP C 950 1.88 21.53 12.13
N VAL C 951 0.64 22.00 11.99
CA VAL C 951 -0.19 21.59 10.86
C VAL C 951 0.49 21.99 9.55
N VAL C 952 0.90 23.25 9.46
CA VAL C 952 1.54 23.74 8.24
C VAL C 952 2.81 22.95 7.95
N ASN C 953 3.61 22.72 8.98
CA ASN C 953 4.86 22.00 8.81
C ASN C 953 4.61 20.57 8.37
N GLN C 954 3.59 19.92 8.92
CA GLN C 954 3.26 18.56 8.52
C GLN C 954 2.89 18.51 7.05
N ASN C 955 2.05 19.44 6.59
CA ASN C 955 1.68 19.46 5.18
C ASN C 955 2.89 19.67 4.29
N ALA C 956 3.71 20.66 4.64
CA ALA C 956 4.89 20.96 3.81
C ALA C 956 5.86 19.80 3.80
N GLN C 957 6.07 19.16 4.96
CA GLN C 957 6.96 18.01 5.04
C GLN C 957 6.44 16.84 4.22
N ALA C 958 5.13 16.62 4.25
CA ALA C 958 4.55 15.55 3.43
C ALA C 958 4.81 15.81 1.95
N LEU C 959 4.58 17.04 1.51
CA LEU C 959 4.82 17.35 0.10
C LEU C 959 6.29 17.20 -0.27
N ASN C 960 7.18 17.67 0.60
CA ASN C 960 8.61 17.56 0.33
C ASN C 960 9.05 16.11 0.30
N THR C 961 8.53 15.29 1.20
CA THR C 961 8.84 13.86 1.19
C THR C 961 8.34 13.22 -0.09
N LEU C 962 7.15 13.60 -0.55
CA LEU C 962 6.65 13.07 -1.81
C LEU C 962 7.57 13.44 -2.96
N VAL C 963 8.06 14.67 -2.97
CA VAL C 963 8.99 15.09 -4.02
C VAL C 963 10.29 14.31 -3.94
N LYS C 964 10.82 14.12 -2.74
CA LYS C 964 12.11 13.46 -2.56
C LYS C 964 12.03 11.96 -2.78
N GLN C 965 10.85 11.37 -2.69
CA GLN C 965 10.67 9.95 -2.97
C GLN C 965 10.68 9.64 -4.46
N LEU C 966 10.91 10.65 -5.30
CA LEU C 966 11.12 10.45 -6.72
C LEU C 966 12.56 10.09 -7.04
N SER C 967 13.44 10.11 -6.04
CA SER C 967 14.83 9.69 -6.18
C SER C 967 15.01 8.22 -5.84
N SER C 968 13.92 7.51 -5.57
CA SER C 968 13.97 6.10 -5.21
C SER C 968 13.92 5.25 -6.48
N ASN C 969 14.79 4.23 -6.53
CA ASN C 969 14.88 3.37 -7.69
C ASN C 969 13.89 2.21 -7.67
N PHE C 970 13.29 1.93 -6.51
CA PHE C 970 12.23 0.92 -6.41
C PHE C 970 12.62 -0.39 -7.06
N GLY C 971 13.89 -0.77 -6.93
CA GLY C 971 14.37 -2.01 -7.51
C GLY C 971 14.68 -1.94 -8.98
N ALA C 972 14.78 -0.74 -9.55
CA ALA C 972 15.09 -0.56 -10.96
C ALA C 972 16.55 -0.15 -11.11
N ILE C 973 16.94 0.12 -12.35
CA ILE C 973 18.31 0.54 -12.62
C ILE C 973 18.52 2.02 -12.33
N SER C 974 17.46 2.81 -12.29
CA SER C 974 17.57 4.25 -12.05
C SER C 974 16.21 4.78 -11.66
N SER C 975 16.17 6.06 -11.29
CA SER C 975 14.96 6.76 -10.89
C SER C 975 14.72 8.00 -11.71
N VAL C 976 15.28 8.07 -12.92
CA VAL C 976 15.25 9.29 -13.72
C VAL C 976 14.26 9.14 -14.86
N LEU C 977 14.09 7.91 -15.34
CA LEU C 977 13.11 7.60 -16.38
C LEU C 977 13.56 8.07 -17.75
N ASN C 978 14.67 8.81 -17.81
CA ASN C 978 15.28 9.20 -19.07
C ASN C 978 16.54 8.41 -19.36
N ASP C 979 17.32 8.08 -18.32
CA ASP C 979 18.42 7.14 -18.50
C ASP C 979 17.89 5.78 -18.92
N ILE C 980 16.78 5.35 -18.34
CA ILE C 980 16.19 4.06 -18.71
C ILE C 980 15.79 4.06 -20.17
N LEU C 981 15.12 5.12 -20.61
CA LEU C 981 14.64 5.18 -21.99
C LEU C 981 15.79 5.30 -22.97
N SER C 982 16.84 6.04 -22.59
CA SER C 982 17.98 6.21 -23.49
C SER C 982 18.80 4.93 -23.61
N ARG C 983 19.05 4.27 -22.48
CA ARG C 983 19.90 3.08 -22.50
C ARG C 983 19.18 1.88 -23.09
N LEU C 984 17.90 1.69 -22.74
CA LEU C 984 17.19 0.46 -23.02
C LEU C 984 16.11 0.68 -24.08
N ASP C 985 15.85 -0.38 -24.84
CA ASP C 985 14.75 -0.41 -25.78
C ASP C 985 13.43 -0.57 -25.02
N PRO C 986 12.30 -0.28 -25.68
CA PRO C 986 11.01 -0.30 -24.99
C PRO C 986 10.79 -1.59 -24.21
N PRO C 987 10.87 -2.77 -24.86
CA PRO C 987 10.50 -4.00 -24.14
C PRO C 987 11.32 -4.25 -22.89
N GLU C 988 12.61 -3.94 -22.92
CA GLU C 988 13.46 -4.12 -21.75
C GLU C 988 13.26 -3.03 -20.72
N ALA C 989 12.76 -1.86 -21.12
CA ALA C 989 12.48 -0.77 -20.20
C ALA C 989 11.10 -0.87 -19.57
N GLU C 990 10.23 -1.73 -20.11
CA GLU C 990 8.89 -1.85 -19.57
C GLU C 990 8.91 -2.24 -18.11
N VAL C 991 9.76 -3.20 -17.77
CA VAL C 991 9.82 -3.71 -16.40
C VAL C 991 10.28 -2.63 -15.43
N GLN C 992 11.34 -1.89 -15.81
CA GLN C 992 11.85 -0.84 -14.93
C GLN C 992 10.81 0.27 -14.75
N ILE C 993 10.14 0.65 -15.85
CA ILE C 993 9.15 1.71 -15.76
C ILE C 993 7.96 1.24 -14.92
N ASP C 994 7.59 -0.03 -15.03
CA ASP C 994 6.51 -0.56 -14.20
C ASP C 994 6.91 -0.54 -12.73
N ARG C 995 8.15 -0.89 -12.43
CA ARG C 995 8.63 -0.84 -11.05
C ARG C 995 8.49 0.58 -10.50
N LEU C 996 8.98 1.56 -11.26
CA LEU C 996 8.89 2.95 -10.81
C LEU C 996 7.46 3.43 -10.68
N ILE C 997 6.59 3.04 -11.62
CA ILE C 997 5.18 3.41 -11.54
C ILE C 997 4.56 2.84 -10.27
N THR C 998 4.82 1.57 -9.99
CA THR C 998 4.27 0.96 -8.79
C THR C 998 4.76 1.67 -7.53
N GLY C 999 6.06 1.96 -7.47
CA GLY C 999 6.60 2.62 -6.30
C GLY C 999 6.01 4.00 -6.08
N ARG C 1000 5.91 4.78 -7.16
CA ARG C 1000 5.40 6.15 -7.03
C ARG C 1000 3.90 6.15 -6.74
N LEU C 1001 3.16 5.19 -7.29
CA LEU C 1001 1.75 5.05 -6.94
C LEU C 1001 1.60 4.71 -5.46
N GLN C 1002 2.45 3.82 -4.95
CA GLN C 1002 2.42 3.52 -3.52
C GLN C 1002 2.71 4.75 -2.69
N SER C 1003 3.70 5.55 -3.11
CA SER C 1003 4.02 6.78 -2.38
C SER C 1003 2.82 7.72 -2.37
N LEU C 1004 2.18 7.90 -3.51
CA LEU C 1004 1.02 8.79 -3.57
C LEU C 1004 -0.12 8.27 -2.70
N GLN C 1005 -0.36 6.96 -2.73
CA GLN C 1005 -1.43 6.39 -1.91
C GLN C 1005 -1.13 6.58 -0.43
N THR C 1006 0.13 6.40 -0.02
CA THR C 1006 0.51 6.63 1.36
C THR C 1006 0.27 8.08 1.76
N TYR C 1007 0.67 9.01 0.90
CA TYR C 1007 0.46 10.42 1.19
C TYR C 1007 -1.03 10.71 1.33
N VAL C 1008 -1.85 10.15 0.45
CA VAL C 1008 -3.28 10.39 0.48
C VAL C 1008 -3.89 9.84 1.77
N THR C 1009 -3.47 8.64 2.18
CA THR C 1009 -3.99 8.06 3.41
C THR C 1009 -3.62 8.90 4.63
N GLN C 1010 -2.37 9.35 4.69
CA GLN C 1010 -1.95 10.21 5.80
C GLN C 1010 -2.76 11.50 5.79
N GLN C 1011 -2.99 12.07 4.61
CA GLN C 1011 -3.80 13.29 4.52
C GLN C 1011 -5.22 13.04 5.00
N LEU C 1012 -5.78 11.88 4.66
CA LEU C 1012 -7.13 11.57 5.11
C LEU C 1012 -7.19 11.50 6.63
N ILE C 1013 -6.22 10.84 7.25
CA ILE C 1013 -6.22 10.73 8.71
C ILE C 1013 -6.07 12.11 9.35
N ARG C 1014 -5.13 12.91 8.83
CA ARG C 1014 -4.96 14.26 9.36
C ARG C 1014 -6.20 15.10 9.15
N ALA C 1015 -6.91 14.90 8.05
CA ALA C 1015 -8.15 15.62 7.80
C ALA C 1015 -9.23 15.21 8.79
N ALA C 1016 -9.28 13.92 9.15
CA ALA C 1016 -10.20 13.49 10.19
C ALA C 1016 -9.90 14.17 11.51
N GLU C 1017 -8.61 14.23 11.88
CA GLU C 1017 -8.23 14.92 13.10
C GLU C 1017 -8.63 16.39 13.06
N ILE C 1018 -8.37 17.04 11.92
CA ILE C 1018 -8.69 18.46 11.78
C ILE C 1018 -10.20 18.67 11.82
N ARG C 1019 -10.96 17.73 11.27
CA ARG C 1019 -12.42 17.82 11.32
C ARG C 1019 -12.91 17.72 12.75
N ALA C 1020 -12.32 16.82 13.53
CA ALA C 1020 -12.67 16.75 14.95
C ALA C 1020 -12.38 18.07 15.64
N SER C 1021 -11.19 18.64 15.37
CA SER C 1021 -10.84 19.92 15.98
C SER C 1021 -11.81 21.02 15.56
N ALA C 1022 -12.21 21.03 14.29
CA ALA C 1022 -13.10 22.06 13.79
C ALA C 1022 -14.50 21.92 14.39
N ASN C 1023 -14.98 20.68 14.54
CA ASN C 1023 -16.27 20.48 15.18
C ASN C 1023 -16.22 20.94 16.63
N LEU C 1024 -15.12 20.64 17.33
CA LEU C 1024 -14.96 21.15 18.69
C LEU C 1024 -14.95 22.67 18.70
N ALA C 1025 -14.27 23.29 17.73
CA ALA C 1025 -14.21 24.74 17.68
C ALA C 1025 -15.58 25.35 17.41
N ALA C 1026 -16.37 24.72 16.55
CA ALA C 1026 -17.73 25.20 16.29
C ALA C 1026 -18.59 25.06 17.53
N THR C 1027 -18.47 23.94 18.24
CA THR C 1027 -19.21 23.76 19.48
C THR C 1027 -18.80 24.83 20.48
N LYS C 1028 -17.51 25.12 20.58
CA LYS C 1028 -17.04 26.15 21.50
C LYS C 1028 -17.57 27.53 21.11
N MET C 1029 -17.50 27.89 19.82
CA MET C 1029 -18.11 29.14 19.40
C MET C 1029 -19.57 29.21 19.82
N SER C 1030 -20.35 28.18 19.49
CA SER C 1030 -21.77 28.23 19.78
C SER C 1030 -22.05 28.32 21.29
N GLU C 1031 -21.34 27.56 22.10
CA GLU C 1031 -21.68 27.44 23.52
C GLU C 1031 -21.01 28.48 24.41
N CYS C 1032 -19.82 28.96 24.05
CA CYS C 1032 -19.09 29.95 24.84
C CYS C 1032 -19.27 31.36 24.29
N VAL C 1033 -19.24 31.55 22.97
CA VAL C 1033 -19.36 32.89 22.41
C VAL C 1033 -20.82 33.30 22.32
N LEU C 1034 -21.65 32.45 21.72
CA LEU C 1034 -23.06 32.74 21.54
C LEU C 1034 -23.89 32.41 22.78
N GLY C 1035 -23.24 32.04 23.87
CA GLY C 1035 -23.97 31.73 25.09
C GLY C 1035 -23.02 31.60 26.26
N GLN C 1036 -23.58 31.30 27.41
CA GLN C 1036 -22.83 31.08 28.64
C GLN C 1036 -22.88 29.59 28.96
N SER C 1037 -21.71 28.99 29.15
CA SER C 1037 -21.58 27.56 29.31
C SER C 1037 -21.39 27.21 30.78
N LYS C 1038 -22.23 26.33 31.30
CA LYS C 1038 -22.06 25.78 32.63
C LYS C 1038 -21.11 24.59 32.64
N ARG C 1039 -20.72 24.08 31.47
CA ARG C 1039 -19.76 23.00 31.41
C ARG C 1039 -18.42 23.46 31.97
N VAL C 1040 -17.77 22.58 32.70
CA VAL C 1040 -16.55 22.91 33.42
C VAL C 1040 -15.35 22.68 32.53
N ASP C 1041 -14.45 23.66 32.48
CA ASP C 1041 -13.21 23.65 31.71
C ASP C 1041 -13.46 23.60 30.21
N PHE C 1042 -14.71 23.65 29.76
CA PHE C 1042 -14.97 23.68 28.32
C PHE C 1042 -14.62 25.03 27.73
N CYS C 1043 -15.01 26.12 28.42
CA CYS C 1043 -14.69 27.47 28.00
C CYS C 1043 -13.77 28.06 29.06
N GLY C 1044 -12.47 27.77 28.93
CA GLY C 1044 -11.47 28.31 29.81
C GLY C 1044 -11.50 27.69 31.19
N LYS C 1045 -10.60 28.19 32.04
CA LYS C 1045 -10.48 27.77 33.43
C LYS C 1045 -11.28 28.71 34.31
N GLY C 1046 -12.13 28.14 35.16
CA GLY C 1046 -12.96 28.92 36.05
C GLY C 1046 -14.39 29.03 35.54
N TYR C 1047 -15.16 29.83 36.27
CA TYR C 1047 -16.55 30.06 35.90
C TYR C 1047 -16.61 30.95 34.66
N HIS C 1048 -17.20 30.42 33.59
CA HIS C 1048 -17.19 31.11 32.32
C HIS C 1048 -18.17 32.28 32.32
N LEU C 1049 -17.68 33.44 31.90
CA LEU C 1049 -18.53 34.61 31.69
C LEU C 1049 -18.84 34.79 30.21
N MET C 1050 -17.80 34.98 29.38
CA MET C 1050 -17.99 35.20 27.96
C MET C 1050 -16.70 34.84 27.25
N SER C 1051 -16.80 34.70 25.93
CA SER C 1051 -15.65 34.38 25.09
C SER C 1051 -15.67 35.28 23.88
N PHE C 1052 -14.49 35.51 23.32
CA PHE C 1052 -14.32 36.39 22.16
C PHE C 1052 -13.54 35.64 21.09
N PRO C 1053 -14.11 35.42 19.91
CA PRO C 1053 -13.37 34.72 18.86
C PRO C 1053 -12.37 35.63 18.16
N GLN C 1054 -11.25 35.03 17.78
CA GLN C 1054 -10.26 35.71 16.95
C GLN C 1054 -9.73 34.72 15.93
N SER C 1055 -9.45 35.22 14.74
CA SER C 1055 -9.05 34.39 13.61
C SER C 1055 -7.53 34.29 13.53
N ALA C 1056 -7.07 33.07 13.25
CA ALA C 1056 -5.66 32.80 13.05
C ALA C 1056 -5.53 31.91 11.82
N PRO C 1057 -4.37 31.90 11.18
CA PRO C 1057 -4.19 31.09 9.97
C PRO C 1057 -4.51 29.62 10.24
N HIS C 1058 -5.46 29.09 9.47
CA HIS C 1058 -5.86 27.69 9.57
C HIS C 1058 -6.26 27.33 10.99
N GLY C 1059 -6.96 28.24 11.65
CA GLY C 1059 -7.39 27.99 13.01
C GLY C 1059 -8.15 29.17 13.56
N VAL C 1060 -8.56 29.03 14.82
CA VAL C 1060 -9.30 30.05 15.54
C VAL C 1060 -8.72 30.15 16.95
N VAL C 1061 -8.93 31.31 17.57
CA VAL C 1061 -8.45 31.59 18.91
C VAL C 1061 -9.59 32.17 19.72
N PHE C 1062 -9.88 31.56 20.86
CA PHE C 1062 -10.91 32.04 21.78
C PHE C 1062 -10.26 32.68 22.98
N LEU C 1063 -10.77 33.84 23.38
CA LEU C 1063 -10.33 34.52 24.59
C LEU C 1063 -11.41 34.28 25.64
N HIS C 1064 -11.13 33.33 26.54
CA HIS C 1064 -12.11 32.87 27.52
C HIS C 1064 -12.05 33.76 28.74
N VAL C 1065 -13.05 34.61 28.91
CA VAL C 1065 -13.18 35.42 30.12
C VAL C 1065 -13.84 34.58 31.20
N THR C 1066 -13.20 34.51 32.37
CA THR C 1066 -13.65 33.64 33.44
C THR C 1066 -13.60 34.38 34.77
N TYR C 1067 -14.44 33.91 35.70
CA TYR C 1067 -14.55 34.48 37.04
C TYR C 1067 -13.84 33.53 38.01
N VAL C 1068 -12.70 33.96 38.53
CA VAL C 1068 -11.88 33.16 39.42
C VAL C 1068 -11.91 33.80 40.80
N PRO C 1069 -12.53 33.16 41.80
CA PRO C 1069 -12.39 33.68 43.16
C PRO C 1069 -10.94 33.61 43.63
N ALA C 1070 -10.52 34.64 44.35
CA ALA C 1070 -9.11 34.82 44.69
C ALA C 1070 -8.83 34.71 46.18
N GLN C 1071 -9.51 35.51 47.01
CA GLN C 1071 -9.22 35.58 48.44
C GLN C 1071 -10.33 34.88 49.19
N GLU C 1072 -9.98 33.86 49.96
CA GLU C 1072 -10.93 33.08 50.73
C GLU C 1072 -10.61 33.20 52.22
N LYS C 1073 -11.66 33.11 53.03
CA LYS C 1073 -11.55 33.22 54.47
C LYS C 1073 -12.18 32.00 55.13
N ASN C 1074 -11.46 31.41 56.08
CA ASN C 1074 -12.04 30.31 56.85
C ASN C 1074 -13.26 30.81 57.62
N PHE C 1075 -14.28 29.96 57.69
CA PHE C 1075 -15.50 30.27 58.42
C PHE C 1075 -15.98 29.03 59.14
N THR C 1076 -16.97 29.23 60.01
CA THR C 1076 -17.67 28.14 60.67
C THR C 1076 -19.09 28.09 60.12
N THR C 1077 -19.54 26.90 59.73
CA THR C 1077 -20.78 26.74 59.00
C THR C 1077 -21.72 25.79 59.73
N ALA C 1078 -22.97 25.77 59.26
CA ALA C 1078 -24.00 24.91 59.81
C ALA C 1078 -25.03 24.64 58.73
N PRO C 1079 -25.52 23.40 58.62
CA PRO C 1079 -26.53 23.12 57.59
C PRO C 1079 -27.87 23.79 57.84
N ALA C 1080 -28.19 24.15 59.07
CA ALA C 1080 -29.48 24.74 59.40
C ALA C 1080 -29.36 25.36 60.79
N ILE C 1081 -30.47 25.88 61.30
CA ILE C 1081 -30.53 26.46 62.64
C ILE C 1081 -31.93 26.25 63.19
N CYS C 1082 -32.01 25.94 64.49
CA CYS C 1082 -33.28 25.87 65.19
C CYS C 1082 -33.64 27.25 65.71
N HIS C 1083 -34.90 27.65 65.52
CA HIS C 1083 -35.39 28.94 66.01
C HIS C 1083 -36.43 28.75 67.10
N ASP C 1084 -37.50 28.02 66.81
CA ASP C 1084 -38.57 27.71 67.76
C ASP C 1084 -38.90 26.23 67.70
N GLY C 1085 -37.87 25.39 67.68
CA GLY C 1085 -38.03 23.97 67.47
C GLY C 1085 -38.20 23.56 66.02
N LYS C 1086 -38.11 24.50 65.09
CA LYS C 1086 -38.25 24.23 63.67
C LYS C 1086 -36.95 24.56 62.96
N ALA C 1087 -36.56 23.69 62.02
CA ALA C 1087 -35.30 23.84 61.31
C ALA C 1087 -35.44 24.83 60.16
N HIS C 1088 -34.46 25.72 60.04
CA HIS C 1088 -34.42 26.71 58.96
C HIS C 1088 -33.26 26.39 58.04
N PHE C 1089 -33.56 26.24 56.76
CA PHE C 1089 -32.53 26.04 55.74
C PHE C 1089 -32.45 27.25 54.83
N PRO C 1090 -31.28 27.54 54.26
CA PRO C 1090 -31.16 28.71 53.38
C PRO C 1090 -31.56 28.41 51.96
N ARG C 1091 -32.29 29.35 51.37
CA ARG C 1091 -32.66 29.27 49.95
C ARG C 1091 -31.65 30.07 49.15
N GLU C 1092 -30.87 29.37 48.32
CA GLU C 1092 -29.83 29.99 47.51
C GLU C 1092 -28.84 30.74 48.40
N GLY C 1093 -28.18 29.99 49.26
CA GLY C 1093 -27.22 30.58 50.17
C GLY C 1093 -26.61 29.53 51.07
N VAL C 1094 -25.79 30.00 52.01
CA VAL C 1094 -25.13 29.12 52.97
C VAL C 1094 -24.94 29.89 54.26
N PHE C 1095 -25.05 29.18 55.38
CA PHE C 1095 -24.88 29.77 56.71
C PHE C 1095 -23.41 29.79 57.08
N VAL C 1096 -23.00 30.90 57.72
CA VAL C 1096 -21.62 31.07 58.17
C VAL C 1096 -21.63 31.84 59.48
N SER C 1097 -20.51 31.74 60.19
CA SER C 1097 -20.32 32.45 61.46
C SER C 1097 -19.02 33.21 61.42
N ASN C 1098 -19.07 34.50 61.75
CA ASN C 1098 -17.89 35.32 61.91
C ASN C 1098 -17.35 35.25 63.34
N GLY C 1099 -17.72 34.22 64.09
CA GLY C 1099 -17.42 34.16 65.51
C GLY C 1099 -18.68 34.05 66.34
N THR C 1100 -19.01 35.12 67.07
CA THR C 1100 -20.15 35.12 67.97
C THR C 1100 -21.48 35.29 67.25
N HIS C 1101 -21.48 35.62 65.96
CA HIS C 1101 -22.71 35.88 65.23
C HIS C 1101 -22.75 35.02 63.98
N TRP C 1102 -23.97 34.69 63.56
CA TRP C 1102 -24.23 33.85 62.40
C TRP C 1102 -24.84 34.68 61.28
N PHE C 1103 -24.45 34.39 60.04
CA PHE C 1103 -24.96 35.08 58.88
C PHE C 1103 -25.27 34.04 57.79
N VAL C 1104 -25.80 34.54 56.67
CA VAL C 1104 -26.06 33.73 55.50
C VAL C 1104 -25.56 34.49 54.28
N THR C 1105 -24.87 33.79 53.38
CA THR C 1105 -24.24 34.43 52.24
C THR C 1105 -24.29 33.49 51.04
N GLN C 1106 -24.11 34.07 49.86
CA GLN C 1106 -23.99 33.28 48.65
C GLN C 1106 -22.65 32.55 48.64
N ARG C 1107 -22.64 31.36 48.03
CA ARG C 1107 -21.48 30.48 48.13
C ARG C 1107 -20.26 31.08 47.47
N ASN C 1108 -20.42 31.68 46.29
CA ASN C 1108 -19.30 32.08 45.47
C ASN C 1108 -18.78 33.48 45.81
N PHE C 1109 -19.36 34.15 46.79
CA PHE C 1109 -18.90 35.48 47.18
C PHE C 1109 -19.38 35.76 48.59
N TYR C 1110 -18.52 36.40 49.38
CA TYR C 1110 -18.85 36.72 50.77
C TYR C 1110 -19.63 38.03 50.79
N GLU C 1111 -20.95 37.93 50.87
CA GLU C 1111 -21.84 39.07 51.03
C GLU C 1111 -22.74 38.78 52.23
N PRO C 1112 -22.20 38.86 53.44
CA PRO C 1112 -22.97 38.41 54.61
C PRO C 1112 -24.26 39.21 54.79
N GLN C 1113 -25.28 38.52 55.27
CA GLN C 1113 -26.59 39.11 55.47
C GLN C 1113 -27.22 38.54 56.74
N ILE C 1114 -28.22 39.26 57.25
CA ILE C 1114 -28.92 38.79 58.43
C ILE C 1114 -29.85 37.64 58.04
N ILE C 1115 -30.03 36.71 58.96
CA ILE C 1115 -30.88 35.55 58.72
C ILE C 1115 -32.32 35.94 58.99
N THR C 1116 -33.18 35.75 57.99
CA THR C 1116 -34.58 36.15 58.09
C THR C 1116 -35.45 35.07 57.46
N THR C 1117 -36.74 35.10 57.81
CA THR C 1117 -37.67 34.13 57.25
C THR C 1117 -37.78 34.26 55.75
N ASP C 1118 -37.73 35.49 55.24
CA ASP C 1118 -37.76 35.69 53.79
C ASP C 1118 -36.52 35.13 53.11
N ASN C 1119 -35.43 34.93 53.85
CA ASN C 1119 -34.19 34.43 53.30
C ASN C 1119 -33.98 32.94 53.56
N THR C 1120 -34.87 32.30 54.32
CA THR C 1120 -34.75 30.89 54.65
C THR C 1120 -36.12 30.22 54.55
N PHE C 1121 -36.10 28.90 54.38
CA PHE C 1121 -37.32 28.11 54.32
C PHE C 1121 -37.26 27.02 55.39
N VAL C 1122 -38.41 26.75 55.99
CA VAL C 1122 -38.51 25.85 57.13
C VAL C 1122 -38.96 24.48 56.64
N SER C 1123 -38.44 23.43 57.29
CA SER C 1123 -38.85 22.06 56.97
C SER C 1123 -38.71 21.21 58.23
N GLY C 1124 -39.81 21.06 58.95
CA GLY C 1124 -39.85 20.14 60.07
C GLY C 1124 -39.08 20.63 61.28
N ASN C 1125 -39.04 19.78 62.31
CA ASN C 1125 -38.29 20.05 63.51
C ASN C 1125 -36.81 19.77 63.28
N CYS C 1126 -36.01 19.88 64.34
CA CYS C 1126 -34.57 19.72 64.24
C CYS C 1126 -34.06 18.70 65.25
N ASP C 1127 -34.72 17.54 65.29
CA ASP C 1127 -34.20 16.37 65.99
C ASP C 1127 -33.60 15.35 65.03
N VAL C 1128 -33.71 15.59 63.72
CA VAL C 1128 -33.20 14.68 62.72
C VAL C 1128 -31.95 15.22 62.04
N VAL C 1129 -31.84 16.54 61.85
CA VAL C 1129 -30.68 17.10 61.18
C VAL C 1129 -29.45 16.94 62.07
N ILE C 1130 -28.28 16.92 61.43
CA ILE C 1130 -27.00 16.73 62.10
C ILE C 1130 -26.16 17.98 61.91
N GLY C 1131 -25.60 18.49 63.00
CA GLY C 1131 -24.79 19.69 62.96
C GLY C 1131 -25.56 20.98 63.08
N ILE C 1132 -26.86 20.93 63.33
CA ILE C 1132 -27.66 22.14 63.44
C ILE C 1132 -27.26 22.90 64.71
N VAL C 1133 -27.41 24.22 64.66
CA VAL C 1133 -27.00 25.10 65.74
C VAL C 1133 -28.13 26.06 66.05
N ASN C 1134 -28.34 26.33 67.33
CA ASN C 1134 -29.41 27.23 67.74
C ASN C 1134 -29.06 28.68 67.44
N ASN C 1135 -30.06 29.44 67.03
CA ASN C 1135 -29.89 30.87 66.76
C ASN C 1135 -31.27 31.45 66.50
N THR C 1136 -31.32 32.78 66.42
CA THR C 1136 -32.57 33.51 66.21
C THR C 1136 -32.72 33.86 64.74
N VAL C 1137 -33.95 33.75 64.25
CA VAL C 1137 -34.28 34.09 62.87
C VAL C 1137 -35.13 35.36 62.91
N TYR C 1138 -34.52 36.48 62.52
CA TYR C 1138 -35.21 37.76 62.57
C TYR C 1138 -36.41 37.74 61.64
N ASP C 1139 -37.55 38.23 62.14
CA ASP C 1139 -38.76 38.32 61.35
C ASP C 1139 -38.97 39.76 60.92
N PRO C 1140 -38.79 40.10 59.64
CA PRO C 1140 -38.96 41.50 59.23
C PRO C 1140 -40.37 42.01 59.45
N LEU C 1141 -41.36 41.13 59.41
CA LEU C 1141 -42.75 41.57 59.56
C LEU C 1141 -42.98 42.20 60.92
N GLN C 1142 -42.37 41.64 61.97
CA GLN C 1142 -42.77 42.04 63.31
C GLN C 1142 -42.47 43.49 63.62
N PRO C 1143 -41.24 43.98 63.46
CA PRO C 1143 -40.99 45.39 63.80
C PRO C 1143 -41.86 46.34 63.00
N GLU C 1144 -42.14 46.00 61.75
CA GLU C 1144 -43.05 46.82 60.95
C GLU C 1144 -44.44 46.82 61.55
N LEU C 1145 -44.91 45.66 62.01
CA LEU C 1145 -46.22 45.59 62.65
C LEU C 1145 -46.25 46.44 63.92
N ASP C 1146 -45.20 46.38 64.72
CA ASP C 1146 -45.20 47.07 66.00
C ASP C 1146 -45.36 48.58 65.81
N SER C 1147 -44.66 49.14 64.84
CA SER C 1147 -44.75 50.57 64.57
C SER C 1147 -46.10 50.93 63.96
#